data_9EHL
#
_entry.id   9EHL
#
_cell.length_a   1.00
_cell.length_b   1.00
_cell.length_c   1.00
_cell.angle_alpha   90.00
_cell.angle_beta   90.00
_cell.angle_gamma   90.00
#
_symmetry.space_group_name_H-M   'P 1'
#
loop_
_entity.id
_entity.type
_entity.pdbx_description
1 polymer 'HIV-1 BG505 SOSIP gp120,Envelope glycoprotein gp120'
2 polymer 'HIV-1 BG505 SOSIP gp41'
3 polymer 'IOMAmin5 Fab Heavy Chain'
4 polymer 'IOMAmin5 Fab Light Chain'
5 polymer '10-1074 Fab Heavy Chain'
6 polymer '10-1074 Fab Light Chain'
7 branched beta-D-mannopyranose-(1-4)-2-acetamido-2-deoxy-beta-D-glucopyranose-(1-4)-2-acetamido-2-deoxy-beta-D-glucopyranose
8 branched 2-acetamido-2-deoxy-beta-D-glucopyranose-(1-4)-2-acetamido-2-deoxy-beta-D-glucopyranose
9 branched alpha-D-mannopyranose-(1-3)-beta-D-mannopyranose-(1-4)-2-acetamido-2-deoxy-beta-D-glucopyranose-(1-4)-2-acetamido-2-deoxy-beta-D-glucopyranose
10 branched beta-D-mannopyranose-(1-3)-beta-D-mannopyranose-(1-4)-2-acetamido-2-deoxy-beta-D-glucopyranose-(1-4)-2-acetamido-2-deoxy-beta-D-glucopyranose
11 branched alpha-D-mannopyranose-(1-4)-2-acetamido-2-deoxy-beta-D-glucopyranose-(1-4)-2-acetamido-2-deoxy-beta-D-glucopyranose
12 branched alpha-D-mannopyranose-(1-2)-beta-D-mannopyranose-(1-3)-[beta-D-mannopyranose-(1-6)]beta-D-mannopyranose-(1-4)-2-acetamido-2-deoxy-beta-D-glucopyranose-(1-4)-2-acetamido-2-deoxy-beta-D-glucopyranose
13 branched alpha-D-mannopyranose-(1-2)-alpha-D-mannopyranose-(1-3)-[alpha-D-mannopyranose-(1-6)]beta-D-mannopyranose-(1-4)-2-acetamido-2-deoxy-beta-D-glucopyranose-(1-4)-2-acetamido-2-deoxy-beta-D-glucopyranose
14 non-polymer 2-acetamido-2-deoxy-beta-D-glucopyranose
#
loop_
_entity_poly.entity_id
_entity_poly.type
_entity_poly.pdbx_seq_one_letter_code
_entity_poly.pdbx_strand_id
1 'polypeptide(L)'
;MDAMKRGLCCVLLLCGAVFVSPAGAGSNLWVTVYYGVPVWKDAETTLFCASDAKAYETEKHNVWATHACVPTDPNPQEIH
LENVTEEFNMWKNNMVEQMHTDIISLWDQSLKPCVKLTPLCVTLQCTNVTNNITDDMRGELKNCSFNMTTELRDKKQKVY
SLFYRLDVVQINENQGNRSNNSNKEYRLINCNTSAITQACPKVSFEPIPIHYCAPAGFAILKCKDKKFNGTGPCPSVSTV
QCTHGIKPVVSTQLLLNGSLAEEEVMIRSENITNNAKNILVQFNTPVQINCTRPNNNTRKSIRIGPGQAFYATGDIIGDI
RQAHCNVSKATWNETLGKVVKQLRKHFGNNTIIRFANSSGGDLEVTTHSFNCGGEFFYCNTSGLFNSTWISNTSVQGSNS
TGSNDSITLPCRIKQIINMWQRIGQAMYAPPIQGVIRCVSNITGLILTRDGGSTNSTTETFRPGGGDMRDNWRSELYKYK
VVKIEPLGVAPTRCKRRVVGRRRRRR
;
A,B,C
2 'polypeptide(L)'
;AVGIGAVFLGFLGAAGSTMGAASMTLTVQARNLLSGIVQQQSNLLRAPEAQQHLLKLTVWGIKQLQARVLAVERYLRDQQ
LLGIWGCSGKLICCTNVPWNSSWSNRNLSEIWDNMTWLQWDKEISNYTQIIYGLLEESQNQQEKNEQDLLALD
;
D,E,F
3 'polypeptide(L)'
;QVQLVQSGAQVKKPGASVTVSCTASGYTFTGYHMHWVRQAPGQGLEWMGWINPFRGGVKYAQKFRGRVSMTRDTSIEIFY
MELSRLRSDDTAVYYCAREMFDSSADWSPWRGMVAWGQGTLVTVSSAS
;
G,H,I
4 'polypeptide(L)'
;QSALTQPASVSGSPGQSITISCTGSSRDVGGFDLVSWYQQHPGKAPKLMIYEVSKRPSGVSNRFSASKSGNTASLTISGL
QAEDEADYYCYSYADGVAFGGGTKLTVLGQP
;
J,K,L
5 'polypeptide(L)'
;QVQLQESGPGLVKPSETLSVTCSVSGDSMNNYYWTWIRQSPGKGLEWIGYISDRESATYNPSLNSRVVISRDTSKNQLSL
KLNSVTPADTAVYYCATARRGQRIYGVVSFGEFFYYYSMDVWGKGTTVTVSSAS
;
M,N,O
6 'polypeptide(L)'
;YVRPLSVALGETARISCGRQALGSRAVQWYQHRPGQAPILLIYNNQDRPSGIPERFSGTPDINFGTRATLTISGVEAGDE
ADYYCHMWDSRSGFSWSFGGATRLTVLGQP
;
P,Q,R
#
loop_
_chem_comp.id
_chem_comp.type
_chem_comp.name
_chem_comp.formula
BMA D-saccharide, beta linking beta-D-mannopyranose 'C6 H12 O6'
MAN D-saccharide, alpha linking alpha-D-mannopyranose 'C6 H12 O6'
NAG D-saccharide, beta linking 2-acetamido-2-deoxy-beta-D-glucopyranose 'C8 H15 N O6'
#
# COMPACT_ATOMS: atom_id res chain seq x y z
N ASN A 28 -58.19 33.16 21.64
CA ASN A 28 -56.95 33.30 20.87
C ASN A 28 -56.02 32.13 21.13
N LEU A 29 -55.29 31.71 20.09
CA LEU A 29 -54.42 30.55 20.15
C LEU A 29 -52.96 30.97 20.27
N TRP A 30 -52.13 30.02 20.71
CA TRP A 30 -50.71 30.24 20.84
C TRP A 30 -49.96 29.00 20.38
N VAL A 31 -48.73 29.22 19.92
CA VAL A 31 -47.88 28.13 19.44
C VAL A 31 -47.32 27.36 20.62
N THR A 32 -47.16 26.05 20.45
CA THR A 32 -46.54 25.19 21.43
C THR A 32 -45.63 24.20 20.72
N VAL A 33 -44.50 23.90 21.36
CA VAL A 33 -43.48 23.04 20.78
C VAL A 33 -43.63 21.64 21.37
N TYR A 34 -43.66 20.64 20.50
CA TYR A 34 -43.70 19.24 20.90
C TYR A 34 -42.43 18.57 20.41
N TYR A 35 -41.72 17.92 21.33
CA TYR A 35 -40.47 17.25 21.03
C TYR A 35 -40.69 15.75 21.05
N GLY A 36 -40.39 15.10 19.94
CA GLY A 36 -40.61 13.67 19.82
C GLY A 36 -41.94 13.35 19.17
N VAL A 37 -42.24 14.04 18.08
CA VAL A 37 -43.50 13.83 17.37
C VAL A 37 -43.32 12.72 16.34
N PRO A 38 -44.36 11.97 16.01
CA PRO A 38 -44.25 10.94 14.97
C PRO A 38 -44.20 11.54 13.58
N VAL A 39 -43.01 12.03 13.20
CA VAL A 39 -42.80 12.72 11.94
C VAL A 39 -41.52 12.21 11.30
N TRP A 40 -41.60 11.82 10.04
CA TRP A 40 -40.45 11.37 9.28
C TRP A 40 -40.39 12.10 7.95
N LYS A 41 -39.18 12.17 7.39
CA LYS A 41 -38.94 12.79 6.11
C LYS A 41 -37.93 11.98 5.33
N ASP A 42 -38.08 11.99 4.00
CA ASP A 42 -37.18 11.21 3.15
C ASP A 42 -35.79 11.81 3.17
N ALA A 43 -34.79 10.95 3.34
CA ALA A 43 -33.39 11.37 3.33
C ALA A 43 -32.53 10.16 3.03
N GLU A 44 -31.21 10.36 3.07
CA GLU A 44 -30.24 9.30 2.83
C GLU A 44 -29.10 9.47 3.81
N THR A 45 -28.66 8.35 4.39
CA THR A 45 -27.61 8.41 5.39
C THR A 45 -26.78 7.13 5.34
N THR A 46 -25.60 7.19 5.93
CA THR A 46 -24.69 6.05 5.96
C THR A 46 -25.28 4.97 6.85
N LEU A 47 -25.76 3.89 6.23
CA LEU A 47 -26.35 2.78 6.95
C LEU A 47 -25.27 1.78 7.33
N PHE A 48 -25.21 1.43 8.62
CA PHE A 48 -24.26 0.42 9.07
C PHE A 48 -24.88 -0.96 8.96
N CYS A 49 -24.19 -1.96 9.49
CA CYS A 49 -24.58 -3.35 9.31
C CYS A 49 -24.91 -4.01 10.65
N ALA A 50 -25.41 -5.24 10.57
CA ALA A 50 -25.67 -6.06 11.74
C ALA A 50 -25.73 -7.51 11.29
N SER A 51 -24.77 -8.31 11.70
CA SER A 51 -24.70 -9.71 11.32
C SER A 51 -25.19 -10.61 12.44
N ASP A 52 -25.53 -11.84 12.07
CA ASP A 52 -25.98 -12.82 13.04
C ASP A 52 -24.78 -13.43 13.76
N ALA A 53 -24.91 -13.59 15.08
CA ALA A 53 -23.85 -14.15 15.90
C ALA A 53 -23.76 -15.66 15.82
N LYS A 54 -24.63 -16.30 15.03
CA LYS A 54 -24.55 -17.76 14.88
C LYS A 54 -23.35 -18.16 14.05
N ALA A 55 -23.06 -17.43 12.98
CA ALA A 55 -21.89 -17.68 12.15
C ALA A 55 -20.64 -16.99 12.67
N TYR A 56 -20.68 -16.46 13.89
CA TYR A 56 -19.51 -15.77 14.44
C TYR A 56 -18.37 -16.73 14.69
N GLU A 57 -18.66 -17.99 15.04
CA GLU A 57 -17.63 -19.00 15.20
C GLU A 57 -17.03 -19.44 13.88
N THR A 58 -17.57 -18.98 12.75
CA THR A 58 -17.07 -19.30 11.42
C THR A 58 -16.19 -18.20 10.86
N GLU A 59 -15.36 -17.59 11.73
CA GLU A 59 -14.50 -16.48 11.31
C GLU A 59 -13.75 -16.79 10.04
N LYS A 60 -13.15 -17.98 9.95
CA LYS A 60 -12.47 -18.46 8.74
C LYS A 60 -11.48 -17.42 8.23
N HIS A 61 -10.82 -16.73 9.16
CA HIS A 61 -9.81 -15.71 8.86
C HIS A 61 -10.41 -14.62 7.96
N ASN A 62 -11.36 -13.88 8.54
CA ASN A 62 -11.97 -12.73 7.89
C ASN A 62 -12.70 -13.13 6.60
N VAL A 63 -13.80 -13.85 6.80
CA VAL A 63 -14.75 -14.16 5.72
C VAL A 63 -15.06 -12.88 4.94
N TRP A 64 -15.25 -13.03 3.63
CA TRP A 64 -15.35 -11.91 2.69
C TRP A 64 -16.10 -10.71 3.22
N ALA A 65 -17.33 -10.91 3.70
CA ALA A 65 -18.18 -9.78 4.06
C ALA A 65 -18.07 -9.39 5.53
N THR A 66 -18.43 -10.30 6.43
CA THR A 66 -18.62 -9.96 7.84
C THR A 66 -17.31 -10.17 8.60
N HIS A 67 -16.67 -9.07 8.98
CA HIS A 67 -15.54 -9.12 9.91
C HIS A 67 -15.86 -8.38 11.20
N ALA A 68 -16.20 -7.09 11.12
CA ALA A 68 -16.51 -6.28 12.29
C ALA A 68 -17.97 -5.84 12.29
N CYS A 69 -18.84 -6.64 11.68
CA CYS A 69 -20.27 -6.36 11.70
C CYS A 69 -20.81 -6.59 13.10
N VAL A 70 -21.38 -5.54 13.70
CA VAL A 70 -21.88 -5.60 15.07
C VAL A 70 -22.96 -6.68 15.15
N PRO A 71 -23.15 -7.32 16.31
CA PRO A 71 -24.16 -8.37 16.41
C PRO A 71 -25.56 -7.83 16.15
N THR A 72 -26.39 -8.68 15.54
CA THR A 72 -27.75 -8.29 15.20
C THR A 72 -28.59 -8.16 16.46
N ASP A 73 -29.84 -7.75 16.27
CA ASP A 73 -30.77 -7.61 17.38
C ASP A 73 -31.23 -8.99 17.83
N PRO A 74 -30.98 -9.39 19.08
CA PRO A 74 -31.52 -10.67 19.56
C PRO A 74 -33.03 -10.74 19.49
N ASN A 75 -33.71 -9.61 19.69
CA ASN A 75 -35.16 -9.52 19.48
C ASN A 75 -35.39 -8.55 18.33
N PRO A 76 -35.53 -9.05 17.10
CA PRO A 76 -35.71 -8.15 15.96
C PRO A 76 -37.04 -7.43 16.00
N GLN A 77 -37.14 -6.41 16.86
CA GLN A 77 -38.39 -5.69 17.05
C GLN A 77 -38.79 -4.97 15.77
N GLU A 78 -39.99 -5.24 15.29
CA GLU A 78 -40.51 -4.69 14.04
C GLU A 78 -41.91 -4.17 14.33
N ILE A 79 -42.05 -2.85 14.47
CA ILE A 79 -43.30 -2.25 14.91
C ILE A 79 -44.18 -2.02 13.69
N HIS A 80 -45.47 -2.32 13.82
CA HIS A 80 -46.42 -2.14 12.73
C HIS A 80 -47.25 -0.88 12.95
N LEU A 81 -47.64 -0.24 11.85
CA LEU A 81 -48.37 1.01 11.88
C LEU A 81 -49.67 0.88 11.11
N GLU A 82 -50.61 1.78 11.41
CA GLU A 82 -51.88 1.87 10.72
C GLU A 82 -52.15 3.32 10.34
N ASN A 83 -53.16 3.53 9.50
CA ASN A 83 -53.47 4.91 9.01
C ASN A 83 -52.17 5.55 8.51
N VAL A 84 -51.35 4.76 7.80
CA VAL A 84 -50.09 5.28 7.29
C VAL A 84 -49.97 4.93 5.81
N THR A 85 -49.53 5.89 5.01
CA THR A 85 -49.27 5.68 3.60
C THR A 85 -47.98 6.40 3.21
N GLU A 86 -47.10 5.68 2.53
CA GLU A 86 -45.81 6.22 2.12
C GLU A 86 -45.60 5.94 0.64
N GLU A 87 -45.09 6.95 -0.06
CA GLU A 87 -44.84 6.86 -1.51
C GLU A 87 -43.49 6.19 -1.72
N PHE A 88 -43.51 4.86 -1.79
CA PHE A 88 -42.28 4.11 -1.97
C PHE A 88 -41.78 4.24 -3.41
N ASN A 89 -40.50 3.93 -3.59
CA ASN A 89 -39.90 3.92 -4.93
C ASN A 89 -38.67 3.03 -4.88
N MET A 90 -38.77 1.84 -5.48
CA MET A 90 -37.63 0.92 -5.52
C MET A 90 -36.60 1.30 -6.57
N TRP A 91 -36.92 2.21 -7.48
CA TRP A 91 -35.99 2.64 -8.51
C TRP A 91 -35.29 3.95 -8.21
N LYS A 92 -35.88 4.79 -7.35
CA LYS A 92 -35.22 5.98 -6.84
C LYS A 92 -34.64 5.75 -5.45
N ASN A 93 -34.63 4.51 -4.98
CA ASN A 93 -34.11 4.21 -3.66
C ASN A 93 -32.60 4.44 -3.61
N ASN A 94 -32.14 5.06 -2.53
CA ASN A 94 -30.72 5.31 -2.32
C ASN A 94 -30.06 4.26 -1.44
N MET A 95 -30.82 3.26 -0.97
CA MET A 95 -30.22 2.16 -0.23
C MET A 95 -29.47 1.21 -1.14
N VAL A 96 -29.96 1.00 -2.36
CA VAL A 96 -29.29 0.09 -3.28
C VAL A 96 -27.95 0.65 -3.71
N GLU A 97 -27.85 1.97 -3.87
CA GLU A 97 -26.57 2.58 -4.22
C GLU A 97 -25.56 2.41 -3.08
N GLN A 98 -26.00 2.65 -1.84
CA GLN A 98 -25.13 2.44 -0.70
C GLN A 98 -24.69 0.98 -0.61
N MET A 99 -25.61 0.05 -0.85
CA MET A 99 -25.25 -1.36 -0.79
C MET A 99 -24.24 -1.72 -1.88
N HIS A 100 -24.45 -1.21 -3.10
CA HIS A 100 -23.52 -1.50 -4.19
C HIS A 100 -22.13 -0.95 -3.89
N THR A 101 -22.06 0.31 -3.44
CA THR A 101 -20.76 0.90 -3.13
C THR A 101 -20.09 0.16 -1.98
N ASP A 102 -20.85 -0.24 -0.96
CA ASP A 102 -20.27 -0.96 0.16
C ASP A 102 -19.78 -2.33 -0.27
N ILE A 103 -20.51 -3.00 -1.16
CA ILE A 103 -20.08 -4.31 -1.62
C ILE A 103 -18.80 -4.19 -2.44
N ILE A 104 -18.71 -3.19 -3.32
CA ILE A 104 -17.51 -3.02 -4.12
C ILE A 104 -16.32 -2.66 -3.23
N SER A 105 -16.51 -1.76 -2.27
CA SER A 105 -15.43 -1.37 -1.39
C SER A 105 -14.97 -2.54 -0.52
N LEU A 106 -15.93 -3.33 -0.02
CA LEU A 106 -15.59 -4.49 0.79
C LEU A 106 -14.85 -5.54 -0.03
N TRP A 107 -15.26 -5.75 -1.27
CA TRP A 107 -14.55 -6.66 -2.16
C TRP A 107 -13.12 -6.20 -2.37
N ASP A 108 -12.93 -4.90 -2.66
CA ASP A 108 -11.58 -4.39 -2.89
C ASP A 108 -10.72 -4.53 -1.64
N GLN A 109 -11.27 -4.22 -0.47
CA GLN A 109 -10.50 -4.28 0.76
C GLN A 109 -10.23 -5.71 1.22
N SER A 110 -11.06 -6.66 0.80
CA SER A 110 -10.75 -8.07 1.05
C SER A 110 -9.77 -8.64 0.03
N LEU A 111 -9.68 -8.02 -1.15
CA LEU A 111 -8.73 -8.49 -2.16
C LEU A 111 -7.33 -7.94 -1.91
N LYS A 112 -7.23 -6.69 -1.46
CA LYS A 112 -5.94 -6.02 -1.34
C LYS A 112 -4.89 -6.81 -0.54
N PRO A 113 -5.18 -7.31 0.67
CA PRO A 113 -4.11 -7.99 1.42
C PRO A 113 -3.75 -9.36 0.90
N CYS A 114 -4.36 -9.83 -0.19
CA CYS A 114 -4.05 -11.15 -0.72
C CYS A 114 -2.77 -11.07 -1.55
N VAL A 115 -2.47 -12.13 -2.30
CA VAL A 115 -1.24 -12.26 -3.07
C VAL A 115 -1.46 -11.67 -4.46
N LYS A 116 -0.47 -10.91 -4.93
CA LYS A 116 -0.50 -10.38 -6.29
C LYS A 116 0.13 -11.37 -7.25
N LEU A 117 -0.46 -11.49 -8.43
CA LEU A 117 -0.02 -12.44 -9.45
C LEU A 117 0.60 -11.75 -10.65
N THR A 118 1.36 -10.68 -10.42
CA THR A 118 2.02 -10.00 -11.52
C THR A 118 3.09 -10.83 -12.24
N PRO A 119 3.79 -11.79 -11.63
CA PRO A 119 4.76 -12.57 -12.41
C PRO A 119 4.13 -13.68 -13.24
N LEU A 120 2.83 -13.95 -13.07
CA LEU A 120 2.17 -14.98 -13.87
C LEU A 120 2.02 -14.58 -15.33
N CYS A 121 2.23 -13.31 -15.66
CA CYS A 121 2.12 -12.84 -17.04
C CYS A 121 3.38 -13.24 -17.79
N VAL A 122 3.42 -14.51 -18.21
CA VAL A 122 4.53 -15.06 -18.97
C VAL A 122 3.97 -15.87 -20.12
N THR A 123 4.84 -16.14 -21.10
CA THR A 123 4.44 -16.94 -22.26
C THR A 123 4.17 -18.38 -21.81
N LEU A 124 2.90 -18.76 -21.79
CA LEU A 124 2.49 -20.09 -21.37
C LEU A 124 2.49 -21.02 -22.57
N GLN A 125 3.41 -21.98 -22.58
CA GLN A 125 3.39 -23.03 -23.58
C GLN A 125 2.23 -23.97 -23.26
N CYS A 126 1.12 -23.83 -23.99
CA CYS A 126 -0.11 -24.53 -23.67
C CYS A 126 -0.42 -25.58 -24.74
N THR A 127 -0.80 -26.76 -24.28
CA THR A 127 -1.33 -27.82 -25.13
C THR A 127 -2.70 -28.23 -24.61
N ASN A 128 -3.40 -29.03 -25.39
CA ASN A 128 -4.71 -29.53 -24.90
C ASN A 128 -4.48 -30.57 -23.81
N VAL A 129 -5.42 -30.69 -22.87
CA VAL A 129 -5.32 -31.65 -21.79
C VAL A 129 -5.20 -33.05 -22.40
N THR A 130 -4.64 -33.97 -21.62
CA THR A 130 -4.41 -35.33 -22.11
C THR A 130 -5.77 -36.00 -22.26
N ASN A 131 -6.28 -36.02 -23.48
CA ASN A 131 -7.62 -36.51 -23.76
C ASN A 131 -7.65 -37.07 -25.18
N ASN A 132 -8.82 -37.58 -25.57
CA ASN A 132 -9.06 -38.07 -26.90
C ASN A 132 -9.84 -37.02 -27.70
N ILE A 133 -10.30 -37.41 -28.89
CA ILE A 133 -11.07 -36.52 -29.76
C ILE A 133 -12.41 -36.24 -29.09
N THR A 134 -13.16 -35.27 -29.64
CA THR A 134 -14.41 -34.78 -29.05
C THR A 134 -14.16 -34.21 -27.66
N ASP A 135 -13.32 -33.16 -27.63
CA ASP A 135 -12.91 -32.52 -26.39
C ASP A 135 -13.76 -31.29 -26.07
N ASP A 136 -13.89 -30.38 -27.03
CA ASP A 136 -14.67 -29.16 -26.82
C ASP A 136 -16.16 -29.47 -26.73
N GLY A 139 -10.82 -27.77 -26.43
CA GLY A 139 -10.18 -26.89 -25.47
C GLY A 139 -10.81 -26.94 -24.10
N GLU A 140 -10.98 -25.76 -23.49
CA GLU A 140 -11.61 -25.60 -22.19
C GLU A 140 -10.82 -26.26 -21.07
N LEU A 141 -9.67 -26.86 -21.41
CA LEU A 141 -8.76 -27.42 -20.42
C LEU A 141 -7.37 -27.41 -21.04
N LYS A 142 -6.59 -26.39 -20.72
CA LYS A 142 -5.27 -26.20 -21.32
C LYS A 142 -4.20 -26.54 -20.31
N ASN A 143 -3.36 -27.52 -20.69
CA ASN A 143 -2.18 -27.86 -19.87
C ASN A 143 -1.10 -26.87 -20.29
N CYS A 144 -0.73 -25.94 -19.41
CA CYS A 144 0.19 -24.87 -19.74
C CYS A 144 1.42 -24.96 -18.86
N SER A 145 2.59 -25.03 -19.48
CA SER A 145 3.87 -25.01 -18.78
C SER A 145 4.55 -23.68 -19.01
N PHE A 146 5.24 -23.18 -17.99
CA PHE A 146 5.87 -21.87 -18.08
C PHE A 146 7.03 -21.78 -17.10
N ASN A 147 7.91 -20.81 -17.38
CA ASN A 147 9.09 -20.59 -16.51
C ASN A 147 8.69 -19.58 -15.43
N MET A 148 8.43 -20.06 -14.22
CA MET A 148 7.99 -19.25 -13.10
C MET A 148 9.14 -19.02 -12.14
N THR A 149 9.20 -17.81 -11.57
CA THR A 149 10.27 -17.45 -10.65
C THR A 149 10.06 -18.15 -9.31
N THR A 150 11.14 -18.72 -8.78
CA THR A 150 11.09 -19.40 -7.50
C THR A 150 11.40 -18.41 -6.38
N GLU A 151 11.65 -18.93 -5.18
CA GLU A 151 11.98 -18.08 -4.04
C GLU A 151 13.25 -17.27 -4.32
N LEU A 152 14.34 -17.96 -4.64
CA LEU A 152 15.60 -17.28 -4.92
C LEU A 152 15.53 -16.55 -6.25
N ARG A 153 15.78 -15.25 -6.21
CA ARG A 153 15.73 -14.43 -7.42
C ARG A 153 16.69 -14.91 -8.49
N ASP A 154 17.75 -15.62 -8.11
CA ASP A 154 18.73 -16.08 -9.09
C ASP A 154 18.18 -17.23 -9.93
N LYS A 155 17.73 -18.30 -9.27
CA LYS A 155 17.25 -19.47 -9.98
C LYS A 155 15.82 -19.25 -10.49
N LYS A 156 15.47 -20.03 -11.51
CA LYS A 156 14.13 -20.02 -12.08
C LYS A 156 13.55 -21.43 -12.03
N GLN A 157 12.25 -21.52 -12.30
CA GLN A 157 11.52 -22.77 -12.13
C GLN A 157 10.56 -22.96 -13.29
N LYS A 158 10.38 -24.23 -13.69
CA LYS A 158 9.48 -24.60 -14.78
C LYS A 158 8.31 -25.36 -14.17
N VAL A 159 7.12 -24.74 -14.18
CA VAL A 159 5.95 -25.35 -13.55
C VAL A 159 4.79 -25.33 -14.54
N TYR A 160 3.84 -26.23 -14.30
CA TYR A 160 2.70 -26.41 -15.19
C TYR A 160 1.41 -26.29 -14.40
N SER A 161 0.33 -25.98 -15.12
CA SER A 161 -0.99 -25.83 -14.54
C SER A 161 -2.02 -26.21 -15.58
N LEU A 162 -3.29 -26.23 -15.17
CA LEU A 162 -4.41 -26.59 -16.05
C LEU A 162 -5.40 -25.43 -16.03
N PHE A 163 -5.25 -24.51 -16.97
CA PHE A 163 -6.14 -23.37 -17.07
C PHE A 163 -7.37 -23.71 -17.90
N TYR A 164 -8.32 -22.78 -17.92
CA TYR A 164 -9.48 -22.89 -18.79
C TYR A 164 -9.31 -21.99 -20.00
N ARG A 165 -9.94 -22.37 -21.11
CA ARG A 165 -9.75 -21.63 -22.35
C ARG A 165 -10.24 -20.20 -22.24
N LEU A 166 -11.27 -19.95 -21.42
CA LEU A 166 -11.75 -18.59 -21.22
C LEU A 166 -10.79 -17.74 -20.40
N ASP A 167 -9.78 -18.35 -19.79
CA ASP A 167 -8.83 -17.63 -18.96
C ASP A 167 -7.54 -17.26 -19.68
N VAL A 168 -7.21 -17.96 -20.76
CA VAL A 168 -5.98 -17.72 -21.50
C VAL A 168 -6.35 -17.20 -22.89
N VAL A 169 -5.36 -16.64 -23.56
CA VAL A 169 -5.50 -16.16 -24.93
C VAL A 169 -4.15 -16.35 -25.63
N GLN A 170 -4.20 -16.80 -26.88
CA GLN A 170 -2.98 -17.13 -27.59
C GLN A 170 -2.33 -15.86 -28.15
N ILE A 171 -1.02 -15.77 -27.96
CA ILE A 171 -0.22 -14.68 -28.51
C ILE A 171 0.50 -15.20 -29.75
N ASN A 172 0.47 -14.41 -30.82
CA ASN A 172 1.03 -14.84 -32.09
C ASN A 172 1.83 -13.73 -32.75
N SER A 182 6.92 -25.06 -34.04
CA SER A 182 6.60 -24.33 -32.82
C SER A 182 5.16 -24.58 -32.39
N ASN A 183 4.97 -24.78 -31.09
CA ASN A 183 3.63 -25.00 -30.55
C ASN A 183 2.93 -23.65 -30.38
N LYS A 184 1.80 -23.65 -29.68
CA LYS A 184 1.00 -22.45 -29.49
C LYS A 184 1.29 -21.86 -28.11
N GLU A 185 1.68 -20.59 -28.10
CA GLU A 185 2.00 -19.88 -26.86
C GLU A 185 0.81 -19.05 -26.43
N TYR A 186 0.49 -19.12 -25.14
CA TYR A 186 -0.66 -18.41 -24.57
C TYR A 186 -0.21 -17.53 -23.41
N ARG A 187 -1.11 -16.65 -22.99
CA ARG A 187 -0.89 -15.85 -21.80
C ARG A 187 -2.25 -15.53 -21.18
N LEU A 188 -2.24 -15.20 -19.90
CA LEU A 188 -3.48 -14.95 -19.18
C LEU A 188 -4.27 -13.82 -19.84
N ILE A 189 -5.60 -13.92 -19.73
CA ILE A 189 -6.49 -12.99 -20.44
C ILE A 189 -6.37 -11.57 -19.88
N ASN A 190 -5.93 -11.42 -18.65
CA ASN A 190 -5.85 -10.10 -18.03
C ASN A 190 -4.41 -9.69 -17.77
N CYS A 191 -3.55 -9.93 -18.75
CA CYS A 191 -2.14 -9.55 -18.65
C CYS A 191 -1.78 -8.39 -19.58
N ASN A 192 -2.78 -7.67 -20.07
CA ASN A 192 -2.51 -6.52 -20.99
C ASN A 192 -3.38 -5.32 -20.61
N THR A 193 -4.49 -5.54 -19.91
CA THR A 193 -5.39 -4.46 -19.54
C THR A 193 -5.62 -4.31 -18.05
N SER A 194 -5.11 -5.23 -17.23
CA SER A 194 -5.38 -5.18 -15.80
C SER A 194 -4.25 -5.86 -15.05
N ALA A 195 -4.14 -5.55 -13.77
CA ALA A 195 -3.18 -6.20 -12.89
C ALA A 195 -3.88 -7.31 -12.12
N ILE A 196 -3.59 -8.55 -12.47
CA ILE A 196 -4.31 -9.69 -11.91
C ILE A 196 -3.92 -9.88 -10.46
N THR A 197 -4.90 -10.20 -9.62
CA THR A 197 -4.71 -10.46 -8.21
C THR A 197 -5.41 -11.75 -7.83
N GLN A 198 -4.76 -12.55 -6.99
CA GLN A 198 -5.30 -13.83 -6.56
C GLN A 198 -6.01 -13.66 -5.23
N ALA A 199 -7.29 -14.02 -5.19
CA ALA A 199 -8.04 -13.99 -3.94
C ALA A 199 -7.47 -15.01 -2.97
N CYS A 200 -6.83 -14.54 -1.90
CA CYS A 200 -6.18 -15.43 -0.96
C CYS A 200 -7.20 -16.40 -0.38
N PRO A 201 -7.01 -17.72 -0.54
CA PRO A 201 -8.10 -18.67 -0.31
C PRO A 201 -8.51 -18.82 1.15
N LYS A 202 -7.83 -18.15 2.09
CA LYS A 202 -8.28 -18.22 3.47
C LYS A 202 -9.67 -17.63 3.64
N VAL A 203 -10.02 -16.64 2.82
CA VAL A 203 -11.36 -16.07 2.84
C VAL A 203 -12.29 -16.96 2.03
N SER A 204 -13.60 -16.74 2.16
CA SER A 204 -14.60 -17.45 1.39
C SER A 204 -15.39 -16.45 0.55
N PHE A 205 -16.40 -16.96 -0.15
CA PHE A 205 -17.31 -16.11 -0.91
C PHE A 205 -18.77 -16.34 -0.53
N GLU A 206 -19.02 -17.11 0.52
CA GLU A 206 -20.38 -17.42 0.93
C GLU A 206 -21.12 -16.16 1.33
N PRO A 207 -22.20 -15.80 0.64
CA PRO A 207 -22.98 -14.62 1.05
C PRO A 207 -23.59 -14.83 2.43
N ILE A 208 -23.16 -14.00 3.37
CA ILE A 208 -23.61 -14.10 4.75
C ILE A 208 -24.70 -13.05 4.97
N PRO A 209 -25.80 -13.40 5.66
CA PRO A 209 -26.88 -12.43 5.88
C PRO A 209 -26.41 -11.10 6.45
N ILE A 210 -26.60 -10.04 5.67
CA ILE A 210 -26.18 -8.70 6.05
C ILE A 210 -27.42 -7.84 6.24
N HIS A 211 -27.56 -7.25 7.43
CA HIS A 211 -28.68 -6.38 7.76
C HIS A 211 -28.20 -4.93 7.71
N TYR A 212 -28.60 -4.21 6.66
CA TYR A 212 -28.23 -2.81 6.53
C TYR A 212 -29.05 -2.00 7.53
N CYS A 213 -28.40 -1.55 8.60
CA CYS A 213 -29.09 -0.84 9.68
C CYS A 213 -28.70 0.63 9.68
N ALA A 214 -29.67 1.47 9.99
CA ALA A 214 -29.69 2.92 10.08
C ALA A 214 -29.40 3.38 11.50
N PRO A 215 -28.69 4.49 11.66
CA PRO A 215 -28.34 4.97 13.00
C PRO A 215 -29.52 5.59 13.72
N ALA A 216 -29.28 6.15 14.91
CA ALA A 216 -30.32 6.83 15.65
C ALA A 216 -30.86 8.00 14.86
N GLY A 217 -32.10 8.38 15.15
CA GLY A 217 -32.78 9.40 14.39
C GLY A 217 -33.25 8.95 13.02
N PHE A 218 -32.96 7.73 12.62
CA PHE A 218 -33.40 7.18 11.35
C PHE A 218 -34.16 5.88 11.59
N ALA A 219 -35.13 5.61 10.73
CA ALA A 219 -35.88 4.37 10.77
C ALA A 219 -36.00 3.83 9.35
N ILE A 220 -36.38 2.56 9.24
CA ILE A 220 -36.56 1.93 7.93
C ILE A 220 -38.00 1.44 7.83
N LEU A 221 -38.66 1.77 6.73
CA LEU A 221 -40.07 1.50 6.54
C LEU A 221 -40.23 0.28 5.65
N LYS A 222 -40.80 -0.78 6.21
CA LYS A 222 -41.07 -2.02 5.49
C LYS A 222 -42.49 -2.02 4.97
N CYS A 223 -42.65 -2.34 3.69
CA CYS A 223 -43.97 -2.41 3.05
C CYS A 223 -44.40 -3.87 3.04
N LYS A 224 -45.18 -4.27 4.05
CA LYS A 224 -45.52 -5.67 4.27
C LYS A 224 -46.83 -6.08 3.60
N ASP A 225 -47.20 -5.44 2.50
CA ASP A 225 -48.39 -5.85 1.76
C ASP A 225 -48.02 -6.85 0.67
N LYS A 226 -49.03 -7.49 0.10
CA LYS A 226 -48.79 -8.53 -0.89
C LYS A 226 -48.51 -7.92 -2.26
N LYS A 227 -49.47 -7.16 -2.79
CA LYS A 227 -49.37 -6.61 -4.15
C LYS A 227 -48.74 -5.22 -4.07
N PHE A 228 -47.47 -5.12 -4.46
CA PHE A 228 -46.73 -3.87 -4.43
C PHE A 228 -45.80 -3.84 -5.64
N ASN A 229 -46.14 -3.06 -6.66
CA ASN A 229 -45.33 -3.12 -7.92
C ASN A 229 -43.98 -2.42 -7.76
N GLY A 230 -43.74 -1.72 -6.64
CA GLY A 230 -42.51 -0.97 -6.51
C GLY A 230 -42.69 0.52 -6.34
N THR A 231 -43.69 1.09 -7.02
CA THR A 231 -43.93 2.52 -7.01
C THR A 231 -45.31 2.78 -6.39
N GLY A 232 -45.53 4.02 -5.97
CA GLY A 232 -46.80 4.44 -5.44
C GLY A 232 -46.90 4.32 -3.94
N PRO A 233 -48.10 4.49 -3.40
CA PRO A 233 -48.28 4.43 -1.95
C PRO A 233 -48.43 3.00 -1.46
N CYS A 234 -47.88 2.76 -0.28
CA CYS A 234 -47.96 1.45 0.36
C CYS A 234 -48.99 1.47 1.48
N PRO A 235 -49.93 0.53 1.50
CA PRO A 235 -50.95 0.53 2.55
C PRO A 235 -50.40 0.13 3.92
N SER A 236 -49.59 -0.93 3.94
CA SER A 236 -49.08 -1.48 5.20
C SER A 236 -47.61 -1.07 5.33
N VAL A 237 -47.38 0.09 5.93
CA VAL A 237 -46.04 0.62 6.16
C VAL A 237 -45.72 0.46 7.64
N SER A 238 -44.78 -0.42 7.95
CA SER A 238 -44.34 -0.63 9.32
C SER A 238 -42.94 -0.06 9.49
N THR A 239 -42.58 0.24 10.74
CA THR A 239 -41.26 0.77 11.06
C THR A 239 -40.39 -0.33 11.66
N VAL A 240 -39.09 -0.20 11.42
CA VAL A 240 -38.12 -1.17 11.93
C VAL A 240 -36.77 -0.49 12.03
N GLN A 241 -35.89 -1.07 12.84
CA GLN A 241 -34.51 -0.58 12.90
C GLN A 241 -33.76 -0.89 11.61
N CYS A 242 -33.95 -2.10 11.07
CA CYS A 242 -33.33 -2.45 9.80
C CYS A 242 -33.95 -3.73 9.27
N THR A 243 -33.40 -4.18 8.13
CA THR A 243 -33.99 -5.22 7.30
C THR A 243 -33.67 -6.61 7.85
N HIS A 244 -34.09 -7.62 7.09
CA HIS A 244 -33.85 -9.01 7.41
C HIS A 244 -32.43 -9.40 7.00
N GLY A 245 -32.15 -10.70 7.01
CA GLY A 245 -30.86 -11.19 6.56
C GLY A 245 -30.80 -11.18 5.05
N ILE A 246 -29.93 -10.37 4.47
CA ILE A 246 -29.78 -10.25 3.03
C ILE A 246 -28.51 -10.99 2.64
N LYS A 247 -28.64 -11.96 1.73
CA LYS A 247 -27.50 -12.67 1.19
C LYS A 247 -27.04 -11.95 -0.07
N PRO A 248 -25.90 -11.25 -0.05
CA PRO A 248 -25.47 -10.51 -1.23
C PRO A 248 -24.98 -11.43 -2.34
N VAL A 249 -25.89 -12.12 -3.00
CA VAL A 249 -25.53 -13.01 -4.09
C VAL A 249 -25.31 -12.18 -5.35
N VAL A 250 -24.20 -12.42 -6.02
CA VAL A 250 -23.83 -11.71 -7.24
C VAL A 250 -24.07 -12.65 -8.40
N SER A 251 -25.18 -12.46 -9.11
CA SER A 251 -25.55 -13.37 -10.19
C SER A 251 -26.32 -12.59 -11.25
N THR A 252 -26.42 -13.19 -12.43
CA THR A 252 -27.08 -12.60 -13.58
C THR A 252 -28.07 -13.59 -14.18
N GLN A 253 -29.19 -13.05 -14.66
CA GLN A 253 -30.25 -13.80 -15.34
C GLN A 253 -31.03 -14.69 -14.38
N LEU A 254 -30.56 -14.78 -13.14
CA LEU A 254 -31.18 -15.67 -12.15
C LEU A 254 -30.87 -15.13 -10.76
N LEU A 255 -31.90 -14.92 -9.95
CA LEU A 255 -31.72 -14.46 -8.58
C LEU A 255 -31.65 -15.68 -7.67
N LEU A 256 -30.44 -16.20 -7.47
CA LEU A 256 -30.26 -17.37 -6.62
C LEU A 256 -30.36 -16.99 -5.16
N ASN A 257 -30.75 -17.97 -4.33
CA ASN A 257 -30.81 -17.75 -2.86
C ASN A 257 -31.39 -16.37 -2.53
N GLY A 258 -32.43 -15.94 -3.26
CA GLY A 258 -33.05 -14.68 -2.92
C GLY A 258 -34.30 -14.85 -2.08
N SER A 259 -34.87 -13.72 -1.66
CA SER A 259 -36.15 -13.77 -0.89
C SER A 259 -37.31 -14.02 -1.84
N LEU A 260 -38.31 -14.81 -1.42
CA LEU A 260 -39.49 -15.12 -2.28
C LEU A 260 -40.46 -13.94 -2.28
N ALA A 261 -41.44 -13.94 -3.20
CA ALA A 261 -42.42 -12.83 -3.30
C ALA A 261 -43.46 -12.94 -2.19
N GLU A 262 -44.08 -11.80 -1.84
CA GLU A 262 -45.08 -11.77 -0.75
C GLU A 262 -46.05 -12.97 -0.86
N GLU A 263 -46.80 -13.04 -1.98
CA GLU A 263 -47.80 -14.13 -2.14
C GLU A 263 -47.59 -14.83 -3.49
N GLU A 264 -47.78 -14.11 -4.60
CA GLU A 264 -47.68 -14.72 -5.95
C GLU A 264 -46.52 -14.09 -6.72
N VAL A 265 -46.16 -14.68 -7.87
CA VAL A 265 -45.05 -14.13 -8.70
C VAL A 265 -45.35 -12.65 -9.01
N MET A 266 -44.37 -11.76 -8.81
CA MET A 266 -44.58 -10.32 -9.04
C MET A 266 -43.63 -9.84 -10.16
N ILE A 267 -44.14 -9.08 -11.13
CA ILE A 267 -43.29 -8.55 -12.22
C ILE A 267 -43.02 -7.06 -11.93
N ARG A 268 -41.77 -6.71 -11.63
CA ARG A 268 -41.46 -5.30 -11.25
C ARG A 268 -40.53 -4.67 -12.30
N SER A 269 -40.95 -3.55 -12.89
CA SER A 269 -40.11 -2.83 -13.88
C SER A 269 -40.31 -1.32 -13.70
N GLU A 270 -39.26 -0.52 -13.91
CA GLU A 270 -39.36 0.94 -13.67
C GLU A 270 -40.43 1.54 -14.59
N ASN A 271 -40.32 1.26 -15.88
CA ASN A 271 -41.12 1.94 -16.93
C ASN A 271 -41.67 0.85 -17.86
N ILE A 272 -42.89 0.39 -17.60
CA ILE A 272 -43.43 -0.80 -18.32
C ILE A 272 -43.17 -0.64 -19.83
N THR A 273 -43.44 0.55 -20.36
CA THR A 273 -43.26 0.82 -21.81
C THR A 273 -41.82 0.60 -22.19
N ASN A 274 -40.87 1.01 -21.33
CA ASN A 274 -39.42 0.79 -21.63
C ASN A 274 -39.14 -0.72 -21.60
N ASN A 275 -38.45 -1.21 -22.64
CA ASN A 275 -38.05 -2.63 -22.72
C ASN A 275 -36.68 -2.80 -22.05
N ALA A 276 -35.85 -1.74 -22.10
CA ALA A 276 -34.50 -1.79 -21.49
C ALA A 276 -34.62 -2.00 -19.98
N LYS A 277 -35.64 -1.40 -19.36
CA LYS A 277 -35.86 -1.60 -17.91
C LYS A 277 -35.79 -3.11 -17.62
N ASN A 278 -34.87 -3.51 -16.74
CA ASN A 278 -34.70 -4.96 -16.42
C ASN A 278 -35.96 -5.45 -15.70
N ILE A 279 -36.69 -6.38 -16.32
CA ILE A 279 -37.90 -6.95 -15.67
C ILE A 279 -37.45 -7.73 -14.43
N LEU A 280 -37.86 -7.28 -13.24
CA LEU A 280 -37.47 -7.97 -11.98
C LEU A 280 -38.63 -8.89 -11.55
N VAL A 281 -38.51 -10.18 -11.85
CA VAL A 281 -39.58 -11.15 -11.49
C VAL A 281 -39.29 -11.69 -10.07
N GLN A 282 -40.31 -11.73 -9.21
CA GLN A 282 -40.12 -12.32 -7.85
C GLN A 282 -41.00 -13.57 -7.75
N PHE A 283 -40.40 -14.75 -7.62
CA PHE A 283 -41.15 -16.00 -7.58
C PHE A 283 -41.80 -16.20 -6.22
N ASN A 284 -42.85 -17.02 -6.20
CA ASN A 284 -43.46 -17.48 -4.96
C ASN A 284 -42.97 -18.86 -4.55
N THR A 285 -42.64 -19.72 -5.51
CA THR A 285 -42.10 -21.03 -5.24
C THR A 285 -40.65 -21.08 -5.69
N PRO A 286 -39.70 -21.38 -4.80
CA PRO A 286 -38.29 -21.41 -5.21
C PRO A 286 -38.01 -22.62 -6.10
N VAL A 287 -37.38 -22.36 -7.24
CA VAL A 287 -37.05 -23.41 -8.19
C VAL A 287 -35.70 -23.99 -7.82
N GLN A 288 -35.68 -25.28 -7.47
CA GLN A 288 -34.41 -25.93 -7.12
C GLN A 288 -33.51 -26.00 -8.34
N ILE A 289 -32.21 -25.72 -8.12
CA ILE A 289 -31.22 -25.81 -9.18
C ILE A 289 -29.96 -26.41 -8.60
N ASN A 290 -29.55 -27.57 -9.14
CA ASN A 290 -28.38 -28.31 -8.60
C ASN A 290 -27.20 -28.17 -9.56
N CYS A 291 -26.19 -27.39 -9.16
CA CYS A 291 -25.04 -27.09 -9.99
C CYS A 291 -23.82 -27.83 -9.45
N THR A 292 -23.13 -28.55 -10.35
CA THR A 292 -22.07 -29.45 -9.95
C THR A 292 -20.88 -29.30 -10.88
N ARG A 293 -19.73 -29.03 -10.28
CA ARG A 293 -18.42 -29.10 -10.93
C ARG A 293 -17.87 -30.49 -10.65
N PRO A 294 -17.98 -31.43 -11.60
CA PRO A 294 -17.68 -32.83 -11.29
C PRO A 294 -16.20 -33.16 -11.33
N ASN A 295 -15.36 -32.33 -11.95
CA ASN A 295 -13.95 -32.65 -12.05
C ASN A 295 -13.28 -32.55 -10.70
N ASN A 296 -12.52 -33.60 -10.36
CA ASN A 296 -11.78 -33.69 -9.07
C ASN A 296 -10.43 -32.98 -9.25
N ASN A 297 -10.37 -31.68 -8.92
CA ASN A 297 -9.16 -30.90 -9.13
C ASN A 297 -8.23 -31.00 -7.93
N THR A 298 -6.94 -31.19 -8.20
CA THR A 298 -5.91 -31.11 -7.18
C THR A 298 -5.25 -29.74 -7.25
N ARG A 299 -4.88 -29.22 -6.09
CA ARG A 299 -4.29 -27.89 -5.99
C ARG A 299 -2.79 -28.00 -5.80
N LYS A 300 -2.04 -27.32 -6.66
CA LYS A 300 -0.59 -27.21 -6.56
C LYS A 300 -0.23 -25.85 -5.99
N SER A 301 0.52 -25.83 -4.91
CA SER A 301 0.92 -24.59 -4.24
C SER A 301 2.32 -24.22 -4.73
N ILE A 302 2.39 -23.56 -5.87
CA ILE A 302 3.67 -23.11 -6.43
C ILE A 302 4.09 -21.85 -5.69
N ARG A 303 5.36 -21.79 -5.28
CA ARG A 303 5.89 -20.58 -4.60
C ARG A 303 6.45 -19.60 -5.65
N ILE A 304 5.75 -18.49 -5.88
CA ILE A 304 6.19 -17.51 -6.91
C ILE A 304 7.22 -16.55 -6.28
N GLY A 305 7.21 -16.41 -4.95
CA GLY A 305 8.11 -15.45 -4.29
C GLY A 305 8.32 -15.79 -2.83
N PRO A 306 9.32 -15.19 -2.15
CA PRO A 306 9.42 -15.27 -0.69
C PRO A 306 8.14 -14.80 -0.02
N GLY A 307 7.40 -15.71 0.60
CA GLY A 307 6.15 -15.35 1.30
C GLY A 307 5.03 -15.12 0.32
N GLN A 308 5.25 -15.42 -0.96
CA GLN A 308 4.19 -15.25 -2.00
C GLN A 308 3.81 -16.64 -2.53
N ALA A 309 2.53 -17.01 -2.40
CA ALA A 309 2.08 -18.35 -2.84
C ALA A 309 1.27 -18.24 -4.13
N PHE A 310 0.96 -19.36 -4.76
CA PHE A 310 0.17 -19.37 -5.99
C PHE A 310 -0.51 -20.73 -6.10
N TYR A 311 -1.82 -20.75 -5.98
CA TYR A 311 -2.58 -22.00 -5.97
C TYR A 311 -3.12 -22.26 -7.38
N ALA A 312 -2.53 -23.23 -8.06
CA ALA A 312 -2.90 -23.56 -9.43
C ALA A 312 -3.58 -24.91 -9.48
N THR A 313 -4.25 -25.17 -10.60
CA THR A 313 -4.98 -26.43 -10.80
C THR A 313 -4.00 -27.50 -11.25
N GLY A 314 -3.83 -28.53 -10.43
CA GLY A 314 -3.00 -29.66 -10.80
C GLY A 314 -3.69 -30.56 -11.80
N ASP A 315 -3.19 -31.79 -11.95
CA ASP A 315 -3.81 -32.74 -12.87
C ASP A 315 -5.16 -33.18 -12.34
N ILE A 316 -6.17 -33.21 -13.21
CA ILE A 316 -7.50 -33.62 -12.80
C ILE A 316 -7.52 -35.14 -12.63
N ILE A 317 -7.73 -35.59 -11.39
CA ILE A 317 -7.75 -37.02 -11.08
C ILE A 317 -9.18 -37.50 -11.21
N GLY A 318 -9.45 -38.30 -12.23
CA GLY A 318 -10.77 -38.85 -12.47
C GLY A 318 -11.25 -38.57 -13.88
N ASP A 319 -12.56 -38.57 -14.04
CA ASP A 319 -13.17 -38.36 -15.36
C ASP A 319 -13.23 -36.88 -15.68
N ILE A 320 -13.02 -36.55 -16.96
CA ILE A 320 -13.05 -35.18 -17.44
C ILE A 320 -14.45 -34.91 -17.96
N ARG A 321 -15.29 -34.30 -17.12
CA ARG A 321 -16.62 -33.86 -17.50
C ARG A 321 -16.66 -32.33 -17.48
N GLN A 322 -17.84 -31.78 -17.74
CA GLN A 322 -18.04 -30.34 -17.70
C GLN A 322 -19.17 -30.00 -16.73
N ALA A 323 -19.09 -28.80 -16.17
CA ALA A 323 -20.06 -28.39 -15.17
C ALA A 323 -21.44 -28.21 -15.80
N HIS A 324 -22.46 -28.44 -14.96
CA HIS A 324 -23.84 -28.35 -15.43
C HIS A 324 -24.73 -27.95 -14.27
N CYS A 325 -25.91 -27.41 -14.61
CA CYS A 325 -26.91 -27.00 -13.60
C CYS A 325 -28.26 -27.63 -13.96
N ASN A 326 -28.65 -28.67 -13.23
CA ASN A 326 -29.98 -29.32 -13.48
C ASN A 326 -31.09 -28.45 -12.92
N VAL A 327 -32.15 -28.26 -13.71
CA VAL A 327 -33.43 -27.68 -13.21
C VAL A 327 -34.56 -28.66 -13.55
N SER A 328 -35.34 -29.08 -12.55
CA SER A 328 -36.53 -29.88 -12.82
C SER A 328 -37.38 -29.22 -13.89
N LYS A 329 -37.59 -29.93 -15.00
CA LYS A 329 -38.25 -29.34 -16.15
C LYS A 329 -39.70 -28.98 -15.85
N ALA A 330 -40.39 -29.81 -15.04
CA ALA A 330 -41.78 -29.54 -14.73
C ALA A 330 -41.92 -28.28 -13.88
N THR A 331 -41.06 -28.14 -12.85
CA THR A 331 -41.13 -26.96 -11.99
C THR A 331 -40.80 -25.70 -12.77
N TRP A 332 -39.76 -25.74 -13.61
CA TRP A 332 -39.42 -24.58 -14.41
C TRP A 332 -40.54 -24.25 -15.39
N ASN A 333 -41.15 -25.28 -15.95
CA ASN A 333 -42.28 -25.06 -16.90
C ASN A 333 -43.40 -24.32 -16.17
N GLU A 334 -43.87 -24.88 -15.05
CA GLU A 334 -44.99 -24.26 -14.35
C GLU A 334 -44.65 -22.88 -13.82
N THR A 335 -43.38 -22.65 -13.46
CA THR A 335 -42.97 -21.32 -13.03
C THR A 335 -43.03 -20.33 -14.19
N LEU A 336 -42.51 -20.73 -15.36
CA LEU A 336 -42.63 -19.88 -16.53
C LEU A 336 -44.08 -19.64 -16.90
N GLY A 337 -44.94 -20.65 -16.69
CA GLY A 337 -46.36 -20.45 -16.91
C GLY A 337 -46.96 -19.40 -15.99
N LYS A 338 -46.60 -19.45 -14.71
CA LYS A 338 -47.05 -18.41 -13.79
C LYS A 338 -46.53 -17.04 -14.20
N VAL A 339 -45.28 -16.98 -14.65
CA VAL A 339 -44.70 -15.69 -15.04
C VAL A 339 -45.41 -15.13 -16.26
N VAL A 340 -45.73 -15.97 -17.24
CA VAL A 340 -46.43 -15.46 -18.42
C VAL A 340 -47.87 -15.10 -18.07
N LYS A 341 -48.49 -15.84 -17.15
CA LYS A 341 -49.83 -15.47 -16.71
C LYS A 341 -49.83 -14.08 -16.06
N GLN A 342 -48.80 -13.78 -15.26
CA GLN A 342 -48.71 -12.46 -14.64
C GLN A 342 -48.33 -11.39 -15.66
N LEU A 343 -47.48 -11.73 -16.62
CA LEU A 343 -47.08 -10.77 -17.64
C LEU A 343 -48.25 -10.42 -18.56
N ARG A 344 -49.21 -11.33 -18.72
CA ARG A 344 -50.40 -11.05 -19.50
C ARG A 344 -51.32 -10.04 -18.83
N LYS A 345 -50.94 -9.50 -17.67
CA LYS A 345 -51.71 -8.45 -17.02
C LYS A 345 -51.20 -7.06 -17.31
N HIS A 346 -49.89 -6.90 -17.53
CA HIS A 346 -49.31 -5.60 -17.80
C HIS A 346 -49.34 -5.25 -19.29
N PHE A 347 -49.53 -6.22 -20.17
CA PHE A 347 -49.50 -6.00 -21.61
C PHE A 347 -50.70 -6.70 -22.24
N GLY A 348 -51.76 -5.93 -22.49
CA GLY A 348 -52.94 -6.45 -23.16
C GLY A 348 -53.73 -7.44 -22.33
N ASN A 349 -54.95 -7.76 -22.77
CA ASN A 349 -55.74 -8.78 -22.10
C ASN A 349 -55.15 -10.16 -22.36
N ASN A 350 -54.98 -10.52 -23.63
CA ASN A 350 -54.33 -11.76 -24.04
C ASN A 350 -53.33 -11.45 -25.13
N THR A 351 -52.13 -12.01 -25.02
CA THR A 351 -51.08 -11.80 -26.01
C THR A 351 -50.16 -13.01 -26.00
N ILE A 352 -49.21 -13.01 -26.94
CA ILE A 352 -48.26 -14.10 -27.11
C ILE A 352 -46.95 -13.67 -26.48
N ILE A 353 -46.45 -14.45 -25.53
CA ILE A 353 -45.18 -14.20 -24.88
C ILE A 353 -44.19 -15.27 -25.34
N ARG A 354 -43.01 -14.84 -25.78
CA ARG A 354 -41.99 -15.73 -26.29
C ARG A 354 -40.68 -15.50 -25.55
N PHE A 355 -39.93 -16.57 -25.36
CA PHE A 355 -38.62 -16.51 -24.73
C PHE A 355 -37.55 -16.94 -25.72
N ALA A 356 -36.32 -16.48 -25.47
CA ALA A 356 -35.20 -16.84 -26.33
C ALA A 356 -33.91 -16.66 -25.53
N ASN A 357 -32.84 -17.29 -26.01
CA ASN A 357 -31.53 -17.12 -25.32
C ASN A 357 -31.02 -15.69 -25.58
N SER A 358 -30.14 -15.23 -24.71
CA SER A 358 -29.72 -13.84 -24.66
C SER A 358 -29.19 -13.37 -26.00
N SER A 359 -29.41 -12.09 -26.29
CA SER A 359 -29.03 -11.53 -27.58
C SER A 359 -27.52 -11.58 -27.78
N GLY A 360 -26.77 -10.87 -26.94
CA GLY A 360 -25.32 -10.86 -27.08
C GLY A 360 -24.71 -10.00 -26.00
N GLY A 361 -23.38 -9.88 -26.07
CA GLY A 361 -22.61 -9.12 -25.12
C GLY A 361 -21.52 -9.97 -24.51
N ASP A 362 -21.02 -9.52 -23.36
CA ASP A 362 -19.95 -10.25 -22.68
C ASP A 362 -20.48 -11.56 -22.12
N LEU A 363 -19.54 -12.44 -21.76
CA LEU A 363 -19.89 -13.76 -21.25
C LEU A 363 -20.73 -13.69 -19.99
N GLU A 364 -20.64 -12.60 -19.24
CA GLU A 364 -21.34 -12.45 -17.98
C GLU A 364 -22.80 -12.04 -18.14
N VAL A 365 -23.22 -11.67 -19.35
CA VAL A 365 -24.58 -11.25 -19.62
C VAL A 365 -25.30 -12.25 -20.53
N THR A 366 -24.63 -12.72 -21.58
CA THR A 366 -25.24 -13.72 -22.45
C THR A 366 -25.58 -15.00 -21.71
N THR A 367 -24.94 -15.25 -20.59
CA THR A 367 -25.13 -16.46 -19.80
C THR A 367 -25.55 -16.08 -18.38
N HIS A 368 -25.77 -17.11 -17.56
CA HIS A 368 -26.11 -16.95 -16.15
C HIS A 368 -24.85 -17.16 -15.34
N SER A 369 -24.38 -16.11 -14.68
CA SER A 369 -23.13 -16.12 -13.94
C SER A 369 -23.39 -16.27 -12.45
N PHE A 370 -22.56 -17.07 -11.78
CA PHE A 370 -22.65 -17.16 -10.33
C PHE A 370 -21.47 -17.95 -9.80
N ASN A 371 -21.27 -17.86 -8.50
CA ASN A 371 -20.23 -18.61 -7.79
C ASN A 371 -20.88 -19.69 -6.94
N CYS A 372 -20.36 -20.91 -7.05
CA CYS A 372 -20.93 -22.07 -6.35
C CYS A 372 -20.07 -22.50 -5.16
N GLY A 373 -18.79 -22.76 -5.40
CA GLY A 373 -17.92 -23.23 -4.34
C GLY A 373 -16.66 -22.42 -4.18
N GLY A 374 -16.68 -21.18 -4.66
CA GLY A 374 -15.51 -20.31 -4.62
C GLY A 374 -14.95 -19.95 -5.97
N GLU A 375 -15.33 -20.67 -7.03
CA GLU A 375 -14.92 -20.34 -8.38
C GLU A 375 -16.15 -19.99 -9.20
N PHE A 376 -16.17 -18.77 -9.74
CA PHE A 376 -17.32 -18.31 -10.51
C PHE A 376 -17.37 -19.01 -11.86
N PHE A 377 -18.59 -19.33 -12.30
CA PHE A 377 -18.76 -19.88 -13.64
C PHE A 377 -20.12 -19.49 -14.19
N TYR A 378 -20.32 -19.84 -15.46
CA TYR A 378 -21.38 -19.29 -16.29
C TYR A 378 -22.06 -20.43 -17.02
N CYS A 379 -23.37 -20.56 -16.84
CA CYS A 379 -24.18 -21.54 -17.56
C CYS A 379 -25.03 -20.83 -18.59
N ASN A 380 -24.96 -21.25 -19.85
CA ASN A 380 -25.50 -20.46 -21.00
C ASN A 380 -27.03 -20.40 -20.95
N THR A 381 -27.67 -21.36 -20.27
CA THR A 381 -29.11 -21.33 -20.02
C THR A 381 -29.92 -21.04 -21.28
N SER A 382 -29.58 -21.74 -22.36
CA SER A 382 -30.43 -21.66 -23.54
C SER A 382 -31.67 -22.54 -23.40
N GLY A 383 -31.56 -23.64 -22.68
CA GLY A 383 -32.68 -24.55 -22.50
C GLY A 383 -33.64 -24.12 -21.41
N LEU A 384 -33.47 -22.90 -20.90
CA LEU A 384 -34.38 -22.36 -19.90
C LEU A 384 -35.31 -21.29 -20.44
N PHE A 385 -34.98 -20.67 -21.58
CA PHE A 385 -35.82 -19.64 -22.19
C PHE A 385 -36.02 -20.04 -23.66
N ASN A 386 -37.08 -20.81 -23.92
CA ASN A 386 -37.27 -21.35 -25.31
C ASN A 386 -38.75 -21.38 -25.68
N SER A 387 -39.64 -21.23 -24.70
CA SER A 387 -41.05 -21.54 -24.87
C SER A 387 -41.79 -20.40 -25.55
N THR A 388 -43.06 -20.67 -25.88
CA THR A 388 -43.93 -19.68 -26.50
C THR A 388 -45.37 -20.01 -26.10
N TRP A 389 -46.04 -19.05 -25.46
CA TRP A 389 -47.40 -19.24 -24.99
C TRP A 389 -48.33 -18.28 -25.72
N ILE A 390 -49.48 -18.78 -26.17
CA ILE A 390 -50.42 -17.96 -26.92
C ILE A 390 -51.75 -17.87 -26.20
N SER A 391 -52.47 -18.98 -26.11
CA SER A 391 -53.74 -19.03 -25.41
C SER A 391 -53.75 -20.04 -24.28
N ASN A 392 -53.40 -21.29 -24.57
CA ASN A 392 -53.47 -22.37 -23.59
C ASN A 392 -52.41 -23.43 -23.88
N ASN A 404 -41.50 -36.68 -16.16
CA ASN A 404 -40.69 -36.19 -15.05
C ASN A 404 -39.21 -36.35 -15.34
N ASP A 405 -38.52 -35.23 -15.53
CA ASP A 405 -37.10 -35.23 -15.86
C ASP A 405 -36.53 -33.87 -15.46
N SER A 406 -35.31 -33.59 -15.93
CA SER A 406 -34.64 -32.34 -15.64
C SER A 406 -33.90 -31.86 -16.88
N ILE A 407 -33.71 -30.55 -16.95
CA ILE A 407 -32.97 -29.93 -18.05
C ILE A 407 -31.54 -29.68 -17.59
N THR A 408 -30.58 -29.94 -18.47
CA THR A 408 -29.17 -29.80 -18.16
C THR A 408 -28.56 -28.70 -19.03
N LEU A 409 -27.86 -27.77 -18.39
CA LEU A 409 -27.26 -26.64 -19.07
C LEU A 409 -25.75 -26.72 -18.99
N PRO A 410 -25.03 -26.48 -20.08
CA PRO A 410 -23.57 -26.50 -20.01
C PRO A 410 -23.04 -25.28 -19.28
N CYS A 411 -22.13 -25.51 -18.34
CA CYS A 411 -21.52 -24.43 -17.56
C CYS A 411 -20.01 -24.40 -17.80
N ARG A 412 -19.52 -23.26 -18.24
CA ARG A 412 -18.09 -23.04 -18.43
C ARG A 412 -17.54 -22.23 -17.26
N ILE A 413 -16.34 -22.60 -16.82
CA ILE A 413 -15.69 -21.98 -15.68
C ILE A 413 -14.70 -20.94 -16.17
N LYS A 414 -14.51 -19.87 -15.40
CA LYS A 414 -13.59 -18.79 -15.74
C LYS A 414 -12.98 -18.29 -14.43
N GLN A 415 -11.74 -18.70 -14.16
CA GLN A 415 -11.12 -18.38 -12.88
C GLN A 415 -10.69 -16.92 -12.81
N ILE A 416 -10.08 -16.40 -13.87
CA ILE A 416 -9.69 -15.00 -13.90
C ILE A 416 -10.93 -14.15 -14.12
N ILE A 417 -11.28 -13.35 -13.12
CA ILE A 417 -12.55 -12.62 -13.12
C ILE A 417 -12.27 -11.12 -13.03
N ASN A 418 -13.10 -10.34 -13.71
CA ASN A 418 -13.05 -8.89 -13.66
C ASN A 418 -14.45 -8.33 -13.47
N MET A 419 -15.19 -8.88 -12.50
CA MET A 419 -16.56 -8.46 -12.28
C MET A 419 -16.62 -6.99 -11.88
N TRP A 420 -17.81 -6.42 -12.02
CA TRP A 420 -18.09 -5.00 -11.82
C TRP A 420 -17.34 -4.11 -12.80
N GLN A 421 -16.73 -4.69 -13.83
CA GLN A 421 -16.08 -3.95 -14.90
C GLN A 421 -15.03 -2.98 -14.37
N ARG A 422 -14.40 -3.32 -13.25
CA ARG A 422 -13.34 -2.49 -12.70
C ARG A 422 -12.10 -2.64 -13.56
N ILE A 423 -11.96 -1.75 -14.55
CA ILE A 423 -10.85 -1.86 -15.50
C ILE A 423 -9.55 -1.54 -14.79
N GLY A 424 -8.59 -2.46 -14.88
CA GLY A 424 -7.30 -2.30 -14.24
C GLY A 424 -7.10 -3.11 -12.99
N GLN A 425 -8.12 -3.85 -12.54
CA GLN A 425 -8.01 -4.66 -11.33
C GLN A 425 -8.89 -5.88 -11.49
N ALA A 426 -8.29 -6.99 -11.90
CA ALA A 426 -8.98 -8.26 -12.08
C ALA A 426 -8.61 -9.22 -10.95
N MET A 427 -9.47 -10.20 -10.75
CA MET A 427 -9.30 -11.18 -9.68
C MET A 427 -9.01 -12.55 -10.25
N TYR A 428 -8.30 -13.36 -9.47
CA TYR A 428 -8.01 -14.75 -9.80
C TYR A 428 -8.65 -15.63 -8.74
N ALA A 429 -9.54 -16.52 -9.17
CA ALA A 429 -10.21 -17.43 -8.25
C ALA A 429 -9.41 -18.72 -8.15
N PRO A 430 -8.90 -19.08 -6.98
CA PRO A 430 -8.14 -20.32 -6.85
C PRO A 430 -9.02 -21.53 -7.05
N PRO A 431 -8.45 -22.67 -7.39
CA PRO A 431 -9.26 -23.89 -7.52
C PRO A 431 -9.72 -24.41 -6.17
N ILE A 432 -10.71 -25.29 -6.22
CA ILE A 432 -11.29 -25.91 -5.04
C ILE A 432 -11.06 -27.41 -5.15
N GLN A 433 -10.53 -28.02 -4.08
CA GLN A 433 -10.28 -29.45 -4.09
C GLN A 433 -11.60 -30.22 -4.12
N GLY A 434 -11.59 -31.34 -4.83
CA GLY A 434 -12.74 -32.21 -4.86
C GLY A 434 -13.87 -31.71 -5.74
N VAL A 435 -14.89 -32.55 -5.84
CA VAL A 435 -16.09 -32.20 -6.59
C VAL A 435 -16.80 -31.05 -5.89
N ILE A 436 -17.39 -30.16 -6.68
CA ILE A 436 -18.15 -29.02 -6.16
C ILE A 436 -19.62 -29.28 -6.43
N ARG A 437 -20.46 -29.06 -5.41
CA ARG A 437 -21.89 -29.25 -5.54
C ARG A 437 -22.61 -28.17 -4.75
N CYS A 438 -23.66 -27.61 -5.33
CA CYS A 438 -24.48 -26.64 -4.62
C CYS A 438 -25.91 -26.69 -5.12
N VAL A 439 -26.86 -26.73 -4.19
CA VAL A 439 -28.28 -26.74 -4.51
C VAL A 439 -28.84 -25.37 -4.12
N SER A 440 -29.06 -24.54 -5.13
CA SER A 440 -29.57 -23.20 -4.91
C SER A 440 -31.05 -23.13 -5.25
N ASN A 441 -31.67 -22.01 -4.84
CA ASN A 441 -33.10 -21.75 -5.15
C ASN A 441 -33.19 -20.51 -6.02
N ILE A 442 -33.57 -20.71 -7.28
CA ILE A 442 -33.95 -19.61 -8.15
C ILE A 442 -35.25 -19.01 -7.64
N THR A 443 -35.19 -17.76 -7.18
CA THR A 443 -36.36 -17.05 -6.69
C THR A 443 -36.66 -15.80 -7.51
N GLY A 444 -35.93 -15.56 -8.58
CA GLY A 444 -36.15 -14.36 -9.36
C GLY A 444 -35.57 -14.47 -10.75
N LEU A 445 -35.99 -13.54 -11.60
CA LEU A 445 -35.56 -13.46 -12.98
C LEU A 445 -35.32 -12.00 -13.35
N ILE A 446 -34.16 -11.74 -13.94
CA ILE A 446 -33.89 -10.42 -14.48
C ILE A 446 -34.00 -10.49 -15.99
N LEU A 447 -35.19 -10.22 -16.51
CA LEU A 447 -35.46 -10.30 -17.94
C LEU A 447 -35.36 -8.92 -18.56
N THR A 448 -35.54 -8.86 -19.87
CA THR A 448 -35.67 -7.61 -20.58
C THR A 448 -36.53 -7.85 -21.82
N ARG A 449 -37.45 -6.93 -22.06
CA ARG A 449 -38.37 -7.03 -23.18
C ARG A 449 -37.64 -6.64 -24.46
N ASP A 450 -38.02 -7.27 -25.56
CA ASP A 450 -37.40 -6.90 -26.83
C ASP A 450 -38.18 -5.74 -27.46
N GLY A 451 -37.50 -5.07 -28.40
CA GLY A 451 -38.14 -3.94 -29.06
C GLY A 451 -39.38 -4.37 -29.83
N GLY A 452 -40.29 -3.42 -30.02
CA GLY A 452 -41.52 -3.74 -30.72
C GLY A 452 -41.39 -3.62 -32.22
N SER A 453 -42.43 -3.12 -32.88
CA SER A 453 -42.47 -3.02 -34.34
C SER A 453 -43.66 -2.12 -34.71
N THR A 454 -43.95 -2.00 -36.01
CA THR A 454 -45.16 -1.30 -36.42
C THR A 454 -46.39 -1.95 -35.83
N ASN A 455 -46.38 -3.27 -35.71
CA ASN A 455 -47.43 -4.01 -35.03
C ASN A 455 -46.80 -5.19 -34.32
N SER A 456 -47.06 -5.29 -33.02
CA SER A 456 -46.44 -6.31 -32.17
C SER A 456 -47.52 -7.11 -31.47
N THR A 457 -47.66 -8.38 -31.84
CA THR A 457 -48.60 -9.28 -31.19
C THR A 457 -47.92 -10.37 -30.38
N THR A 458 -46.60 -10.53 -30.53
CA THR A 458 -45.82 -11.54 -29.82
C THR A 458 -44.57 -10.87 -29.21
N GLU A 459 -44.71 -10.41 -27.97
CA GLU A 459 -43.60 -9.78 -27.29
C GLU A 459 -42.64 -10.84 -26.76
N THR A 460 -41.35 -10.67 -27.07
CA THR A 460 -40.33 -11.63 -26.68
C THR A 460 -39.47 -11.06 -25.57
N PHE A 461 -39.21 -11.87 -24.56
CA PHE A 461 -38.40 -11.49 -23.40
C PHE A 461 -37.12 -12.32 -23.39
N ARG A 462 -35.99 -11.65 -23.19
CA ARG A 462 -34.70 -12.33 -23.14
C ARG A 462 -34.01 -12.04 -21.81
N PRO A 463 -33.30 -13.02 -21.25
CA PRO A 463 -32.59 -12.76 -19.99
C PRO A 463 -31.51 -11.71 -20.17
N GLY A 464 -31.12 -11.10 -19.06
CA GLY A 464 -30.13 -10.05 -19.10
C GLY A 464 -29.65 -9.61 -17.73
N GLY A 465 -29.50 -8.31 -17.54
CA GLY A 465 -29.00 -7.79 -16.29
C GLY A 465 -27.59 -7.25 -16.40
N GLY A 466 -26.63 -7.98 -15.84
CA GLY A 466 -25.23 -7.52 -15.85
C GLY A 466 -24.92 -6.51 -14.77
N ASP A 467 -25.70 -5.44 -14.67
CA ASP A 467 -25.53 -4.47 -13.59
C ASP A 467 -26.07 -5.05 -12.29
N MET A 468 -25.20 -5.16 -11.28
CA MET A 468 -25.58 -5.80 -10.03
C MET A 468 -26.51 -4.98 -9.18
N ARG A 469 -26.87 -3.76 -9.59
CA ARG A 469 -27.83 -2.98 -8.83
C ARG A 469 -29.19 -3.66 -8.79
N ASP A 470 -29.52 -4.44 -9.82
CA ASP A 470 -30.79 -5.15 -9.85
C ASP A 470 -30.82 -6.28 -8.84
N ASN A 471 -29.67 -6.92 -8.58
CA ASN A 471 -29.62 -7.95 -7.56
C ASN A 471 -29.93 -7.40 -6.18
N TRP A 472 -29.62 -6.13 -5.94
CA TRP A 472 -29.95 -5.50 -4.67
C TRP A 472 -31.35 -4.91 -4.67
N ARG A 473 -31.83 -4.43 -5.81
CA ARG A 473 -33.20 -3.93 -5.88
C ARG A 473 -34.24 -5.01 -5.69
N SER A 474 -33.84 -6.28 -5.73
CA SER A 474 -34.76 -7.37 -5.43
C SER A 474 -34.97 -7.56 -3.94
N GLU A 475 -34.11 -6.99 -3.11
CA GLU A 475 -34.23 -7.07 -1.66
C GLU A 475 -34.53 -5.74 -1.00
N LEU A 476 -33.98 -4.65 -1.53
CA LEU A 476 -34.20 -3.31 -0.99
C LEU A 476 -35.34 -2.58 -1.68
N TYR A 477 -36.33 -3.30 -2.18
CA TYR A 477 -37.47 -2.67 -2.83
C TYR A 477 -38.57 -2.29 -1.85
N LYS A 478 -38.73 -3.06 -0.77
CA LYS A 478 -39.77 -2.81 0.21
C LYS A 478 -39.26 -1.98 1.39
N TYR A 479 -38.03 -1.47 1.33
CA TYR A 479 -37.43 -0.71 2.41
C TYR A 479 -37.11 0.70 1.95
N LYS A 480 -37.11 1.63 2.91
CA LYS A 480 -36.67 2.99 2.66
C LYS A 480 -36.34 3.63 4.00
N VAL A 481 -35.31 4.45 4.01
CA VAL A 481 -34.85 5.09 5.24
C VAL A 481 -35.51 6.46 5.36
N VAL A 482 -35.83 6.84 6.60
CA VAL A 482 -36.47 8.12 6.88
C VAL A 482 -35.85 8.72 8.13
N LYS A 483 -35.64 10.02 8.11
CA LYS A 483 -35.11 10.76 9.24
C LYS A 483 -36.25 11.34 10.05
N ILE A 484 -36.07 11.38 11.37
CA ILE A 484 -37.10 11.84 12.29
C ILE A 484 -36.96 13.34 12.49
N GLU A 485 -38.07 14.06 12.39
CA GLU A 485 -38.11 15.49 12.71
C GLU A 485 -38.95 15.67 13.98
N PRO A 486 -38.37 15.43 15.16
CA PRO A 486 -39.17 15.40 16.39
C PRO A 486 -39.68 16.76 16.83
N LEU A 487 -39.27 17.86 16.20
CA LEU A 487 -39.73 19.18 16.55
C LEU A 487 -41.02 19.49 15.81
N GLY A 488 -42.05 19.88 16.55
CA GLY A 488 -43.31 20.25 15.92
C GLY A 488 -44.01 21.41 16.58
N VAL A 489 -44.33 22.44 15.82
CA VAL A 489 -45.12 23.56 16.34
C VAL A 489 -46.59 23.26 16.11
N ALA A 490 -47.42 23.63 17.09
CA ALA A 490 -48.84 23.35 16.98
C ALA A 490 -49.63 24.36 17.80
N PRO A 491 -50.80 24.78 17.32
CA PRO A 491 -51.58 25.76 18.07
C PRO A 491 -52.44 25.12 19.15
N THR A 492 -52.56 25.82 20.27
CA THR A 492 -53.45 25.40 21.35
C THR A 492 -53.69 26.58 22.27
N ARG A 493 -54.54 26.36 23.27
CA ARG A 493 -54.93 27.40 24.21
C ARG A 493 -53.87 27.69 25.27
N CYS A 494 -52.80 26.89 25.34
CA CYS A 494 -51.79 27.12 26.35
C CYS A 494 -51.01 28.41 26.07
N LYS A 495 -50.48 29.00 27.13
CA LYS A 495 -49.68 30.21 27.01
C LYS A 495 -48.85 30.36 28.27
N ARG A 496 -47.53 30.46 28.09
CA ARG A 496 -46.63 30.57 29.24
C ARG A 496 -46.87 31.88 29.98
N ARG A 497 -46.43 31.91 31.23
CA ARG A 497 -46.56 33.10 32.05
C ARG A 497 -45.44 34.09 31.74
N VAL A 498 -45.48 35.25 32.40
CA VAL A 498 -44.48 36.28 32.20
C VAL A 498 -43.26 36.01 33.08
N ASN B 28 -26.40 45.21 46.69
CA ASN B 28 -25.17 44.43 46.52
C ASN B 28 -25.05 43.94 45.09
N LEU B 29 -23.82 43.66 44.67
CA LEU B 29 -23.54 43.17 43.32
C LEU B 29 -23.43 41.66 43.32
N TRP B 30 -24.13 41.03 42.38
CA TRP B 30 -24.10 39.58 42.20
C TRP B 30 -23.59 39.26 40.81
N VAL B 31 -22.79 38.20 40.70
CA VAL B 31 -22.31 37.77 39.40
C VAL B 31 -23.43 37.08 38.65
N THR B 32 -23.58 37.41 37.38
CA THR B 32 -24.60 36.81 36.52
C THR B 32 -23.93 36.14 35.33
N VAL B 33 -24.37 34.93 35.03
CA VAL B 33 -23.81 34.15 33.93
C VAL B 33 -24.52 34.54 32.64
N TYR B 34 -23.73 34.84 31.61
CA TYR B 34 -24.25 35.20 30.29
C TYR B 34 -23.72 34.19 29.28
N TYR B 35 -24.62 33.56 28.54
CA TYR B 35 -24.27 32.57 27.54
C TYR B 35 -24.55 33.12 26.16
N GLY B 36 -23.63 32.88 25.23
CA GLY B 36 -23.77 33.41 23.88
C GLY B 36 -23.15 34.77 23.66
N VAL B 37 -22.22 35.17 24.52
CA VAL B 37 -21.61 36.50 24.44
C VAL B 37 -20.66 36.54 23.24
N PRO B 38 -20.45 37.70 22.64
CA PRO B 38 -19.45 37.83 21.54
C PRO B 38 -18.03 37.94 22.07
N VAL B 39 -17.44 36.80 22.41
CA VAL B 39 -16.09 36.74 22.97
C VAL B 39 -15.33 35.62 22.28
N TRP B 40 -14.15 35.94 21.77
CA TRP B 40 -13.31 34.96 21.09
C TRP B 40 -11.87 35.08 21.60
N LYS B 41 -11.07 34.08 21.26
CA LYS B 41 -9.66 34.07 21.58
C LYS B 41 -8.89 33.48 20.41
N ASP B 42 -7.69 33.99 20.18
CA ASP B 42 -6.86 33.49 19.09
C ASP B 42 -6.46 32.04 19.35
N ALA B 43 -6.81 31.16 18.43
CA ALA B 43 -6.52 29.74 18.58
C ALA B 43 -6.33 29.14 17.19
N GLU B 44 -6.18 27.82 17.14
CA GLU B 44 -5.98 27.11 15.88
C GLU B 44 -6.76 25.80 15.92
N THR B 45 -7.20 25.35 14.76
CA THR B 45 -7.99 24.13 14.66
C THR B 45 -7.89 23.61 13.23
N THR B 46 -8.43 22.41 13.04
CA THR B 46 -8.44 21.78 11.72
C THR B 46 -9.52 22.44 10.86
N LEU B 47 -9.10 23.25 9.90
CA LEU B 47 -10.01 23.93 9.00
C LEU B 47 -10.35 23.03 7.83
N PHE B 48 -11.63 22.75 7.63
CA PHE B 48 -12.05 21.95 6.49
C PHE B 48 -12.16 22.83 5.26
N CYS B 49 -12.55 22.23 4.14
CA CYS B 49 -12.55 22.88 2.84
C CYS B 49 -13.96 23.24 2.42
N ALA B 50 -14.05 23.98 1.31
CA ALA B 50 -15.34 24.28 0.68
C ALA B 50 -15.07 24.65 -0.77
N SER B 51 -15.50 23.81 -1.69
CA SER B 51 -15.30 24.04 -3.11
C SER B 51 -16.61 24.44 -3.77
N ASP B 52 -16.49 25.05 -4.95
CA ASP B 52 -17.66 25.51 -5.68
C ASP B 52 -18.34 24.37 -6.40
N ALA B 53 -19.65 24.52 -6.61
CA ALA B 53 -20.42 23.53 -7.35
C ALA B 53 -20.63 23.89 -8.81
N LYS B 54 -20.23 25.09 -9.22
CA LYS B 54 -20.36 25.47 -10.63
C LYS B 54 -19.40 24.67 -11.49
N ALA B 55 -18.21 24.39 -10.98
CA ALA B 55 -17.23 23.56 -11.68
C ALA B 55 -17.22 22.13 -11.17
N TYR B 56 -18.20 21.74 -10.36
CA TYR B 56 -18.25 20.36 -9.87
C TYR B 56 -18.55 19.38 -10.98
N GLU B 57 -19.26 19.81 -12.03
CA GLU B 57 -19.47 18.96 -13.19
C GLU B 57 -18.17 18.61 -13.90
N THR B 58 -17.07 19.28 -13.54
CA THR B 58 -15.76 19.06 -14.16
C THR B 58 -14.87 18.17 -13.31
N GLU B 59 -15.41 17.10 -12.72
CA GLU B 59 -14.59 16.19 -11.93
C GLU B 59 -13.33 15.77 -12.67
N LYS B 60 -13.48 15.46 -13.96
CA LYS B 60 -12.37 14.96 -14.79
C LYS B 60 -11.64 13.83 -14.09
N HIS B 61 -12.40 12.95 -13.44
CA HIS B 61 -11.88 11.83 -12.67
C HIS B 61 -10.93 12.31 -11.57
N ASN B 62 -11.53 13.04 -10.62
CA ASN B 62 -10.86 13.45 -9.39
C ASN B 62 -9.66 14.35 -9.68
N VAL B 63 -9.98 15.56 -10.15
CA VAL B 63 -8.99 16.62 -10.22
C VAL B 63 -8.21 16.70 -8.90
N TRP B 64 -6.90 16.92 -9.03
CA TRP B 64 -5.93 16.81 -7.95
C TRP B 64 -6.40 17.31 -6.58
N ALA B 65 -7.01 18.49 -6.54
CA ALA B 65 -7.32 19.12 -5.26
C ALA B 65 -8.64 18.63 -4.68
N THR B 66 -9.74 18.83 -5.41
CA THR B 66 -11.08 18.62 -4.88
C THR B 66 -11.69 17.37 -5.48
N HIS B 67 -11.99 16.39 -4.63
CA HIS B 67 -12.79 15.23 -5.00
C HIS B 67 -14.11 15.19 -4.24
N ALA B 68 -14.05 15.19 -2.91
CA ALA B 68 -15.22 15.14 -2.05
C ALA B 68 -15.27 16.33 -1.09
N CYS B 69 -14.74 17.47 -1.53
CA CYS B 69 -14.86 18.69 -0.75
C CYS B 69 -16.32 19.10 -0.65
N VAL B 70 -16.75 19.47 0.55
CA VAL B 70 -18.15 19.83 0.79
C VAL B 70 -18.53 21.00 -0.10
N PRO B 71 -19.77 21.08 -0.56
CA PRO B 71 -20.16 22.22 -1.39
C PRO B 71 -20.10 23.52 -0.62
N THR B 72 -19.63 24.57 -1.30
CA THR B 72 -19.50 25.87 -0.66
C THR B 72 -20.87 26.43 -0.29
N ASP B 73 -20.85 27.40 0.61
CA ASP B 73 -22.08 28.09 0.99
C ASP B 73 -22.58 28.89 -0.20
N PRO B 74 -23.83 28.71 -0.63
CA PRO B 74 -24.33 29.46 -1.79
C PRO B 74 -24.28 30.97 -1.60
N ASN B 75 -24.27 31.45 -0.37
CA ASN B 75 -24.24 32.88 -0.08
C ASN B 75 -23.03 33.22 0.78
N PRO B 76 -22.02 33.90 0.25
CA PRO B 76 -20.89 34.31 1.10
C PRO B 76 -21.28 35.39 2.09
N GLN B 77 -22.00 35.00 3.14
CA GLN B 77 -22.49 35.96 4.12
C GLN B 77 -21.34 36.42 5.02
N GLU B 78 -20.92 37.66 4.84
CA GLU B 78 -19.84 38.25 5.63
C GLU B 78 -20.41 39.38 6.47
N ILE B 79 -19.98 39.44 7.73
CA ILE B 79 -20.48 40.42 8.69
C ILE B 79 -19.35 41.39 9.03
N HIS B 80 -19.62 42.69 8.90
CA HIS B 80 -18.66 43.72 9.26
C HIS B 80 -18.87 44.13 10.71
N LEU B 81 -17.78 44.45 11.39
CA LEU B 81 -17.81 44.79 12.81
C LEU B 81 -17.21 46.18 13.03
N GLU B 82 -17.83 46.94 13.92
CA GLU B 82 -17.35 48.27 14.27
C GLU B 82 -16.91 48.29 15.73
N ASN B 83 -16.11 49.30 16.07
CA ASN B 83 -15.47 49.41 17.42
C ASN B 83 -14.81 48.07 17.77
N VAL B 84 -14.01 47.55 16.84
CA VAL B 84 -13.34 46.26 17.02
C VAL B 84 -11.88 46.39 16.57
N THR B 85 -10.99 45.77 17.34
CA THR B 85 -9.58 45.70 16.98
C THR B 85 -9.06 44.30 17.22
N GLU B 86 -8.19 43.83 16.33
CA GLU B 86 -7.58 42.52 16.45
C GLU B 86 -6.14 42.58 15.96
N GLU B 87 -5.23 42.03 16.75
CA GLU B 87 -3.79 42.08 16.43
C GLU B 87 -3.46 40.94 15.49
N PHE B 88 -3.69 41.17 14.20
CA PHE B 88 -3.37 40.18 13.18
C PHE B 88 -1.86 39.99 13.09
N ASN B 89 -1.47 38.80 12.63
CA ASN B 89 -0.06 38.48 12.47
C ASN B 89 0.06 37.45 11.34
N MET B 90 0.38 37.92 10.14
CA MET B 90 0.47 37.04 8.99
C MET B 90 1.72 36.17 9.01
N TRP B 91 2.69 36.48 9.86
CA TRP B 91 3.93 35.71 9.92
C TRP B 91 3.95 34.68 11.04
N LYS B 92 3.06 34.81 12.02
CA LYS B 92 2.84 33.78 13.02
C LYS B 92 1.52 33.06 12.81
N ASN B 93 0.88 33.27 11.66
CA ASN B 93 -0.44 32.70 11.40
C ASN B 93 -0.35 31.18 11.33
N ASN B 94 -1.28 30.52 12.01
CA ASN B 94 -1.35 29.07 12.05
C ASN B 94 -2.21 28.49 10.94
N MET B 95 -2.67 29.32 10.00
CA MET B 95 -3.45 28.81 8.89
C MET B 95 -2.58 28.35 7.72
N VAL B 96 -1.45 29.03 7.50
CA VAL B 96 -0.55 28.62 6.42
C VAL B 96 0.12 27.29 6.75
N GLU B 97 0.46 27.08 8.03
CA GLU B 97 1.02 25.79 8.44
C GLU B 97 0.03 24.67 8.19
N GLN B 98 -1.26 24.93 8.41
CA GLN B 98 -2.27 23.91 8.17
C GLN B 98 -2.55 23.76 6.68
N MET B 99 -2.47 24.86 5.93
CA MET B 99 -2.70 24.77 4.49
C MET B 99 -1.53 24.08 3.78
N HIS B 100 -0.30 24.40 4.19
CA HIS B 100 0.87 23.81 3.54
C HIS B 100 0.90 22.30 3.73
N THR B 101 0.77 21.84 4.98
CA THR B 101 0.75 20.41 5.24
C THR B 101 -0.49 19.75 4.62
N ASP B 102 -1.55 20.52 4.39
CA ASP B 102 -2.71 19.99 3.70
C ASP B 102 -2.40 19.76 2.22
N ILE B 103 -1.73 20.72 1.59
CA ILE B 103 -1.41 20.58 0.16
C ILE B 103 -0.42 19.45 -0.06
N ILE B 104 0.55 19.30 0.84
CA ILE B 104 1.53 18.22 0.70
C ILE B 104 0.85 16.87 0.89
N SER B 105 0.07 16.72 1.96
CA SER B 105 -0.60 15.45 2.21
C SER B 105 -1.63 15.14 1.13
N LEU B 106 -2.30 16.18 0.62
CA LEU B 106 -3.25 15.98 -0.47
C LEU B 106 -2.55 15.67 -1.78
N TRP B 107 -1.27 16.03 -1.90
CA TRP B 107 -0.53 15.74 -3.13
C TRP B 107 -0.15 14.27 -3.20
N ASP B 108 0.32 13.71 -2.09
CA ASP B 108 0.73 12.30 -2.08
C ASP B 108 -0.46 11.37 -2.32
N GLN B 109 -1.62 11.71 -1.75
CA GLN B 109 -2.81 10.88 -1.94
C GLN B 109 -3.32 10.92 -3.38
N SER B 110 -2.81 11.82 -4.21
CA SER B 110 -3.14 11.83 -5.62
C SER B 110 -2.09 11.13 -6.48
N LEU B 111 -0.98 10.71 -5.89
CA LEU B 111 0.08 10.00 -6.61
C LEU B 111 0.13 8.52 -6.28
N LYS B 112 -0.27 8.13 -5.07
CA LYS B 112 -0.21 6.72 -4.68
C LYS B 112 -1.01 5.80 -5.60
N PRO B 113 -2.23 6.13 -6.04
CA PRO B 113 -2.92 5.27 -7.00
C PRO B 113 -2.41 5.38 -8.44
N CYS B 114 -1.46 6.27 -8.71
CA CYS B 114 -0.94 6.42 -10.07
C CYS B 114 0.06 5.32 -10.37
N VAL B 115 0.76 5.44 -11.50
CA VAL B 115 1.69 4.41 -11.97
C VAL B 115 3.06 4.65 -11.35
N LYS B 116 3.76 3.57 -11.04
CA LYS B 116 5.12 3.63 -10.55
C LYS B 116 6.09 3.31 -11.68
N LEU B 117 7.17 4.08 -11.77
CA LEU B 117 8.16 3.96 -12.83
C LEU B 117 9.50 3.45 -12.31
N THR B 118 9.46 2.52 -11.35
CA THR B 118 10.69 1.93 -10.84
C THR B 118 11.44 1.11 -11.89
N PRO B 119 10.77 0.40 -12.80
CA PRO B 119 11.53 -0.28 -13.86
C PRO B 119 11.88 0.61 -15.03
N LEU B 120 11.60 1.91 -14.95
CA LEU B 120 11.80 2.77 -16.10
C LEU B 120 13.27 3.07 -16.38
N CYS B 121 14.03 3.52 -15.37
CA CYS B 121 15.37 4.04 -15.64
C CYS B 121 16.35 2.88 -15.74
N VAL B 122 16.56 2.44 -16.98
CA VAL B 122 17.64 1.55 -17.36
C VAL B 122 18.65 2.40 -18.10
N THR B 123 19.79 1.79 -18.44
CA THR B 123 20.80 2.49 -19.22
C THR B 123 20.19 2.98 -20.52
N LEU B 124 20.06 4.31 -20.64
CA LEU B 124 19.42 4.93 -21.79
C LEU B 124 20.48 5.35 -22.80
N GLN B 125 20.36 4.85 -24.02
CA GLN B 125 21.23 5.28 -25.11
C GLN B 125 20.71 6.57 -25.71
N CYS B 126 20.98 7.69 -25.04
CA CYS B 126 20.43 8.99 -25.44
C CYS B 126 21.33 9.64 -26.47
N THR B 127 20.74 10.07 -27.59
CA THR B 127 21.42 10.84 -28.61
C THR B 127 20.67 12.13 -28.85
N ASN B 128 21.37 13.12 -29.41
CA ASN B 128 20.71 14.44 -29.59
C ASN B 128 19.67 14.32 -30.71
N VAL B 129 18.52 14.99 -30.52
CA VAL B 129 17.41 14.97 -31.46
C VAL B 129 17.86 15.54 -32.80
N THR B 130 17.09 15.26 -33.84
CA THR B 130 17.47 15.64 -35.20
C THR B 130 17.41 17.15 -35.32
N ASN B 131 18.56 17.80 -35.21
CA ASN B 131 18.64 19.25 -35.23
C ASN B 131 19.94 19.66 -35.92
N ASN B 132 20.09 20.97 -36.11
CA ASN B 132 21.31 21.54 -36.66
C ASN B 132 22.13 22.17 -35.54
N ILE B 133 23.18 22.89 -35.91
CA ILE B 133 24.07 23.51 -34.93
C ILE B 133 23.31 24.63 -34.22
N THR B 134 23.88 25.15 -33.13
CA THR B 134 23.27 26.20 -32.31
C THR B 134 21.91 25.72 -31.75
N ASP B 135 22.02 24.69 -30.91
CA ASP B 135 20.86 24.11 -30.26
C ASP B 135 20.62 24.73 -28.89
N ASP B 136 21.62 24.66 -28.01
CA ASP B 136 21.50 25.20 -26.67
C ASP B 136 21.34 26.72 -26.69
N GLY B 139 21.37 19.73 -27.03
CA GLY B 139 20.85 19.54 -25.69
C GLY B 139 19.38 19.89 -25.55
N GLU B 140 18.88 19.80 -24.32
CA GLU B 140 17.51 20.15 -23.98
C GLU B 140 16.50 19.22 -24.67
N LEU B 141 16.99 18.25 -25.43
CA LEU B 141 16.13 17.25 -26.06
C LEU B 141 16.98 16.02 -26.32
N LYS B 142 16.83 15.01 -25.46
CA LYS B 142 17.58 13.77 -25.57
C LYS B 142 16.66 12.69 -26.11
N ASN B 143 17.01 12.19 -27.29
CA ASN B 143 16.29 11.04 -27.90
C ASN B 143 16.85 9.75 -27.30
N CYS B 144 16.21 9.24 -26.26
CA CYS B 144 16.71 8.09 -25.52
C CYS B 144 15.97 6.83 -25.93
N SER B 145 16.72 5.79 -26.27
CA SER B 145 16.17 4.47 -26.57
C SER B 145 16.68 3.47 -25.54
N PHE B 146 15.78 2.64 -25.03
CA PHE B 146 16.12 1.77 -23.91
C PHE B 146 15.27 0.51 -23.97
N ASN B 147 15.79 -0.55 -23.34
CA ASN B 147 15.02 -1.81 -23.18
C ASN B 147 14.01 -1.61 -22.05
N MET B 148 12.78 -2.06 -22.29
CA MET B 148 11.70 -1.93 -21.33
C MET B 148 10.95 -3.25 -21.20
N THR B 149 10.67 -3.65 -19.96
CA THR B 149 9.93 -4.88 -19.73
C THR B 149 8.48 -4.70 -20.18
N THR B 150 8.05 -5.54 -21.11
CA THR B 150 6.69 -5.46 -21.63
C THR B 150 5.73 -6.13 -20.65
N GLU B 151 4.49 -6.37 -21.10
CA GLU B 151 3.51 -7.07 -20.27
C GLU B 151 4.03 -8.43 -19.84
N LEU B 152 4.52 -9.21 -20.79
CA LEU B 152 5.08 -10.52 -20.48
C LEU B 152 6.43 -10.36 -19.80
N ARG B 153 6.62 -11.04 -18.67
CA ARG B 153 7.89 -10.97 -17.96
C ARG B 153 9.03 -11.53 -18.80
N ASP B 154 8.75 -12.54 -19.62
CA ASP B 154 9.80 -13.16 -20.42
C ASP B 154 10.29 -12.23 -21.52
N LYS B 155 9.39 -11.82 -22.40
CA LYS B 155 9.77 -10.96 -23.51
C LYS B 155 10.16 -9.57 -23.02
N LYS B 156 10.94 -8.87 -23.83
CA LYS B 156 11.34 -7.50 -23.55
C LYS B 156 11.02 -6.64 -24.77
N GLN B 157 11.09 -5.32 -24.57
CA GLN B 157 10.67 -4.36 -25.59
C GLN B 157 11.75 -3.30 -25.76
N LYS B 158 12.09 -3.01 -27.01
CA LYS B 158 13.07 -1.98 -27.35
C LYS B 158 12.28 -0.74 -27.79
N VAL B 159 12.11 0.21 -26.87
CA VAL B 159 11.32 1.39 -27.14
C VAL B 159 12.16 2.62 -26.85
N TYR B 160 11.80 3.73 -27.49
CA TYR B 160 12.52 4.98 -27.37
C TYR B 160 11.63 6.06 -26.79
N SER B 161 12.24 7.20 -26.46
CA SER B 161 11.51 8.34 -25.94
C SER B 161 12.36 9.59 -26.14
N LEU B 162 11.76 10.75 -25.88
CA LEU B 162 12.40 12.04 -26.03
C LEU B 162 12.40 12.75 -24.67
N PHE B 163 13.48 12.57 -23.91
CA PHE B 163 13.61 13.19 -22.61
C PHE B 163 14.29 14.55 -22.74
N TYR B 164 14.14 15.36 -21.70
CA TYR B 164 14.79 16.66 -21.62
C TYR B 164 16.15 16.51 -20.94
N ARG B 165 17.00 17.52 -21.15
CA ARG B 165 18.35 17.47 -20.59
C ARG B 165 18.31 17.49 -19.07
N LEU B 166 17.36 18.22 -18.49
CA LEU B 166 17.25 18.30 -17.03
C LEU B 166 16.75 17.01 -16.40
N ASP B 167 16.23 16.08 -17.19
CA ASP B 167 15.72 14.83 -16.65
C ASP B 167 16.74 13.71 -16.66
N VAL B 168 17.71 13.76 -17.56
CA VAL B 168 18.70 12.71 -17.69
C VAL B 168 20.06 13.24 -17.28
N VAL B 169 20.93 12.32 -16.87
CA VAL B 169 22.31 12.62 -16.52
C VAL B 169 23.16 11.46 -16.99
N GLN B 170 24.28 11.76 -17.65
CA GLN B 170 25.09 10.70 -18.23
C GLN B 170 25.82 9.93 -17.13
N ILE B 171 25.69 8.61 -17.17
CA ILE B 171 26.38 7.72 -16.24
C ILE B 171 27.67 7.26 -16.89
N ASN B 172 28.75 7.26 -16.13
CA ASN B 172 30.06 6.91 -16.67
C ASN B 172 30.98 6.39 -15.59
N SER B 182 32.14 4.11 -28.46
CA SER B 182 30.71 4.08 -28.15
C SER B 182 30.19 5.48 -27.84
N ASN B 183 28.88 5.67 -28.00
CA ASN B 183 28.26 6.96 -27.72
C ASN B 183 28.00 7.07 -26.22
N LYS B 184 27.21 8.08 -25.84
CA LYS B 184 26.96 8.37 -24.44
C LYS B 184 25.71 7.66 -23.95
N GLU B 185 25.72 7.28 -22.67
CA GLU B 185 24.60 6.61 -22.03
C GLU B 185 24.11 7.44 -20.85
N TYR B 186 22.80 7.56 -20.71
CA TYR B 186 22.20 8.40 -19.68
C TYR B 186 21.23 7.57 -18.84
N ARG B 187 20.75 8.20 -17.77
CA ARG B 187 19.73 7.62 -16.92
C ARG B 187 18.98 8.75 -16.24
N LEU B 188 17.81 8.42 -15.69
CA LEU B 188 16.96 9.46 -15.10
C LEU B 188 17.66 10.08 -13.90
N ILE B 189 17.46 11.39 -13.73
CA ILE B 189 18.28 12.15 -12.78
C ILE B 189 17.96 11.74 -11.35
N ASN B 190 16.70 11.45 -11.05
CA ASN B 190 16.24 11.24 -9.69
C ASN B 190 15.79 9.81 -9.46
N CYS B 191 16.62 8.87 -9.94
CA CYS B 191 16.25 7.45 -10.10
C CYS B 191 17.36 6.57 -9.52
N ASN B 192 18.40 7.22 -9.00
CA ASN B 192 18.96 7.04 -7.63
C ASN B 192 18.06 7.75 -6.62
N THR B 193 18.49 7.83 -5.35
CA THR B 193 17.97 8.82 -4.38
C THR B 193 16.51 8.54 -4.08
N SER B 194 15.67 8.48 -5.11
CA SER B 194 14.23 8.55 -4.92
C SER B 194 13.54 7.62 -5.92
N ALA B 195 12.39 7.10 -5.52
CA ALA B 195 11.60 6.23 -6.38
C ALA B 195 10.67 7.10 -7.22
N ILE B 196 10.92 7.15 -8.53
CA ILE B 196 10.15 8.01 -9.41
C ILE B 196 8.74 7.46 -9.56
N THR B 197 7.76 8.36 -9.58
CA THR B 197 6.35 8.01 -9.72
C THR B 197 5.71 8.91 -10.76
N GLN B 198 5.01 8.31 -11.73
CA GLN B 198 4.35 9.07 -12.78
C GLN B 198 2.97 9.50 -12.29
N ALA B 199 2.70 10.80 -12.34
CA ALA B 199 1.37 11.31 -12.03
C ALA B 199 0.42 10.87 -13.12
N CYS B 200 -0.46 9.93 -12.81
CA CYS B 200 -1.37 9.37 -13.80
C CYS B 200 -2.20 10.49 -14.44
N PRO B 201 -2.16 10.64 -15.76
CA PRO B 201 -2.65 11.89 -16.39
C PRO B 201 -4.15 12.04 -16.39
N LYS B 202 -4.91 11.08 -15.87
CA LYS B 202 -6.36 11.27 -15.78
C LYS B 202 -6.71 12.47 -14.92
N VAL B 203 -5.92 12.72 -13.88
CA VAL B 203 -6.11 13.90 -13.02
C VAL B 203 -5.44 15.09 -13.69
N SER B 204 -5.73 16.28 -13.20
CA SER B 204 -5.12 17.51 -13.71
C SER B 204 -4.37 18.20 -12.58
N PHE B 205 -3.77 19.35 -12.91
CA PHE B 205 -3.04 20.15 -11.95
C PHE B 205 -3.58 21.57 -11.82
N GLU B 206 -4.65 21.90 -12.53
CA GLU B 206 -5.18 23.26 -12.53
C GLU B 206 -5.66 23.62 -11.13
N PRO B 207 -5.09 24.66 -10.50
CA PRO B 207 -5.52 25.02 -9.14
C PRO B 207 -6.96 25.50 -9.09
N ILE B 208 -7.82 24.72 -8.44
CA ILE B 208 -9.22 25.07 -8.29
C ILE B 208 -9.39 25.80 -6.96
N PRO B 209 -10.16 26.88 -6.90
CA PRO B 209 -10.29 27.63 -5.66
C PRO B 209 -10.75 26.76 -4.50
N ILE B 210 -10.15 27.00 -3.33
CA ILE B 210 -10.45 26.27 -2.11
C ILE B 210 -10.78 27.27 -1.02
N HIS B 211 -11.90 27.06 -0.34
CA HIS B 211 -12.32 27.90 0.77
C HIS B 211 -12.06 27.15 2.07
N TYR B 212 -10.98 27.50 2.75
CA TYR B 212 -10.66 26.89 4.04
C TYR B 212 -11.62 27.40 5.09
N CYS B 213 -12.53 26.54 5.54
CA CYS B 213 -13.57 26.95 6.47
C CYS B 213 -13.38 26.29 7.82
N ALA B 214 -13.74 27.02 8.87
CA ALA B 214 -13.63 26.67 10.27
C ALA B 214 -14.90 26.00 10.76
N PRO B 215 -14.79 25.04 11.66
CA PRO B 215 -15.99 24.33 12.16
C PRO B 215 -16.81 25.18 13.10
N ALA B 216 -17.85 24.59 13.67
CA ALA B 216 -18.70 25.30 14.61
C ALA B 216 -17.90 25.70 15.85
N GLY B 217 -18.24 26.85 16.41
CA GLY B 217 -17.50 27.42 17.51
C GLY B 217 -16.27 28.21 17.12
N PHE B 218 -15.85 28.12 15.86
CA PHE B 218 -14.71 28.88 15.36
C PHE B 218 -15.18 29.82 14.26
N ALA B 219 -14.56 31.00 14.20
CA ALA B 219 -14.90 32.00 13.20
C ALA B 219 -13.63 32.58 12.63
N ILE B 220 -13.64 32.83 11.32
CA ILE B 220 -12.50 33.38 10.60
C ILE B 220 -12.71 34.88 10.45
N LEU B 221 -11.74 35.66 10.90
CA LEU B 221 -11.82 37.12 10.88
C LEU B 221 -11.07 37.66 9.68
N LYS B 222 -11.77 38.36 8.80
CA LYS B 222 -11.17 38.93 7.60
C LYS B 222 -10.89 40.41 7.83
N CYS B 223 -9.61 40.77 7.92
CA CYS B 223 -9.20 42.15 8.11
C CYS B 223 -9.37 42.90 6.80
N LYS B 224 -10.46 43.64 6.68
CA LYS B 224 -10.81 44.34 5.44
C LYS B 224 -10.12 45.68 5.30
N ASP B 225 -9.06 45.94 6.07
CA ASP B 225 -8.36 47.20 5.98
C ASP B 225 -7.57 47.28 4.68
N LYS B 226 -7.42 48.49 4.14
CA LYS B 226 -6.72 48.65 2.83
C LYS B 226 -5.20 48.54 3.05
N LYS B 227 -4.59 49.56 3.68
CA LYS B 227 -3.13 49.56 3.86
C LYS B 227 -2.77 48.81 5.15
N PHE B 228 -2.39 47.53 5.02
CA PHE B 228 -2.10 46.70 6.22
C PHE B 228 -1.14 45.58 5.82
N ASN B 229 0.10 45.65 6.30
CA ASN B 229 1.12 44.62 5.93
C ASN B 229 1.01 43.41 6.88
N GLY B 230 -0.18 43.18 7.44
CA GLY B 230 -0.36 42.16 8.48
C GLY B 230 0.33 42.56 9.77
N THR B 231 0.49 41.60 10.69
CA THR B 231 1.33 41.78 11.89
C THR B 231 1.03 43.13 12.53
N GLY B 232 -0.24 43.37 12.88
CA GLY B 232 -0.58 44.60 13.65
C GLY B 232 -2.06 44.64 13.97
N PRO B 233 -2.57 45.73 14.59
CA PRO B 233 -3.99 45.84 14.87
C PRO B 233 -4.77 46.12 13.59
N CYS B 234 -6.02 45.63 13.53
CA CYS B 234 -6.87 45.87 12.34
C CYS B 234 -8.14 46.62 12.76
N PRO B 235 -8.36 47.86 12.28
CA PRO B 235 -9.58 48.59 12.61
C PRO B 235 -10.82 47.93 12.04
N SER B 236 -10.76 47.54 10.76
CA SER B 236 -11.93 46.93 10.10
C SER B 236 -11.80 45.40 10.09
N VAL B 237 -12.43 44.72 11.06
CA VAL B 237 -12.40 43.23 11.11
C VAL B 237 -13.77 42.71 10.68
N SER B 238 -13.81 41.83 9.68
CA SER B 238 -15.10 41.29 9.18
C SER B 238 -15.21 39.78 9.48
N THR B 239 -16.26 39.38 10.20
CA THR B 239 -16.47 37.94 10.48
C THR B 239 -17.06 37.31 9.24
N VAL B 240 -16.24 36.63 8.45
CA VAL B 240 -16.71 36.01 7.18
C VAL B 240 -16.93 34.51 7.42
N GLN B 241 -17.83 33.88 6.65
CA GLN B 241 -18.06 32.42 6.78
C GLN B 241 -16.69 31.72 6.77
N CYS B 242 -15.87 31.96 5.74
CA CYS B 242 -14.50 31.41 5.71
C CYS B 242 -13.65 32.11 4.63
N THR B 243 -12.45 31.60 4.36
CA THR B 243 -11.54 32.24 3.39
C THR B 243 -12.18 32.27 2.02
N HIS B 244 -11.83 33.28 1.21
CA HIS B 244 -12.36 33.37 -0.18
C HIS B 244 -11.74 32.24 -1.01
N GLY B 245 -12.23 32.06 -2.25
CA GLY B 245 -11.66 31.03 -3.12
C GLY B 245 -10.16 31.22 -3.28
N ILE B 246 -9.37 30.27 -2.79
CA ILE B 246 -7.88 30.39 -2.87
C ILE B 246 -7.35 29.27 -3.77
N LYS B 247 -6.76 29.63 -4.91
CA LYS B 247 -6.16 28.61 -5.81
C LYS B 247 -4.82 28.18 -5.22
N PRO B 248 -4.59 26.86 -4.99
CA PRO B 248 -3.31 26.40 -4.48
C PRO B 248 -2.28 26.44 -5.60
N VAL B 249 -1.84 27.65 -5.97
CA VAL B 249 -0.87 27.80 -7.10
C VAL B 249 0.55 27.61 -6.56
N VAL B 250 1.44 27.04 -7.39
CA VAL B 250 2.87 26.88 -6.99
C VAL B 250 3.73 27.75 -7.94
N SER B 251 4.09 28.96 -7.54
CA SER B 251 4.78 29.85 -8.51
C SER B 251 6.08 30.46 -7.94
N THR B 252 6.30 30.38 -6.63
CA THR B 252 7.49 31.03 -6.02
C THR B 252 7.50 32.48 -6.46
N GLN B 253 8.65 32.96 -6.96
CA GLN B 253 8.77 34.38 -7.41
C GLN B 253 7.74 34.64 -8.52
N LEU B 254 7.30 35.90 -8.68
CA LEU B 254 6.27 36.24 -9.69
C LEU B 254 4.99 35.46 -9.38
N LEU B 255 4.41 35.67 -8.20
CA LEU B 255 3.17 34.96 -7.79
C LEU B 255 2.11 35.09 -8.90
N LEU B 256 1.40 33.99 -9.19
CA LEU B 256 0.37 34.02 -10.26
C LEU B 256 -1.03 33.76 -9.66
N ASN B 257 -2.07 34.11 -10.41
CA ASN B 257 -3.48 33.87 -10.00
C ASN B 257 -3.63 34.20 -8.52
N GLY B 258 -3.27 35.45 -8.14
CA GLY B 258 -3.32 35.88 -6.73
C GLY B 258 -4.23 37.07 -6.55
N SER B 259 -4.70 37.30 -5.31
CA SER B 259 -5.57 38.46 -5.02
C SER B 259 -4.77 39.76 -5.23
N LEU B 260 -5.36 40.75 -5.90
CA LEU B 260 -4.68 42.05 -6.12
C LEU B 260 -4.61 42.82 -4.79
N ALA B 261 -3.72 43.83 -4.72
CA ALA B 261 -3.55 44.62 -3.48
C ALA B 261 -4.72 45.59 -3.29
N GLU B 262 -4.62 46.48 -2.30
CA GLU B 262 -5.75 47.39 -1.99
C GLU B 262 -5.48 48.80 -2.50
N GLU B 263 -5.71 49.05 -3.80
CA GLU B 263 -5.56 50.43 -4.37
C GLU B 263 -4.11 50.93 -4.29
N GLU B 264 -3.15 50.05 -3.98
CA GLU B 264 -1.71 50.44 -3.95
C GLU B 264 -0.86 49.19 -3.72
N VAL B 265 0.30 49.10 -4.39
CA VAL B 265 1.12 47.86 -4.29
C VAL B 265 1.42 47.60 -2.81
N MET B 266 1.08 46.41 -2.30
CA MET B 266 1.28 46.11 -0.86
C MET B 266 2.52 45.24 -0.67
N ILE B 267 3.56 45.77 -0.02
CA ILE B 267 4.80 44.99 0.25
C ILE B 267 4.77 44.53 1.72
N ARG B 268 4.88 43.22 1.96
CA ARG B 268 4.78 42.69 3.34
C ARG B 268 6.04 41.89 3.69
N SER B 269 6.70 42.23 4.81
CA SER B 269 7.92 41.51 5.25
C SER B 269 7.84 41.26 6.76
N GLU B 270 8.33 40.11 7.23
CA GLU B 270 8.28 39.77 8.67
C GLU B 270 9.11 40.79 9.46
N ASN B 271 10.15 41.32 8.83
CA ASN B 271 11.14 42.18 9.52
C ASN B 271 11.94 42.94 8.45
N ILE B 272 11.55 44.17 8.14
CA ILE B 272 12.18 44.89 7.00
C ILE B 272 13.71 44.85 7.18
N THR B 273 14.18 45.08 8.41
CA THR B 273 15.64 45.11 8.68
C THR B 273 16.23 43.77 8.30
N ASN B 274 15.50 42.68 8.56
CA ASN B 274 15.98 41.32 8.18
C ASN B 274 15.98 41.22 6.66
N ASN B 275 17.16 41.32 6.03
CA ASN B 275 17.24 41.31 4.54
C ASN B 275 16.74 39.97 4.00
N ALA B 276 17.00 38.88 4.72
CA ALA B 276 16.58 37.53 4.25
C ALA B 276 15.05 37.46 4.14
N LYS B 277 14.33 38.11 5.05
CA LYS B 277 12.84 38.03 5.03
C LYS B 277 12.35 38.29 3.60
N ASN B 278 11.52 37.38 3.08
CA ASN B 278 11.00 37.51 1.69
C ASN B 278 10.02 38.68 1.64
N ILE B 279 10.32 39.70 0.83
CA ILE B 279 9.40 40.87 0.68
C ILE B 279 8.25 40.44 -0.24
N LEU B 280 7.05 40.26 0.33
CA LEU B 280 5.87 39.83 -0.47
C LEU B 280 5.24 41.06 -1.14
N VAL B 281 5.52 41.26 -2.43
CA VAL B 281 5.01 42.47 -3.15
C VAL B 281 3.66 42.13 -3.81
N GLN B 282 2.55 42.51 -3.16
CA GLN B 282 1.21 42.25 -3.75
C GLN B 282 0.90 43.35 -4.77
N PHE B 283 0.73 42.97 -6.04
CA PHE B 283 0.48 43.98 -7.11
C PHE B 283 -0.97 44.46 -7.02
N ASN B 284 -1.22 45.71 -7.43
CA ASN B 284 -2.60 46.26 -7.43
C ASN B 284 -3.21 46.09 -8.82
N THR B 285 -2.38 46.09 -9.86
CA THR B 285 -2.87 45.89 -11.21
C THR B 285 -2.30 44.59 -11.77
N PRO B 286 -3.13 43.73 -12.35
CA PRO B 286 -2.63 42.43 -12.82
C PRO B 286 -1.71 42.59 -14.02
N VAL B 287 -0.55 41.97 -13.94
CA VAL B 287 0.45 42.01 -15.02
C VAL B 287 0.25 40.80 -15.91
N GLN B 288 -0.06 41.04 -17.18
CA GLN B 288 -0.26 39.94 -18.12
C GLN B 288 1.05 39.18 -18.34
N ILE B 289 0.91 37.88 -18.55
CA ILE B 289 2.04 37.01 -18.88
C ILE B 289 1.54 35.87 -19.75
N ASN B 290 2.21 35.69 -20.90
CA ASN B 290 1.80 34.67 -21.91
C ASN B 290 2.90 33.63 -22.08
N CYS B 291 2.68 32.43 -21.52
CA CYS B 291 3.64 31.34 -21.62
C CYS B 291 3.17 30.36 -22.68
N THR B 292 4.13 29.80 -23.42
CA THR B 292 3.80 28.94 -24.55
C THR B 292 4.83 27.83 -24.67
N ARG B 293 4.33 26.59 -24.74
CA ARG B 293 5.13 25.39 -25.06
C ARG B 293 5.06 25.19 -26.59
N PRO B 294 6.02 25.72 -27.37
CA PRO B 294 5.83 26.04 -28.80
C PRO B 294 5.82 24.77 -29.65
N ASN B 295 6.36 23.69 -29.08
CA ASN B 295 6.59 22.45 -29.89
C ASN B 295 5.35 21.56 -29.77
N ASN B 296 5.10 20.77 -30.82
CA ASN B 296 3.90 19.88 -30.84
C ASN B 296 4.38 18.46 -30.56
N ASN B 297 4.28 18.03 -29.29
CA ASN B 297 4.77 16.69 -28.89
C ASN B 297 3.59 15.71 -28.88
N THR B 298 3.86 14.42 -29.11
CA THR B 298 2.80 13.39 -29.04
C THR B 298 3.04 12.48 -27.86
N ARG B 299 2.06 11.63 -27.56
CA ARG B 299 2.08 10.71 -26.38
C ARG B 299 2.54 9.32 -26.83
N LYS B 300 3.17 8.54 -25.94
CA LYS B 300 3.59 7.16 -26.32
C LYS B 300 2.88 6.10 -25.45
N SER B 301 2.65 6.41 -24.17
CA SER B 301 2.00 5.45 -23.22
C SER B 301 2.65 4.07 -23.34
N ILE B 302 3.95 3.96 -23.07
CA ILE B 302 4.70 2.69 -23.23
C ILE B 302 4.37 1.74 -22.06
N ARG B 303 3.72 0.62 -22.36
CA ARG B 303 3.32 -0.34 -21.31
C ARG B 303 4.57 -0.90 -20.61
N ILE B 304 4.60 -0.81 -19.28
CA ILE B 304 5.69 -1.38 -18.44
C ILE B 304 5.09 -2.45 -17.52
N GLY B 305 3.75 -2.55 -17.49
CA GLY B 305 3.05 -3.37 -16.48
C GLY B 305 2.90 -4.82 -16.93
N PRO B 306 1.91 -5.58 -16.42
CA PRO B 306 0.57 -5.70 -17.06
C PRO B 306 -0.32 -4.51 -16.73
N GLY B 307 -0.85 -3.85 -17.77
CA GLY B 307 -1.84 -2.77 -17.60
C GLY B 307 -1.26 -1.59 -16.85
N GLN B 308 0.03 -1.31 -17.03
CA GLN B 308 0.66 -0.06 -16.53
C GLN B 308 1.46 0.59 -17.67
N ALA B 309 1.12 1.84 -18.03
CA ALA B 309 1.63 2.46 -19.26
C ALA B 309 2.41 3.73 -18.93
N PHE B 310 3.73 3.72 -19.21
CA PHE B 310 4.58 4.92 -19.10
C PHE B 310 4.33 5.82 -20.32
N TYR B 311 3.52 6.87 -20.13
CA TYR B 311 3.31 7.88 -21.20
C TYR B 311 4.63 8.57 -21.49
N ALA B 312 5.21 8.31 -22.66
CA ALA B 312 6.47 8.93 -23.04
C ALA B 312 6.26 9.90 -24.19
N THR B 313 7.23 10.79 -24.36
CA THR B 313 7.18 11.79 -25.43
C THR B 313 7.59 11.13 -26.74
N GLY B 314 6.67 11.10 -27.70
CA GLY B 314 6.99 10.59 -29.01
C GLY B 314 7.77 11.61 -29.82
N ASP B 315 7.81 11.41 -31.13
CA ASP B 315 8.50 12.36 -32.00
C ASP B 315 7.76 13.70 -32.02
N ILE B 316 8.49 14.78 -31.88
CA ILE B 316 7.90 16.12 -31.86
C ILE B 316 7.57 16.52 -33.29
N ILE B 317 6.28 16.62 -33.60
CA ILE B 317 5.84 17.00 -34.93
C ILE B 317 5.93 18.51 -35.06
N GLY B 318 6.46 18.98 -36.19
CA GLY B 318 6.56 20.40 -36.43
C GLY B 318 7.95 20.96 -36.21
N ASP B 319 8.01 22.26 -35.91
CA ASP B 319 9.27 22.96 -35.72
C ASP B 319 9.73 22.86 -34.27
N ILE B 320 11.05 22.76 -34.09
CA ILE B 320 11.65 22.59 -32.76
C ILE B 320 12.02 23.98 -32.25
N ARG B 321 11.24 24.48 -31.30
CA ARG B 321 11.52 25.73 -30.61
C ARG B 321 11.60 25.45 -29.11
N GLN B 322 11.80 26.51 -28.33
CA GLN B 322 11.88 26.39 -26.88
C GLN B 322 10.83 27.27 -26.23
N ALA B 323 10.44 26.89 -25.02
CA ALA B 323 9.37 27.58 -24.32
C ALA B 323 9.79 28.99 -23.90
N HIS B 324 8.81 29.86 -23.77
CA HIS B 324 9.05 31.24 -23.38
C HIS B 324 7.84 31.78 -22.65
N CYS B 325 8.02 32.90 -21.96
CA CYS B 325 6.89 33.62 -21.31
C CYS B 325 6.99 35.12 -21.63
N ASN B 326 5.97 35.67 -22.29
CA ASN B 326 5.98 37.10 -22.69
C ASN B 326 5.39 37.96 -21.57
N VAL B 327 5.86 39.21 -21.45
CA VAL B 327 5.34 40.16 -20.41
C VAL B 327 5.47 41.59 -20.94
N SER B 328 4.35 42.32 -21.02
CA SER B 328 4.38 43.64 -21.64
C SER B 328 5.41 44.52 -20.95
N LYS B 329 6.43 44.93 -21.72
CA LYS B 329 7.51 45.75 -21.16
C LYS B 329 6.98 47.09 -20.66
N ALA B 330 5.91 47.61 -21.28
CA ALA B 330 5.31 48.84 -20.82
C ALA B 330 4.71 48.67 -19.43
N THR B 331 4.04 47.54 -19.19
CA THR B 331 3.43 47.30 -17.89
C THR B 331 4.46 46.90 -16.84
N TRP B 332 5.39 46.01 -17.21
CA TRP B 332 6.35 45.52 -16.24
C TRP B 332 7.26 46.63 -15.75
N ASN B 333 7.70 47.49 -16.65
CA ASN B 333 8.51 48.66 -16.22
C ASN B 333 7.66 49.48 -15.25
N GLU B 334 6.42 49.80 -15.64
CA GLU B 334 5.57 50.61 -14.79
C GLU B 334 5.26 49.91 -13.48
N THR B 335 5.13 48.58 -13.51
CA THR B 335 4.81 47.83 -12.29
C THR B 335 5.97 47.87 -11.31
N LEU B 336 7.19 47.59 -11.79
CA LEU B 336 8.34 47.63 -10.91
C LEU B 336 8.58 49.03 -10.38
N GLY B 337 8.38 50.05 -11.21
CA GLY B 337 8.53 51.42 -10.74
C GLY B 337 7.57 51.76 -9.62
N LYS B 338 6.32 51.29 -9.73
CA LYS B 338 5.37 51.49 -8.64
C LYS B 338 5.82 50.80 -7.36
N VAL B 339 6.62 49.75 -7.49
CA VAL B 339 7.12 49.05 -6.30
C VAL B 339 8.27 49.84 -5.68
N VAL B 340 9.16 50.39 -6.52
CA VAL B 340 10.26 51.19 -6.00
C VAL B 340 9.74 52.40 -5.23
N LYS B 341 8.69 53.04 -5.74
CA LYS B 341 8.09 54.16 -5.04
C LYS B 341 7.56 53.75 -3.68
N GLN B 342 7.08 52.51 -3.56
CA GLN B 342 6.66 52.00 -2.26
C GLN B 342 7.83 51.45 -1.47
N LEU B 343 8.80 50.85 -2.15
CA LEU B 343 9.94 50.26 -1.47
C LEU B 343 10.87 51.33 -0.91
N ARG B 344 10.90 52.50 -1.53
CA ARG B 344 11.73 53.59 -1.02
C ARG B 344 11.25 54.10 0.34
N LYS B 345 10.01 53.78 0.72
CA LYS B 345 9.51 54.23 2.01
C LYS B 345 10.27 53.59 3.16
N HIS B 346 10.64 52.32 3.01
CA HIS B 346 11.22 51.55 4.10
C HIS B 346 12.74 51.68 4.17
N PHE B 347 13.36 52.48 3.31
CA PHE B 347 14.81 52.63 3.29
C PHE B 347 15.16 54.04 2.85
N GLY B 348 15.37 54.94 3.81
CA GLY B 348 15.76 56.29 3.52
C GLY B 348 14.71 57.12 2.80
N ASN B 349 14.98 58.42 2.66
CA ASN B 349 14.07 59.27 1.88
C ASN B 349 14.26 59.03 0.39
N ASN B 350 15.50 58.78 -0.04
CA ASN B 350 15.80 58.49 -1.43
C ASN B 350 17.06 57.63 -1.49
N THR B 351 16.92 56.42 -2.04
CA THR B 351 18.04 55.51 -2.18
C THR B 351 17.94 54.81 -3.53
N ILE B 352 19.05 54.22 -3.96
CA ILE B 352 19.14 53.57 -5.26
C ILE B 352 18.71 52.11 -5.09
N ILE B 353 17.58 51.76 -5.71
CA ILE B 353 17.05 50.40 -5.68
C ILE B 353 17.49 49.69 -6.95
N ARG B 354 18.10 48.52 -6.80
CA ARG B 354 18.61 47.75 -7.92
C ARG B 354 17.96 46.37 -7.95
N PHE B 355 17.58 45.93 -9.15
CA PHE B 355 17.00 44.62 -9.36
C PHE B 355 17.95 43.78 -10.20
N ALA B 356 18.38 42.65 -9.65
CA ALA B 356 19.30 41.76 -10.34
C ALA B 356 18.76 40.34 -10.29
N ASN B 357 19.15 39.53 -11.28
CA ASN B 357 18.65 38.14 -11.36
C ASN B 357 19.20 37.33 -10.18
N SER B 358 18.54 36.21 -9.89
CA SER B 358 18.81 35.43 -8.69
C SER B 358 20.27 35.01 -8.63
N SER B 359 20.79 34.91 -7.41
CA SER B 359 22.19 34.56 -7.21
C SER B 359 22.46 33.12 -7.61
N GLY B 360 21.82 32.17 -6.94
CA GLY B 360 22.04 30.77 -7.27
C GLY B 360 21.18 29.88 -6.40
N GLY B 361 21.38 28.58 -6.57
CA GLY B 361 20.67 27.56 -5.84
C GLY B 361 20.09 26.53 -6.79
N ASP B 362 19.07 25.82 -6.32
CA ASP B 362 18.40 24.85 -7.16
C ASP B 362 17.59 25.55 -8.25
N LEU B 363 17.33 24.81 -9.32
CA LEU B 363 16.67 25.38 -10.50
C LEU B 363 15.27 25.91 -10.18
N GLU B 364 14.69 25.52 -9.05
CA GLU B 364 13.37 25.96 -8.67
C GLU B 364 13.39 27.28 -7.90
N VAL B 365 14.56 27.82 -7.59
CA VAL B 365 14.68 29.09 -6.90
C VAL B 365 15.34 30.15 -7.79
N THR B 366 16.40 29.78 -8.50
CA THR B 366 17.06 30.73 -9.39
C THR B 366 16.13 31.18 -10.51
N THR B 367 15.25 30.30 -10.97
CA THR B 367 14.31 30.60 -12.04
C THR B 367 12.91 30.76 -11.46
N HIS B 368 11.94 30.95 -12.36
CA HIS B 368 10.53 31.09 -11.98
C HIS B 368 9.87 29.74 -12.21
N SER B 369 9.83 28.91 -11.18
CA SER B 369 9.28 27.56 -11.27
C SER B 369 7.77 27.62 -11.08
N PHE B 370 7.03 27.11 -12.05
CA PHE B 370 5.58 27.08 -11.97
C PHE B 370 5.03 26.13 -13.02
N ASN B 371 3.79 25.72 -12.83
CA ASN B 371 3.07 24.85 -13.75
C ASN B 371 1.82 25.55 -14.23
N CYS B 372 1.60 25.57 -15.53
CA CYS B 372 0.39 26.16 -16.10
C CYS B 372 -0.47 25.14 -16.82
N GLY B 373 0.08 24.42 -17.80
CA GLY B 373 -0.72 23.50 -18.58
C GLY B 373 -0.49 22.05 -18.24
N GLY B 374 -0.37 21.74 -16.96
CA GLY B 374 -0.10 20.39 -16.50
C GLY B 374 1.34 19.96 -16.60
N GLU B 375 2.15 20.62 -17.42
CA GLU B 375 3.56 20.34 -17.52
C GLU B 375 4.36 21.50 -16.96
N PHE B 376 5.39 21.18 -16.18
CA PHE B 376 6.17 22.17 -15.47
C PHE B 376 7.32 22.67 -16.33
N PHE B 377 7.48 23.98 -16.41
CA PHE B 377 8.66 24.55 -17.03
C PHE B 377 9.17 25.72 -16.19
N TYR B 378 10.49 25.88 -16.20
CA TYR B 378 11.18 26.88 -15.40
C TYR B 378 11.74 27.96 -16.31
N CYS B 379 11.43 29.21 -15.99
CA CYS B 379 11.87 30.37 -16.76
C CYS B 379 12.79 31.20 -15.90
N ASN B 380 13.95 31.57 -16.47
CA ASN B 380 15.11 32.11 -15.71
C ASN B 380 14.84 33.57 -15.29
N THR B 381 14.10 34.31 -16.10
CA THR B 381 13.64 35.67 -15.78
C THR B 381 14.79 36.61 -15.43
N SER B 382 15.88 36.54 -16.19
CA SER B 382 16.95 37.50 -16.02
C SER B 382 16.61 38.86 -16.59
N GLY B 383 15.71 38.91 -17.57
CA GLY B 383 15.23 40.15 -18.15
C GLY B 383 14.08 40.79 -17.41
N LEU B 384 13.67 40.23 -16.27
CA LEU B 384 12.60 40.78 -15.47
C LEU B 384 13.09 41.62 -14.30
N PHE B 385 14.27 41.30 -13.76
CA PHE B 385 14.86 42.05 -12.65
C PHE B 385 16.22 42.51 -13.14
N ASN B 386 16.24 43.67 -13.82
CA ASN B 386 17.44 44.16 -14.55
C ASN B 386 17.66 45.65 -14.29
N SER B 387 16.65 46.34 -13.75
CA SER B 387 16.64 47.80 -13.75
C SER B 387 17.42 48.35 -12.56
N THR B 388 17.55 49.68 -12.52
CA THR B 388 18.20 50.38 -11.42
C THR B 388 17.56 51.75 -11.30
N TRP B 389 16.92 52.02 -10.17
CA TRP B 389 16.16 53.24 -9.97
C TRP B 389 16.89 54.14 -8.98
N ILE B 390 17.06 55.41 -9.37
CA ILE B 390 17.81 56.36 -8.55
C ILE B 390 16.89 57.45 -8.02
N SER B 391 16.32 58.24 -8.92
CA SER B 391 15.41 59.31 -8.54
C SER B 391 14.01 59.14 -9.08
N ASN B 392 13.88 58.96 -10.39
CA ASN B 392 12.56 58.85 -11.01
C ASN B 392 12.58 57.87 -12.18
N ASN B 404 6.71 49.95 -28.20
CA ASN B 404 5.92 48.84 -27.67
C ASN B 404 6.59 47.51 -27.96
N ASP B 405 6.85 46.74 -26.90
CA ASP B 405 7.50 45.44 -27.03
C ASP B 405 7.20 44.62 -25.78
N SER B 406 7.82 43.45 -25.69
CA SER B 406 7.63 42.55 -24.56
C SER B 406 8.91 41.75 -24.33
N ILE B 407 9.12 41.35 -23.09
CA ILE B 407 10.30 40.58 -22.72
C ILE B 407 10.01 39.11 -22.95
N THR B 408 10.92 38.42 -23.63
CA THR B 408 10.82 36.98 -23.85
C THR B 408 11.80 36.27 -22.92
N LEU B 409 11.27 35.38 -22.08
CA LEU B 409 12.08 34.69 -21.09
C LEU B 409 12.40 33.28 -21.57
N PRO B 410 13.67 32.92 -21.69
CA PRO B 410 14.01 31.53 -22.04
C PRO B 410 13.57 30.59 -20.93
N CYS B 411 12.71 29.64 -21.28
CA CYS B 411 12.14 28.71 -20.32
C CYS B 411 12.66 27.29 -20.60
N ARG B 412 12.92 26.57 -19.53
CA ARG B 412 13.35 25.17 -19.61
C ARG B 412 12.29 24.28 -18.97
N ILE B 413 11.94 23.22 -19.67
CA ILE B 413 10.91 22.27 -19.24
C ILE B 413 11.57 21.13 -18.50
N LYS B 414 10.95 20.67 -17.42
CA LYS B 414 11.48 19.61 -16.58
C LYS B 414 10.33 18.73 -16.14
N GLN B 415 10.44 17.42 -16.39
CA GLN B 415 9.34 16.51 -16.12
C GLN B 415 9.53 15.74 -14.82
N ILE B 416 10.74 15.31 -14.50
CA ILE B 416 11.01 14.60 -13.24
C ILE B 416 11.09 15.66 -12.14
N ILE B 417 10.05 15.73 -11.32
CA ILE B 417 9.84 16.84 -10.39
C ILE B 417 9.94 16.32 -8.97
N ASN B 418 10.51 17.14 -8.09
CA ASN B 418 10.62 16.82 -6.67
C ASN B 418 10.26 18.05 -5.84
N MET B 419 9.12 18.66 -6.13
CA MET B 419 8.70 19.85 -5.41
C MET B 419 8.55 19.57 -3.92
N TRP B 420 8.66 20.64 -3.13
CA TRP B 420 8.72 20.61 -1.68
C TRP B 420 9.94 19.85 -1.15
N GLN B 421 10.88 19.50 -2.03
CA GLN B 421 12.12 18.83 -1.65
C GLN B 421 11.86 17.58 -0.82
N ARG B 422 10.78 16.87 -1.13
CA ARG B 422 10.52 15.59 -0.47
C ARG B 422 11.48 14.55 -1.02
N ILE B 423 12.69 14.49 -0.48
CA ILE B 423 13.67 13.52 -0.95
C ILE B 423 13.14 12.11 -0.74
N GLY B 424 13.46 11.22 -1.67
CA GLY B 424 12.91 9.89 -1.67
C GLY B 424 11.54 9.77 -2.31
N GLN B 425 10.98 10.88 -2.81
CA GLN B 425 9.65 10.87 -3.40
C GLN B 425 9.66 11.86 -4.56
N ALA B 426 9.89 11.37 -5.78
CA ALA B 426 9.95 12.20 -6.96
C ALA B 426 8.79 11.87 -7.89
N MET B 427 8.26 12.90 -8.53
CA MET B 427 7.12 12.77 -9.43
C MET B 427 7.56 12.96 -10.87
N TYR B 428 6.93 12.20 -11.77
CA TYR B 428 7.15 12.32 -13.20
C TYR B 428 5.89 12.90 -13.83
N ALA B 429 6.03 14.02 -14.52
CA ALA B 429 4.89 14.65 -15.17
C ALA B 429 4.80 14.18 -16.62
N PRO B 430 3.70 13.55 -17.03
CA PRO B 430 3.58 13.09 -18.41
C PRO B 430 3.50 14.26 -19.37
N PRO B 431 3.82 14.05 -20.64
CA PRO B 431 3.69 15.14 -21.61
C PRO B 431 2.23 15.48 -21.89
N ILE B 432 2.03 16.63 -22.51
CA ILE B 432 0.73 17.10 -22.93
C ILE B 432 0.75 17.24 -24.45
N GLN B 433 -0.20 16.61 -25.13
CA GLN B 433 -0.26 16.70 -26.58
C GLN B 433 -0.56 18.14 -27.01
N GLY B 434 -0.04 18.50 -28.17
CA GLY B 434 -0.26 19.83 -28.72
C GLY B 434 0.49 20.92 -27.97
N VAL B 435 0.43 22.15 -28.48
CA VAL B 435 1.08 23.26 -27.81
C VAL B 435 0.34 23.58 -26.52
N ILE B 436 1.01 24.30 -25.63
CA ILE B 436 0.47 24.67 -24.32
C ILE B 436 0.56 26.18 -24.20
N ARG B 437 -0.55 26.86 -24.46
CA ARG B 437 -0.64 28.31 -24.28
C ARG B 437 -1.42 28.59 -23.00
N CYS B 438 -0.88 29.44 -22.15
CA CYS B 438 -1.47 29.71 -20.84
C CYS B 438 -1.15 31.13 -20.43
N VAL B 439 -2.19 31.95 -20.28
CA VAL B 439 -2.05 33.34 -19.89
C VAL B 439 -2.53 33.48 -18.45
N SER B 440 -1.65 33.92 -17.57
CA SER B 440 -1.96 34.15 -16.18
C SER B 440 -1.76 35.63 -15.84
N ASN B 441 -2.08 35.97 -14.59
CA ASN B 441 -1.91 37.37 -14.11
C ASN B 441 -0.89 37.38 -12.96
N ILE B 442 0.24 38.02 -13.21
CA ILE B 442 1.25 38.19 -12.17
C ILE B 442 0.76 39.21 -11.16
N THR B 443 0.50 38.77 -9.93
CA THR B 443 -0.03 39.64 -8.89
C THR B 443 0.87 39.71 -7.68
N GLY B 444 2.08 39.13 -7.76
CA GLY B 444 2.95 39.08 -6.60
C GLY B 444 4.41 39.06 -6.98
N LEU B 445 5.24 39.32 -5.97
CA LEU B 445 6.69 39.27 -6.13
C LEU B 445 7.31 38.85 -4.82
N ILE B 446 8.13 37.81 -4.85
CA ILE B 446 8.87 37.39 -3.66
C ILE B 446 10.30 37.89 -3.77
N LEU B 447 10.55 39.07 -3.23
CA LEU B 447 11.88 39.66 -3.31
C LEU B 447 12.68 39.38 -2.05
N THR B 448 14.00 39.25 -2.23
CA THR B 448 14.92 39.13 -1.12
C THR B 448 15.97 40.22 -1.25
N ARG B 449 16.40 40.75 -0.12
CA ARG B 449 17.34 41.86 -0.09
C ARG B 449 18.74 41.35 0.24
N ASP B 450 19.75 41.96 -0.37
CA ASP B 450 21.14 41.65 -0.08
C ASP B 450 21.94 42.94 -0.12
N GLY B 451 22.80 43.14 0.86
CA GLY B 451 23.62 44.34 0.90
C GLY B 451 24.76 44.18 1.88
N GLY B 452 25.95 44.65 1.46
CA GLY B 452 27.08 44.66 2.37
C GLY B 452 26.90 45.64 3.52
N SER B 453 25.95 46.57 3.36
CA SER B 453 25.59 47.54 4.40
C SER B 453 26.77 48.43 4.79
N THR B 454 27.67 48.70 3.83
CA THR B 454 28.77 49.62 4.06
C THR B 454 28.23 51.04 3.87
N ASN B 455 27.80 51.65 4.96
CA ASN B 455 27.19 52.98 5.05
C ASN B 455 25.82 53.01 4.37
N SER B 456 25.33 51.88 3.84
CA SER B 456 24.02 51.79 3.20
C SER B 456 23.85 52.87 2.14
N THR B 457 24.76 52.88 1.17
CA THR B 457 24.67 53.85 0.07
C THR B 457 23.66 53.40 -0.98
N THR B 458 23.75 52.14 -1.41
CA THR B 458 22.82 51.60 -2.39
C THR B 458 22.22 50.32 -1.84
N GLU B 459 21.16 49.85 -2.51
CA GLU B 459 20.46 48.64 -2.11
C GLU B 459 20.06 47.86 -3.36
N THR B 460 20.20 46.54 -3.30
CA THR B 460 19.86 45.66 -4.40
C THR B 460 18.80 44.67 -3.93
N PHE B 461 17.72 44.53 -4.69
CA PHE B 461 16.66 43.58 -4.41
C PHE B 461 16.71 42.43 -5.39
N ARG B 462 16.65 41.20 -4.88
CA ARG B 462 16.73 40.01 -5.69
C ARG B 462 15.46 39.16 -5.52
N PRO B 463 15.02 38.39 -6.53
CA PRO B 463 13.85 37.52 -6.36
C PRO B 463 14.21 36.20 -5.68
N GLY B 464 13.19 35.42 -5.30
CA GLY B 464 13.43 34.13 -4.64
C GLY B 464 12.14 33.55 -4.07
N GLY B 465 12.21 32.96 -2.88
CA GLY B 465 11.00 32.41 -2.22
C GLY B 465 10.74 30.98 -2.64
N GLY B 466 11.74 30.09 -2.49
CA GLY B 466 11.57 28.67 -2.84
C GLY B 466 10.51 28.02 -1.97
N ASP B 467 10.52 28.33 -0.66
CA ASP B 467 9.50 27.77 0.27
C ASP B 467 8.10 28.13 -0.23
N MET B 468 7.19 27.16 -0.30
CA MET B 468 5.85 27.43 -0.80
C MET B 468 4.92 28.04 0.22
N ARG B 469 5.35 28.22 1.48
CA ARG B 469 4.50 28.90 2.44
C ARG B 469 4.30 30.36 2.07
N ASP B 470 5.29 30.98 1.43
CA ASP B 470 5.15 32.36 0.99
C ASP B 470 4.10 32.52 -0.10
N ASN B 471 3.82 31.46 -0.86
CA ASN B 471 2.72 31.51 -1.81
C ASN B 471 1.37 31.52 -1.10
N TRP B 472 1.29 30.91 0.09
CA TRP B 472 0.04 30.92 0.83
C TRP B 472 -0.11 32.17 1.69
N ARG B 473 1.00 32.66 2.26
CA ARG B 473 0.94 33.87 3.06
C ARG B 473 0.50 35.08 2.23
N SER B 474 0.67 35.02 0.91
CA SER B 474 0.17 36.08 0.05
C SER B 474 -1.34 36.04 -0.13
N GLU B 475 -2.02 35.05 0.45
CA GLU B 475 -3.47 34.95 0.36
C GLU B 475 -4.08 34.77 1.75
N LEU B 476 -3.31 34.18 2.67
CA LEU B 476 -3.77 33.92 4.02
C LEU B 476 -3.27 34.96 5.01
N TYR B 477 -3.04 36.19 4.55
CA TYR B 477 -2.56 37.23 5.44
C TYR B 477 -3.70 38.00 6.11
N LYS B 478 -4.83 38.14 5.43
CA LYS B 478 -5.97 38.87 5.96
C LYS B 478 -6.97 37.97 6.68
N TYR B 479 -6.57 36.75 7.03
CA TYR B 479 -7.45 35.81 7.70
C TYR B 479 -6.81 35.31 8.98
N LYS B 480 -7.66 34.95 9.94
CA LYS B 480 -7.21 34.30 11.17
C LYS B 480 -8.43 33.66 11.83
N VAL B 481 -8.21 32.54 12.52
CA VAL B 481 -9.28 31.80 13.15
C VAL B 481 -9.25 32.05 14.65
N VAL B 482 -10.44 32.10 15.23
CA VAL B 482 -10.62 32.29 16.67
C VAL B 482 -11.77 31.41 17.14
N LYS B 483 -11.64 30.89 18.36
CA LYS B 483 -12.69 30.08 18.95
C LYS B 483 -13.60 30.95 19.82
N ILE B 484 -14.91 30.79 19.63
CA ILE B 484 -15.86 31.60 20.37
C ILE B 484 -15.93 31.12 21.81
N GLU B 485 -15.88 32.06 22.75
CA GLU B 485 -16.04 31.74 24.16
C GLU B 485 -17.34 32.33 24.67
N PRO B 486 -18.48 31.68 24.44
CA PRO B 486 -19.78 32.28 24.77
C PRO B 486 -20.05 32.40 26.27
N LEU B 487 -19.29 31.71 27.11
CA LEU B 487 -19.53 31.75 28.55
C LEU B 487 -18.90 33.01 29.13
N GLY B 488 -19.72 33.86 29.75
CA GLY B 488 -19.24 35.09 30.32
C GLY B 488 -19.90 35.44 31.64
N VAL B 489 -19.13 35.99 32.56
CA VAL B 489 -19.64 36.42 33.85
C VAL B 489 -19.62 37.94 33.93
N ALA B 490 -20.60 38.49 34.64
CA ALA B 490 -20.70 39.95 34.77
C ALA B 490 -21.50 40.28 36.02
N PRO B 491 -21.17 41.35 36.73
CA PRO B 491 -21.93 41.71 37.93
C PRO B 491 -23.23 42.42 37.57
N THR B 492 -24.30 42.06 38.27
CA THR B 492 -25.61 42.65 38.06
C THR B 492 -26.42 42.46 39.33
N ARG B 493 -27.38 43.36 39.55
CA ARG B 493 -28.25 43.30 40.71
C ARG B 493 -29.21 42.11 40.68
N CYS B 494 -29.17 41.28 39.64
CA CYS B 494 -30.03 40.12 39.58
C CYS B 494 -29.65 39.10 40.65
N LYS B 495 -30.67 38.44 41.19
CA LYS B 495 -30.45 37.46 42.26
C LYS B 495 -31.62 36.48 42.24
N ARG B 496 -31.31 35.19 42.08
CA ARG B 496 -32.34 34.18 41.97
C ARG B 496 -33.03 33.95 43.32
N ARG B 497 -34.10 33.15 43.28
CA ARG B 497 -34.86 32.80 44.46
C ARG B 497 -34.42 31.42 44.96
N VAL B 498 -35.11 30.91 45.97
CA VAL B 498 -34.79 29.58 46.51
C VAL B 498 -36.00 28.67 46.40
N ASN C 28 -44.82 8.04 53.78
CA ASN C 28 -44.41 7.23 52.64
C ASN C 28 -43.14 7.80 52.00
N LEU C 29 -42.67 7.14 50.95
CA LEU C 29 -41.44 7.54 50.26
C LEU C 29 -41.69 7.64 48.77
N TRP C 30 -40.81 8.36 48.09
CA TRP C 30 -40.85 8.53 46.65
C TRP C 30 -39.45 8.36 46.07
N VAL C 31 -39.39 8.00 44.79
CA VAL C 31 -38.11 7.85 44.13
C VAL C 31 -37.48 9.22 43.90
N THR C 32 -36.15 9.26 43.96
CA THR C 32 -35.41 10.48 43.66
C THR C 32 -34.19 10.13 42.83
N VAL C 33 -34.03 10.84 41.72
CA VAL C 33 -32.92 10.59 40.80
C VAL C 33 -31.73 11.42 41.23
N TYR C 34 -30.57 10.77 41.30
CA TYR C 34 -29.31 11.43 41.67
C TYR C 34 -28.32 11.25 40.53
N TYR C 35 -27.89 12.37 39.95
CA TYR C 35 -26.96 12.36 38.82
C TYR C 35 -25.56 12.70 39.32
N GLY C 36 -24.59 11.89 38.90
CA GLY C 36 -23.21 12.10 39.33
C GLY C 36 -22.83 11.33 40.57
N VAL C 37 -23.42 10.17 40.81
CA VAL C 37 -23.18 9.41 42.03
C VAL C 37 -21.85 8.66 41.90
N PRO C 38 -21.17 8.39 43.01
CA PRO C 38 -19.95 7.58 42.95
C PRO C 38 -20.27 6.11 42.74
N VAL C 39 -20.57 5.73 41.51
CA VAL C 39 -20.96 4.37 41.16
C VAL C 39 -20.22 3.97 39.89
N TRP C 40 -19.65 2.76 39.89
CA TRP C 40 -18.96 2.25 38.72
C TRP C 40 -19.34 0.80 38.49
N LYS C 41 -19.12 0.34 37.26
CA LYS C 41 -19.35 -1.05 36.88
C LYS C 41 -18.21 -1.49 35.99
N ASP C 42 -17.82 -2.76 36.12
CA ASP C 42 -16.70 -3.29 35.35
C ASP C 42 -17.05 -3.36 33.87
N ALA C 43 -16.23 -2.73 33.05
CA ALA C 43 -16.39 -2.77 31.60
C ALA C 43 -15.02 -2.56 30.96
N GLU C 44 -14.97 -2.78 29.65
CA GLU C 44 -13.73 -2.64 28.90
C GLU C 44 -13.99 -1.81 27.66
N THR C 45 -13.25 -0.73 27.50
CA THR C 45 -13.34 0.12 26.33
C THR C 45 -11.94 0.53 25.90
N THR C 46 -11.86 1.24 24.78
CA THR C 46 -10.57 1.67 24.25
C THR C 46 -9.88 2.62 25.22
N LEU C 47 -8.56 2.52 25.29
CA LEU C 47 -7.75 3.34 26.18
C LEU C 47 -6.70 4.07 25.36
N PHE C 48 -6.84 5.39 25.27
CA PHE C 48 -5.84 6.18 24.55
C PHE C 48 -4.60 6.37 25.42
N CYS C 49 -3.54 6.86 24.78
CA CYS C 49 -2.23 6.91 25.40
C CYS C 49 -1.94 8.28 26.01
N ALA C 50 -0.76 8.39 26.61
CA ALA C 50 -0.26 9.68 27.10
C ALA C 50 1.25 9.54 27.22
N SER C 51 1.99 10.25 26.38
CA SER C 51 3.44 10.20 26.39
C SER C 51 3.99 11.36 27.21
N ASP C 52 5.22 11.18 27.69
CA ASP C 52 5.86 12.22 28.50
C ASP C 52 6.22 13.42 27.63
N ALA C 53 6.04 14.61 28.19
CA ALA C 53 6.44 15.84 27.52
C ALA C 53 7.95 16.04 27.54
N LYS C 54 8.66 15.36 28.43
CA LYS C 54 10.12 15.44 28.45
C LYS C 54 10.72 14.56 27.35
N ALA C 55 10.19 13.35 27.18
CA ALA C 55 10.62 12.46 26.12
C ALA C 55 10.07 12.85 24.76
N TYR C 56 9.19 13.85 24.70
CA TYR C 56 8.73 14.34 23.40
C TYR C 56 9.87 14.94 22.59
N GLU C 57 10.85 15.53 23.25
CA GLU C 57 12.02 16.08 22.57
C GLU C 57 13.00 15.00 22.11
N THR C 58 12.66 13.73 22.30
CA THR C 58 13.45 12.61 21.82
C THR C 58 12.82 11.97 20.59
N GLU C 59 12.31 12.80 19.68
CA GLU C 59 11.58 12.31 18.51
C GLU C 59 12.40 11.30 17.73
N LYS C 60 13.66 11.62 17.44
CA LYS C 60 14.54 10.78 16.65
C LYS C 60 13.82 10.26 15.40
N HIS C 61 13.13 11.17 14.71
CA HIS C 61 12.31 10.85 13.55
C HIS C 61 11.28 9.77 13.89
N ASN C 62 10.39 10.10 14.83
CA ASN C 62 9.25 9.25 15.18
C ASN C 62 9.70 7.88 15.66
N VAL C 63 10.32 7.85 16.85
CA VAL C 63 10.73 6.55 17.45
C VAL C 63 9.55 5.57 17.27
N TRP C 64 9.80 4.37 16.76
CA TRP C 64 8.69 3.42 16.48
C TRP C 64 7.70 3.43 17.65
N ALA C 65 8.18 3.53 18.89
CA ALA C 65 7.29 3.45 20.08
C ALA C 65 6.22 4.54 20.06
N THR C 66 6.57 5.80 19.78
CA THR C 66 5.57 6.88 19.89
C THR C 66 5.83 7.98 18.87
N HIS C 67 4.76 8.58 18.32
CA HIS C 67 4.91 9.69 17.37
C HIS C 67 3.87 10.77 17.63
N ALA C 68 2.58 10.43 17.70
CA ALA C 68 1.51 11.40 17.87
C ALA C 68 0.74 11.19 19.17
N CYS C 69 1.35 10.55 20.16
CA CYS C 69 0.70 10.36 21.45
C CYS C 69 0.49 11.70 22.13
N VAL C 70 -0.69 11.90 22.69
CA VAL C 70 -1.04 13.16 23.35
C VAL C 70 -0.16 13.34 24.58
N PRO C 71 0.17 14.58 24.96
CA PRO C 71 1.04 14.77 26.12
C PRO C 71 0.37 14.31 27.40
N THR C 72 1.20 13.85 28.35
CA THR C 72 0.70 13.37 29.62
C THR C 72 0.37 14.54 30.54
N ASP C 73 -0.09 14.21 31.74
CA ASP C 73 -0.37 15.22 32.75
C ASP C 73 0.94 15.68 33.38
N PRO C 74 1.28 16.97 33.33
CA PRO C 74 2.47 17.43 34.07
C PRO C 74 2.39 17.11 35.55
N ASN C 75 1.18 17.22 36.12
CA ASN C 75 0.95 16.77 37.52
C ASN C 75 -0.21 15.78 37.55
N PRO C 76 0.03 14.47 37.40
CA PRO C 76 -1.04 13.42 37.39
C PRO C 76 -1.43 13.05 38.82
N GLN C 77 -1.86 14.06 39.59
CA GLN C 77 -2.34 13.82 40.98
C GLN C 77 -3.34 12.66 40.97
N GLU C 78 -3.01 11.58 41.68
CA GLU C 78 -3.95 10.43 41.83
C GLU C 78 -4.85 10.69 43.05
N ILE C 79 -6.00 10.01 43.10
CA ILE C 79 -6.93 10.10 44.21
C ILE C 79 -6.86 8.80 45.01
N HIS C 80 -7.03 8.91 46.32
CA HIS C 80 -7.10 7.75 47.18
C HIS C 80 -8.52 7.61 47.75
N LEU C 81 -8.94 6.37 47.95
CA LEU C 81 -10.27 6.08 48.44
C LEU C 81 -10.19 5.24 49.72
N GLU C 82 -11.28 5.26 50.48
CA GLU C 82 -11.38 4.51 51.72
C GLU C 82 -12.71 3.77 51.76
N ASN C 83 -12.77 2.73 52.59
CA ASN C 83 -14.00 1.92 52.77
C ASN C 83 -14.51 1.47 51.40
N VAL C 84 -13.59 1.05 50.52
CA VAL C 84 -13.97 0.56 49.19
C VAL C 84 -13.24 -0.74 48.92
N THR C 85 -13.96 -1.71 48.36
CA THR C 85 -13.41 -3.01 48.02
C THR C 85 -13.66 -3.30 46.55
N GLU C 86 -12.62 -3.71 45.83
CA GLU C 86 -12.71 -4.06 44.42
C GLU C 86 -12.08 -5.43 44.21
N GLU C 87 -12.68 -6.21 43.31
CA GLU C 87 -12.20 -7.56 43.02
C GLU C 87 -11.32 -7.51 41.77
N PHE C 88 -10.06 -7.12 41.98
CA PHE C 88 -9.10 -7.10 40.89
C PHE C 88 -8.82 -8.51 40.40
N ASN C 89 -8.43 -8.61 39.13
CA ASN C 89 -8.04 -9.89 38.55
C ASN C 89 -7.11 -9.60 37.38
N MET C 90 -5.80 -9.75 37.61
CA MET C 90 -4.80 -9.46 36.59
C MET C 90 -4.80 -10.47 35.46
N TRP C 91 -5.41 -11.64 35.65
CA TRP C 91 -5.41 -12.68 34.63
C TRP C 91 -6.64 -12.65 33.73
N LYS C 92 -7.68 -11.95 34.14
CA LYS C 92 -8.84 -11.70 33.29
C LYS C 92 -8.93 -10.25 32.84
N ASN C 93 -7.87 -9.47 33.06
CA ASN C 93 -7.88 -8.06 32.71
C ASN C 93 -7.83 -7.89 31.21
N ASN C 94 -8.52 -6.85 30.72
CA ASN C 94 -8.53 -6.52 29.30
C ASN C 94 -7.52 -5.43 28.95
N MET C 95 -6.94 -4.75 29.93
CA MET C 95 -5.97 -3.72 29.64
C MET C 95 -4.73 -4.30 28.97
N VAL C 96 -4.43 -5.56 29.23
CA VAL C 96 -3.29 -6.20 28.56
C VAL C 96 -3.67 -6.57 27.13
N GLU C 97 -4.93 -6.91 26.88
CA GLU C 97 -5.35 -7.21 25.52
C GLU C 97 -5.28 -5.98 24.63
N GLN C 98 -5.74 -4.83 25.13
CA GLN C 98 -5.66 -3.61 24.35
C GLN C 98 -4.22 -3.15 24.19
N MET C 99 -3.35 -3.47 25.15
CA MET C 99 -1.94 -3.14 24.98
C MET C 99 -1.27 -4.06 23.98
N HIS C 100 -1.55 -5.36 24.05
CA HIS C 100 -0.96 -6.30 23.11
C HIS C 100 -1.43 -6.01 21.69
N THR C 101 -2.74 -5.77 21.52
CA THR C 101 -3.26 -5.43 20.20
C THR C 101 -2.67 -4.12 19.69
N ASP C 102 -2.34 -3.19 20.59
CA ASP C 102 -1.73 -1.94 20.17
C ASP C 102 -0.29 -2.15 19.75
N ILE C 103 0.52 -2.77 20.62
CA ILE C 103 1.94 -2.95 20.33
C ILE C 103 2.13 -3.75 19.05
N ILE C 104 1.28 -4.75 18.82
CA ILE C 104 1.36 -5.50 17.58
C ILE C 104 1.02 -4.61 16.39
N SER C 105 -0.11 -3.92 16.47
CA SER C 105 -0.52 -3.04 15.37
C SER C 105 0.44 -1.88 15.20
N LEU C 106 0.91 -1.31 16.31
CA LEU C 106 1.85 -0.19 16.22
C LEU C 106 3.18 -0.63 15.62
N TRP C 107 3.52 -1.91 15.74
CA TRP C 107 4.73 -2.42 15.11
C TRP C 107 4.58 -2.47 13.59
N ASP C 108 3.45 -2.96 13.10
CA ASP C 108 3.25 -3.07 11.66
C ASP C 108 3.21 -1.69 11.01
N GLN C 109 2.60 -0.71 11.67
CA GLN C 109 2.48 0.62 11.08
C GLN C 109 3.82 1.32 10.96
N SER C 110 4.82 0.89 11.71
CA SER C 110 6.15 1.49 11.62
C SER C 110 7.07 0.77 10.65
N LEU C 111 6.68 -0.40 10.15
CA LEU C 111 7.47 -1.12 9.16
C LEU C 111 7.01 -0.90 7.74
N LYS C 112 5.77 -0.46 7.55
CA LYS C 112 5.27 -0.21 6.20
C LYS C 112 6.07 0.84 5.44
N PRO C 113 6.40 2.01 6.03
CA PRO C 113 7.19 2.98 5.26
C PRO C 113 8.63 2.57 5.05
N CYS C 114 9.17 1.63 5.82
CA CYS C 114 10.56 1.24 5.67
C CYS C 114 10.74 0.41 4.39
N VAL C 115 11.98 0.05 4.10
CA VAL C 115 12.34 -0.58 2.83
C VAL C 115 12.04 -2.07 2.89
N LYS C 116 11.53 -2.61 1.79
CA LYS C 116 11.31 -4.05 1.65
C LYS C 116 12.59 -4.71 1.14
N LEU C 117 12.87 -5.90 1.66
CA LEU C 117 14.08 -6.65 1.32
C LEU C 117 13.77 -7.86 0.45
N THR C 118 12.81 -7.71 -0.47
CA THR C 118 12.44 -8.80 -1.35
C THR C 118 13.56 -9.23 -2.29
N PRO C 119 14.32 -8.32 -2.93
CA PRO C 119 15.40 -8.78 -3.81
C PRO C 119 16.60 -9.34 -3.06
N LEU C 120 16.63 -9.25 -1.73
CA LEU C 120 17.76 -9.79 -0.97
C LEU C 120 17.75 -11.30 -0.93
N CYS C 121 16.60 -11.94 -1.16
CA CYS C 121 16.47 -13.39 -1.07
C CYS C 121 17.12 -14.02 -2.30
N VAL C 122 18.44 -14.11 -2.26
CA VAL C 122 19.23 -14.67 -3.35
C VAL C 122 20.20 -15.71 -2.77
N THR C 123 20.80 -16.48 -3.66
CA THR C 123 21.77 -17.49 -3.25
C THR C 123 23.03 -16.80 -2.75
N LEU C 124 23.33 -16.98 -1.47
CA LEU C 124 24.49 -16.35 -0.85
C LEU C 124 25.65 -17.33 -0.81
N GLN C 125 26.77 -16.95 -1.43
CA GLN C 125 27.99 -17.75 -1.39
C GLN C 125 28.72 -17.39 -0.11
N CYS C 126 28.30 -18.00 1.00
CA CYS C 126 28.82 -17.68 2.32
C CYS C 126 30.08 -18.49 2.61
N THR C 127 31.02 -17.85 3.30
CA THR C 127 32.22 -18.51 3.80
C THR C 127 32.43 -18.12 5.25
N ASN C 128 33.26 -18.87 5.95
CA ASN C 128 33.44 -18.54 7.40
C ASN C 128 34.34 -17.30 7.51
N VAL C 129 34.10 -16.50 8.55
CA VAL C 129 34.77 -15.23 8.78
C VAL C 129 36.26 -15.46 8.96
N THR C 130 37.03 -14.40 8.80
CA THR C 130 38.48 -14.46 8.94
C THR C 130 38.83 -14.69 10.40
N ASN C 131 39.10 -15.94 10.76
CA ASN C 131 39.41 -16.29 12.14
C ASN C 131 40.26 -17.57 12.15
N ASN C 132 40.59 -18.03 13.36
CA ASN C 132 41.33 -19.25 13.56
C ASN C 132 40.38 -20.37 13.98
N ILE C 133 40.96 -21.49 14.39
CA ILE C 133 40.18 -22.66 14.83
C ILE C 133 39.48 -22.33 16.15
N THR C 134 38.53 -23.16 16.54
CA THR C 134 37.77 -23.03 17.79
C THR C 134 37.14 -21.64 17.90
N ASP C 135 36.23 -21.37 16.97
CA ASP C 135 35.48 -20.11 16.99
C ASP C 135 34.24 -20.22 17.87
N ASP C 136 33.37 -21.18 17.58
CA ASP C 136 32.15 -21.38 18.35
C ASP C 136 32.46 -21.85 19.76
N GLY C 139 32.20 -20.42 13.92
CA GLY C 139 31.54 -19.66 12.87
C GLY C 139 30.71 -18.51 13.39
N GLU C 140 29.37 -18.69 13.36
CA GLU C 140 28.43 -17.72 13.89
C GLU C 140 28.56 -16.36 13.21
N LEU C 141 29.37 -16.27 12.17
CA LEU C 141 29.52 -15.04 11.38
C LEU C 141 29.90 -15.46 9.97
N LYS C 142 28.92 -15.52 9.08
CA LYS C 142 29.14 -15.96 7.71
C LYS C 142 29.42 -14.74 6.84
N ASN C 143 30.59 -14.75 6.20
CA ASN C 143 30.98 -13.67 5.27
C ASN C 143 30.44 -13.98 3.88
N CYS C 144 29.21 -13.54 3.61
CA CYS C 144 28.50 -13.93 2.40
C CYS C 144 28.65 -12.86 1.32
N SER C 145 28.80 -13.31 0.08
CA SER C 145 28.81 -12.43 -1.09
C SER C 145 27.74 -12.90 -2.06
N PHE C 146 27.06 -11.95 -2.70
CA PHE C 146 25.94 -12.29 -3.56
C PHE C 146 25.77 -11.20 -4.62
N ASN C 147 25.04 -11.57 -5.67
CA ASN C 147 24.65 -10.61 -6.75
C ASN C 147 23.43 -9.82 -6.28
N MET C 148 23.51 -8.50 -6.38
CA MET C 148 22.44 -7.63 -5.94
C MET C 148 22.11 -6.60 -7.02
N THR C 149 20.82 -6.31 -7.15
CA THR C 149 20.36 -5.34 -8.15
C THR C 149 20.72 -3.93 -7.71
N THR C 150 21.40 -3.20 -8.59
CA THR C 150 21.81 -1.83 -8.32
C THR C 150 20.69 -0.86 -8.66
N GLU C 151 21.02 0.43 -8.71
CA GLU C 151 20.04 1.45 -9.07
C GLU C 151 19.38 1.11 -10.41
N LEU C 152 20.18 1.03 -11.47
CA LEU C 152 19.64 0.71 -12.78
C LEU C 152 19.15 -0.73 -12.82
N ARG C 153 18.04 -0.94 -13.51
CA ARG C 153 17.44 -2.28 -13.56
C ARG C 153 18.30 -3.25 -14.37
N ASP C 154 18.89 -2.76 -15.46
CA ASP C 154 19.63 -3.67 -16.35
C ASP C 154 20.93 -4.12 -15.71
N LYS C 155 21.64 -3.21 -15.06
CA LYS C 155 22.92 -3.56 -14.45
C LYS C 155 22.71 -4.27 -13.12
N LYS C 156 23.68 -5.10 -12.75
CA LYS C 156 23.66 -5.80 -11.48
C LYS C 156 24.96 -5.52 -10.74
N GLN C 157 24.95 -5.77 -9.43
CA GLN C 157 26.05 -5.42 -8.55
C GLN C 157 26.49 -6.67 -7.79
N LYS C 158 27.78 -6.74 -7.49
CA LYS C 158 28.37 -7.83 -6.73
C LYS C 158 28.78 -7.28 -5.37
N VAL C 159 28.00 -7.59 -4.34
CA VAL C 159 28.23 -7.07 -3.00
C VAL C 159 28.41 -8.23 -2.04
N TYR C 160 28.83 -7.88 -0.82
CA TYR C 160 29.08 -8.86 0.23
C TYR C 160 28.60 -8.30 1.56
N SER C 161 28.48 -9.19 2.54
CA SER C 161 28.01 -8.81 3.87
C SER C 161 28.47 -9.88 4.87
N LEU C 162 28.16 -9.64 6.14
CA LEU C 162 28.50 -10.55 7.23
C LEU C 162 27.23 -10.88 7.98
N PHE C 163 26.61 -11.99 7.62
CA PHE C 163 25.42 -12.45 8.33
C PHE C 163 25.82 -13.41 9.45
N TYR C 164 24.93 -13.54 10.42
CA TYR C 164 25.12 -14.49 11.50
C TYR C 164 24.62 -15.87 11.08
N ARG C 165 25.05 -16.89 11.83
CA ARG C 165 24.66 -18.25 11.49
C ARG C 165 23.17 -18.48 11.70
N LEU C 166 22.59 -17.88 12.73
CA LEU C 166 21.17 -18.04 13.01
C LEU C 166 20.30 -17.36 11.97
N ASP C 167 20.87 -16.54 11.09
CA ASP C 167 20.09 -15.78 10.12
C ASP C 167 20.10 -16.38 8.73
N VAL C 168 20.99 -17.33 8.45
CA VAL C 168 21.06 -17.97 7.15
C VAL C 168 20.98 -19.48 7.33
N VAL C 169 20.40 -20.15 6.34
CA VAL C 169 20.33 -21.60 6.28
C VAL C 169 20.90 -22.04 4.95
N GLN C 170 21.66 -23.13 4.96
CA GLN C 170 22.29 -23.61 3.74
C GLN C 170 21.30 -24.38 2.89
N ILE C 171 21.34 -24.13 1.58
CA ILE C 171 20.51 -24.82 0.62
C ILE C 171 21.40 -25.75 -0.20
N ASN C 172 20.91 -26.96 -0.47
CA ASN C 172 21.71 -27.95 -1.18
C ASN C 172 20.90 -28.62 -2.28
N SER C 182 33.22 -27.83 -4.40
CA SER C 182 32.10 -26.90 -4.42
C SER C 182 31.85 -26.30 -3.03
N ASN C 183 31.88 -24.97 -2.96
CA ASN C 183 31.63 -24.27 -1.72
C ASN C 183 30.14 -24.27 -1.38
N LYS C 184 29.81 -23.75 -0.20
CA LYS C 184 28.44 -23.80 0.30
C LYS C 184 27.67 -22.57 -0.14
N GLU C 185 26.42 -22.77 -0.55
CA GLU C 185 25.52 -21.68 -0.89
C GLU C 185 24.43 -21.58 0.16
N TYR C 186 24.13 -20.35 0.56
CA TYR C 186 23.17 -20.10 1.63
C TYR C 186 22.08 -19.15 1.15
N ARG C 187 21.05 -19.02 1.97
CA ARG C 187 20.01 -18.03 1.77
C ARG C 187 19.43 -17.68 3.13
N LEU C 188 18.72 -16.55 3.21
CA LEU C 188 18.24 -16.06 4.53
C LEU C 188 17.20 -17.05 5.09
N ILE C 189 17.28 -17.31 6.39
CA ILE C 189 16.48 -18.41 7.03
C ILE C 189 15.04 -18.38 6.52
N ASN C 190 14.40 -17.20 6.52
CA ASN C 190 12.94 -17.12 6.26
C ASN C 190 12.67 -16.36 4.96
N CYS C 191 13.55 -16.55 3.97
CA CYS C 191 13.30 -16.05 2.59
C CYS C 191 12.53 -17.12 1.79
N ASN C 192 11.79 -17.96 2.51
CA ASN C 192 10.91 -19.01 1.95
C ASN C 192 9.61 -19.00 2.74
N THR C 193 9.68 -18.47 3.97
CA THR C 193 8.57 -18.48 4.93
C THR C 193 7.82 -17.18 4.79
N SER C 194 8.55 -16.06 4.73
CA SER C 194 7.95 -14.72 4.94
C SER C 194 8.49 -13.72 3.91
N ALA C 195 7.94 -12.50 3.91
CA ALA C 195 8.52 -11.39 3.18
C ALA C 195 9.33 -10.54 4.15
N ILE C 196 10.65 -10.56 3.99
CA ILE C 196 11.53 -9.86 4.92
C ILE C 196 11.58 -8.38 4.55
N THR C 197 11.36 -7.52 5.55
CA THR C 197 11.37 -6.07 5.37
C THR C 197 12.30 -5.45 6.39
N GLN C 198 13.25 -4.64 5.91
CA GLN C 198 14.24 -4.05 6.79
C GLN C 198 13.64 -2.89 7.58
N ALA C 199 13.76 -2.95 8.90
CA ALA C 199 13.31 -1.85 9.76
C ALA C 199 14.17 -0.63 9.47
N CYS C 200 13.58 0.40 8.89
CA CYS C 200 14.33 1.58 8.50
C CYS C 200 14.99 2.20 9.72
N PRO C 201 16.32 2.39 9.73
CA PRO C 201 17.03 2.74 10.97
C PRO C 201 16.81 4.17 11.43
N LYS C 202 15.98 4.95 10.75
CA LYS C 202 15.67 6.30 11.23
C LYS C 202 14.97 6.24 12.58
N VAL C 203 14.24 5.16 12.86
CA VAL C 203 13.53 5.01 14.12
C VAL C 203 14.35 4.11 15.04
N SER C 204 14.05 4.18 16.33
CA SER C 204 14.69 3.36 17.34
C SER C 204 13.64 2.57 18.11
N PHE C 205 14.10 1.51 18.78
CA PHE C 205 13.22 0.63 19.53
C PHE C 205 13.27 0.86 21.04
N GLU C 206 13.99 1.89 21.50
CA GLU C 206 14.08 2.18 22.92
C GLU C 206 12.70 2.44 23.49
N PRO C 207 12.22 1.59 24.41
CA PRO C 207 10.85 1.72 24.89
C PRO C 207 10.66 2.99 25.69
N ILE C 208 9.85 3.91 25.16
CA ILE C 208 9.47 5.13 25.86
C ILE C 208 8.28 4.78 26.75
N PRO C 209 8.23 5.28 27.98
CA PRO C 209 7.06 5.02 28.83
C PRO C 209 5.77 5.44 28.16
N ILE C 210 4.76 4.57 28.23
CA ILE C 210 3.46 4.81 27.64
C ILE C 210 2.42 4.77 28.75
N HIS C 211 1.65 5.84 28.89
CA HIS C 211 0.60 5.93 29.91
C HIS C 211 -0.74 5.64 29.24
N TYR C 212 -1.24 4.41 29.42
CA TYR C 212 -2.54 4.03 28.90
C TYR C 212 -3.62 4.73 29.70
N CYS C 213 -4.33 5.66 29.08
CA CYS C 213 -5.34 6.44 29.77
C CYS C 213 -6.73 6.18 29.20
N ALA C 214 -7.72 6.24 30.09
CA ALA C 214 -9.12 5.99 29.80
C ALA C 214 -9.86 7.29 29.52
N PRO C 215 -10.81 7.29 28.60
CA PRO C 215 -11.54 8.52 28.28
C PRO C 215 -12.50 8.94 29.39
N ALA C 216 -13.25 10.01 29.16
CA ALA C 216 -14.24 10.45 30.13
C ALA C 216 -15.30 9.38 30.34
N GLY C 217 -15.87 9.37 31.53
CA GLY C 217 -16.82 8.33 31.90
C GLY C 217 -16.18 7.03 32.32
N PHE C 218 -14.86 6.92 32.26
CA PHE C 218 -14.14 5.74 32.69
C PHE C 218 -12.99 6.16 33.61
N ALA C 219 -12.72 5.33 34.61
CA ALA C 219 -11.64 5.59 35.54
C ALA C 219 -10.81 4.32 35.69
N ILE C 220 -9.55 4.50 36.10
CA ILE C 220 -8.61 3.41 36.27
C ILE C 220 -8.34 3.25 37.76
N LEU C 221 -8.73 2.12 38.31
CA LEU C 221 -8.56 1.84 39.73
C LEU C 221 -7.19 1.21 39.96
N LYS C 222 -6.38 1.83 40.82
CA LYS C 222 -5.04 1.38 41.10
C LYS C 222 -4.99 0.77 42.49
N CYS C 223 -4.75 -0.54 42.56
CA CYS C 223 -4.65 -1.26 43.82
C CYS C 223 -3.26 -1.03 44.39
N LYS C 224 -3.16 -0.12 45.37
CA LYS C 224 -1.88 0.34 45.89
C LYS C 224 -1.52 -0.27 47.23
N ASP C 225 -1.86 -1.53 47.46
CA ASP C 225 -1.46 -2.23 48.67
C ASP C 225 -0.23 -3.09 48.41
N LYS C 226 0.36 -3.58 49.49
CA LYS C 226 1.58 -4.39 49.38
C LYS C 226 1.27 -5.82 48.98
N LYS C 227 0.54 -6.53 49.85
CA LYS C 227 0.23 -7.96 49.59
C LYS C 227 -0.81 -8.06 48.46
N PHE C 228 -0.42 -7.74 47.24
CA PHE C 228 -1.39 -7.82 46.11
C PHE C 228 -1.13 -9.13 45.37
N ASN C 229 -2.07 -10.08 45.42
CA ASN C 229 -1.83 -11.32 44.63
C ASN C 229 -2.22 -11.04 43.17
N GLY C 230 -2.43 -9.76 42.83
CA GLY C 230 -2.73 -9.36 41.44
C GLY C 230 -4.21 -9.52 41.16
N THR C 231 -4.88 -10.31 42.01
CA THR C 231 -6.27 -10.75 41.82
C THR C 231 -7.01 -10.54 43.12
N GLY C 232 -8.20 -11.12 43.24
CA GLY C 232 -8.86 -11.14 44.56
C GLY C 232 -9.33 -9.75 44.97
N PRO C 233 -9.94 -9.60 46.17
CA PRO C 233 -10.36 -8.28 46.64
C PRO C 233 -9.16 -7.39 46.95
N CYS C 234 -9.33 -6.08 46.77
CA CYS C 234 -8.24 -5.13 47.06
C CYS C 234 -8.69 -4.13 48.13
N PRO C 235 -8.03 -4.06 49.32
CA PRO C 235 -8.40 -3.08 50.32
C PRO C 235 -7.99 -1.67 49.88
N SER C 236 -6.77 -1.52 49.35
CA SER C 236 -6.27 -0.19 48.95
C SER C 236 -6.70 0.14 47.51
N VAL C 237 -8.00 0.44 47.32
CA VAL C 237 -8.49 0.83 45.96
C VAL C 237 -8.33 2.36 45.81
N SER C 238 -7.60 2.79 44.78
CA SER C 238 -7.39 4.25 44.55
C SER C 238 -7.58 4.57 43.06
N THR C 239 -8.56 5.43 42.74
CA THR C 239 -8.81 5.80 41.33
C THR C 239 -7.66 6.66 40.84
N VAL C 240 -7.13 6.33 39.66
CA VAL C 240 -6.01 7.14 39.07
C VAL C 240 -6.38 7.47 37.61
N GLN C 241 -6.02 8.68 37.14
CA GLN C 241 -6.37 9.10 35.77
C GLN C 241 -5.67 8.18 34.75
N CYS C 242 -4.39 7.88 34.97
CA CYS C 242 -3.63 7.06 33.99
C CYS C 242 -2.73 6.05 34.70
N THR C 243 -2.29 5.00 34.00
CA THR C 243 -1.35 4.03 34.60
C THR C 243 0.03 4.67 34.65
N HIS C 244 0.93 4.11 35.47
CA HIS C 244 2.32 4.63 35.51
C HIS C 244 2.95 4.43 34.12
N GLY C 245 3.96 5.24 33.80
CA GLY C 245 4.63 5.12 32.49
C GLY C 245 5.13 3.70 32.29
N ILE C 246 4.58 2.99 31.31
CA ILE C 246 4.98 1.57 31.07
C ILE C 246 5.72 1.49 29.72
N LYS C 247 6.99 1.09 29.75
CA LYS C 247 7.78 0.95 28.51
C LYS C 247 7.35 -0.35 27.79
N PRO C 248 7.10 -0.32 26.47
CA PRO C 248 6.76 -1.55 25.75
C PRO C 248 8.00 -2.40 25.55
N VAL C 249 8.59 -2.88 26.66
CA VAL C 249 9.83 -3.70 26.58
C VAL C 249 9.48 -5.10 26.08
N VAL C 250 10.35 -5.71 25.25
CA VAL C 250 10.13 -7.10 24.77
C VAL C 250 11.10 -8.03 25.52
N SER C 251 10.58 -8.98 26.29
CA SER C 251 11.44 -9.93 27.04
C SER C 251 10.73 -11.28 27.18
N THR C 252 11.46 -12.33 27.60
CA THR C 252 10.85 -13.67 27.75
C THR C 252 11.27 -14.26 29.09
N GLN C 253 12.57 -14.35 29.37
CA GLN C 253 13.04 -15.00 30.62
C GLN C 253 13.30 -13.94 31.70
N LEU C 254 14.27 -13.05 31.47
CA LEU C 254 14.63 -12.03 32.49
C LEU C 254 13.88 -10.72 32.16
N LEU C 255 12.85 -10.39 32.95
CA LEU C 255 12.05 -9.18 32.68
C LEU C 255 12.88 -7.93 32.98
N LEU C 256 13.15 -7.10 31.96
CA LEU C 256 13.97 -5.89 32.15
C LEU C 256 13.05 -4.65 32.23
N ASN C 257 13.60 -3.55 32.75
CA ASN C 257 12.87 -2.26 32.85
C ASN C 257 11.41 -2.55 33.26
N GLY C 258 11.25 -3.32 34.33
CA GLY C 258 9.92 -3.70 34.86
C GLY C 258 9.64 -3.06 36.20
N SER C 259 8.45 -3.31 36.76
CA SER C 259 8.07 -2.71 38.07
C SER C 259 8.73 -3.49 39.22
N LEU C 260 8.96 -2.83 40.36
CA LEU C 260 9.55 -3.52 41.53
C LEU C 260 8.42 -3.97 42.49
N ALA C 261 8.64 -5.05 43.24
CA ALA C 261 7.60 -5.58 44.16
C ALA C 261 7.37 -4.60 45.31
N GLU C 262 6.13 -4.57 45.83
CA GLU C 262 5.79 -3.64 46.93
C GLU C 262 6.62 -3.96 48.17
N GLU C 263 6.64 -5.23 48.59
CA GLU C 263 7.41 -5.65 49.79
C GLU C 263 8.47 -6.68 49.40
N GLU C 264 8.13 -7.98 49.49
CA GLU C 264 9.07 -9.04 49.09
C GLU C 264 8.74 -9.48 47.66
N VAL C 265 9.54 -10.38 47.09
CA VAL C 265 9.30 -10.84 45.68
C VAL C 265 7.86 -11.39 45.60
N MET C 266 7.17 -11.14 44.48
CA MET C 266 5.75 -11.56 44.36
C MET C 266 5.64 -12.83 43.49
N ILE C 267 5.03 -13.88 44.03
CA ILE C 267 4.84 -15.15 43.25
C ILE C 267 3.41 -15.13 42.68
N ARG C 268 3.25 -14.76 41.40
CA ARG C 268 1.89 -14.63 40.82
C ARG C 268 1.70 -15.59 39.65
N SER C 269 0.65 -16.43 39.71
CA SER C 269 0.35 -17.37 38.59
C SER C 269 -1.18 -17.45 38.43
N GLU C 270 -1.65 -17.43 37.18
CA GLU C 270 -3.09 -17.61 36.90
C GLU C 270 -3.54 -18.81 37.73
N ASN C 271 -2.59 -19.69 38.09
CA ASN C 271 -2.95 -21.02 38.64
C ASN C 271 -1.71 -21.71 39.25
N ILE C 272 -1.45 -21.52 40.56
CA ILE C 272 -0.24 -22.06 41.23
C ILE C 272 -0.26 -23.60 41.15
N THR C 273 -1.44 -24.19 40.88
CA THR C 273 -1.54 -25.67 40.90
C THR C 273 -1.33 -26.21 39.50
N ASN C 274 -1.63 -25.41 38.48
CA ASN C 274 -1.43 -25.86 37.07
C ASN C 274 0.03 -25.63 36.67
N ASN C 275 0.72 -26.70 36.28
CA ASN C 275 2.16 -26.59 35.88
C ASN C 275 2.26 -25.79 34.58
N ALA C 276 1.28 -25.92 33.70
CA ALA C 276 1.30 -25.21 32.40
C ALA C 276 1.33 -23.70 32.64
N LYS C 277 0.55 -23.22 33.61
CA LYS C 277 0.48 -21.76 33.88
C LYS C 277 1.87 -21.25 34.32
N ASN C 278 2.35 -20.18 33.68
CA ASN C 278 3.67 -19.61 34.04
C ASN C 278 3.53 -18.76 35.30
N ILE C 279 4.59 -18.67 36.10
CA ILE C 279 4.54 -17.88 37.37
C ILE C 279 5.33 -16.58 37.18
N LEU C 280 4.65 -15.43 37.26
CA LEU C 280 5.34 -14.12 37.15
C LEU C 280 5.96 -13.77 38.51
N VAL C 281 7.27 -13.54 38.56
CA VAL C 281 7.96 -13.24 39.85
C VAL C 281 8.44 -11.79 39.85
N GLN C 282 7.69 -10.89 40.50
CA GLN C 282 8.09 -9.47 40.59
C GLN C 282 9.19 -9.34 41.66
N PHE C 283 10.27 -8.60 41.35
CA PHE C 283 11.41 -8.47 42.30
C PHE C 283 11.28 -7.21 43.13
N ASN C 284 11.78 -7.22 44.37
CA ASN C 284 11.78 -6.02 45.18
C ASN C 284 13.07 -5.22 45.05
N THR C 285 14.19 -5.89 44.81
CA THR C 285 15.45 -5.22 44.54
C THR C 285 15.84 -5.45 43.09
N PRO C 286 16.32 -4.42 42.39
CA PRO C 286 16.69 -4.60 40.99
C PRO C 286 18.00 -5.35 40.85
N VAL C 287 18.02 -6.30 39.93
CA VAL C 287 19.20 -7.10 39.63
C VAL C 287 19.87 -6.50 38.39
N GLN C 288 21.07 -5.97 38.58
CA GLN C 288 21.81 -5.37 37.48
C GLN C 288 22.22 -6.44 36.48
N ILE C 289 22.25 -6.06 35.20
CA ILE C 289 22.73 -6.94 34.14
C ILE C 289 23.40 -6.10 33.06
N ASN C 290 24.64 -6.48 32.74
CA ASN C 290 25.49 -5.69 31.80
C ASN C 290 25.70 -6.49 30.51
N CYS C 291 25.01 -6.09 29.43
CA CYS C 291 25.08 -6.78 28.16
C CYS C 291 25.92 -5.97 27.18
N THR C 292 26.84 -6.64 26.49
CA THR C 292 27.77 -5.97 25.59
C THR C 292 27.87 -6.73 24.29
N ARG C 293 27.88 -5.99 23.18
CA ARG C 293 28.17 -6.56 21.87
C ARG C 293 29.57 -6.11 21.46
N PRO C 294 30.60 -6.86 21.84
CA PRO C 294 31.97 -6.35 21.70
C PRO C 294 32.43 -6.13 20.27
N ASN C 295 31.79 -6.78 19.30
CA ASN C 295 32.21 -6.62 17.90
C ASN C 295 31.93 -5.20 17.44
N ASN C 296 33.01 -4.47 17.14
CA ASN C 296 32.90 -3.14 16.48
C ASN C 296 32.40 -3.36 15.05
N ASN C 297 31.09 -3.18 14.85
CA ASN C 297 30.50 -3.45 13.54
C ASN C 297 30.49 -2.19 12.69
N THR C 298 30.89 -2.34 11.43
CA THR C 298 30.76 -1.28 10.44
C THR C 298 29.55 -1.57 9.56
N ARG C 299 28.85 -0.50 9.16
CA ARG C 299 27.62 -0.61 8.39
C ARG C 299 27.89 -0.20 6.95
N LYS C 300 27.50 -1.05 6.02
CA LYS C 300 27.59 -0.77 4.59
C LYS C 300 26.22 -0.41 4.06
N SER C 301 26.13 0.67 3.30
CA SER C 301 24.87 1.15 2.72
C SER C 301 24.81 0.70 1.27
N ILE C 302 24.36 -0.54 1.06
CA ILE C 302 24.21 -1.07 -0.33
C ILE C 302 22.86 -0.61 -0.89
N ARG C 303 22.79 -0.33 -2.19
CA ARG C 303 21.51 0.08 -2.82
C ARG C 303 20.88 -1.14 -3.53
N ILE C 304 19.60 -1.41 -3.24
CA ILE C 304 18.89 -2.56 -3.89
C ILE C 304 17.95 -2.01 -4.98
N GLY C 305 17.89 -0.69 -5.14
CA GLY C 305 17.05 -0.08 -6.18
C GLY C 305 16.94 1.42 -6.04
N PRO C 306 16.17 2.12 -6.90
CA PRO C 306 15.98 3.56 -6.76
C PRO C 306 15.25 3.89 -5.47
N GLY C 307 15.89 4.71 -4.61
CA GLY C 307 15.28 5.06 -3.31
C GLY C 307 15.11 3.83 -2.44
N GLN C 308 15.93 2.80 -2.66
CA GLN C 308 15.86 1.56 -1.85
C GLN C 308 17.24 1.25 -1.27
N ALA C 309 17.44 1.49 0.03
CA ALA C 309 18.76 1.28 0.66
C ALA C 309 18.77 0.00 1.49
N PHE C 310 19.89 -0.72 1.49
CA PHE C 310 20.01 -1.94 2.28
C PHE C 310 21.27 -1.82 3.14
N TYR C 311 21.08 -1.59 4.43
CA TYR C 311 22.20 -1.40 5.35
C TYR C 311 22.76 -2.75 5.73
N ALA C 312 23.89 -3.13 5.11
CA ALA C 312 24.53 -4.40 5.37
C ALA C 312 25.68 -4.23 6.35
N THR C 313 26.01 -5.33 7.04
CA THR C 313 27.09 -5.31 8.01
C THR C 313 28.43 -5.41 7.30
N GLY C 314 29.25 -4.37 7.39
CA GLY C 314 30.56 -4.39 6.80
C GLY C 314 31.51 -5.26 7.59
N ASP C 315 32.80 -5.13 7.27
CA ASP C 315 33.82 -5.91 7.94
C ASP C 315 33.92 -5.51 9.40
N ILE C 316 33.88 -6.49 10.29
CA ILE C 316 34.04 -6.24 11.72
C ILE C 316 35.49 -5.84 11.97
N ILE C 317 35.72 -4.57 12.23
CA ILE C 317 37.06 -4.05 12.44
C ILE C 317 37.39 -4.11 13.93
N GLY C 318 38.38 -4.91 14.29
CA GLY C 318 38.77 -5.14 15.67
C GLY C 318 38.85 -6.62 15.96
N ASP C 319 38.70 -6.96 17.23
CA ASP C 319 38.78 -8.34 17.68
C ASP C 319 37.42 -9.01 17.58
N ILE C 320 37.42 -10.25 17.09
CA ILE C 320 36.19 -11.02 16.91
C ILE C 320 35.86 -11.71 18.23
N ARG C 321 34.77 -11.27 18.86
CA ARG C 321 34.30 -11.90 20.09
C ARG C 321 32.82 -12.19 19.97
N GLN C 322 32.19 -12.63 21.06
CA GLN C 322 30.77 -12.91 21.08
C GLN C 322 30.10 -12.11 22.18
N ALA C 323 28.84 -11.74 21.93
CA ALA C 323 28.09 -10.95 22.90
C ALA C 323 27.86 -11.74 24.18
N HIS C 324 27.73 -11.02 25.28
CA HIS C 324 27.55 -11.64 26.58
C HIS C 324 26.80 -10.69 27.51
N CYS C 325 26.11 -11.27 28.47
CA CYS C 325 25.38 -10.50 29.51
C CYS C 325 25.91 -10.91 30.88
N ASN C 326 26.27 -9.94 31.71
CA ASN C 326 26.88 -10.23 33.03
C ASN C 326 25.82 -10.04 34.11
N VAL C 327 25.63 -11.07 34.95
CA VAL C 327 24.76 -10.92 36.16
C VAL C 327 25.66 -11.01 37.40
N SER C 328 25.49 -10.09 38.34
CA SER C 328 26.21 -10.14 39.60
C SER C 328 25.96 -11.47 40.31
N LYS C 329 27.01 -12.27 40.46
CA LYS C 329 26.86 -13.59 41.06
C LYS C 329 26.38 -13.52 42.50
N ALA C 330 26.61 -12.39 43.18
CA ALA C 330 26.18 -12.25 44.56
C ALA C 330 24.71 -11.85 44.66
N THR C 331 24.34 -10.75 44.01
CA THR C 331 22.98 -10.24 44.13
C THR C 331 21.96 -11.20 43.50
N TRP C 332 22.38 -11.98 42.51
CA TRP C 332 21.45 -12.92 41.88
C TRP C 332 21.18 -14.11 42.79
N ASN C 333 22.23 -14.56 43.49
CA ASN C 333 22.05 -15.70 44.43
C ASN C 333 20.98 -15.31 45.45
N GLU C 334 21.22 -14.23 46.19
CA GLU C 334 20.30 -13.84 47.24
C GLU C 334 18.91 -13.55 46.68
N THR C 335 18.83 -13.08 45.44
CA THR C 335 17.53 -12.85 44.82
C THR C 335 16.77 -14.15 44.65
N LEU C 336 17.42 -15.17 44.08
CA LEU C 336 16.82 -16.48 44.01
C LEU C 336 16.50 -17.01 45.41
N GLY C 337 17.39 -16.75 46.37
CA GLY C 337 17.09 -17.10 47.75
C GLY C 337 15.87 -16.38 48.28
N LYS C 338 15.60 -15.17 47.80
CA LYS C 338 14.40 -14.46 48.20
C LYS C 338 13.17 -15.01 47.48
N VAL C 339 13.35 -15.57 46.30
CA VAL C 339 12.22 -16.11 45.55
C VAL C 339 11.82 -17.48 46.07
N VAL C 340 12.79 -18.34 46.37
CA VAL C 340 12.48 -19.69 46.81
C VAL C 340 11.71 -19.66 48.12
N LYS C 341 12.07 -18.74 49.02
CA LYS C 341 11.34 -18.60 50.27
C LYS C 341 9.89 -18.22 50.01
N GLN C 342 9.65 -17.29 49.08
CA GLN C 342 8.29 -16.95 48.71
C GLN C 342 7.65 -18.04 47.87
N LEU C 343 8.45 -18.83 47.15
CA LEU C 343 7.92 -19.97 46.43
C LEU C 343 7.51 -21.09 47.38
N ARG C 344 8.18 -21.20 48.53
CA ARG C 344 7.85 -22.20 49.53
C ARG C 344 6.59 -21.87 50.32
N LYS C 345 5.99 -20.70 50.09
CA LYS C 345 4.78 -20.35 50.81
C LYS C 345 3.54 -21.01 50.20
N HIS C 346 3.63 -21.44 48.95
CA HIS C 346 2.49 -22.04 48.26
C HIS C 346 2.63 -23.55 48.08
N PHE C 347 3.83 -24.11 48.26
CA PHE C 347 4.08 -25.53 48.04
C PHE C 347 4.80 -26.11 49.25
N GLY C 348 4.03 -26.64 50.20
CA GLY C 348 4.59 -27.30 51.36
C GLY C 348 5.32 -26.36 52.31
N ASN C 349 5.60 -26.85 53.53
CA ASN C 349 6.36 -26.04 54.48
C ASN C 349 7.81 -25.92 54.03
N ASN C 350 8.42 -27.03 53.63
CA ASN C 350 9.79 -27.04 53.12
C ASN C 350 9.92 -28.14 52.07
N THR C 351 10.24 -27.76 50.85
CA THR C 351 10.42 -28.69 49.76
C THR C 351 11.65 -28.30 48.96
N ILE C 352 12.07 -29.20 48.08
CA ILE C 352 13.27 -29.00 47.27
C ILE C 352 12.86 -28.23 46.02
N ILE C 353 13.24 -26.96 45.97
CA ILE C 353 13.00 -26.11 44.80
C ILE C 353 14.27 -26.12 43.96
N ARG C 354 14.21 -26.77 42.81
CA ARG C 354 15.35 -26.90 41.92
C ARG C 354 15.11 -26.09 40.65
N PHE C 355 16.15 -25.42 40.18
CA PHE C 355 16.11 -24.66 38.94
C PHE C 355 16.91 -25.38 37.87
N ALA C 356 16.45 -25.26 36.63
CA ALA C 356 17.13 -25.88 35.50
C ALA C 356 16.96 -24.98 34.29
N ASN C 357 17.86 -25.14 33.32
CA ASN C 357 17.74 -24.30 32.11
C ASN C 357 16.52 -24.78 31.31
N SER C 358 16.11 -23.96 30.35
CA SER C 358 14.86 -24.17 29.63
C SER C 358 14.85 -25.52 28.93
N SER C 359 13.67 -26.15 28.92
CA SER C 359 13.54 -27.47 28.31
C SER C 359 13.84 -27.43 26.82
N GLY C 360 13.05 -26.68 26.06
CA GLY C 360 13.26 -26.59 24.64
C GLY C 360 12.20 -25.72 24.00
N GLY C 361 12.28 -25.63 22.67
CA GLY C 361 11.37 -24.84 21.88
C GLY C 361 12.12 -23.88 20.99
N ASP C 362 11.42 -22.83 20.56
CA ASP C 362 12.02 -21.83 19.69
C ASP C 362 13.14 -21.10 20.43
N LEU C 363 14.00 -20.44 19.65
CA LEU C 363 15.13 -19.72 20.22
C LEU C 363 14.68 -18.56 21.10
N GLU C 364 13.44 -18.10 20.94
CA GLU C 364 12.93 -17.00 21.74
C GLU C 364 12.36 -17.43 23.09
N VAL C 365 12.27 -18.73 23.33
CA VAL C 365 11.80 -19.26 24.60
C VAL C 365 12.91 -19.93 25.39
N THR C 366 13.75 -20.74 24.71
CA THR C 366 14.86 -21.38 25.39
C THR C 366 15.90 -20.39 25.89
N THR C 367 16.00 -19.22 25.27
CA THR C 367 16.97 -18.21 25.63
C THR C 367 16.28 -16.99 26.22
N HIS C 368 17.07 -16.00 26.59
CA HIS C 368 16.57 -14.74 27.13
C HIS C 368 16.62 -13.71 26.00
N SER C 369 15.52 -13.57 25.28
CA SER C 369 15.45 -12.70 24.12
C SER C 369 15.03 -11.30 24.53
N PHE C 370 15.73 -10.30 24.00
CA PHE C 370 15.41 -8.90 24.25
C PHE C 370 16.20 -8.04 23.27
N ASN C 371 15.99 -6.73 23.36
CA ASN C 371 16.67 -5.77 22.50
C ASN C 371 17.03 -4.56 23.33
N CYS C 372 18.32 -4.25 23.39
CA CYS C 372 18.80 -3.10 24.16
C CYS C 372 19.44 -2.04 23.28
N GLY C 373 20.45 -2.41 22.48
CA GLY C 373 21.15 -1.42 21.68
C GLY C 373 20.62 -1.30 20.27
N GLY C 374 19.29 -1.33 20.12
CA GLY C 374 18.67 -1.22 18.82
C GLY C 374 18.68 -2.49 18.01
N GLU C 375 19.56 -3.44 18.33
CA GLU C 375 19.60 -4.72 17.65
C GLU C 375 19.33 -5.83 18.65
N PHE C 376 18.83 -6.96 18.15
CA PHE C 376 18.31 -8.03 18.97
C PHE C 376 19.33 -9.15 19.11
N PHE C 377 19.57 -9.57 20.36
CA PHE C 377 20.45 -10.70 20.61
C PHE C 377 19.89 -11.51 21.76
N TYR C 378 20.05 -12.82 21.67
CA TYR C 378 19.45 -13.77 22.60
C TYR C 378 20.53 -14.41 23.46
N CYS C 379 20.27 -14.48 24.75
CA CYS C 379 21.19 -15.06 25.72
C CYS C 379 20.55 -16.30 26.32
N ASN C 380 21.32 -17.39 26.39
CA ASN C 380 20.78 -18.74 26.74
C ASN C 380 20.52 -18.83 28.25
N THR C 381 21.40 -18.23 29.05
CA THR C 381 21.22 -18.09 30.50
C THR C 381 20.94 -19.42 31.18
N SER C 382 21.72 -20.44 30.84
CA SER C 382 21.60 -21.70 31.55
C SER C 382 22.20 -21.59 32.95
N GLY C 383 23.21 -20.74 33.12
CA GLY C 383 23.86 -20.56 34.39
C GLY C 383 23.12 -19.71 35.39
N LEU C 384 21.98 -19.14 35.01
CA LEU C 384 21.17 -18.38 35.95
C LEU C 384 20.12 -19.23 36.65
N PHE C 385 19.79 -20.40 36.12
CA PHE C 385 18.83 -21.32 36.74
C PHE C 385 19.53 -22.68 36.84
N ASN C 386 20.24 -22.87 37.96
CA ASN C 386 21.10 -24.07 38.12
C ASN C 386 21.08 -24.55 39.57
N SER C 387 20.47 -23.78 40.48
CA SER C 387 20.65 -24.00 41.91
C SER C 387 19.70 -25.06 42.41
N THR C 388 19.81 -25.36 43.71
CA THR C 388 18.94 -26.31 44.38
C THR C 388 18.88 -25.93 45.85
N TRP C 389 17.67 -25.73 46.37
CA TRP C 389 17.46 -25.24 47.74
C TRP C 389 16.63 -26.27 48.51
N ILE C 390 17.09 -26.59 49.72
CA ILE C 390 16.42 -27.59 50.55
C ILE C 390 16.03 -27.01 51.90
N SER C 391 17.03 -26.66 52.72
CA SER C 391 16.78 -26.13 54.05
C SER C 391 17.29 -24.71 54.22
N ASN C 392 18.56 -24.46 53.87
CA ASN C 392 19.13 -23.13 54.01
C ASN C 392 19.76 -22.67 52.70
N ASN C 404 32.95 -11.73 45.49
CA ASN C 404 32.40 -10.63 44.72
C ASN C 404 32.75 -10.77 43.25
N ASP C 405 32.18 -11.78 42.60
CA ASP C 405 32.42 -12.05 41.19
C ASP C 405 31.09 -11.97 40.45
N SER C 406 31.10 -12.32 39.17
CA SER C 406 29.92 -12.25 38.33
C SER C 406 29.89 -13.47 37.41
N ILE C 407 28.69 -13.78 36.93
CA ILE C 407 28.47 -14.86 35.98
C ILE C 407 28.28 -14.28 34.59
N THR C 408 28.90 -14.89 33.60
CA THR C 408 28.84 -14.45 32.21
C THR C 408 27.96 -15.40 31.42
N LEU C 409 27.06 -14.83 30.62
CA LEU C 409 26.12 -15.62 29.82
C LEU C 409 26.43 -15.47 28.35
N PRO C 410 26.59 -16.58 27.62
CA PRO C 410 26.82 -16.48 26.16
C PRO C 410 25.56 -16.00 25.46
N CYS C 411 25.74 -15.05 24.54
CA CYS C 411 24.62 -14.40 23.86
C CYS C 411 24.84 -14.46 22.35
N ARG C 412 23.80 -14.88 21.63
CA ARG C 412 23.82 -14.96 20.18
C ARG C 412 22.95 -13.87 19.58
N ILE C 413 23.38 -13.32 18.45
CA ILE C 413 22.68 -12.23 17.79
C ILE C 413 21.88 -12.81 16.63
N LYS C 414 20.72 -12.20 16.36
CA LYS C 414 19.85 -12.66 15.27
C LYS C 414 19.20 -11.41 14.68
N GLN C 415 19.57 -11.08 13.44
CA GLN C 415 19.04 -9.86 12.82
C GLN C 415 17.66 -10.08 12.22
N ILE C 416 17.45 -11.21 11.55
CA ILE C 416 16.16 -11.51 10.94
C ILE C 416 15.23 -11.99 12.04
N ILE C 417 14.20 -11.20 12.33
CA ILE C 417 13.33 -11.42 13.49
C ILE C 417 11.89 -11.56 13.02
N ASN C 418 11.18 -12.49 13.63
CA ASN C 418 9.76 -12.73 13.38
C ASN C 418 9.01 -12.88 14.68
N MET C 419 9.25 -11.95 15.60
CA MET C 419 8.58 -12.00 16.90
C MET C 419 7.06 -11.87 16.73
N TRP C 420 6.35 -12.30 17.76
CA TRP C 420 4.89 -12.43 17.79
C TRP C 420 4.38 -13.48 16.80
N GLN C 421 5.27 -14.19 16.12
CA GLN C 421 4.90 -15.26 15.20
C GLN C 421 3.89 -14.77 14.16
N ARG C 422 4.06 -13.53 13.70
CA ARG C 422 3.25 -13.03 12.61
C ARG C 422 3.68 -13.74 11.33
N ILE C 423 2.98 -14.83 10.99
CA ILE C 423 3.41 -15.66 9.87
C ILE C 423 3.32 -14.85 8.59
N GLY C 424 4.41 -14.83 7.84
CA GLY C 424 4.47 -14.08 6.60
C GLY C 424 4.97 -12.66 6.73
N GLN C 425 5.43 -12.25 7.91
CA GLN C 425 5.90 -10.88 8.13
C GLN C 425 7.08 -10.94 9.08
N ALA C 426 8.29 -10.95 8.53
CA ALA C 426 9.52 -10.96 9.30
C ALA C 426 10.26 -9.65 9.10
N MET C 427 11.02 -9.26 10.12
CA MET C 427 11.73 -7.98 10.13
C MET C 427 13.23 -8.23 10.18
N TYR C 428 13.99 -7.35 9.52
CA TYR C 428 15.44 -7.42 9.47
C TYR C 428 16.00 -6.20 10.19
N ALA C 429 16.60 -6.43 11.36
CA ALA C 429 17.16 -5.34 12.14
C ALA C 429 18.54 -4.97 11.60
N PRO C 430 18.76 -3.72 11.19
CA PRO C 430 20.06 -3.35 10.61
C PRO C 430 21.15 -3.36 11.65
N PRO C 431 22.41 -3.42 11.24
CA PRO C 431 23.51 -3.37 12.22
C PRO C 431 23.66 -1.98 12.82
N ILE C 432 24.33 -1.95 13.97
CA ILE C 432 24.59 -0.73 14.70
C ILE C 432 26.09 -0.48 14.71
N GLN C 433 26.51 0.75 14.41
CA GLN C 433 27.92 1.07 14.41
C GLN C 433 28.48 1.02 15.84
N GLY C 434 29.74 0.63 15.94
CA GLY C 434 30.45 0.64 17.20
C GLY C 434 30.00 -0.45 18.15
N VAL C 435 30.66 -0.49 19.30
CA VAL C 435 30.31 -1.44 20.34
C VAL C 435 28.96 -1.07 20.94
N ILE C 436 28.21 -2.08 21.38
CA ILE C 436 26.90 -1.89 21.98
C ILE C 436 27.00 -2.24 23.45
N ARG C 437 26.85 -1.24 24.31
CA ARG C 437 26.85 -1.44 25.76
C ARG C 437 25.51 -0.96 26.31
N CYS C 438 24.91 -1.79 27.15
CA CYS C 438 23.57 -1.49 27.68
C CYS C 438 23.42 -2.15 29.04
N VAL C 439 22.98 -1.37 30.03
CA VAL C 439 22.83 -1.83 31.40
C VAL C 439 21.38 -1.67 31.79
N SER C 440 20.73 -2.78 32.12
CA SER C 440 19.32 -2.79 32.51
C SER C 440 19.17 -3.41 33.89
N ASN C 441 17.95 -3.33 34.43
CA ASN C 441 17.68 -3.96 35.75
C ASN C 441 16.63 -5.06 35.57
N ILE C 442 17.01 -6.27 35.96
CA ILE C 442 16.11 -7.41 35.94
C ILE C 442 15.18 -7.30 37.15
N THR C 443 13.91 -6.98 36.90
CA THR C 443 12.92 -6.85 37.97
C THR C 443 11.78 -7.84 37.81
N GLY C 444 12.02 -8.99 37.17
CA GLY C 444 10.97 -9.96 36.98
C GLY C 444 11.52 -11.30 36.55
N LEU C 445 10.64 -12.30 36.58
CA LEU C 445 10.97 -13.64 36.15
C LEU C 445 9.71 -14.33 35.68
N ILE C 446 9.79 -15.00 34.54
CA ILE C 446 8.68 -15.81 34.05
C ILE C 446 9.04 -17.28 34.22
N LEU C 447 8.66 -17.86 35.36
CA LEU C 447 9.03 -19.23 35.69
C LEU C 447 7.86 -20.16 35.40
N THR C 448 8.20 -21.41 35.06
CA THR C 448 7.21 -22.44 34.83
C THR C 448 7.60 -23.69 35.62
N ARG C 449 6.60 -24.42 36.09
CA ARG C 449 6.82 -25.57 36.95
C ARG C 449 6.65 -26.85 36.14
N ASP C 450 7.47 -27.85 36.45
CA ASP C 450 7.42 -29.12 35.74
C ASP C 450 6.49 -30.11 36.45
N GLY C 451 6.56 -31.36 36.00
CA GLY C 451 5.69 -32.38 36.59
C GLY C 451 6.09 -32.69 38.02
N GLY C 452 5.09 -32.78 38.88
CA GLY C 452 5.30 -33.08 40.28
C GLY C 452 4.63 -34.36 40.74
N SER C 453 4.70 -35.41 39.92
CA SER C 453 4.05 -36.67 40.25
C SER C 453 4.52 -37.20 41.60
N THR C 454 5.77 -36.95 41.96
CA THR C 454 6.27 -37.38 43.25
C THR C 454 5.59 -36.61 44.38
N ASN C 455 5.58 -37.21 45.56
CA ASN C 455 4.89 -36.64 46.72
C ASN C 455 5.82 -35.64 47.40
N SER C 456 5.82 -34.41 46.88
CA SER C 456 6.51 -33.27 47.47
C SER C 456 8.01 -33.49 47.62
N THR C 457 8.58 -34.43 46.86
CA THR C 457 10.02 -34.65 46.93
C THR C 457 10.79 -33.43 46.43
N THR C 458 10.39 -32.91 45.27
CA THR C 458 11.04 -31.74 44.68
C THR C 458 10.15 -31.14 43.61
N GLU C 459 10.41 -29.88 43.24
CA GLU C 459 9.67 -29.20 42.18
C GLU C 459 10.66 -28.40 41.35
N THR C 460 10.81 -28.79 40.09
CA THR C 460 11.77 -28.16 39.19
C THR C 460 11.12 -26.98 38.49
N PHE C 461 11.62 -25.78 38.75
CA PHE C 461 11.14 -24.57 38.10
C PHE C 461 12.10 -24.18 36.98
N ARG C 462 11.56 -23.92 35.81
CA ARG C 462 12.32 -23.57 34.62
C ARG C 462 11.86 -22.22 34.09
N PRO C 463 12.71 -21.54 33.32
CA PRO C 463 12.28 -20.29 32.69
C PRO C 463 11.24 -20.54 31.62
N GLY C 464 10.60 -19.45 31.19
CA GLY C 464 9.57 -19.55 30.19
C GLY C 464 9.25 -18.23 29.52
N GLY C 465 7.97 -17.97 29.29
CA GLY C 465 7.57 -16.74 28.63
C GLY C 465 7.09 -16.97 27.22
N GLY C 466 7.80 -16.38 26.25
CA GLY C 466 7.41 -16.50 24.87
C GLY C 466 6.20 -15.65 24.54
N ASP C 467 5.09 -15.88 25.24
CA ASP C 467 3.89 -15.07 25.05
C ASP C 467 4.11 -13.70 25.67
N MET C 468 4.16 -12.67 24.83
CA MET C 468 4.43 -11.32 25.30
C MET C 468 3.28 -10.73 26.10
N ARG C 469 2.14 -11.42 26.19
CA ARG C 469 1.06 -10.95 27.03
C ARG C 469 1.45 -10.94 28.50
N ASP C 470 2.29 -11.89 28.91
CA ASP C 470 2.75 -11.92 30.29
C ASP C 470 3.73 -10.79 30.59
N ASN C 471 4.39 -10.24 29.57
CA ASN C 471 5.27 -9.10 29.79
C ASN C 471 4.48 -7.87 30.21
N TRP C 472 3.21 -7.77 29.80
CA TRP C 472 2.37 -6.65 30.20
C TRP C 472 1.64 -6.91 31.50
N ARG C 473 1.35 -8.18 31.80
CA ARG C 473 0.64 -8.49 33.04
C ARG C 473 1.48 -8.15 34.27
N SER C 474 2.80 -8.14 34.15
CA SER C 474 3.64 -7.73 35.27
C SER C 474 3.56 -6.23 35.53
N GLU C 475 3.06 -5.46 34.58
CA GLU C 475 2.90 -4.02 34.74
C GLU C 475 1.45 -3.58 34.90
N LEU C 476 0.51 -4.33 34.34
CA LEU C 476 -0.91 -4.00 34.43
C LEU C 476 -1.65 -4.91 35.40
N TYR C 477 -0.96 -5.43 36.41
CA TYR C 477 -1.62 -6.28 37.39
C TYR C 477 -2.43 -5.48 38.40
N LYS C 478 -2.06 -4.23 38.64
CA LYS C 478 -2.70 -3.39 39.64
C LYS C 478 -3.73 -2.43 39.06
N TYR C 479 -3.95 -2.46 37.75
CA TYR C 479 -4.84 -1.52 37.10
C TYR C 479 -6.04 -2.25 36.52
N LYS C 480 -7.13 -1.51 36.37
CA LYS C 480 -8.34 -2.00 35.72
C LYS C 480 -9.21 -0.80 35.35
N VAL C 481 -9.95 -0.95 34.25
CA VAL C 481 -10.81 0.12 33.74
C VAL C 481 -12.25 -0.20 34.11
N VAL C 482 -12.98 0.81 34.55
CA VAL C 482 -14.39 0.68 34.90
C VAL C 482 -15.14 1.89 34.39
N LYS C 483 -16.37 1.67 33.94
CA LYS C 483 -17.22 2.77 33.47
C LYS C 483 -18.02 3.34 34.63
N ILE C 484 -18.22 4.64 34.60
CA ILE C 484 -18.96 5.33 35.64
C ILE C 484 -20.44 5.29 35.31
N GLU C 485 -21.26 5.00 36.32
CA GLU C 485 -22.70 5.00 36.15
C GLU C 485 -23.30 6.12 36.99
N PRO C 486 -23.22 7.38 36.54
CA PRO C 486 -23.63 8.49 37.40
C PRO C 486 -25.11 8.54 37.70
N LEU C 487 -25.94 7.81 36.96
CA LEU C 487 -27.38 7.79 37.24
C LEU C 487 -27.65 6.88 38.43
N GLY C 488 -28.30 7.44 39.45
CA GLY C 488 -28.64 6.67 40.62
C GLY C 488 -29.99 7.04 41.20
N VAL C 489 -30.85 6.05 41.38
CA VAL C 489 -32.16 6.26 41.99
C VAL C 489 -32.04 5.96 43.47
N ALA C 490 -32.85 6.66 44.28
CA ALA C 490 -32.80 6.51 45.72
C ALA C 490 -34.12 6.97 46.30
N PRO C 491 -34.63 6.28 47.32
CA PRO C 491 -35.89 6.70 47.94
C PRO C 491 -35.69 7.63 49.12
N THR C 492 -36.62 8.56 49.26
CA THR C 492 -36.69 9.48 50.39
C THR C 492 -38.08 10.10 50.40
N ARG C 493 -38.29 11.08 51.27
CA ARG C 493 -39.58 11.74 51.40
C ARG C 493 -39.76 12.90 50.43
N CYS C 494 -38.78 13.17 49.57
CA CYS C 494 -38.90 14.27 48.64
C CYS C 494 -39.98 14.00 47.60
N LYS C 495 -40.56 15.07 47.08
CA LYS C 495 -41.63 14.97 46.09
C LYS C 495 -41.80 16.32 45.42
N ARG C 496 -41.93 16.30 44.10
CA ARG C 496 -42.07 17.55 43.34
C ARG C 496 -43.47 18.13 43.51
N ARG C 497 -43.67 19.31 42.94
CA ARG C 497 -44.94 20.01 43.00
C ARG C 497 -45.80 19.58 41.81
N VAL C 498 -46.90 20.31 41.59
CA VAL C 498 -47.79 20.01 40.48
C VAL C 498 -47.40 20.84 39.27
N VAL D 7 -49.70 5.55 25.71
CA VAL D 7 -49.49 4.19 25.24
C VAL D 7 -48.03 4.02 24.79
N PHE D 8 -47.53 2.79 24.87
CA PHE D 8 -46.18 2.44 24.43
C PHE D 8 -46.32 1.43 23.30
N LEU D 9 -46.49 1.92 22.08
CA LEU D 9 -46.62 1.08 20.90
C LEU D 9 -45.30 0.96 20.14
N GLY D 10 -44.18 1.10 20.83
CA GLY D 10 -42.88 1.08 20.18
C GLY D 10 -42.58 2.40 19.50
N PHE D 11 -41.37 2.47 18.95
CA PHE D 11 -40.93 3.67 18.26
C PHE D 11 -41.83 3.96 17.07
N LEU D 12 -42.29 5.22 16.97
CA LEU D 12 -43.22 5.64 15.93
C LEU D 12 -44.51 4.83 15.96
N GLY D 13 -44.85 4.28 17.13
CA GLY D 13 -46.01 3.41 17.21
C GLY D 13 -47.31 4.12 16.89
N ALA D 14 -47.43 5.38 17.29
CA ALA D 14 -48.62 6.18 17.03
C ALA D 14 -48.43 7.12 15.84
N ALA D 15 -47.71 6.66 14.82
CA ALA D 15 -47.46 7.51 13.65
C ALA D 15 -48.77 7.88 12.96
N GLY D 16 -49.59 6.91 12.63
CA GLY D 16 -50.85 7.17 11.96
C GLY D 16 -51.97 7.62 12.86
N SER D 17 -51.75 7.63 14.17
CA SER D 17 -52.79 8.06 15.10
C SER D 17 -52.96 9.58 15.04
N THR D 18 -54.10 10.04 15.56
CA THR D 18 -54.39 11.47 15.57
C THR D 18 -53.40 12.20 16.48
N MET D 19 -53.29 13.52 16.24
CA MET D 19 -52.35 14.32 17.03
C MET D 19 -52.71 14.35 18.50
N GLY D 20 -54.01 14.27 18.81
CA GLY D 20 -54.42 14.21 20.21
C GLY D 20 -53.92 12.96 20.90
N ALA D 21 -54.03 11.81 20.23
CA ALA D 21 -53.53 10.58 20.81
C ALA D 21 -52.01 10.47 20.72
N ALA D 22 -51.42 10.99 19.64
CA ALA D 22 -49.97 10.99 19.51
C ALA D 22 -49.28 11.96 20.43
N SER D 23 -50.03 12.76 21.20
CA SER D 23 -49.45 13.68 22.16
C SER D 23 -48.96 12.98 23.41
N MET D 24 -49.30 11.71 23.62
CA MET D 24 -48.87 10.96 24.79
C MET D 24 -47.72 10.02 24.51
N THR D 25 -47.44 9.72 23.24
CA THR D 25 -46.34 8.84 22.87
C THR D 25 -45.03 9.59 22.65
N LEU D 26 -44.98 10.88 22.97
CA LEU D 26 -43.78 11.67 22.71
C LEU D 26 -42.58 11.13 23.46
N THR D 27 -42.79 10.53 24.63
CA THR D 27 -41.68 9.98 25.40
C THR D 27 -41.05 8.78 24.71
N VAL D 28 -41.74 8.15 23.77
CA VAL D 28 -41.19 6.99 23.08
C VAL D 28 -40.22 7.43 21.99
N GLN D 29 -40.72 8.19 21.02
CA GLN D 29 -39.94 8.65 19.87
C GLN D 29 -38.80 9.57 20.26
N ALA D 30 -38.64 9.90 21.54
CA ALA D 30 -37.46 10.60 22.03
C ALA D 30 -36.38 9.61 22.48
N ARG D 31 -36.76 8.57 23.21
CA ARG D 31 -35.78 7.62 23.72
C ARG D 31 -35.01 6.96 22.59
N ASN D 32 -35.69 6.67 21.47
CA ASN D 32 -35.05 6.04 20.32
C ASN D 32 -34.39 7.08 19.41
N LEU D 33 -34.10 8.27 19.92
CA LEU D 33 -33.43 9.29 19.13
C LEU D 33 -31.93 9.33 19.36
N LEU D 34 -31.39 8.46 20.22
CA LEU D 34 -29.96 8.39 20.47
C LEU D 34 -29.39 6.98 20.45
N SER D 35 -30.22 5.94 20.64
CA SER D 35 -29.78 4.55 20.58
C SER D 35 -28.66 4.27 21.58
N GLY D 36 -29.00 4.41 22.86
CA GLY D 36 -28.07 4.13 23.94
C GLY D 36 -26.90 5.10 24.00
N THR D 58 -10.13 1.10 10.22
CA THR D 58 -10.56 0.01 9.35
C THR D 58 -11.43 0.50 8.21
N VAL D 59 -12.01 -0.44 7.47
CA VAL D 59 -12.95 -0.15 6.40
C VAL D 59 -14.28 -0.78 6.75
N TRP D 60 -15.35 -0.18 6.23
CA TRP D 60 -16.72 -0.64 6.48
C TRP D 60 -17.11 -0.53 7.95
N GLY D 61 -16.19 -0.05 8.79
CA GLY D 61 -16.48 0.27 10.18
C GLY D 61 -16.42 1.77 10.37
N ILE D 62 -15.97 2.48 9.34
CA ILE D 62 -16.11 3.93 9.33
C ILE D 62 -17.58 4.30 9.25
N LYS D 63 -18.41 3.42 8.69
CA LYS D 63 -19.83 3.69 8.56
C LYS D 63 -20.47 3.88 9.92
N GLN D 64 -20.24 2.95 10.85
CA GLN D 64 -20.90 3.04 12.15
C GLN D 64 -20.40 4.25 12.94
N LEU D 65 -19.11 4.57 12.83
CA LEU D 65 -18.58 5.75 13.53
C LEU D 65 -19.18 7.03 12.97
N GLN D 66 -19.14 7.18 11.65
CA GLN D 66 -19.72 8.37 11.04
C GLN D 66 -21.20 8.49 11.34
N ALA D 67 -21.90 7.35 11.38
CA ALA D 67 -23.33 7.38 11.64
C ALA D 67 -23.64 7.76 13.08
N ARG D 68 -22.88 7.22 14.04
CA ARG D 68 -23.11 7.57 15.43
C ARG D 68 -22.60 8.95 15.78
N VAL D 69 -21.76 9.54 14.93
CA VAL D 69 -21.42 10.95 15.10
C VAL D 69 -22.51 11.84 14.52
N LEU D 70 -23.01 11.49 13.32
CA LEU D 70 -24.09 12.26 12.72
C LEU D 70 -25.34 12.23 13.60
N ALA D 71 -25.62 11.09 14.23
CA ALA D 71 -26.80 10.98 15.07
C ALA D 71 -26.71 11.93 16.26
N VAL D 72 -25.58 11.93 16.96
CA VAL D 72 -25.45 12.80 18.13
C VAL D 72 -25.41 14.27 17.71
N GLU D 73 -24.81 14.57 16.55
CA GLU D 73 -24.80 15.96 16.10
C GLU D 73 -26.21 16.44 15.76
N ARG D 74 -27.00 15.59 15.10
CA ARG D 74 -28.38 15.96 14.78
C ARG D 74 -29.22 16.11 16.04
N TYR D 75 -29.05 15.19 16.99
CA TYR D 75 -29.80 15.27 18.24
C TYR D 75 -29.46 16.54 19.00
N LEU D 76 -28.17 16.92 19.05
CA LEU D 76 -27.81 18.14 19.74
C LEU D 76 -28.25 19.38 18.97
N ARG D 77 -28.32 19.30 17.63
CA ARG D 77 -28.89 20.42 16.88
C ARG D 77 -30.35 20.65 17.25
N ASP D 78 -31.13 19.56 17.29
CA ASP D 78 -32.53 19.68 17.68
C ASP D 78 -32.66 20.16 19.13
N GLN D 79 -31.79 19.67 20.02
CA GLN D 79 -31.83 20.10 21.41
C GLN D 79 -31.46 21.56 21.57
N GLN D 80 -30.52 22.06 20.76
CA GLN D 80 -30.19 23.47 20.80
C GLN D 80 -31.36 24.32 20.30
N LEU D 81 -31.98 23.90 19.21
CA LEU D 81 -33.18 24.59 18.73
C LEU D 81 -34.24 24.63 19.82
N LEU D 82 -34.40 23.53 20.56
CA LEU D 82 -35.38 23.49 21.63
C LEU D 82 -34.99 24.38 22.80
N GLY D 83 -33.70 24.45 23.10
CA GLY D 83 -33.26 25.24 24.24
C GLY D 83 -33.34 26.74 23.99
N ILE D 84 -32.95 27.18 22.79
CA ILE D 84 -33.05 28.59 22.46
C ILE D 84 -34.49 29.06 22.36
N TRP D 85 -35.46 28.16 22.45
CA TRP D 85 -36.85 28.53 22.57
C TRP D 85 -37.24 28.63 24.04
N GLY D 86 -38.45 29.10 24.29
CA GLY D 86 -38.93 29.24 25.65
C GLY D 86 -39.42 27.92 26.24
N CYS D 87 -38.71 26.84 25.96
CA CYS D 87 -39.08 25.52 26.47
C CYS D 87 -38.05 24.98 27.46
N SER D 88 -36.80 24.84 27.03
CA SER D 88 -35.70 24.29 27.83
C SER D 88 -36.00 22.89 28.36
N GLY D 89 -37.09 22.28 27.91
CA GLY D 89 -37.51 20.98 28.38
C GLY D 89 -38.19 20.24 27.25
N LYS D 90 -38.55 19.00 27.53
CA LYS D 90 -39.03 18.11 26.49
C LYS D 90 -40.46 17.67 26.72
N LEU D 91 -41.08 17.18 25.65
CA LEU D 91 -42.39 16.53 25.61
C LEU D 91 -43.53 17.52 25.81
N ILE D 92 -43.22 18.75 26.20
CA ILE D 92 -44.21 19.82 26.33
C ILE D 92 -43.48 21.13 26.14
N CYS D 93 -44.22 22.18 25.77
CA CYS D 93 -43.70 23.54 25.73
C CYS D 93 -44.86 24.48 25.47
N CYS D 94 -44.74 25.70 26.00
CA CYS D 94 -45.66 26.78 25.71
C CYS D 94 -44.87 28.08 25.63
N THR D 95 -45.52 29.13 25.16
CA THR D 95 -44.84 30.42 24.99
C THR D 95 -45.91 31.51 24.86
N ASN D 96 -45.48 32.69 24.44
CA ASN D 96 -46.36 33.84 24.29
C ASN D 96 -46.58 34.25 22.84
N VAL D 97 -45.96 33.54 21.89
CA VAL D 97 -46.10 33.91 20.48
C VAL D 97 -47.49 33.50 20.00
N PRO D 98 -48.26 34.42 19.43
CA PRO D 98 -49.61 34.06 18.97
C PRO D 98 -49.59 33.32 17.64
N TRP D 99 -50.56 32.43 17.49
CA TRP D 99 -50.73 31.69 16.24
C TRP D 99 -51.27 32.64 15.18
N ASN D 100 -50.41 32.99 14.21
CA ASN D 100 -50.78 33.92 13.11
C ASN D 100 -51.95 33.33 12.32
N SER D 101 -52.98 34.15 12.05
CA SER D 101 -54.16 33.66 11.36
C SER D 101 -53.87 33.20 9.94
N SER D 102 -52.75 33.63 9.36
CA SER D 102 -52.42 33.20 8.00
C SER D 102 -51.97 31.74 7.98
N TRP D 103 -51.41 31.24 9.09
CA TRP D 103 -50.85 29.90 9.14
C TRP D 103 -51.96 28.90 9.43
N SER D 104 -52.72 28.57 8.38
CA SER D 104 -53.74 27.52 8.42
C SER D 104 -54.72 27.74 9.57
N ASN D 105 -55.47 28.83 9.45
CA ASN D 105 -56.46 29.18 10.47
C ASN D 105 -57.56 28.13 10.56
N ARG D 106 -57.56 27.36 11.64
CA ARG D 106 -58.53 26.29 11.86
C ARG D 106 -58.91 26.29 13.34
N ASN D 107 -59.57 25.23 13.77
CA ASN D 107 -59.95 25.05 15.16
C ASN D 107 -59.12 23.94 15.79
N LEU D 108 -59.27 23.77 17.11
CA LEU D 108 -58.50 22.78 17.82
C LEU D 108 -58.84 21.37 17.36
N SER D 109 -60.13 21.02 17.38
CA SER D 109 -60.54 19.70 16.92
C SER D 109 -60.27 19.51 15.43
N GLU D 110 -60.29 20.60 14.66
CA GLU D 110 -60.00 20.54 13.24
C GLU D 110 -58.55 20.21 12.95
N ILE D 111 -57.66 20.29 13.94
CA ILE D 111 -56.25 19.99 13.78
C ILE D 111 -55.81 18.85 14.71
N TRP D 112 -56.21 18.92 15.98
CA TRP D 112 -55.81 17.91 16.95
C TRP D 112 -56.61 16.62 16.85
N ASP D 113 -57.68 16.60 16.06
CA ASP D 113 -58.51 15.41 15.92
C ASP D 113 -58.84 15.05 14.49
N ASN D 114 -58.73 15.99 13.54
CA ASN D 114 -59.02 15.71 12.14
C ASN D 114 -57.79 15.34 11.33
N MET D 115 -56.59 15.52 11.89
CA MET D 115 -55.35 15.26 11.17
C MET D 115 -54.40 14.45 12.06
N THR D 116 -53.32 14.00 11.44
CA THR D 116 -52.19 13.40 12.14
C THR D 116 -50.95 14.26 11.91
N TRP D 117 -49.89 13.94 12.64
CA TRP D 117 -48.67 14.73 12.58
C TRP D 117 -48.08 14.75 11.17
N LEU D 118 -48.25 13.64 10.43
CA LEU D 118 -47.71 13.58 9.07
C LEU D 118 -48.38 14.59 8.17
N GLN D 119 -49.71 14.51 8.03
CA GLN D 119 -50.42 15.50 7.24
C GLN D 119 -50.21 16.90 7.79
N TRP D 120 -50.07 17.02 9.11
CA TRP D 120 -49.86 18.33 9.72
C TRP D 120 -48.58 18.99 9.21
N ASP D 121 -47.44 18.31 9.38
CA ASP D 121 -46.20 18.92 8.92
C ASP D 121 -46.15 19.02 7.40
N LYS D 122 -46.85 18.12 6.70
CA LYS D 122 -46.89 18.22 5.24
C LYS D 122 -47.57 19.51 4.80
N GLU D 123 -48.72 19.82 5.41
CA GLU D 123 -49.41 21.06 5.03
C GLU D 123 -48.75 22.29 5.63
N ILE D 124 -47.93 22.11 6.67
CA ILE D 124 -47.23 23.24 7.29
C ILE D 124 -45.73 23.08 7.12
N SER D 125 -45.31 22.49 5.99
CA SER D 125 -43.89 22.48 5.67
C SER D 125 -43.52 23.71 4.87
N ASN D 126 -43.95 24.87 5.39
CA ASN D 126 -43.76 26.19 4.71
C ASN D 126 -43.08 27.16 5.67
N TYR D 127 -43.60 27.23 6.90
CA TYR D 127 -43.31 28.32 7.82
C TYR D 127 -42.48 27.89 9.02
N THR D 128 -42.06 26.62 9.09
CA THR D 128 -41.37 26.14 10.28
C THR D 128 -40.12 26.97 10.58
N GLN D 129 -39.37 27.35 9.55
CA GLN D 129 -38.15 28.12 9.76
C GLN D 129 -38.46 29.50 10.35
N ILE D 130 -39.37 30.24 9.72
CA ILE D 130 -39.69 31.57 10.24
C ILE D 130 -40.41 31.47 11.57
N ILE D 131 -41.18 30.40 11.79
CA ILE D 131 -41.84 30.22 13.08
C ILE D 131 -40.80 30.03 14.17
N TYR D 132 -39.79 29.20 13.92
CA TYR D 132 -38.72 29.02 14.89
C TYR D 132 -37.98 30.34 15.13
N GLY D 133 -37.69 31.06 14.05
CA GLY D 133 -37.00 32.33 14.20
C GLY D 133 -37.75 33.31 15.07
N LEU D 134 -39.05 33.46 14.82
CA LEU D 134 -39.88 34.34 15.65
C LEU D 134 -39.91 33.84 17.08
N LEU D 135 -40.14 32.54 17.27
CA LEU D 135 -40.21 31.95 18.60
C LEU D 135 -38.97 32.27 19.42
N GLU D 136 -37.79 32.20 18.81
CA GLU D 136 -36.58 32.47 19.58
C GLU D 136 -36.35 33.97 19.73
N GLU D 137 -36.42 34.73 18.64
CA GLU D 137 -36.13 36.17 18.70
C GLU D 137 -37.09 36.90 19.61
N SER D 138 -38.38 36.89 19.27
CA SER D 138 -39.33 37.73 19.96
C SER D 138 -39.55 37.33 21.42
N GLN D 139 -39.17 36.11 21.79
CA GLN D 139 -39.38 35.64 23.16
C GLN D 139 -38.11 35.69 24.00
N ASN D 140 -37.07 34.97 23.58
CA ASN D 140 -35.91 34.82 24.47
C ASN D 140 -35.05 36.08 24.49
N GLN D 141 -35.07 36.85 23.42
CA GLN D 141 -34.38 38.13 23.47
C GLN D 141 -35.24 39.22 24.11
N GLN D 142 -36.49 38.90 24.47
CA GLN D 142 -37.37 39.86 25.13
C GLN D 142 -37.83 39.39 26.50
N GLU D 143 -38.30 38.14 26.62
CA GLU D 143 -38.84 37.68 27.90
C GLU D 143 -37.74 37.33 28.89
N LYS D 144 -36.59 36.86 28.41
CA LYS D 144 -35.48 36.58 29.32
C LYS D 144 -34.91 37.86 29.90
N ASN D 145 -34.71 38.87 29.05
CA ASN D 145 -34.28 40.18 29.55
C ASN D 145 -35.36 40.82 30.40
N GLU D 146 -36.63 40.54 30.10
CA GLU D 146 -37.71 41.02 30.96
C GLU D 146 -37.61 40.42 32.36
N GLN D 147 -37.35 39.12 32.44
CA GLN D 147 -37.15 38.48 33.74
C GLN D 147 -35.94 39.06 34.44
N ASP D 148 -34.86 39.30 33.68
CA ASP D 148 -33.65 39.87 34.28
C ASP D 148 -33.92 41.26 34.87
N LEU D 149 -34.68 42.09 34.16
CA LEU D 149 -34.93 43.44 34.64
C LEU D 149 -35.96 43.44 35.77
N LEU D 150 -36.90 42.49 35.79
CA LEU D 150 -37.85 42.43 36.88
C LEU D 150 -37.25 41.79 38.13
N ALA D 151 -36.17 41.04 37.99
CA ALA D 151 -35.42 40.56 39.15
C ALA D 151 -34.30 41.50 39.56
N LEU D 152 -33.93 42.46 38.69
CA LEU D 152 -32.87 43.40 39.00
C LEU D 152 -33.27 44.40 40.06
N ASP D 153 -34.56 44.66 40.24
CA ASP D 153 -35.03 45.62 41.23
C ASP D 153 -34.62 45.23 42.65
N VAL E 7 -31.94 43.31 17.47
CA VAL E 7 -31.44 43.41 16.11
C VAL E 7 -30.75 42.10 15.71
N PHE E 8 -30.80 41.78 14.42
CA PHE E 8 -30.18 40.59 13.87
C PHE E 8 -29.07 41.03 12.91
N LEU E 9 -27.88 41.24 13.45
CA LEU E 9 -26.74 41.70 12.67
C LEU E 9 -25.83 40.55 12.26
N GLY E 10 -26.36 39.33 12.19
CA GLY E 10 -25.56 38.18 11.84
C GLY E 10 -24.71 37.68 13.00
N PHE E 11 -23.91 36.67 12.72
CA PHE E 11 -23.04 36.08 13.73
C PHE E 11 -22.03 37.11 14.20
N LEU E 12 -21.85 37.20 15.52
CA LEU E 12 -20.97 38.18 16.14
C LEU E 12 -21.31 39.59 15.71
N GLY E 13 -22.60 39.86 15.52
CA GLY E 13 -23.02 41.14 14.95
C GLY E 13 -22.58 42.33 15.78
N ALA E 14 -22.88 42.31 17.07
CA ALA E 14 -22.59 43.43 17.97
C ALA E 14 -21.39 43.15 18.85
N ALA E 15 -20.35 42.51 18.31
CA ALA E 15 -19.17 42.18 19.09
C ALA E 15 -18.52 43.45 19.64
N GLY E 16 -18.45 44.50 18.84
CA GLY E 16 -17.86 45.74 19.28
C GLY E 16 -18.78 46.70 19.98
N SER E 17 -20.08 46.38 20.04
CA SER E 17 -21.03 47.27 20.69
C SER E 17 -20.90 47.18 22.20
N THR E 18 -21.67 48.03 22.88
CA THR E 18 -21.65 48.06 24.34
C THR E 18 -22.24 46.77 24.92
N MET E 19 -21.79 46.43 26.13
CA MET E 19 -22.26 45.21 26.78
C MET E 19 -23.77 45.24 26.98
N GLY E 20 -24.32 46.39 27.37
CA GLY E 20 -25.76 46.50 27.53
C GLY E 20 -26.51 46.22 26.24
N ALA E 21 -25.95 46.69 25.11
CA ALA E 21 -26.57 46.41 23.82
C ALA E 21 -26.18 45.04 23.29
N ALA E 22 -25.00 44.54 23.68
CA ALA E 22 -24.59 43.20 23.25
C ALA E 22 -25.39 42.10 23.92
N SER E 23 -26.17 42.41 24.95
CA SER E 23 -27.03 41.42 25.57
C SER E 23 -28.25 41.11 24.73
N MET E 24 -28.56 41.92 23.72
CA MET E 24 -29.71 41.72 22.86
C MET E 24 -29.35 41.01 21.56
N THR E 25 -28.13 40.48 21.45
CA THR E 25 -27.71 39.73 20.27
C THR E 25 -27.13 38.37 20.65
N LEU E 26 -27.43 37.87 21.85
CA LEU E 26 -26.92 36.57 22.26
C LEU E 26 -27.60 35.42 21.54
N THR E 27 -28.74 35.67 20.89
CA THR E 27 -29.48 34.58 20.28
C THR E 27 -28.89 34.14 18.95
N VAL E 28 -28.22 35.04 18.24
CA VAL E 28 -27.65 34.68 16.95
C VAL E 28 -26.38 33.87 17.12
N GLN E 29 -25.65 34.10 18.21
CA GLN E 29 -24.43 33.35 18.47
C GLN E 29 -24.66 32.09 19.27
N ALA E 30 -25.84 31.93 19.88
CA ALA E 30 -26.16 30.69 20.57
C ALA E 30 -26.59 29.60 19.60
N ARG E 31 -27.13 29.98 18.44
CA ARG E 31 -27.53 29.01 17.44
C ARG E 31 -26.38 28.64 16.51
N ASN E 32 -25.44 29.55 16.29
CA ASN E 32 -24.33 29.32 15.38
C ASN E 32 -23.19 28.54 16.03
N LEU E 33 -23.29 28.22 17.31
CA LEU E 33 -22.24 27.49 18.01
C LEU E 33 -22.24 26.00 17.68
N LEU E 34 -23.20 25.54 16.89
CA LEU E 34 -23.24 24.15 16.46
C LEU E 34 -23.28 23.97 14.95
N SER E 35 -23.74 24.96 14.19
CA SER E 35 -23.76 24.92 12.73
C SER E 35 -24.49 23.68 12.21
N GLY E 36 -25.76 23.57 12.60
CA GLY E 36 -26.59 22.46 12.18
C GLY E 36 -26.16 21.14 12.80
N THR E 58 -11.02 7.54 4.37
CA THR E 58 -10.36 8.36 3.37
C THR E 58 -9.35 9.32 4.00
N VAL E 59 -8.87 10.27 3.20
CA VAL E 59 -7.95 11.30 3.64
C VAL E 59 -8.52 12.64 3.21
N TRP E 60 -8.17 13.69 3.95
CA TRP E 60 -8.61 15.07 3.74
C TRP E 60 -10.09 15.24 4.04
N GLY E 61 -10.81 14.16 4.32
CA GLY E 61 -12.14 14.24 4.86
C GLY E 61 -12.09 14.05 6.37
N ILE E 62 -10.93 13.59 6.84
CA ILE E 62 -10.71 13.47 8.28
C ILE E 62 -10.71 14.83 8.94
N LYS E 63 -10.35 15.88 8.18
CA LYS E 63 -10.37 17.24 8.69
C LYS E 63 -11.75 17.59 9.25
N GLN E 64 -12.78 17.48 8.41
CA GLN E 64 -14.12 17.85 8.86
C GLN E 64 -14.68 16.85 9.87
N LEU E 65 -14.28 15.58 9.78
CA LEU E 65 -14.80 14.60 10.73
C LEU E 65 -14.15 14.76 12.09
N GLN E 66 -12.88 15.17 12.13
CA GLN E 66 -12.24 15.47 13.41
C GLN E 66 -12.55 16.87 13.90
N ALA E 67 -13.08 17.74 13.03
CA ALA E 67 -13.48 19.07 13.46
C ALA E 67 -14.91 19.07 13.99
N ARG E 68 -15.83 18.42 13.27
CA ARG E 68 -17.21 18.37 13.73
C ARG E 68 -17.40 17.43 14.91
N VAL E 69 -16.38 16.63 15.27
CA VAL E 69 -16.42 15.94 16.54
C VAL E 69 -15.82 16.81 17.62
N LEU E 70 -15.01 17.79 17.25
CA LEU E 70 -14.53 18.78 18.21
C LEU E 70 -15.59 19.83 18.50
N ALA E 71 -16.41 20.16 17.51
CA ALA E 71 -17.46 21.15 17.71
C ALA E 71 -18.52 20.63 18.68
N VAL E 72 -18.93 19.37 18.52
CA VAL E 72 -19.93 18.81 19.41
C VAL E 72 -19.37 18.64 20.82
N GLU E 73 -18.10 18.26 20.92
CA GLU E 73 -17.48 18.10 22.23
C GLU E 73 -17.21 19.45 22.89
N ARG E 74 -17.04 20.50 22.10
CA ARG E 74 -16.80 21.82 22.67
C ARG E 74 -18.09 22.44 23.19
N TYR E 75 -19.17 22.36 22.40
CA TYR E 75 -20.43 22.94 22.83
C TYR E 75 -20.98 22.23 24.06
N LEU E 76 -20.78 20.91 24.15
CA LEU E 76 -21.23 20.19 25.33
C LEU E 76 -20.46 20.62 26.58
N ARG E 77 -19.20 21.02 26.42
CA ARG E 77 -18.42 21.50 27.56
C ARG E 77 -19.03 22.76 28.15
N ASP E 78 -19.48 23.67 27.29
CA ASP E 78 -20.11 24.90 27.78
C ASP E 78 -21.52 24.63 28.29
N GLN E 79 -22.23 23.70 27.65
CA GLN E 79 -23.57 23.36 28.13
C GLN E 79 -23.52 22.62 29.46
N GLN E 80 -22.53 21.73 29.62
CA GLN E 80 -22.34 21.06 30.90
C GLN E 80 -22.04 22.06 32.01
N LEU E 81 -21.18 23.03 31.72
CA LEU E 81 -20.92 24.10 32.69
C LEU E 81 -22.18 24.89 32.96
N LEU E 82 -22.95 25.19 31.90
CA LEU E 82 -24.21 25.88 32.08
C LEU E 82 -25.24 25.05 32.84
N GLY E 83 -25.03 23.74 32.91
CA GLY E 83 -25.91 22.87 33.68
C GLY E 83 -25.42 22.64 35.09
N ILE E 84 -24.11 22.46 35.27
CA ILE E 84 -23.56 22.25 36.61
C ILE E 84 -23.73 23.49 37.45
N TRP E 85 -23.82 24.66 36.83
CA TRP E 85 -24.10 25.88 37.56
C TRP E 85 -25.60 25.99 37.84
N GLY E 86 -25.95 26.98 38.64
CA GLY E 86 -27.34 27.21 38.98
C GLY E 86 -28.08 27.97 37.90
N CYS E 87 -27.94 27.54 36.65
CA CYS E 87 -28.61 28.21 35.55
C CYS E 87 -29.66 27.32 34.92
N SER E 88 -29.23 26.17 34.39
CA SER E 88 -30.12 25.24 33.66
C SER E 88 -30.98 25.98 32.65
N GLY E 89 -30.48 27.10 32.14
CA GLY E 89 -31.25 27.97 31.29
C GLY E 89 -30.36 28.62 30.25
N LYS E 90 -31.00 29.11 29.19
CA LYS E 90 -30.30 29.59 28.01
C LYS E 90 -30.26 31.11 28.00
N LEU E 91 -29.07 31.66 27.77
CA LEU E 91 -28.75 33.06 27.48
C LEU E 91 -28.90 33.98 28.68
N ILE E 92 -29.46 33.53 29.80
CA ILE E 92 -29.67 34.36 30.98
C ILE E 92 -29.56 33.49 32.21
N CYS E 93 -28.79 33.93 33.20
CA CYS E 93 -28.61 33.19 34.44
C CYS E 93 -28.23 34.15 35.55
N CYS E 94 -28.83 33.95 36.72
CA CYS E 94 -28.53 34.74 37.90
C CYS E 94 -28.25 33.78 39.05
N THR E 95 -27.16 34.01 39.76
CA THR E 95 -26.75 33.14 40.84
C THR E 95 -26.60 33.94 42.13
N ASN E 96 -26.57 33.23 43.25
CA ASN E 96 -26.50 33.85 44.56
C ASN E 96 -25.07 34.15 45.01
N VAL E 97 -24.08 34.00 44.13
CA VAL E 97 -22.70 34.31 44.49
C VAL E 97 -22.51 35.82 44.48
N PRO E 98 -22.15 36.44 45.60
CA PRO E 98 -21.95 37.89 45.60
C PRO E 98 -20.67 38.27 44.89
N TRP E 99 -20.73 39.33 44.10
CA TRP E 99 -19.58 39.80 43.34
C TRP E 99 -18.52 40.33 44.30
N ASN E 100 -17.36 39.66 44.32
CA ASN E 100 -16.23 40.01 45.22
C ASN E 100 -15.56 41.29 44.72
N SER E 101 -15.18 42.19 45.64
CA SER E 101 -14.57 43.46 45.26
C SER E 101 -13.21 43.28 44.61
N SER E 102 -12.54 42.15 44.87
CA SER E 102 -11.20 41.95 44.32
C SER E 102 -11.21 41.71 42.82
N TRP E 103 -12.37 41.41 42.25
CA TRP E 103 -12.47 41.10 40.81
C TRP E 103 -12.76 42.39 40.04
N SER E 104 -11.77 43.27 40.03
CA SER E 104 -11.82 44.53 39.29
C SER E 104 -13.06 45.35 39.66
N ASN E 105 -13.06 45.79 40.92
CA ASN E 105 -14.20 46.54 41.45
C ASN E 105 -14.44 47.80 40.63
N ARG E 106 -15.63 47.88 40.05
CA ARG E 106 -16.05 49.05 39.27
C ARG E 106 -17.52 49.30 39.57
N ASN E 107 -18.15 50.15 38.76
CA ASN E 107 -19.57 50.41 38.86
C ASN E 107 -20.31 49.78 37.68
N LEU E 108 -21.64 49.80 37.76
CA LEU E 108 -22.44 49.19 36.72
C LEU E 108 -22.40 50.02 35.43
N SER E 109 -22.51 51.34 35.55
CA SER E 109 -22.43 52.19 34.36
C SER E 109 -21.04 52.17 33.75
N GLU E 110 -20.00 52.08 34.58
CA GLU E 110 -18.63 52.06 34.08
C GLU E 110 -18.30 50.80 33.31
N ILE E 111 -19.17 49.79 33.33
CA ILE E 111 -18.92 48.50 32.70
C ILE E 111 -19.94 48.21 31.60
N TRP E 112 -21.23 48.33 31.92
CA TRP E 112 -22.27 47.92 30.98
C TRP E 112 -22.42 48.86 29.80
N ASP E 113 -21.85 50.05 29.84
CA ASP E 113 -21.94 50.99 28.73
C ASP E 113 -20.61 51.52 28.24
N ASN E 114 -19.56 51.53 29.07
CA ASN E 114 -18.25 52.00 28.65
C ASN E 114 -17.34 50.88 28.19
N MET E 115 -17.75 49.62 28.34
CA MET E 115 -16.93 48.49 27.95
C MET E 115 -17.73 47.55 27.06
N THR E 116 -17.01 46.70 26.33
CA THR E 116 -17.60 45.66 25.50
C THR E 116 -17.20 44.30 26.05
N TRP E 117 -17.86 43.25 25.54
CA TRP E 117 -17.53 41.91 25.99
C TRP E 117 -16.10 41.53 25.63
N LEU E 118 -15.55 42.13 24.56
CA LEU E 118 -14.15 41.89 24.23
C LEU E 118 -13.24 42.42 25.31
N GLN E 119 -13.45 43.68 25.73
CA GLN E 119 -12.62 44.26 26.77
C GLN E 119 -12.89 43.67 28.14
N TRP E 120 -14.05 43.04 28.34
CA TRP E 120 -14.45 42.61 29.67
C TRP E 120 -13.57 41.46 30.16
N ASP E 121 -13.51 40.37 29.39
CA ASP E 121 -12.75 39.20 29.85
C ASP E 121 -11.26 39.47 29.88
N LYS E 122 -10.79 40.44 29.07
CA LYS E 122 -9.35 40.70 28.98
C LYS E 122 -8.79 41.13 30.33
N GLU E 123 -9.61 41.73 31.18
CA GLU E 123 -9.17 42.12 32.51
C GLU E 123 -9.63 41.15 33.59
N ILE E 124 -10.65 40.34 33.33
CA ILE E 124 -11.11 39.34 34.29
C ILE E 124 -10.53 37.96 34.00
N SER E 125 -9.56 37.87 33.09
CA SER E 125 -8.99 36.57 32.74
C SER E 125 -7.95 36.15 33.77
N ASN E 126 -8.35 36.21 35.04
CA ASN E 126 -7.51 35.87 36.20
C ASN E 126 -8.26 34.86 37.09
N TYR E 127 -9.55 35.13 37.31
CA TYR E 127 -10.36 34.39 38.26
C TYR E 127 -11.47 33.61 37.59
N THR E 128 -11.54 33.62 36.26
CA THR E 128 -12.64 32.94 35.56
C THR E 128 -12.71 31.47 35.91
N GLN E 129 -11.56 30.84 36.21
CA GLN E 129 -11.58 29.44 36.60
C GLN E 129 -12.08 29.28 38.03
N ILE E 130 -11.71 30.20 38.92
CA ILE E 130 -12.18 30.09 40.30
C ILE E 130 -13.56 30.71 40.46
N ILE E 131 -13.91 31.71 39.64
CA ILE E 131 -15.26 32.26 39.67
C ILE E 131 -16.26 31.16 39.36
N TYR E 132 -15.93 30.29 38.42
CA TYR E 132 -16.79 29.13 38.14
C TYR E 132 -16.92 28.26 39.39
N GLY E 133 -15.83 28.10 40.14
CA GLY E 133 -15.80 27.24 41.31
C GLY E 133 -16.82 27.58 42.37
N LEU E 134 -16.71 28.78 42.96
CA LEU E 134 -17.66 29.16 44.00
C LEU E 134 -19.07 29.32 43.45
N LEU E 135 -19.20 29.46 42.13
CA LEU E 135 -20.51 29.65 41.54
C LEU E 135 -21.21 28.32 41.26
N GLU E 136 -20.46 27.22 41.24
CA GLU E 136 -21.06 25.89 41.08
C GLU E 136 -21.06 25.09 42.37
N GLU E 137 -20.04 25.26 43.21
CA GLU E 137 -19.97 24.49 44.45
C GLU E 137 -20.92 25.07 45.50
N SER E 138 -20.70 26.32 45.89
CA SER E 138 -21.49 26.93 46.95
C SER E 138 -22.93 27.18 46.55
N GLN E 139 -23.28 27.03 45.26
CA GLN E 139 -24.64 27.29 44.81
C GLN E 139 -25.45 26.02 44.61
N ASN E 140 -25.00 25.13 43.73
CA ASN E 140 -25.81 23.97 43.39
C ASN E 140 -25.69 22.86 44.43
N GLN E 141 -24.53 22.73 45.07
CA GLN E 141 -24.43 21.76 46.15
C GLN E 141 -25.10 22.25 47.43
N GLN E 142 -25.53 23.52 47.45
CA GLN E 142 -26.20 24.10 48.61
C GLN E 142 -27.67 24.40 48.35
N GLU E 143 -27.98 25.18 47.31
CA GLU E 143 -29.36 25.58 47.08
C GLU E 143 -30.22 24.45 46.54
N LYS E 144 -29.62 23.45 45.87
CA LYS E 144 -30.39 22.27 45.51
C LYS E 144 -30.58 21.35 46.71
N ASN E 145 -29.57 21.26 47.58
CA ASN E 145 -29.73 20.51 48.82
C ASN E 145 -30.70 21.23 49.76
N GLU E 146 -30.64 22.56 49.79
CA GLU E 146 -31.62 23.33 50.57
C GLU E 146 -33.01 23.19 49.97
N GLN E 147 -33.11 23.08 48.65
CA GLN E 147 -34.40 22.83 48.01
C GLN E 147 -34.85 21.40 48.26
N ASP E 148 -33.93 20.46 48.37
CA ASP E 148 -34.30 19.08 48.64
C ASP E 148 -34.83 18.91 50.06
N LEU E 149 -34.22 19.60 51.03
CA LEU E 149 -34.71 19.55 52.40
C LEU E 149 -35.93 20.43 52.61
N LEU E 150 -36.17 21.40 51.72
CA LEU E 150 -37.39 22.20 51.83
C LEU E 150 -38.61 21.38 51.45
N ALA E 151 -38.46 20.46 50.49
CA ALA E 151 -39.53 19.54 50.13
C ALA E 151 -39.48 18.25 50.93
N LEU E 152 -38.59 18.16 51.91
CA LEU E 152 -38.50 16.95 52.72
C LEU E 152 -39.75 16.75 53.57
N ASP E 153 -40.35 17.84 54.02
CA ASP E 153 -41.58 17.77 54.81
C ASP E 153 -42.78 17.30 53.98
N VAL F 7 -17.22 19.09 48.98
CA VAL F 7 -15.78 18.91 49.04
C VAL F 7 -15.23 18.62 47.64
N PHE F 8 -13.98 19.02 47.41
CA PHE F 8 -13.29 18.77 46.14
C PHE F 8 -12.23 17.71 46.40
N LEU F 9 -12.63 16.45 46.32
CA LEU F 9 -11.73 15.32 46.54
C LEU F 9 -11.43 14.58 45.24
N GLY F 10 -11.45 15.29 44.12
CA GLY F 10 -11.18 14.67 42.83
C GLY F 10 -12.29 13.73 42.41
N PHE F 11 -12.04 13.06 41.28
CA PHE F 11 -13.02 12.12 40.73
C PHE F 11 -13.21 10.94 41.67
N LEU F 12 -14.48 10.65 41.99
CA LEU F 12 -14.84 9.52 42.85
C LEU F 12 -14.21 9.63 44.23
N GLY F 13 -13.99 10.85 44.71
CA GLY F 13 -13.30 11.04 45.97
C GLY F 13 -14.01 10.40 47.15
N ALA F 14 -15.33 10.52 47.18
CA ALA F 14 -16.14 9.97 48.28
C ALA F 14 -16.87 8.71 47.88
N ALA F 15 -16.22 7.84 47.10
CA ALA F 15 -16.84 6.59 46.66
C ALA F 15 -17.25 5.73 47.85
N GLY F 16 -16.31 5.48 48.76
CA GLY F 16 -16.60 4.67 49.93
C GLY F 16 -17.45 5.36 50.98
N SER F 17 -17.65 6.66 50.87
CA SER F 17 -18.48 7.38 51.81
C SER F 17 -19.93 6.92 51.71
N THR F 18 -20.67 7.13 52.79
CA THR F 18 -22.08 6.74 52.82
C THR F 18 -22.88 7.61 51.85
N MET F 19 -24.07 7.12 51.48
CA MET F 19 -24.89 7.83 50.51
C MET F 19 -25.27 9.21 50.99
N GLY F 20 -25.41 9.40 52.30
CA GLY F 20 -25.71 10.72 52.82
C GLY F 20 -24.53 11.68 52.65
N ALA F 21 -23.33 11.21 52.98
CA ALA F 21 -22.15 12.06 52.83
C ALA F 21 -21.75 12.20 51.37
N ALA F 22 -21.89 11.13 50.58
CA ALA F 22 -21.55 11.19 49.16
C ALA F 22 -22.56 11.98 48.34
N SER F 23 -23.65 12.44 48.96
CA SER F 23 -24.61 13.27 48.23
C SER F 23 -24.11 14.67 47.97
N MET F 24 -23.04 15.10 48.66
CA MET F 24 -22.52 16.45 48.51
C MET F 24 -21.28 16.52 47.61
N THR F 25 -20.81 15.40 47.09
CA THR F 25 -19.66 15.37 46.19
C THR F 25 -20.05 15.12 44.74
N LEU F 26 -21.34 15.25 44.40
CA LEU F 26 -21.77 14.96 43.04
C LEU F 26 -21.22 15.97 42.04
N THR F 27 -20.79 17.14 42.52
CA THR F 27 -20.32 18.18 41.60
C THR F 27 -19.02 17.77 40.92
N VAL F 28 -18.07 17.20 41.65
CA VAL F 28 -16.77 16.89 41.06
C VAL F 28 -16.87 15.70 40.11
N GLN F 29 -17.80 14.78 40.38
CA GLN F 29 -17.99 13.63 39.51
C GLN F 29 -18.88 13.93 38.32
N ALA F 30 -19.42 15.15 38.23
CA ALA F 30 -20.18 15.58 37.07
C ALA F 30 -19.37 16.44 36.12
N ARG F 31 -18.43 17.23 36.66
CA ARG F 31 -17.59 18.07 35.80
C ARG F 31 -16.59 17.25 35.01
N ASN F 32 -16.14 16.12 35.54
CA ASN F 32 -15.11 15.30 34.92
C ASN F 32 -15.69 14.16 34.09
N LEU F 33 -16.98 14.20 33.79
CA LEU F 33 -17.60 13.19 32.96
C LEU F 33 -17.46 13.46 31.48
N LEU F 34 -16.81 14.56 31.10
CA LEU F 34 -16.64 14.94 29.70
C LEU F 34 -15.20 15.16 29.28
N SER F 35 -14.27 15.34 30.22
CA SER F 35 -12.86 15.54 29.93
C SER F 35 -12.64 16.73 28.99
N GLY F 36 -13.41 17.79 29.23
CA GLY F 36 -13.31 18.99 28.42
C GLY F 36 -13.78 18.80 26.99
N THR F 58 -4.16 8.57 11.29
CA THR F 58 -3.15 7.55 11.56
C THR F 58 -3.75 6.35 12.26
N VAL F 59 -2.88 5.43 12.69
CA VAL F 59 -3.27 4.27 13.49
C VAL F 59 -2.70 4.46 14.87
N TRP F 60 -3.44 4.03 15.90
CA TRP F 60 -3.16 4.25 17.31
C TRP F 60 -3.46 5.69 17.71
N GLY F 61 -3.82 6.54 16.75
CA GLY F 61 -4.36 7.86 17.04
C GLY F 61 -5.86 7.84 16.89
N ILE F 62 -6.40 6.71 16.42
CA ILE F 62 -7.83 6.50 16.42
C ILE F 62 -8.33 6.19 17.82
N LYS F 63 -7.44 5.76 18.71
CA LYS F 63 -7.82 5.48 20.09
C LYS F 63 -8.36 6.74 20.77
N GLN F 64 -7.66 7.86 20.61
CA GLN F 64 -8.13 9.09 21.24
C GLN F 64 -9.36 9.65 20.54
N LEU F 65 -9.54 9.35 19.25
CA LEU F 65 -10.74 9.82 18.56
C LEU F 65 -11.94 8.97 18.92
N GLN F 66 -11.85 7.65 18.73
CA GLN F 66 -12.97 6.78 19.03
C GLN F 66 -13.34 6.78 20.50
N ALA F 67 -12.42 7.18 21.38
CA ALA F 67 -12.74 7.26 22.80
C ALA F 67 -13.57 8.51 23.10
N ARG F 68 -13.16 9.66 22.57
CA ARG F 68 -13.92 10.88 22.80
C ARG F 68 -15.23 10.92 22.02
N VAL F 69 -15.41 10.04 21.04
CA VAL F 69 -16.73 9.86 20.46
C VAL F 69 -17.60 9.00 21.38
N LEU F 70 -16.99 8.05 22.09
CA LEU F 70 -17.73 7.26 23.05
C LEU F 70 -18.12 8.08 24.28
N ALA F 71 -17.30 9.08 24.63
CA ALA F 71 -17.61 9.90 25.80
C ALA F 71 -18.73 10.88 25.52
N VAL F 72 -18.73 11.49 24.33
CA VAL F 72 -19.78 12.44 24.00
C VAL F 72 -21.13 11.73 23.84
N GLU F 73 -21.12 10.46 23.49
CA GLU F 73 -22.35 9.69 23.36
C GLU F 73 -22.79 9.09 24.68
N ARG F 74 -21.84 8.64 25.50
CA ARG F 74 -22.20 8.08 26.80
C ARG F 74 -22.73 9.15 27.74
N TYR F 75 -22.16 10.35 27.69
CA TYR F 75 -22.64 11.44 28.54
C TYR F 75 -24.06 11.84 28.18
N LEU F 76 -24.37 11.88 26.88
CA LEU F 76 -25.72 12.23 26.46
C LEU F 76 -26.71 11.10 26.68
N ARG F 77 -26.22 9.87 26.87
CA ARG F 77 -27.12 8.78 27.20
C ARG F 77 -27.81 9.01 28.54
N ASP F 78 -27.08 9.59 29.49
CA ASP F 78 -27.67 9.94 30.78
C ASP F 78 -28.40 11.27 30.72
N GLN F 79 -27.84 12.26 30.01
CA GLN F 79 -28.48 13.56 29.90
C GLN F 79 -29.85 13.47 29.24
N GLN F 80 -30.00 12.54 28.30
CA GLN F 80 -31.32 12.35 27.69
C GLN F 80 -32.30 11.73 28.68
N LEU F 81 -31.88 10.63 29.32
CA LEU F 81 -32.73 10.00 30.33
C LEU F 81 -33.02 10.97 31.47
N LEU F 82 -32.04 11.77 31.87
CA LEU F 82 -32.25 12.77 32.91
C LEU F 82 -33.22 13.85 32.46
N GLY F 83 -33.37 14.05 31.16
CA GLY F 83 -34.31 15.04 30.64
C GLY F 83 -35.68 14.46 30.38
N ILE F 84 -35.72 13.25 29.82
CA ILE F 84 -37.00 12.58 29.58
C ILE F 84 -37.74 12.35 30.89
N TRP F 85 -37.02 12.03 31.96
CA TRP F 85 -37.65 11.85 33.25
C TRP F 85 -38.17 13.19 33.77
N GLY F 86 -38.89 13.13 34.88
CA GLY F 86 -39.45 14.32 35.48
C GLY F 86 -38.44 15.08 36.32
N CYS F 87 -37.21 15.20 35.83
CA CYS F 87 -36.17 15.95 36.52
C CYS F 87 -35.78 17.21 35.79
N SER F 88 -35.28 17.09 34.56
CA SER F 88 -34.86 18.22 33.74
C SER F 88 -33.80 19.07 34.45
N GLY F 89 -33.29 18.57 35.58
CA GLY F 89 -32.36 19.32 36.40
C GLY F 89 -31.05 18.56 36.52
N LYS F 90 -30.18 19.09 37.38
CA LYS F 90 -28.83 18.56 37.53
C LYS F 90 -28.55 18.21 38.97
N LEU F 91 -28.06 16.98 39.19
CA LEU F 91 -27.50 16.50 40.45
C LEU F 91 -28.55 16.28 41.53
N ILE F 92 -29.78 16.72 41.29
CA ILE F 92 -30.87 16.60 42.26
C ILE F 92 -32.18 16.47 41.49
N CYS F 93 -33.00 15.52 41.91
CA CYS F 93 -34.29 15.31 41.25
C CYS F 93 -35.24 14.63 42.21
N CYS F 94 -36.50 15.06 42.20
CA CYS F 94 -37.57 14.42 42.94
C CYS F 94 -38.76 14.26 42.01
N THR F 95 -39.49 13.17 42.19
CA THR F 95 -40.61 12.84 41.30
C THR F 95 -41.80 12.39 42.15
N ASN F 96 -42.82 11.85 41.48
CA ASN F 96 -44.06 11.47 42.11
C ASN F 96 -44.30 9.97 42.08
N VAL F 97 -43.37 9.19 41.55
CA VAL F 97 -43.51 7.74 41.50
C VAL F 97 -43.30 7.18 42.91
N PRO F 98 -44.28 6.52 43.49
CA PRO F 98 -44.10 5.98 44.85
C PRO F 98 -43.14 4.80 44.83
N TRP F 99 -42.30 4.73 45.87
CA TRP F 99 -41.31 3.67 46.00
C TRP F 99 -42.01 2.36 46.37
N ASN F 100 -42.06 1.44 45.42
CA ASN F 100 -42.62 0.07 45.67
C ASN F 100 -41.74 -0.66 46.68
N SER F 101 -42.34 -1.27 47.71
CA SER F 101 -41.57 -1.89 48.77
C SER F 101 -40.78 -3.09 48.29
N SER F 102 -41.09 -3.65 47.12
CA SER F 102 -40.36 -4.81 46.64
C SER F 102 -38.89 -4.49 46.35
N TRP F 103 -38.55 -3.20 46.22
CA TRP F 103 -37.19 -2.80 45.88
C TRP F 103 -36.40 -2.54 47.16
N SER F 104 -36.28 -3.62 47.95
CA SER F 104 -35.50 -3.59 49.21
C SER F 104 -36.03 -2.52 50.15
N ASN F 105 -37.26 -2.71 50.61
CA ASN F 105 -37.89 -1.76 51.53
C ASN F 105 -37.10 -1.66 52.82
N ARG F 106 -36.46 -0.50 53.04
CA ARG F 106 -35.65 -0.28 54.24
C ARG F 106 -35.92 1.14 54.74
N ASN F 107 -35.31 1.48 55.87
CA ASN F 107 -35.45 2.80 56.45
C ASN F 107 -34.43 3.76 55.83
N LEU F 108 -34.60 5.05 56.13
CA LEU F 108 -33.69 6.05 55.61
C LEU F 108 -32.29 5.87 56.18
N SER F 109 -32.19 5.76 57.51
CA SER F 109 -30.89 5.58 58.14
C SER F 109 -30.25 4.25 57.74
N GLU F 110 -31.07 3.23 57.45
CA GLU F 110 -30.53 1.95 57.03
C GLU F 110 -29.86 2.02 55.67
N ILE F 111 -30.11 3.08 54.91
CA ILE F 111 -29.58 3.25 53.56
C ILE F 111 -28.73 4.51 53.44
N TRP F 112 -29.29 5.65 53.85
CA TRP F 112 -28.60 6.93 53.69
C TRP F 112 -27.45 7.12 54.67
N ASP F 113 -27.36 6.30 55.71
CA ASP F 113 -26.26 6.38 56.66
C ASP F 113 -25.52 5.07 56.87
N ASN F 114 -26.13 3.92 56.57
CA ASN F 114 -25.46 2.64 56.73
C ASN F 114 -24.81 2.15 55.45
N MET F 115 -25.42 2.40 54.29
CA MET F 115 -24.94 1.89 53.02
C MET F 115 -24.23 2.98 52.24
N THR F 116 -23.47 2.55 51.24
CA THR F 116 -22.82 3.45 50.28
C THR F 116 -23.41 3.20 48.90
N TRP F 117 -23.00 4.05 47.95
CA TRP F 117 -23.57 3.96 46.61
C TRP F 117 -23.19 2.67 45.90
N LEU F 118 -22.01 2.11 46.22
CA LEU F 118 -21.59 0.87 45.59
C LEU F 118 -22.47 -0.29 46.03
N GLN F 119 -22.72 -0.42 47.34
CA GLN F 119 -23.62 -1.46 47.82
C GLN F 119 -25.08 -1.15 47.51
N TRP F 120 -25.39 0.10 47.14
CA TRP F 120 -26.78 0.46 46.88
C TRP F 120 -27.27 -0.14 45.58
N ASP F 121 -26.67 0.24 44.46
CA ASP F 121 -27.13 -0.27 43.17
C ASP F 121 -26.90 -1.77 43.04
N LYS F 122 -25.91 -2.30 43.76
CA LYS F 122 -25.61 -3.73 43.67
C LYS F 122 -26.80 -4.56 44.10
N GLU F 123 -27.61 -4.05 45.02
CA GLU F 123 -28.83 -4.74 45.43
C GLU F 123 -30.07 -4.27 44.68
N ILE F 124 -29.99 -3.12 43.99
CA ILE F 124 -31.12 -2.61 43.19
C ILE F 124 -30.92 -2.86 41.71
N SER F 125 -29.77 -3.40 41.28
CA SER F 125 -29.56 -3.61 39.86
C SER F 125 -30.28 -4.87 39.41
N ASN F 126 -31.58 -4.91 39.71
CA ASN F 126 -32.48 -6.02 39.31
C ASN F 126 -33.67 -5.41 38.55
N TYR F 127 -34.19 -4.29 39.06
CA TYR F 127 -35.42 -3.71 38.57
C TYR F 127 -35.23 -2.31 38.01
N THR F 128 -33.99 -1.82 37.89
CA THR F 128 -33.76 -0.45 37.46
C THR F 128 -34.32 -0.18 36.07
N GLN F 129 -34.51 -1.23 35.27
CA GLN F 129 -35.05 -1.03 33.93
C GLN F 129 -36.52 -0.61 33.99
N ILE F 130 -37.27 -1.11 34.96
CA ILE F 130 -38.67 -0.72 35.08
C ILE F 130 -38.80 0.58 35.86
N ILE F 131 -37.83 0.90 36.72
CA ILE F 131 -37.87 2.19 37.40
C ILE F 131 -37.59 3.32 36.43
N TYR F 132 -36.78 3.06 35.40
CA TYR F 132 -36.52 4.07 34.38
C TYR F 132 -37.78 4.35 33.57
N GLY F 133 -38.58 3.31 33.30
CA GLY F 133 -39.79 3.51 32.52
C GLY F 133 -40.86 4.24 33.30
N LEU F 134 -41.07 3.86 34.56
CA LEU F 134 -42.06 4.54 35.38
C LEU F 134 -41.69 5.99 35.63
N LEU F 135 -40.40 6.30 35.64
CA LEU F 135 -39.97 7.67 35.91
C LEU F 135 -40.25 8.60 34.74
N GLU F 136 -40.45 8.05 33.54
CA GLU F 136 -40.71 8.87 32.35
C GLU F 136 -42.11 8.69 31.79
N GLU F 137 -42.64 7.46 31.83
CA GLU F 137 -43.98 7.23 31.30
C GLU F 137 -45.05 7.73 32.27
N SER F 138 -45.04 7.22 33.49
CA SER F 138 -46.05 7.58 34.48
C SER F 138 -45.88 8.99 35.02
N GLN F 139 -44.74 9.64 34.76
CA GLN F 139 -44.50 10.99 35.26
C GLN F 139 -44.74 12.05 34.21
N ASN F 140 -44.01 12.00 33.09
CA ASN F 140 -44.09 13.08 32.11
C ASN F 140 -45.36 12.99 31.29
N GLN F 141 -45.70 11.81 30.78
CA GLN F 141 -46.92 11.67 30.00
C GLN F 141 -48.17 11.76 30.86
N GLN F 142 -48.03 11.93 32.17
CA GLN F 142 -49.16 12.16 33.06
C GLN F 142 -49.10 13.54 33.70
N GLU F 143 -48.00 13.87 34.38
CA GLU F 143 -47.94 15.15 35.09
C GLU F 143 -47.67 16.32 34.14
N LYS F 144 -46.67 16.18 33.27
CA LYS F 144 -46.40 17.25 32.31
C LYS F 144 -47.57 17.45 31.37
N ASN F 145 -48.29 16.38 31.05
CA ASN F 145 -49.53 16.54 30.28
C ASN F 145 -50.63 17.16 31.15
N GLU F 146 -50.64 16.82 32.45
CA GLU F 146 -51.54 17.50 33.37
C GLU F 146 -51.14 18.96 33.53
N GLN F 147 -49.86 19.28 33.33
CA GLN F 147 -49.43 20.67 33.35
C GLN F 147 -50.03 21.46 32.21
N ASP F 148 -50.31 20.80 31.08
CA ASP F 148 -50.88 21.50 29.93
C ASP F 148 -52.36 21.78 30.16
N LEU F 149 -53.10 20.79 30.68
CA LEU F 149 -54.51 21.01 30.98
C LEU F 149 -54.70 21.98 32.14
N LEU F 150 -53.68 22.16 32.98
CA LEU F 150 -53.73 23.21 33.99
C LEU F 150 -53.58 24.59 33.35
N ALA F 151 -53.03 24.66 32.14
CA ALA F 151 -52.85 25.92 31.45
C ALA F 151 -53.89 26.19 30.37
N LEU F 152 -54.53 25.14 29.83
CA LEU F 152 -55.54 25.33 28.80
C LEU F 152 -56.96 25.39 29.35
N ASP F 153 -57.14 25.14 30.64
CA ASP F 153 -58.48 25.15 31.23
C ASP F 153 -59.03 26.56 31.31
N VAL G 2 -15.70 15.46 -28.20
CA VAL G 2 -15.92 14.05 -28.48
C VAL G 2 -15.81 13.78 -29.97
N GLN G 3 -15.26 12.62 -30.33
CA GLN G 3 -15.06 12.24 -31.72
C GLN G 3 -15.33 10.75 -31.88
N LEU G 4 -16.00 10.39 -32.97
CA LEU G 4 -16.28 9.00 -33.31
C LEU G 4 -15.69 8.74 -34.69
N VAL G 5 -14.52 8.11 -34.74
CA VAL G 5 -13.82 7.85 -35.98
C VAL G 5 -14.16 6.44 -36.46
N GLN G 6 -14.52 6.32 -37.73
CA GLN G 6 -14.94 5.04 -38.28
C GLN G 6 -13.91 4.56 -39.29
N SER G 7 -14.17 3.36 -39.83
CA SER G 7 -13.26 2.74 -40.79
C SER G 7 -13.49 3.34 -42.18
N GLY G 8 -12.91 2.73 -43.20
CA GLY G 8 -13.09 3.18 -44.56
C GLY G 8 -14.20 2.43 -45.28
N ALA G 9 -14.53 2.94 -46.46
CA ALA G 9 -15.55 2.29 -47.28
C ALA G 9 -15.12 0.88 -47.64
N GLN G 10 -16.09 -0.03 -47.68
CA GLN G 10 -15.80 -1.44 -47.93
C GLN G 10 -16.56 -1.92 -49.17
N VAL G 11 -15.99 -2.93 -49.83
CA VAL G 11 -16.59 -3.54 -51.01
C VAL G 11 -16.79 -5.01 -50.69
N LYS G 12 -18.05 -5.42 -50.54
CA LYS G 12 -18.37 -6.80 -50.18
C LYS G 12 -19.31 -7.40 -51.21
N LYS G 13 -19.08 -8.67 -51.53
CA LYS G 13 -19.95 -9.37 -52.45
C LYS G 13 -21.23 -9.80 -51.73
N PRO G 14 -22.33 -9.95 -52.46
CA PRO G 14 -23.57 -10.41 -51.83
C PRO G 14 -23.40 -11.79 -51.21
N GLY G 15 -23.74 -11.89 -49.93
CA GLY G 15 -23.55 -13.11 -49.17
C GLY G 15 -22.34 -13.13 -48.27
N ALA G 16 -21.59 -12.03 -48.19
CA ALA G 16 -20.42 -11.95 -47.35
C ALA G 16 -20.79 -11.41 -45.97
N SER G 17 -19.79 -11.06 -45.17
CA SER G 17 -19.99 -10.49 -43.85
C SER G 17 -19.07 -9.30 -43.67
N VAL G 18 -19.65 -8.14 -43.34
CA VAL G 18 -18.91 -6.90 -43.19
C VAL G 18 -18.78 -6.58 -41.71
N THR G 19 -17.57 -6.22 -41.29
CA THR G 19 -17.28 -5.86 -39.91
C THR G 19 -16.77 -4.43 -39.89
N VAL G 20 -17.56 -3.53 -39.34
CA VAL G 20 -17.20 -2.12 -39.24
C VAL G 20 -16.84 -1.80 -37.81
N SER G 21 -15.98 -0.80 -37.63
CA SER G 21 -15.47 -0.41 -36.32
C SER G 21 -15.62 1.08 -36.13
N CYS G 22 -16.02 1.48 -34.92
CA CYS G 22 -16.19 2.88 -34.55
C CYS G 22 -15.45 3.12 -33.25
N THR G 23 -14.39 3.91 -33.29
CA THR G 23 -13.62 4.24 -32.10
C THR G 23 -14.06 5.59 -31.55
N ALA G 24 -14.14 5.67 -30.22
CA ALA G 24 -14.61 6.86 -29.54
C ALA G 24 -13.46 7.55 -28.83
N SER G 25 -13.58 8.88 -28.69
CA SER G 25 -12.54 9.65 -28.00
C SER G 25 -13.16 10.87 -27.36
N GLY G 26 -12.76 11.15 -26.12
CA GLY G 26 -13.12 12.38 -25.46
C GLY G 26 -14.24 12.30 -24.45
N TYR G 27 -14.49 11.13 -23.86
CA TYR G 27 -15.54 10.99 -22.85
C TYR G 27 -15.38 9.62 -22.19
N THR G 28 -16.23 9.37 -21.20
CA THR G 28 -16.21 8.09 -20.47
C THR G 28 -16.85 7.02 -21.34
N PHE G 29 -16.07 6.00 -21.69
CA PHE G 29 -16.53 5.03 -22.67
C PHE G 29 -17.62 4.11 -22.09
N THR G 30 -17.60 3.89 -20.77
CA THR G 30 -18.50 2.93 -20.14
C THR G 30 -19.71 3.60 -19.50
N GLY G 31 -20.18 4.69 -20.10
CA GLY G 31 -21.32 5.39 -19.53
C GLY G 31 -22.27 5.97 -20.56
N TYR G 32 -22.12 5.58 -21.83
CA TYR G 32 -22.96 6.12 -22.89
C TYR G 32 -23.31 5.02 -23.87
N HIS G 33 -24.60 4.88 -24.16
CA HIS G 33 -25.06 3.93 -25.15
C HIS G 33 -24.48 4.26 -26.52
N MET G 34 -24.62 3.31 -27.45
CA MET G 34 -24.13 3.50 -28.82
C MET G 34 -25.14 2.91 -29.78
N HIS G 35 -25.75 3.75 -30.60
CA HIS G 35 -26.69 3.31 -31.62
C HIS G 35 -25.95 3.05 -32.93
N TRP G 36 -26.40 2.04 -33.66
CA TRP G 36 -25.88 1.75 -34.99
C TRP G 36 -26.97 2.07 -36.00
N VAL G 37 -26.73 3.09 -36.82
CA VAL G 37 -27.71 3.59 -37.77
C VAL G 37 -27.28 3.21 -39.18
N ARG G 38 -28.24 2.75 -39.99
CA ARG G 38 -27.99 2.36 -41.36
C ARG G 38 -28.85 3.23 -42.29
N GLN G 39 -28.27 3.63 -43.42
CA GLN G 39 -28.99 4.49 -44.34
C GLN G 39 -28.60 4.13 -45.77
N ALA G 40 -29.57 3.67 -46.55
CA ALA G 40 -29.32 3.42 -47.96
C ALA G 40 -29.22 4.75 -48.71
N PRO G 41 -28.24 4.90 -49.60
CA PRO G 41 -28.08 6.17 -50.31
C PRO G 41 -29.30 6.50 -51.15
N GLY G 42 -30.01 7.58 -50.78
CA GLY G 42 -31.21 7.99 -51.45
C GLY G 42 -32.50 7.64 -50.74
N GLN G 43 -32.41 6.96 -49.60
CA GLN G 43 -33.59 6.55 -48.84
C GLN G 43 -33.54 7.18 -47.44
N GLY G 44 -34.50 6.79 -46.61
CA GLY G 44 -34.61 7.32 -45.27
C GLY G 44 -33.56 6.77 -44.33
N LEU G 45 -33.79 6.99 -43.05
CA LEU G 45 -32.87 6.55 -42.00
C LEU G 45 -33.38 5.28 -41.35
N GLU G 46 -32.47 4.35 -41.06
CA GLU G 46 -32.82 3.06 -40.49
C GLU G 46 -31.96 2.78 -39.26
N TRP G 47 -32.56 2.16 -38.26
CA TRP G 47 -31.89 1.81 -37.01
C TRP G 47 -31.62 0.31 -36.99
N MET G 48 -30.53 -0.07 -36.32
CA MET G 48 -30.12 -1.46 -36.24
C MET G 48 -30.07 -2.00 -34.83
N GLY G 49 -29.55 -1.23 -33.88
CA GLY G 49 -29.46 -1.70 -32.51
C GLY G 49 -28.69 -0.71 -31.67
N TRP G 50 -28.67 -1.02 -30.36
CA TRP G 50 -27.91 -0.21 -29.42
C TRP G 50 -27.08 -1.11 -28.51
N ILE G 51 -25.92 -0.59 -28.12
CA ILE G 51 -24.96 -1.28 -27.27
C ILE G 51 -24.81 -0.48 -25.98
N ASN G 52 -24.81 -1.18 -24.86
CA ASN G 52 -24.46 -0.60 -23.58
C ASN G 52 -23.07 -1.07 -23.22
N PRO G 53 -22.05 -0.19 -23.22
CA PRO G 53 -20.67 -0.66 -23.02
C PRO G 53 -20.46 -1.31 -21.67
N PHE G 54 -21.21 -0.92 -20.65
CA PHE G 54 -21.15 -1.61 -19.37
C PHE G 54 -21.71 -3.02 -19.55
N ARG G 55 -20.82 -4.02 -19.57
CA ARG G 55 -21.10 -5.41 -19.86
C ARG G 55 -21.50 -5.64 -21.31
N GLY G 56 -21.61 -4.58 -22.12
CA GLY G 56 -21.91 -4.74 -23.53
C GLY G 56 -23.29 -5.30 -23.81
N GLY G 57 -24.30 -4.86 -23.05
CA GLY G 57 -25.65 -5.36 -23.27
C GLY G 57 -26.21 -4.79 -24.56
N VAL G 58 -26.51 -5.65 -25.52
CA VAL G 58 -26.90 -5.21 -26.85
C VAL G 58 -28.38 -5.53 -27.08
N LYS G 59 -29.02 -4.71 -27.90
CA LYS G 59 -30.39 -4.93 -28.30
C LYS G 59 -30.54 -4.51 -29.76
N TYR G 60 -30.87 -5.46 -30.62
CA TYR G 60 -30.92 -5.24 -32.06
C TYR G 60 -32.33 -4.88 -32.51
N ALA G 61 -32.43 -4.38 -33.74
CA ALA G 61 -33.71 -4.12 -34.36
C ALA G 61 -34.28 -5.40 -34.95
N GLN G 62 -35.60 -5.42 -35.12
CA GLN G 62 -36.26 -6.62 -35.61
C GLN G 62 -35.83 -6.96 -37.03
N LYS G 63 -35.53 -5.95 -37.85
CA LYS G 63 -35.17 -6.20 -39.24
C LYS G 63 -33.83 -6.90 -39.39
N PHE G 64 -32.93 -6.77 -38.41
CA PHE G 64 -31.60 -7.33 -38.51
C PHE G 64 -31.26 -8.30 -37.39
N ARG G 65 -32.24 -8.68 -36.56
CA ARG G 65 -31.98 -9.65 -35.50
C ARG G 65 -31.67 -11.01 -36.13
N GLY G 66 -30.50 -11.55 -35.81
CA GLY G 66 -30.00 -12.76 -36.40
C GLY G 66 -28.87 -12.53 -37.38
N ARG G 67 -28.89 -11.42 -38.10
CA ARG G 67 -27.80 -11.04 -38.99
C ARG G 67 -26.72 -10.25 -38.26
N VAL G 68 -27.12 -9.22 -37.53
CA VAL G 68 -26.18 -8.27 -36.94
C VAL G 68 -25.70 -8.80 -35.60
N SER G 69 -24.44 -8.49 -35.30
CA SER G 69 -23.84 -8.80 -34.00
C SER G 69 -23.00 -7.60 -33.60
N MET G 70 -23.33 -7.00 -32.46
CA MET G 70 -22.65 -5.80 -31.98
C MET G 70 -21.88 -6.13 -30.71
N THR G 71 -20.60 -5.78 -30.69
CA THR G 71 -19.75 -6.00 -29.54
C THR G 71 -18.90 -4.76 -29.32
N ARG G 72 -18.08 -4.80 -28.28
CA ARG G 72 -17.22 -3.65 -27.99
C ARG G 72 -15.99 -4.12 -27.25
N ASP G 73 -14.91 -3.37 -27.41
CA ASP G 73 -13.68 -3.54 -26.65
C ASP G 73 -13.49 -2.29 -25.82
N THR G 74 -13.72 -2.41 -24.51
CA THR G 74 -13.57 -1.28 -23.60
C THR G 74 -12.12 -0.96 -23.31
N SER G 75 -11.19 -1.85 -23.63
CA SER G 75 -9.77 -1.50 -23.51
C SER G 75 -9.38 -0.49 -24.58
N ILE G 76 -9.62 -0.83 -25.85
CA ILE G 76 -9.37 0.12 -26.94
C ILE G 76 -10.51 1.11 -27.11
N GLU G 77 -11.66 0.83 -26.49
CA GLU G 77 -12.85 1.68 -26.61
C GLU G 77 -13.32 1.76 -28.06
N ILE G 78 -13.67 0.61 -28.61
CA ILE G 78 -14.11 0.52 -30.01
C ILE G 78 -15.34 -0.36 -30.08
N PHE G 79 -16.38 0.12 -30.75
CA PHE G 79 -17.56 -0.69 -31.05
C PHE G 79 -17.38 -1.39 -32.38
N TYR G 80 -17.75 -2.67 -32.42
CA TYR G 80 -17.66 -3.50 -33.61
C TYR G 80 -19.05 -3.96 -34.01
N MET G 81 -19.33 -3.87 -35.31
CA MET G 81 -20.61 -4.32 -35.87
C MET G 81 -20.32 -5.31 -36.99
N GLU G 82 -20.78 -6.54 -36.82
CA GLU G 82 -20.62 -7.60 -37.82
C GLU G 82 -21.97 -7.89 -38.45
N LEU G 83 -22.00 -7.99 -39.77
CA LEU G 83 -23.24 -8.23 -40.52
C LEU G 83 -23.02 -9.37 -41.48
N SER G 84 -23.82 -10.42 -41.35
CA SER G 84 -23.73 -11.60 -42.20
C SER G 84 -24.95 -11.67 -43.11
N ARG G 85 -24.86 -12.59 -44.09
CA ARG G 85 -25.91 -12.76 -45.10
C ARG G 85 -26.19 -11.43 -45.81
N LEU G 86 -25.12 -10.81 -46.31
CA LEU G 86 -25.24 -9.51 -46.96
C LEU G 86 -26.02 -9.65 -48.26
N ARG G 87 -26.96 -8.73 -48.48
CA ARG G 87 -27.75 -8.67 -49.69
C ARG G 87 -27.47 -7.36 -50.41
N SER G 88 -28.01 -7.25 -51.63
CA SER G 88 -27.85 -6.03 -52.41
C SER G 88 -28.47 -4.82 -51.73
N ASP G 89 -29.42 -5.04 -50.81
CA ASP G 89 -30.04 -3.92 -50.10
C ASP G 89 -29.09 -3.32 -49.08
N ASP G 90 -28.12 -4.10 -48.61
CA ASP G 90 -27.21 -3.65 -47.56
C ASP G 90 -26.15 -2.67 -48.06
N THR G 91 -26.14 -2.34 -49.34
CA THR G 91 -25.27 -1.29 -49.87
C THR G 91 -25.73 0.03 -49.29
N ALA G 92 -24.99 0.56 -48.31
CA ALA G 92 -25.50 1.69 -47.53
C ALA G 92 -24.37 2.29 -46.72
N VAL G 93 -24.67 3.43 -46.08
CA VAL G 93 -23.74 4.09 -45.17
C VAL G 93 -24.17 3.78 -43.74
N TYR G 94 -23.18 3.48 -42.90
CA TYR G 94 -23.40 3.10 -41.52
C TYR G 94 -22.75 4.13 -40.61
N TYR G 95 -23.46 4.48 -39.53
CA TYR G 95 -23.03 5.48 -38.57
C TYR G 95 -23.14 4.93 -37.17
N CYS G 96 -22.25 5.42 -36.30
CA CYS G 96 -22.31 5.15 -34.86
C CYS G 96 -22.71 6.43 -34.16
N ALA G 97 -23.79 6.37 -33.38
CA ALA G 97 -24.39 7.54 -32.76
C ALA G 97 -24.27 7.44 -31.25
N ARG G 98 -23.61 8.41 -30.64
CA ARG G 98 -23.54 8.48 -29.19
C ARG G 98 -24.85 8.99 -28.62
N GLU G 99 -25.31 8.35 -27.54
CA GLU G 99 -26.51 8.81 -26.86
C GLU G 99 -26.26 10.17 -26.21
N MET G 100 -27.31 10.96 -26.11
CA MET G 100 -27.17 12.31 -25.54
C MET G 100 -26.82 12.25 -24.06
N PHE G 101 -27.46 11.33 -23.33
CA PHE G 101 -27.26 11.22 -21.89
C PHE G 101 -26.81 9.81 -21.54
N ASP G 102 -26.52 9.61 -20.26
CA ASP G 102 -26.20 8.29 -19.76
C ASP G 102 -27.44 7.42 -19.73
N SER G 103 -27.27 6.13 -19.98
CA SER G 103 -28.39 5.21 -19.97
C SER G 103 -28.72 4.76 -18.55
N SER G 104 -27.74 4.83 -17.64
CA SER G 104 -27.96 4.39 -16.27
C SER G 104 -28.72 5.44 -15.47
N ALA G 105 -28.56 6.71 -15.82
CA ALA G 105 -29.13 7.81 -15.04
C ALA G 105 -30.05 8.65 -15.92
N ASP G 106 -31.22 8.99 -15.38
CA ASP G 106 -32.18 9.86 -16.03
C ASP G 106 -32.53 9.35 -17.43
N TRP G 107 -32.58 8.04 -17.58
CA TRP G 107 -32.87 7.41 -18.87
C TRP G 107 -33.91 6.32 -18.67
N SER G 108 -35.18 6.71 -18.64
CA SER G 108 -36.19 5.70 -18.93
C SER G 108 -36.41 5.58 -20.45
N PRO G 109 -36.71 6.68 -21.18
CA PRO G 109 -37.08 6.52 -22.59
C PRO G 109 -35.95 6.82 -23.58
N TRP G 110 -36.15 6.48 -24.86
CA TRP G 110 -35.15 6.78 -25.88
C TRP G 110 -35.09 8.26 -26.22
N ARG G 111 -33.88 8.80 -26.32
CA ARG G 111 -33.68 10.18 -26.72
C ARG G 111 -32.20 10.39 -27.03
N GLY G 112 -31.94 11.22 -28.04
CA GLY G 112 -30.60 11.74 -28.25
C GLY G 112 -29.65 10.89 -29.06
N MET G 113 -29.08 11.49 -30.12
CA MET G 113 -28.01 10.89 -30.90
C MET G 113 -26.99 12.01 -31.17
N VAL G 114 -26.60 12.71 -30.10
CA VAL G 114 -25.91 14.00 -30.21
C VAL G 114 -24.69 13.91 -31.11
N ALA G 115 -23.88 12.86 -30.97
CA ALA G 115 -22.65 12.74 -31.73
C ALA G 115 -22.76 11.56 -32.69
N TRP G 116 -22.22 11.74 -33.90
CA TRP G 116 -22.25 10.70 -34.92
C TRP G 116 -20.84 10.46 -35.44
N GLY G 117 -20.71 9.40 -36.23
CA GLY G 117 -19.46 9.10 -36.89
C GLY G 117 -19.42 9.64 -38.31
N GLN G 118 -18.25 9.53 -38.94
CA GLN G 118 -18.09 9.99 -40.31
C GLN G 118 -18.85 9.14 -41.31
N GLY G 119 -19.29 7.93 -40.92
CA GLY G 119 -20.06 7.09 -41.80
C GLY G 119 -19.20 6.26 -42.73
N THR G 120 -19.46 4.95 -42.79
CA THR G 120 -18.73 4.04 -43.65
C THR G 120 -19.68 3.52 -44.72
N LEU G 121 -19.27 3.65 -45.98
CA LEU G 121 -20.09 3.21 -47.10
C LEU G 121 -19.69 1.79 -47.49
N VAL G 122 -20.62 0.85 -47.37
CA VAL G 122 -20.40 -0.53 -47.79
C VAL G 122 -21.15 -0.75 -49.09
N THR G 123 -20.44 -1.29 -50.08
CA THR G 123 -20.95 -1.49 -51.43
C THR G 123 -21.12 -2.99 -51.65
N VAL G 124 -22.37 -3.42 -51.80
CA VAL G 124 -22.70 -4.81 -52.05
C VAL G 124 -23.35 -4.89 -53.42
N SER G 125 -22.65 -5.49 -54.39
CA SER G 125 -23.15 -5.63 -55.73
C SER G 125 -22.63 -6.93 -56.32
N SER G 126 -23.44 -7.58 -57.14
CA SER G 126 -23.06 -8.87 -57.73
C SER G 126 -22.03 -8.72 -58.84
N ALA G 127 -21.54 -7.53 -59.11
CA ALA G 127 -20.52 -7.34 -60.13
C ALA G 127 -19.16 -7.79 -59.60
N SER G 128 -18.19 -7.87 -60.50
CA SER G 128 -16.84 -8.29 -60.13
C SER G 128 -15.85 -7.14 -60.26
N VAL H 2 27.37 16.05 15.84
CA VAL H 2 27.62 17.00 14.78
C VAL H 2 29.11 17.04 14.44
N GLN H 3 29.44 16.68 13.21
CA GLN H 3 30.82 16.68 12.74
C GLN H 3 30.83 17.18 11.30
N LEU H 4 31.47 18.31 11.07
CA LEU H 4 31.58 18.92 9.74
C LEU H 4 33.00 18.69 9.24
N VAL H 5 33.20 17.58 8.55
CA VAL H 5 34.52 17.27 8.00
C VAL H 5 34.71 18.06 6.71
N GLN H 6 35.89 18.63 6.54
CA GLN H 6 36.25 19.38 5.35
C GLN H 6 37.30 18.63 4.55
N SER H 7 37.78 19.26 3.48
CA SER H 7 38.81 18.67 2.64
C SER H 7 40.19 19.06 3.18
N GLY H 8 41.24 18.59 2.49
CA GLY H 8 42.59 18.92 2.86
C GLY H 8 43.09 20.20 2.20
N ALA H 9 44.22 20.68 2.69
CA ALA H 9 44.80 21.91 2.16
C ALA H 9 45.10 21.77 0.68
N GLN H 10 44.87 22.85 -0.06
CA GLN H 10 45.02 22.84 -1.51
C GLN H 10 45.97 23.95 -1.94
N VAL H 11 46.59 23.74 -3.10
CA VAL H 11 47.47 24.72 -3.73
C VAL H 11 46.81 25.20 -5.01
N LYS H 12 46.83 26.51 -5.23
CA LYS H 12 46.19 27.12 -6.38
C LYS H 12 47.04 28.25 -6.90
N LYS H 13 46.95 28.51 -8.20
CA LYS H 13 47.68 29.61 -8.81
C LYS H 13 46.75 30.81 -9.01
N PRO H 14 47.30 32.02 -8.95
CA PRO H 14 46.44 33.21 -9.11
C PRO H 14 45.76 33.24 -10.46
N GLY H 15 44.45 33.46 -10.44
CA GLY H 15 43.63 33.44 -11.63
C GLY H 15 42.85 32.16 -11.85
N ALA H 16 43.06 31.15 -11.01
CA ALA H 16 42.36 29.88 -11.15
C ALA H 16 41.09 29.89 -10.30
N SER H 17 40.46 28.73 -10.14
CA SER H 17 39.23 28.59 -9.39
C SER H 17 39.37 27.44 -8.42
N VAL H 18 39.18 27.73 -7.13
CA VAL H 18 39.30 26.73 -6.07
C VAL H 18 37.91 26.30 -5.62
N THR H 19 37.75 25.01 -5.36
CA THR H 19 36.50 24.46 -4.86
C THR H 19 36.80 23.60 -3.64
N VAL H 20 36.14 23.89 -2.53
CA VAL H 20 36.30 23.14 -1.29
C VAL H 20 34.95 22.61 -0.87
N SER H 21 34.95 21.43 -0.26
CA SER H 21 33.73 20.76 0.16
C SER H 21 33.69 20.68 1.68
N CYS H 22 32.47 20.51 2.21
CA CYS H 22 32.25 20.40 3.65
C CYS H 22 31.02 19.53 3.87
N THR H 23 31.23 18.32 4.36
CA THR H 23 30.15 17.37 4.58
C THR H 23 29.52 17.61 5.95
N ALA H 24 28.22 17.33 6.04
CA ALA H 24 27.47 17.47 7.28
C ALA H 24 27.05 16.10 7.80
N SER H 25 27.02 15.96 9.13
CA SER H 25 26.72 14.68 9.75
C SER H 25 26.18 14.92 11.15
N GLY H 26 25.11 14.21 11.49
CA GLY H 26 24.59 14.21 12.84
C GLY H 26 23.42 15.11 13.12
N TYR H 27 22.63 15.46 12.11
CA TYR H 27 21.47 16.33 12.30
C TYR H 27 20.66 16.34 11.01
N THR H 28 19.45 16.88 11.10
CA THR H 28 18.58 17.03 9.93
C THR H 28 19.24 18.00 8.95
N PHE H 29 19.63 17.50 7.79
CA PHE H 29 20.47 18.28 6.89
C PHE H 29 19.74 19.49 6.32
N THR H 30 18.42 19.42 6.17
CA THR H 30 17.64 20.47 5.53
C THR H 30 16.96 21.39 6.53
N GLY H 31 17.60 21.67 7.66
CA GLY H 31 16.97 22.52 8.67
C GLY H 31 17.92 23.48 9.36
N TYR H 32 19.13 23.63 8.83
CA TYR H 32 20.12 24.50 9.45
C TYR H 32 20.98 25.14 8.37
N HIS H 33 21.01 26.47 8.35
CA HIS H 33 21.82 27.19 7.39
C HIS H 33 23.30 26.86 7.58
N MET H 34 24.10 27.18 6.57
CA MET H 34 25.52 26.88 6.55
C MET H 34 26.29 28.10 6.05
N HIS H 35 27.02 28.75 6.96
CA HIS H 35 27.86 29.87 6.59
C HIS H 35 29.16 29.39 5.95
N TRP H 36 29.89 30.34 5.38
CA TRP H 36 31.25 30.10 4.90
C TRP H 36 32.13 31.24 5.40
N VAL H 37 33.06 30.93 6.29
CA VAL H 37 33.89 31.92 6.94
C VAL H 37 35.33 31.72 6.50
N ARG H 38 35.95 32.79 6.00
CA ARG H 38 37.34 32.78 5.56
C ARG H 38 38.16 33.66 6.50
N GLN H 39 39.31 33.13 6.94
CA GLN H 39 40.17 33.82 7.89
C GLN H 39 41.60 33.82 7.36
N ALA H 40 42.08 34.98 6.97
CA ALA H 40 43.46 35.09 6.52
C ALA H 40 44.40 34.89 7.70
N PRO H 41 45.42 34.05 7.58
CA PRO H 41 46.32 33.81 8.71
C PRO H 41 47.01 35.08 9.16
N GLY H 42 46.71 35.51 10.37
CA GLY H 42 47.23 36.75 10.92
C GLY H 42 46.26 37.92 10.85
N GLN H 43 45.14 37.78 10.16
CA GLN H 43 44.14 38.82 10.05
C GLN H 43 42.88 38.42 10.80
N GLY H 44 41.85 39.26 10.68
CA GLY H 44 40.60 39.02 11.35
C GLY H 44 39.78 37.94 10.67
N LEU H 45 38.52 37.86 11.10
CA LEU H 45 37.56 36.90 10.58
C LEU H 45 36.68 37.56 9.53
N GLU H 46 36.47 36.88 8.42
CA GLU H 46 35.69 37.41 7.31
C GLU H 46 34.58 36.45 6.93
N TRP H 47 33.42 37.01 6.60
CA TRP H 47 32.25 36.24 6.19
C TRP H 47 32.09 36.31 4.69
N MET H 48 31.69 35.19 4.09
CA MET H 48 31.49 35.09 2.65
C MET H 48 30.03 34.95 2.26
N GLY H 49 29.32 34.01 2.87
CA GLY H 49 27.91 33.82 2.57
C GLY H 49 27.37 32.62 3.30
N TRP H 50 26.05 32.51 3.28
CA TRP H 50 25.35 31.39 3.89
C TRP H 50 24.44 30.73 2.88
N ILE H 51 24.23 29.44 3.05
CA ILE H 51 23.38 28.63 2.17
C ILE H 51 22.20 28.13 2.99
N ASN H 52 21.04 28.04 2.34
CA ASN H 52 19.88 27.41 2.95
C ASN H 52 19.73 26.02 2.35
N PRO H 53 20.01 24.95 3.09
CA PRO H 53 19.98 23.61 2.47
C PRO H 53 18.66 23.25 1.83
N PHE H 54 17.56 23.84 2.30
CA PHE H 54 16.27 23.69 1.62
C PHE H 54 16.25 24.59 0.40
N ARG H 55 16.26 23.98 -0.79
CA ARG H 55 16.21 24.63 -2.10
C ARG H 55 17.48 25.39 -2.45
N GLY H 56 18.49 25.39 -1.58
CA GLY H 56 19.77 25.99 -1.92
C GLY H 56 19.78 27.50 -2.01
N GLY H 57 18.94 28.18 -1.24
CA GLY H 57 18.93 29.63 -1.24
C GLY H 57 20.24 30.16 -0.69
N VAL H 58 20.93 30.98 -1.48
CA VAL H 58 22.24 31.50 -1.12
C VAL H 58 22.17 33.01 -0.94
N LYS H 59 23.17 33.54 -0.25
CA LYS H 59 23.29 34.99 -0.05
C LYS H 59 24.77 35.29 0.16
N TYR H 60 25.42 35.82 -0.88
CA TYR H 60 26.85 36.10 -0.82
C TYR H 60 27.10 37.52 -0.32
N ALA H 61 28.30 37.73 0.19
CA ALA H 61 28.71 39.05 0.65
C ALA H 61 29.05 39.95 -0.52
N GLN H 62 29.11 41.25 -0.25
CA GLN H 62 29.43 42.21 -1.31
C GLN H 62 30.85 42.03 -1.82
N LYS H 63 31.78 41.66 -0.94
CA LYS H 63 33.17 41.52 -1.35
C LYS H 63 33.42 40.30 -2.20
N PHE H 64 32.50 39.32 -2.20
CA PHE H 64 32.67 38.10 -2.97
C PHE H 64 31.57 37.90 -4.01
N ARG H 65 30.61 38.81 -4.12
CA ARG H 65 29.56 38.68 -5.13
C ARG H 65 30.14 38.80 -6.53
N GLY H 66 30.22 37.67 -7.24
CA GLY H 66 30.80 37.60 -8.57
C GLY H 66 31.89 36.54 -8.69
N ARG H 67 32.58 36.25 -7.59
CA ARG H 67 33.59 35.19 -7.55
C ARG H 67 33.06 33.91 -6.94
N VAL H 68 32.52 34.00 -5.73
CA VAL H 68 32.12 32.82 -4.97
C VAL H 68 30.86 32.22 -5.55
N SER H 69 30.72 30.90 -5.39
CA SER H 69 29.52 30.18 -5.81
C SER H 69 29.34 29.00 -4.86
N MET H 70 28.24 29.00 -4.12
CA MET H 70 27.99 28.02 -3.08
C MET H 70 26.82 27.13 -3.49
N THR H 71 27.05 25.82 -3.49
CA THR H 71 26.04 24.83 -3.82
C THR H 71 26.05 23.75 -2.74
N ARG H 72 25.10 22.82 -2.86
CA ARG H 72 25.05 21.69 -1.95
C ARG H 72 24.37 20.52 -2.65
N ASP H 73 24.57 19.33 -2.09
CA ASP H 73 23.94 18.11 -2.57
C ASP H 73 23.21 17.47 -1.40
N THR H 74 21.89 17.64 -1.36
CA THR H 74 21.09 17.11 -0.27
C THR H 74 21.12 15.59 -0.18
N SER H 75 21.63 14.90 -1.21
CA SER H 75 21.72 13.46 -1.18
C SER H 75 22.91 13.00 -0.34
N ILE H 76 24.11 13.47 -0.68
CA ILE H 76 25.31 13.11 0.08
C ILE H 76 25.50 13.99 1.31
N GLU H 77 24.72 15.06 1.44
CA GLU H 77 24.81 15.99 2.56
C GLU H 77 26.20 16.63 2.62
N ILE H 78 26.54 17.34 1.56
CA ILE H 78 27.83 18.00 1.41
C ILE H 78 27.61 19.41 0.90
N PHE H 79 28.19 20.39 1.58
CA PHE H 79 28.15 21.77 1.13
C PHE H 79 29.39 22.07 0.30
N TYR H 80 29.19 22.55 -0.92
CA TYR H 80 30.27 22.86 -1.84
C TYR H 80 30.48 24.36 -1.89
N MET H 81 31.74 24.78 -1.84
CA MET H 81 32.12 26.18 -1.94
C MET H 81 33.13 26.34 -3.07
N GLU H 82 32.74 27.05 -4.12
CA GLU H 82 33.61 27.35 -5.24
C GLU H 82 34.02 28.81 -5.19
N LEU H 83 35.30 29.07 -5.46
CA LEU H 83 35.82 30.43 -5.50
C LEU H 83 36.73 30.57 -6.71
N SER H 84 36.33 31.41 -7.66
CA SER H 84 37.09 31.67 -8.87
C SER H 84 37.74 33.04 -8.79
N ARG H 85 38.53 33.37 -9.82
CA ARG H 85 39.27 34.63 -9.90
C ARG H 85 40.12 34.84 -8.65
N LEU H 86 40.96 33.85 -8.37
CA LEU H 86 41.77 33.89 -7.16
C LEU H 86 42.81 34.99 -7.23
N ARG H 87 43.03 35.64 -6.09
CA ARG H 87 44.03 36.70 -5.95
C ARG H 87 45.03 36.30 -4.86
N SER H 88 45.99 37.20 -4.63
CA SER H 88 47.05 36.91 -3.66
C SER H 88 46.56 36.98 -2.22
N ASP H 89 45.46 37.69 -1.97
CA ASP H 89 44.96 37.82 -0.60
C ASP H 89 44.04 36.69 -0.19
N ASP H 90 43.60 35.86 -1.13
CA ASP H 90 42.68 34.77 -0.82
C ASP H 90 43.35 33.58 -0.13
N THR H 91 44.66 33.64 0.11
CA THR H 91 45.33 32.58 0.85
C THR H 91 44.87 32.62 2.30
N ALA H 92 44.05 31.66 2.70
CA ALA H 92 43.44 31.68 4.02
C ALA H 92 42.90 30.30 4.35
N VAL H 93 42.40 30.17 5.58
CA VAL H 93 41.72 28.96 6.02
C VAL H 93 40.21 29.22 5.98
N TYR H 94 39.48 28.29 5.37
CA TYR H 94 38.05 28.46 5.16
C TYR H 94 37.28 27.53 6.08
N TYR H 95 36.16 28.04 6.61
CA TYR H 95 35.36 27.30 7.58
C TYR H 95 33.91 27.25 7.13
N CYS H 96 33.25 26.15 7.46
CA CYS H 96 31.82 25.97 7.26
C CYS H 96 31.17 25.82 8.63
N ALA H 97 30.20 26.68 8.92
CA ALA H 97 29.64 26.78 10.26
C ALA H 97 28.15 26.46 10.25
N ARG H 98 27.77 25.43 11.00
CA ARG H 98 26.36 25.17 11.26
C ARG H 98 25.78 26.28 12.10
N GLU H 99 24.46 26.44 12.06
CA GLU H 99 23.82 27.45 12.87
C GLU H 99 23.29 26.86 14.17
N MET H 100 23.04 27.74 15.13
CA MET H 100 22.56 27.34 16.45
C MET H 100 21.12 26.86 16.38
N PHE H 101 20.24 27.70 15.87
CA PHE H 101 18.82 27.38 15.83
C PHE H 101 18.41 26.93 14.42
N ASP H 102 17.17 26.47 14.32
CA ASP H 102 16.65 25.99 13.04
C ASP H 102 16.46 27.16 12.07
N SER H 103 16.19 26.82 10.81
CA SER H 103 16.00 27.85 9.79
C SER H 103 14.71 28.63 10.02
N SER H 104 13.77 28.04 10.76
CA SER H 104 12.48 28.69 10.97
C SER H 104 12.52 29.63 12.18
N ALA H 105 13.68 29.78 12.80
CA ALA H 105 13.79 30.62 13.98
C ALA H 105 13.60 32.09 13.63
N ASP H 106 13.58 32.94 14.66
CA ASP H 106 13.34 34.38 14.54
C ASP H 106 14.41 34.99 13.63
N TRP H 107 15.68 34.95 14.00
CA TRP H 107 16.76 35.51 13.19
C TRP H 107 17.78 34.46 12.79
N SER H 108 17.33 33.30 12.31
CA SER H 108 18.15 32.13 12.05
C SER H 108 19.44 32.44 11.30
N PRO H 109 19.39 32.98 10.06
CA PRO H 109 20.62 33.03 9.26
C PRO H 109 21.72 33.89 9.85
N TRP H 110 21.45 34.65 10.90
CA TRP H 110 22.48 35.43 11.56
C TRP H 110 22.58 35.15 13.06
N ARG H 111 22.36 33.91 13.49
CA ARG H 111 22.61 33.58 14.87
C ARG H 111 24.09 33.34 15.11
N GLY H 112 24.41 32.78 16.27
CA GLY H 112 25.80 32.64 16.65
C GLY H 112 26.56 31.62 15.81
N MET H 113 25.83 30.76 15.10
CA MET H 113 26.40 29.69 14.29
C MET H 113 27.49 28.93 15.07
N VAL H 114 27.05 28.26 16.13
CA VAL H 114 27.97 27.74 17.14
C VAL H 114 28.87 26.64 16.58
N ALA H 115 28.31 25.72 15.79
CA ALA H 115 29.10 24.60 15.31
C ALA H 115 29.94 25.02 14.10
N TRP H 116 31.19 24.56 14.08
CA TRP H 116 32.14 24.95 13.05
C TRP H 116 32.84 23.73 12.49
N GLY H 117 33.40 23.90 11.29
CA GLY H 117 34.20 22.84 10.70
C GLY H 117 35.64 22.89 11.17
N GLN H 118 36.44 21.95 10.65
CA GLN H 118 37.84 21.88 11.04
C GLN H 118 38.65 23.00 10.38
N GLY H 119 38.38 23.28 9.11
CA GLY H 119 39.08 24.33 8.41
C GLY H 119 39.97 23.81 7.28
N THR H 120 39.93 24.48 6.14
CA THR H 120 40.73 24.11 4.98
C THR H 120 41.55 25.30 4.53
N LEU H 121 42.85 25.11 4.40
CA LEU H 121 43.78 26.18 4.05
C LEU H 121 44.07 26.13 2.56
N VAL H 122 43.85 27.24 1.87
CA VAL H 122 44.19 27.38 0.46
C VAL H 122 45.41 28.27 0.35
N THR H 123 46.31 27.93 -0.57
CA THR H 123 47.55 28.66 -0.78
C THR H 123 47.61 29.12 -2.23
N VAL H 124 47.46 30.43 -2.43
CA VAL H 124 47.54 31.04 -3.75
C VAL H 124 48.87 31.79 -3.81
N SER H 125 49.89 31.15 -4.36
CA SER H 125 51.23 31.71 -4.42
C SER H 125 51.68 31.80 -5.87
N SER H 126 52.29 32.92 -6.22
CA SER H 126 52.82 33.12 -7.57
C SER H 126 54.01 32.22 -7.87
N ALA H 127 54.60 31.58 -6.86
CA ALA H 127 55.71 30.68 -7.08
C ALA H 127 55.21 29.38 -7.69
N SER H 128 56.16 28.49 -8.00
CA SER H 128 55.83 27.20 -8.60
C SER H 128 56.59 26.07 -7.93
N VAL I 2 -10.23 -32.59 11.77
CA VAL I 2 -8.87 -32.64 12.29
C VAL I 2 -8.21 -33.92 11.79
N GLN I 3 -7.11 -33.75 11.05
CA GLN I 3 -6.40 -34.87 10.45
C GLN I 3 -4.97 -34.86 10.95
N LEU I 4 -4.50 -36.00 11.44
CA LEU I 4 -3.15 -36.15 11.97
C LEU I 4 -2.50 -37.35 11.30
N VAL I 5 -1.89 -37.12 10.14
CA VAL I 5 -1.19 -38.17 9.42
C VAL I 5 0.19 -38.35 10.03
N GLN I 6 0.44 -39.53 10.60
CA GLN I 6 1.71 -39.83 11.24
C GLN I 6 2.61 -40.60 10.27
N SER I 7 3.83 -40.88 10.74
CA SER I 7 4.80 -41.58 9.91
C SER I 7 4.48 -43.08 9.86
N GLY I 8 5.34 -43.83 9.17
CA GLY I 8 5.18 -45.26 9.10
C GLY I 8 5.92 -45.99 10.20
N ALA I 9 5.61 -47.27 10.35
CA ALA I 9 6.27 -48.09 11.35
C ALA I 9 7.76 -48.22 11.05
N GLN I 10 8.57 -48.18 12.10
CA GLN I 10 10.02 -48.21 11.97
C GLN I 10 10.62 -49.25 12.91
N VAL I 11 11.80 -49.72 12.55
CA VAL I 11 12.55 -50.69 13.35
C VAL I 11 13.89 -50.07 13.72
N LYS I 12 14.13 -49.91 15.01
CA LYS I 12 15.36 -49.32 15.51
C LYS I 12 16.01 -50.26 16.52
N LYS I 13 17.34 -50.23 16.57
CA LYS I 13 18.07 -51.02 17.53
C LYS I 13 18.14 -50.29 18.87
N PRO I 14 18.23 -51.03 19.97
CA PRO I 14 18.36 -50.39 21.28
C PRO I 14 19.64 -49.57 21.36
N GLY I 15 19.52 -48.34 21.87
CA GLY I 15 20.61 -47.40 21.93
C GLY I 15 20.62 -46.38 20.82
N ALA I 16 19.73 -46.49 19.85
CA ALA I 16 19.64 -45.54 18.75
C ALA I 16 18.66 -44.43 19.11
N SER I 17 18.30 -43.60 18.12
CA SER I 17 17.37 -42.51 18.30
C SER I 17 16.30 -42.59 17.21
N VAL I 18 15.04 -42.46 17.62
CA VAL I 18 13.91 -42.51 16.71
C VAL I 18 13.29 -41.13 16.61
N THR I 19 12.75 -40.82 15.43
CA THR I 19 12.07 -39.55 15.19
C THR I 19 10.75 -39.83 14.48
N VAL I 20 9.66 -39.44 15.10
CA VAL I 20 8.32 -39.63 14.53
C VAL I 20 7.79 -38.29 14.09
N SER I 21 6.77 -38.33 13.23
CA SER I 21 6.16 -37.13 12.68
C SER I 21 4.65 -37.18 12.86
N CYS I 22 4.02 -36.01 12.83
CA CYS I 22 2.57 -35.89 12.96
C CYS I 22 2.13 -34.65 12.19
N THR I 23 1.69 -34.84 10.95
CA THR I 23 1.26 -33.75 10.09
C THR I 23 -0.18 -33.38 10.43
N ALA I 24 -0.39 -32.15 10.88
CA ALA I 24 -1.71 -31.67 11.27
C ALA I 24 -2.33 -30.86 10.13
N SER I 25 -3.65 -30.90 10.05
CA SER I 25 -4.37 -30.17 9.01
C SER I 25 -5.82 -30.06 9.40
N GLY I 26 -6.44 -28.93 9.04
CA GLY I 26 -7.84 -28.72 9.29
C GLY I 26 -8.19 -27.84 10.47
N TYR I 27 -7.24 -27.08 10.99
CA TYR I 27 -7.49 -26.22 12.14
C TYR I 27 -6.34 -25.22 12.25
N THR I 28 -6.52 -24.23 13.13
CA THR I 28 -5.48 -23.26 13.39
C THR I 28 -4.29 -23.94 14.06
N PHE I 29 -3.18 -24.05 13.33
CA PHE I 29 -2.06 -24.86 13.80
C PHE I 29 -1.44 -24.31 15.07
N THR I 30 -1.44 -22.99 15.25
CA THR I 30 -0.82 -22.36 16.40
C THR I 30 -1.82 -22.04 17.51
N GLY I 31 -2.85 -22.86 17.67
CA GLY I 31 -3.87 -22.59 18.66
C GLY I 31 -4.29 -23.79 19.48
N TYR I 32 -3.56 -24.89 19.37
CA TYR I 32 -3.87 -26.09 20.13
C TYR I 32 -2.58 -26.85 20.43
N HIS I 33 -2.42 -27.25 21.69
CA HIS I 33 -1.28 -28.07 22.06
C HIS I 33 -1.37 -29.44 21.37
N MET I 34 -0.26 -30.17 21.40
CA MET I 34 -0.18 -31.50 20.80
C MET I 34 0.33 -32.47 21.85
N HIS I 35 -0.57 -33.30 22.37
CA HIS I 35 -0.21 -34.28 23.37
C HIS I 35 0.39 -35.52 22.71
N TRP I 36 1.59 -35.90 23.13
CA TRP I 36 2.27 -37.08 22.63
C TRP I 36 2.03 -38.22 23.62
N VAL I 37 1.28 -39.22 23.19
CA VAL I 37 0.87 -40.33 24.04
C VAL I 37 1.53 -41.61 23.55
N ARG I 38 2.13 -42.35 24.48
CA ARG I 38 2.81 -43.60 24.19
C ARG I 38 2.06 -44.75 24.85
N GLN I 39 1.90 -45.86 24.12
CA GLN I 39 1.19 -47.02 24.64
C GLN I 39 1.94 -48.28 24.25
N ALA I 40 2.31 -49.08 25.24
CA ALA I 40 3.00 -50.32 24.97
C ALA I 40 2.01 -51.42 24.61
N PRO I 41 2.41 -52.39 23.78
CA PRO I 41 1.51 -53.50 23.43
C PRO I 41 1.13 -54.33 24.64
N GLY I 42 -0.15 -54.31 25.00
CA GLY I 42 -0.63 -55.02 26.17
C GLY I 42 -0.54 -54.24 27.47
N GLN I 43 0.02 -53.04 27.45
CA GLN I 43 0.14 -52.21 28.64
C GLN I 43 -0.75 -50.97 28.49
N GLY I 44 -0.96 -50.30 29.61
CA GLY I 44 -1.82 -49.13 29.65
C GLY I 44 -1.25 -47.96 28.86
N LEU I 45 -1.83 -46.80 29.10
CA LEU I 45 -1.52 -45.59 28.35
C LEU I 45 -0.50 -44.76 29.11
N GLU I 46 0.49 -44.22 28.38
CA GLU I 46 1.55 -43.42 28.96
C GLU I 46 1.65 -42.09 28.24
N TRP I 47 1.88 -41.03 28.98
CA TRP I 47 1.97 -39.67 28.44
C TRP I 47 3.41 -39.18 28.48
N MET I 48 3.78 -38.40 27.47
CA MET I 48 5.15 -37.92 27.32
C MET I 48 5.26 -36.41 27.50
N GLY I 49 4.49 -35.63 26.76
CA GLY I 49 4.56 -34.19 26.87
C GLY I 49 3.71 -33.53 25.81
N TRP I 50 3.61 -32.20 25.92
CA TRP I 50 2.81 -31.41 25.01
C TRP I 50 3.65 -30.30 24.40
N ILE I 51 3.29 -29.92 23.18
CA ILE I 51 3.96 -28.86 22.44
C ILE I 51 2.97 -27.73 22.21
N ASN I 52 3.33 -26.53 22.63
CA ASN I 52 2.54 -25.35 22.31
C ASN I 52 3.09 -24.76 21.02
N PRO I 53 2.43 -24.96 19.88
CA PRO I 53 3.03 -24.52 18.60
C PRO I 53 3.44 -23.06 18.58
N PHE I 54 2.69 -22.19 19.24
CA PHE I 54 3.10 -20.81 19.41
C PHE I 54 4.35 -20.76 20.27
N ARG I 55 5.49 -20.43 19.66
CA ARG I 55 6.81 -20.33 20.27
C ARG I 55 7.39 -21.68 20.65
N GLY I 56 6.68 -22.78 20.44
CA GLY I 56 7.24 -24.09 20.67
C GLY I 56 7.49 -24.47 22.11
N GLY I 57 6.80 -23.84 23.05
CA GLY I 57 6.99 -24.15 24.46
C GLY I 57 6.56 -25.58 24.75
N VAL I 58 7.50 -26.42 25.18
CA VAL I 58 7.23 -27.81 25.46
C VAL I 58 7.36 -28.08 26.94
N LYS I 59 6.82 -29.21 27.38
CA LYS I 59 6.87 -29.62 28.77
C LYS I 59 6.77 -31.14 28.81
N TYR I 60 7.90 -31.80 29.05
CA TYR I 60 7.96 -33.26 29.02
C TYR I 60 7.55 -33.83 30.38
N ALA I 61 7.32 -35.15 30.38
CA ALA I 61 7.03 -35.86 31.61
C ALA I 61 8.33 -36.16 32.36
N GLN I 62 8.18 -36.48 33.65
CA GLN I 62 9.34 -36.73 34.49
C GLN I 62 10.06 -38.02 34.09
N LYS I 63 9.32 -39.00 33.58
CA LYS I 63 9.94 -40.27 33.19
C LYS I 63 10.69 -40.17 31.86
N PHE I 64 10.53 -39.07 31.13
CA PHE I 64 11.21 -38.89 29.85
C PHE I 64 12.10 -37.66 29.82
N ARG I 65 12.38 -37.04 30.97
CA ARG I 65 13.29 -35.91 31.00
C ARG I 65 14.67 -36.33 30.54
N GLY I 66 15.26 -35.54 29.64
CA GLY I 66 16.55 -35.86 29.08
C GLY I 66 16.52 -36.89 27.97
N ARG I 67 15.34 -37.40 27.61
CA ARG I 67 15.21 -38.40 26.56
C ARG I 67 14.52 -37.83 25.32
N VAL I 68 13.32 -37.27 25.47
CA VAL I 68 12.54 -36.81 24.33
C VAL I 68 12.93 -35.38 23.99
N SER I 69 12.64 -34.97 22.76
CA SER I 69 12.88 -33.61 22.30
C SER I 69 11.82 -33.28 21.26
N MET I 70 10.79 -32.56 21.67
CA MET I 70 9.64 -32.27 20.81
C MET I 70 9.81 -30.91 20.15
N THR I 71 9.73 -30.88 18.83
CA THR I 71 9.82 -29.66 18.04
C THR I 71 8.58 -29.55 17.15
N ARG I 72 8.51 -28.46 16.40
CA ARG I 72 7.40 -28.26 15.47
C ARG I 72 7.85 -27.30 14.38
N ASP I 73 7.16 -27.36 13.25
CA ASP I 73 7.44 -26.50 12.09
C ASP I 73 6.13 -25.89 11.63
N THR I 74 5.89 -24.63 11.99
CA THR I 74 4.65 -23.96 11.61
C THR I 74 4.55 -23.76 10.11
N SER I 75 5.70 -23.79 9.43
CA SER I 75 5.72 -23.62 7.96
C SER I 75 4.90 -24.74 7.32
N ILE I 76 5.24 -25.99 7.63
CA ILE I 76 4.57 -27.15 7.02
C ILE I 76 3.48 -27.71 7.92
N GLU I 77 3.35 -27.21 9.15
CA GLU I 77 2.38 -27.71 10.12
C GLU I 77 2.63 -29.19 10.41
N ILE I 78 3.81 -29.46 10.99
CA ILE I 78 4.25 -30.80 11.31
C ILE I 78 4.87 -30.81 12.68
N PHE I 79 4.48 -31.79 13.50
CA PHE I 79 5.06 -31.99 14.82
C PHE I 79 6.14 -33.07 14.76
N TYR I 80 7.12 -32.96 15.66
CA TYR I 80 8.21 -33.91 15.73
C TYR I 80 8.41 -34.34 17.18
N MET I 81 8.74 -35.61 17.37
CA MET I 81 9.05 -36.17 18.68
C MET I 81 10.22 -37.12 18.53
N GLU I 82 11.39 -36.70 18.99
CA GLU I 82 12.61 -37.50 18.87
C GLU I 82 12.94 -38.12 20.22
N LEU I 83 13.08 -39.44 20.23
CA LEU I 83 13.39 -40.20 21.43
C LEU I 83 14.73 -40.90 21.25
N SER I 84 15.69 -40.57 22.10
CA SER I 84 17.05 -41.10 22.01
C SER I 84 17.28 -42.11 23.13
N ARG I 85 18.43 -42.79 23.04
CA ARG I 85 18.81 -43.84 23.98
C ARG I 85 17.71 -44.89 24.10
N LEU I 86 17.27 -45.38 22.95
CA LEU I 86 16.18 -46.35 22.91
C LEU I 86 16.59 -47.66 23.56
N ARG I 87 15.59 -48.36 24.10
CA ARG I 87 15.76 -49.69 24.66
C ARG I 87 14.62 -50.58 24.17
N SER I 88 14.76 -51.88 24.41
CA SER I 88 13.73 -52.83 23.99
C SER I 88 12.44 -52.63 24.78
N ASP I 89 12.52 -52.09 26.00
CA ASP I 89 11.32 -51.86 26.79
C ASP I 89 10.46 -50.75 26.21
N ASP I 90 11.07 -49.85 25.43
CA ASP I 90 10.33 -48.76 24.79
C ASP I 90 9.68 -49.18 23.48
N THR I 91 9.68 -50.47 23.15
CA THR I 91 9.00 -50.95 21.96
C THR I 91 7.50 -50.77 22.14
N ALA I 92 6.92 -49.78 21.47
CA ALA I 92 5.52 -49.41 21.70
C ALA I 92 5.02 -48.65 20.49
N VAL I 93 3.77 -48.20 20.59
CA VAL I 93 3.18 -47.31 19.60
C VAL I 93 3.11 -45.91 20.19
N TYR I 94 3.08 -44.91 19.32
CA TYR I 94 3.07 -43.51 19.74
C TYR I 94 1.95 -42.77 19.04
N TYR I 95 1.30 -41.87 19.77
CA TYR I 95 0.18 -41.10 19.25
C TYR I 95 0.41 -39.62 19.48
N CYS I 96 -0.11 -38.80 18.57
CA CYS I 96 -0.15 -37.36 18.71
C CYS I 96 -1.60 -36.93 18.84
N ALA I 97 -1.90 -36.14 19.87
CA ALA I 97 -3.28 -35.80 20.20
C ALA I 97 -3.41 -34.31 20.42
N ARG I 98 -4.42 -33.70 19.80
CA ARG I 98 -4.76 -32.32 20.05
C ARG I 98 -5.52 -32.18 21.37
N GLU I 99 -5.60 -30.95 21.86
CA GLU I 99 -6.49 -30.67 22.97
C GLU I 99 -7.83 -30.15 22.46
N MET I 100 -8.86 -30.34 23.28
CA MET I 100 -10.21 -29.98 22.86
C MET I 100 -10.37 -28.47 22.71
N PHE I 101 -9.76 -27.71 23.61
CA PHE I 101 -9.94 -26.27 23.64
C PHE I 101 -8.66 -25.54 23.22
N ASP I 102 -8.83 -24.28 22.86
CA ASP I 102 -7.71 -23.46 22.41
C ASP I 102 -6.71 -23.25 23.54
N SER I 103 -5.45 -23.12 23.14
CA SER I 103 -4.34 -22.89 24.05
C SER I 103 -4.54 -21.55 24.74
N SER I 104 -5.06 -20.57 23.99
CA SER I 104 -5.30 -19.24 24.53
C SER I 104 -6.31 -19.31 25.68
N ALA I 105 -7.36 -20.12 25.51
CA ALA I 105 -8.34 -20.30 26.57
C ALA I 105 -7.61 -20.97 27.74
N ASP I 106 -7.91 -20.55 28.95
CA ASP I 106 -7.21 -21.10 30.10
C ASP I 106 -8.05 -22.08 30.93
N TRP I 107 -7.52 -23.29 31.09
CA TRP I 107 -8.15 -24.31 31.89
C TRP I 107 -7.19 -24.65 33.00
N SER I 108 -7.63 -24.48 34.24
CA SER I 108 -6.82 -24.84 35.40
C SER I 108 -6.61 -26.35 35.49
N PRO I 109 -7.68 -27.13 35.19
CA PRO I 109 -7.77 -28.59 35.27
C PRO I 109 -7.47 -29.48 34.04
N TRP I 110 -7.02 -28.97 32.89
CA TRP I 110 -6.66 -29.89 31.81
C TRP I 110 -7.77 -30.88 31.48
N ARG I 111 -8.89 -30.38 30.97
CA ARG I 111 -10.05 -31.22 30.69
C ARG I 111 -9.86 -32.41 29.73
N GLY I 112 -9.12 -32.26 28.63
CA GLY I 112 -8.97 -33.41 27.75
C GLY I 112 -8.35 -33.31 26.37
N MET I 113 -8.48 -34.40 25.63
CA MET I 113 -7.97 -34.55 24.26
C MET I 113 -9.18 -34.91 23.40
N VAL I 114 -9.15 -34.60 22.10
CA VAL I 114 -10.32 -34.86 21.28
C VAL I 114 -9.90 -35.47 19.95
N ALA I 115 -8.72 -35.11 19.46
CA ALA I 115 -8.19 -35.61 18.21
C ALA I 115 -7.03 -36.55 18.48
N TRP I 116 -6.84 -37.51 17.58
CA TRP I 116 -5.79 -38.51 17.75
C TRP I 116 -5.21 -38.89 16.40
N GLY I 117 -3.92 -39.23 16.41
CA GLY I 117 -3.27 -39.72 15.21
C GLY I 117 -3.47 -41.21 15.02
N GLN I 118 -3.09 -41.69 13.85
CA GLN I 118 -3.27 -43.10 13.54
C GLN I 118 -2.37 -44.00 14.38
N GLY I 119 -1.24 -43.49 14.86
CA GLY I 119 -0.33 -44.29 15.66
C GLY I 119 0.87 -44.77 14.89
N THR I 120 2.05 -44.70 15.52
CA THR I 120 3.30 -45.13 14.90
C THR I 120 3.89 -46.24 15.77
N LEU I 121 3.88 -47.47 15.24
CA LEU I 121 4.45 -48.61 15.94
C LEU I 121 5.95 -48.63 15.68
N VAL I 122 6.74 -48.35 16.71
CA VAL I 122 8.19 -48.38 16.63
C VAL I 122 8.66 -49.70 17.22
N THR I 123 9.07 -50.63 16.35
CA THR I 123 9.49 -51.96 16.77
C THR I 123 10.98 -51.91 17.11
N VAL I 124 11.29 -51.74 18.39
CA VAL I 124 12.66 -51.69 18.87
C VAL I 124 13.01 -53.07 19.42
N SER I 125 14.00 -53.71 18.81
CA SER I 125 14.42 -55.04 19.22
C SER I 125 15.92 -55.19 19.01
N SER I 126 16.58 -55.85 19.95
CA SER I 126 18.01 -56.12 19.83
C SER I 126 18.34 -57.20 18.82
N ALA I 127 17.36 -58.01 18.42
CA ALA I 127 17.60 -59.08 17.47
C ALA I 127 17.78 -58.52 16.07
N SER I 128 18.24 -59.39 15.17
CA SER I 128 18.45 -59.00 13.78
C SER I 128 17.42 -59.65 12.87
N SER J 2 -41.79 3.59 -43.20
CA SER J 2 -41.42 3.69 -41.79
C SER J 2 -42.66 3.87 -40.92
N ALA J 3 -42.45 3.89 -39.60
CA ALA J 3 -43.56 4.08 -38.67
C ALA J 3 -44.09 5.50 -38.67
N LEU J 4 -43.40 6.43 -39.32
CA LEU J 4 -43.82 7.83 -39.41
C LEU J 4 -43.97 8.22 -40.87
N THR J 5 -44.76 9.26 -41.10
CA THR J 5 -44.98 9.79 -42.45
C THR J 5 -44.65 11.28 -42.44
N GLN J 6 -43.68 11.66 -43.26
CA GLN J 6 -43.25 13.05 -43.39
C GLN J 6 -43.58 13.56 -44.79
N PRO J 7 -43.65 14.87 -44.99
CA PRO J 7 -43.78 15.39 -46.36
C PRO J 7 -42.56 15.01 -47.19
N ALA J 8 -42.81 14.74 -48.47
CA ALA J 8 -41.71 14.34 -49.35
C ALA J 8 -40.68 15.46 -49.50
N SER J 9 -41.15 16.71 -49.58
CA SER J 9 -40.24 17.86 -49.66
C SER J 9 -41.04 19.12 -49.39
N VAL J 10 -40.51 19.99 -48.53
CA VAL J 10 -41.12 21.27 -48.22
C VAL J 10 -40.19 22.38 -48.70
N SER J 11 -40.76 23.57 -48.88
CA SER J 11 -40.00 24.71 -49.35
C SER J 11 -40.47 25.96 -48.62
N GLY J 12 -39.66 27.01 -48.70
CA GLY J 12 -39.99 28.27 -48.05
C GLY J 12 -39.04 29.37 -48.51
N SER J 13 -39.47 30.61 -48.26
CA SER J 13 -38.69 31.80 -48.58
C SER J 13 -37.79 32.18 -47.41
N PRO J 14 -36.60 32.70 -47.68
CA PRO J 14 -35.69 33.09 -46.60
C PRO J 14 -36.33 34.11 -45.67
N GLY J 15 -36.10 33.93 -44.37
CA GLY J 15 -36.64 34.81 -43.36
C GLY J 15 -38.00 34.41 -42.83
N GLN J 16 -38.72 33.53 -43.52
CA GLN J 16 -40.06 33.13 -43.13
C GLN J 16 -40.01 32.00 -42.12
N SER J 17 -41.16 31.40 -41.85
CA SER J 17 -41.27 30.26 -40.94
C SER J 17 -41.95 29.11 -41.69
N ILE J 18 -41.54 27.89 -41.38
CA ILE J 18 -42.08 26.70 -42.00
C ILE J 18 -42.37 25.67 -40.92
N THR J 19 -43.31 24.77 -41.21
CA THR J 19 -43.73 23.73 -40.28
C THR J 19 -43.65 22.38 -40.98
N ILE J 20 -42.80 21.50 -40.48
CA ILE J 20 -42.69 20.14 -40.99
C ILE J 20 -43.43 19.21 -40.03
N SER J 21 -44.35 18.42 -40.58
CA SER J 21 -45.22 17.57 -39.78
C SER J 21 -44.70 16.14 -39.75
N CYS J 22 -44.72 15.55 -38.56
CA CYS J 22 -44.34 14.15 -38.34
C CYS J 22 -45.59 13.45 -37.82
N THR J 23 -46.22 12.65 -38.68
CA THR J 23 -47.50 12.01 -38.37
C THR J 23 -47.23 10.57 -37.94
N GLY J 24 -47.53 10.27 -36.67
CA GLY J 24 -47.37 8.95 -36.14
C GLY J 24 -48.65 8.47 -35.47
N SER J 25 -48.61 7.22 -35.00
CA SER J 25 -49.76 6.61 -34.37
C SER J 25 -49.88 7.14 -32.93
N SER J 26 -50.78 6.53 -32.16
CA SER J 26 -50.99 6.91 -30.77
C SER J 26 -50.06 6.21 -29.81
N ARG J 27 -49.24 5.27 -30.28
CA ARG J 27 -48.33 4.52 -29.42
C ARG J 27 -46.88 4.92 -29.58
N ASP J 28 -46.56 5.78 -30.54
CA ASP J 28 -45.18 6.20 -30.77
C ASP J 28 -44.98 7.69 -30.53
N VAL J 29 -45.74 8.54 -31.22
CA VAL J 29 -45.57 9.99 -31.09
C VAL J 29 -46.45 10.53 -29.97
N GLY J 30 -47.70 10.11 -29.90
CA GLY J 30 -48.58 10.60 -28.85
C GLY J 30 -48.36 9.90 -27.53
N GLY J 31 -48.01 8.62 -27.56
CA GLY J 31 -47.85 7.85 -26.33
C GLY J 31 -46.67 8.26 -25.49
N PHE J 32 -45.72 9.02 -26.05
CA PHE J 32 -44.54 9.46 -25.33
C PHE J 32 -44.25 10.91 -25.72
N ASP J 33 -43.22 11.48 -25.11
CA ASP J 33 -42.92 12.89 -25.31
C ASP J 33 -41.47 13.11 -25.72
N LEU J 34 -40.96 12.32 -26.66
CA LEU J 34 -39.56 12.40 -27.05
C LEU J 34 -39.35 12.42 -28.56
N VAL J 35 -40.25 13.05 -29.30
CA VAL J 35 -40.02 13.27 -30.72
C VAL J 35 -38.86 14.22 -30.91
N SER J 36 -37.86 13.79 -31.66
CA SER J 36 -36.67 14.60 -31.87
C SER J 36 -36.53 14.91 -33.35
N TRP J 37 -35.69 15.90 -33.65
CA TRP J 37 -35.47 16.36 -35.01
C TRP J 37 -33.98 16.48 -35.26
N TYR J 38 -33.50 15.72 -36.25
CA TYR J 38 -32.10 15.71 -36.65
C TYR J 38 -31.95 16.44 -37.97
N GLN J 39 -30.79 17.09 -38.14
CA GLN J 39 -30.47 17.83 -39.36
C GLN J 39 -29.37 17.07 -40.09
N GLN J 40 -29.71 16.50 -41.24
CA GLN J 40 -28.76 15.76 -42.07
C GLN J 40 -28.42 16.61 -43.30
N HIS J 41 -27.18 17.05 -43.37
CA HIS J 41 -26.71 17.71 -44.58
C HIS J 41 -26.47 16.68 -45.68
N PRO J 42 -26.56 17.09 -46.94
CA PRO J 42 -26.31 16.13 -48.04
C PRO J 42 -24.90 15.58 -48.01
N GLY J 43 -24.77 14.29 -47.75
CA GLY J 43 -23.48 13.61 -47.74
C GLY J 43 -22.75 13.63 -46.42
N LYS J 44 -23.33 14.17 -45.36
CA LYS J 44 -22.68 14.26 -44.06
C LYS J 44 -23.54 13.57 -43.00
N ALA J 45 -22.97 13.48 -41.80
CA ALA J 45 -23.68 12.84 -40.70
C ALA J 45 -24.73 13.79 -40.13
N PRO J 46 -25.88 13.27 -39.71
CA PRO J 46 -26.92 14.14 -39.14
C PRO J 46 -26.44 14.79 -37.85
N LYS J 47 -27.21 15.80 -37.42
CA LYS J 47 -26.91 16.51 -36.17
C LYS J 47 -28.21 16.69 -35.39
N LEU J 48 -28.17 16.34 -34.10
CA LEU J 48 -29.36 16.54 -33.24
C LEU J 48 -29.55 18.06 -33.05
N MET J 49 -30.69 18.60 -33.51
CA MET J 49 -30.96 20.05 -33.35
C MET J 49 -32.20 20.25 -32.46
N ILE J 50 -32.99 19.19 -32.27
CA ILE J 50 -34.17 19.26 -31.35
C ILE J 50 -34.24 17.93 -30.59
N TYR J 51 -33.79 17.88 -29.34
CA TYR J 51 -33.89 16.63 -28.54
C TYR J 51 -35.18 16.68 -27.71
N GLU J 52 -35.31 15.76 -26.73
CA GLU J 52 -36.57 15.70 -25.94
C GLU J 52 -37.74 15.71 -26.92
N VAL J 53 -38.72 16.60 -26.71
CA VAL J 53 -39.85 16.74 -27.67
C VAL J 53 -39.90 18.19 -28.19
N SER J 54 -39.42 19.13 -27.37
CA SER J 54 -39.45 20.57 -27.76
C SER J 54 -38.10 21.23 -27.46
N LYS J 55 -37.37 20.72 -26.47
CA LYS J 55 -36.08 21.33 -26.07
C LYS J 55 -35.04 21.12 -27.18
N ARG J 56 -33.99 21.95 -27.21
CA ARG J 56 -32.93 21.82 -28.23
C ARG J 56 -31.58 21.58 -27.56
N PRO J 57 -30.69 20.74 -28.13
CA PRO J 57 -29.35 20.55 -27.57
C PRO J 57 -28.46 21.74 -27.88
N SER J 58 -27.21 21.72 -27.41
CA SER J 58 -26.29 22.87 -27.59
C SER J 58 -25.89 23.02 -29.07
N GLY J 59 -25.22 24.13 -29.41
CA GLY J 59 -24.80 24.36 -30.77
C GLY J 59 -25.88 24.75 -31.74
N VAL J 60 -27.15 24.68 -31.35
CA VAL J 60 -28.28 25.02 -32.20
C VAL J 60 -28.92 26.29 -31.67
N SER J 61 -29.09 27.27 -32.55
CA SER J 61 -29.69 28.53 -32.15
C SER J 61 -31.20 28.37 -31.94
N ASN J 62 -31.83 29.45 -31.51
CA ASN J 62 -33.26 29.48 -31.21
C ASN J 62 -34.13 29.53 -32.44
N ARG J 63 -33.58 29.37 -33.64
CA ARG J 63 -34.39 29.44 -34.86
C ARG J 63 -35.28 28.21 -35.04
N PHE J 64 -35.09 27.17 -34.23
CA PHE J 64 -35.87 25.96 -34.33
C PHE J 64 -36.74 25.77 -33.10
N SER J 65 -37.96 25.25 -33.32
CA SER J 65 -38.86 24.93 -32.23
C SER J 65 -39.64 23.68 -32.59
N ALA J 66 -40.16 23.01 -31.57
CA ALA J 66 -40.86 21.76 -31.77
C ALA J 66 -42.09 21.69 -30.87
N SER J 67 -43.19 21.20 -31.43
CA SER J 67 -44.45 21.08 -30.71
C SER J 67 -45.10 19.75 -31.04
N LYS J 68 -46.15 19.42 -30.31
CA LYS J 68 -46.86 18.17 -30.48
C LYS J 68 -48.34 18.39 -30.23
N SER J 69 -49.18 17.96 -31.18
CA SER J 69 -50.63 18.03 -31.05
C SER J 69 -51.15 16.60 -31.23
N GLY J 70 -51.62 16.01 -30.13
CA GLY J 70 -52.13 14.65 -30.17
C GLY J 70 -51.05 13.65 -30.58
N ASN J 71 -51.19 13.10 -31.78
CA ASN J 71 -50.21 12.16 -32.33
C ASN J 71 -49.46 12.74 -33.51
N THR J 72 -49.43 14.07 -33.65
CA THR J 72 -48.78 14.74 -34.77
C THR J 72 -47.77 15.73 -34.22
N ALA J 73 -46.49 15.49 -34.47
CA ALA J 73 -45.46 16.41 -34.05
C ALA J 73 -45.18 17.41 -35.16
N SER J 74 -44.57 18.53 -34.80
CA SER J 74 -44.31 19.60 -35.76
C SER J 74 -43.00 20.29 -35.41
N LEU J 75 -42.20 20.55 -36.43
CA LEU J 75 -40.96 21.32 -36.30
C LEU J 75 -41.13 22.63 -37.04
N THR J 76 -41.01 23.73 -36.31
CA THR J 76 -41.15 25.07 -36.86
C THR J 76 -39.77 25.71 -36.98
N ILE J 77 -39.47 26.23 -38.16
CA ILE J 77 -38.20 26.90 -38.44
C ILE J 77 -38.53 28.37 -38.73
N SER J 78 -37.93 29.26 -37.95
CA SER J 78 -38.15 30.70 -38.10
C SER J 78 -36.89 31.35 -38.67
N GLY J 79 -37.10 32.28 -39.60
CA GLY J 79 -35.99 32.94 -40.26
C GLY J 79 -35.15 31.97 -41.08
N LEU J 80 -35.72 31.46 -42.17
CA LEU J 80 -35.03 30.50 -43.00
C LEU J 80 -33.78 31.12 -43.61
N GLN J 81 -32.75 30.29 -43.79
CA GLN J 81 -31.50 30.72 -44.40
C GLN J 81 -31.06 29.66 -45.40
N ALA J 82 -30.14 30.06 -46.28
CA ALA J 82 -29.66 29.15 -47.31
C ALA J 82 -28.93 27.96 -46.73
N GLU J 83 -28.42 28.09 -45.49
CA GLU J 83 -27.74 26.98 -44.84
C GLU J 83 -28.68 25.85 -44.47
N ASP J 84 -29.98 26.13 -44.32
CA ASP J 84 -30.96 25.13 -43.94
C ASP J 84 -31.45 24.29 -45.12
N GLU J 85 -30.82 24.41 -46.28
CA GLU J 85 -31.22 23.62 -47.46
C GLU J 85 -30.62 22.22 -47.34
N ALA J 86 -31.18 21.46 -46.40
CA ALA J 86 -30.74 20.09 -46.14
C ALA J 86 -31.93 19.29 -45.64
N ASP J 87 -31.69 18.02 -45.33
CA ASP J 87 -32.76 17.14 -44.89
C ASP J 87 -32.95 17.26 -43.38
N TYR J 88 -34.20 17.06 -42.94
CA TYR J 88 -34.54 17.12 -41.53
C TYR J 88 -35.41 15.93 -41.20
N TYR J 89 -34.93 15.07 -40.30
CA TYR J 89 -35.56 13.80 -40.00
C TYR J 89 -36.23 13.84 -38.63
N CYS J 90 -37.43 13.29 -38.55
CA CYS J 90 -38.16 13.10 -37.32
C CYS J 90 -37.78 11.79 -36.67
N TYR J 91 -37.92 11.72 -35.35
CA TYR J 91 -37.54 10.52 -34.60
C TYR J 91 -38.49 10.33 -33.44
N SER J 92 -38.93 9.09 -33.23
CA SER J 92 -39.90 8.79 -32.18
C SER J 92 -39.59 7.43 -31.59
N TYR J 93 -40.01 7.24 -30.34
CA TYR J 93 -39.83 5.97 -29.62
C TYR J 93 -41.08 5.12 -29.82
N ALA J 94 -41.09 4.37 -30.92
CA ALA J 94 -42.18 3.45 -31.27
C ALA J 94 -41.99 2.06 -30.69
N ASP J 95 -41.97 1.93 -29.36
CA ASP J 95 -41.57 0.69 -28.70
C ASP J 95 -40.19 0.26 -29.19
N GLY J 96 -39.35 1.25 -29.43
CA GLY J 96 -38.08 1.04 -30.11
C GLY J 96 -37.63 2.34 -30.75
N VAL J 97 -36.90 2.20 -31.85
CA VAL J 97 -36.40 3.34 -32.60
C VAL J 97 -37.10 3.38 -33.95
N ALA J 98 -37.81 4.48 -34.21
CA ALA J 98 -38.46 4.70 -35.49
C ALA J 98 -38.19 6.12 -35.94
N PHE J 99 -37.91 6.27 -37.23
CA PHE J 99 -37.56 7.56 -37.80
C PHE J 99 -38.58 7.95 -38.87
N GLY J 100 -38.68 9.25 -39.13
CA GLY J 100 -39.52 9.73 -40.19
C GLY J 100 -38.93 9.46 -41.56
N GLY J 101 -39.80 9.48 -42.57
CA GLY J 101 -39.38 9.22 -43.94
C GLY J 101 -38.40 10.23 -44.50
N GLY J 102 -38.11 11.31 -43.76
CA GLY J 102 -37.20 12.32 -44.24
C GLY J 102 -37.87 13.32 -45.17
N THR J 103 -37.48 14.58 -45.07
CA THR J 103 -38.06 15.64 -45.89
C THR J 103 -36.95 16.54 -46.39
N LYS J 104 -36.90 16.73 -47.70
CA LYS J 104 -35.90 17.61 -48.31
C LYS J 104 -36.37 19.05 -48.23
N LEU J 105 -35.52 19.91 -47.67
CA LEU J 105 -35.85 21.32 -47.52
C LEU J 105 -35.11 22.14 -48.57
N THR J 106 -35.83 23.07 -49.19
CA THR J 106 -35.26 23.93 -50.23
C THR J 106 -35.72 25.35 -49.97
N VAL J 107 -34.76 26.27 -49.90
CA VAL J 107 -35.04 27.68 -49.64
C VAL J 107 -34.30 28.52 -50.68
N LEU J 108 -35.02 29.47 -51.28
CA LEU J 108 -34.50 30.33 -52.34
C LEU J 108 -33.81 29.47 -53.41
N GLY J 109 -34.61 28.66 -54.07
CA GLY J 109 -34.09 27.77 -55.09
C GLY J 109 -35.20 27.04 -55.82
N GLN J 110 -34.86 26.53 -56.99
CA GLN J 110 -35.79 25.77 -57.78
C GLN J 110 -36.16 24.46 -57.07
N PRO J 111 -37.37 23.94 -57.32
CA PRO J 111 -37.81 22.66 -56.75
C PRO J 111 -36.90 21.50 -57.14
N SER K 2 37.85 45.93 9.78
CA SER K 2 36.51 45.41 10.06
C SER K 2 35.57 46.54 10.49
N ALA K 3 34.27 46.33 10.29
CA ALA K 3 33.28 47.30 10.72
C ALA K 3 33.16 47.39 12.23
N LEU K 4 33.65 46.41 12.97
CA LEU K 4 33.66 46.43 14.42
C LEU K 4 35.04 46.83 14.93
N THR K 5 35.06 47.71 15.93
CA THR K 5 36.29 48.27 16.47
C THR K 5 36.58 47.56 17.79
N GLN K 6 37.67 46.80 17.82
CA GLN K 6 38.09 46.06 19.00
C GLN K 6 39.45 46.55 19.49
N PRO K 7 39.71 46.46 20.79
CA PRO K 7 41.08 46.62 21.27
C PRO K 7 41.99 45.54 20.67
N ALA K 8 43.24 45.91 20.46
CA ALA K 8 44.17 45.00 19.78
C ALA K 8 44.40 43.74 20.60
N SER K 9 44.80 43.90 21.86
CA SER K 9 45.06 42.75 22.73
C SER K 9 44.91 43.19 24.18
N VAL K 10 44.38 42.29 25.00
CA VAL K 10 44.18 42.55 26.42
C VAL K 10 44.95 41.49 27.20
N SER K 11 45.84 41.95 28.09
CA SER K 11 46.65 41.08 28.92
C SER K 11 46.15 41.11 30.36
N GLY K 12 46.49 40.07 31.09
CA GLY K 12 46.07 39.97 32.48
C GLY K 12 46.70 38.78 33.16
N SER K 13 46.30 38.58 34.42
CA SER K 13 46.76 37.49 35.27
C SER K 13 45.59 36.62 35.71
N PRO K 14 45.84 35.35 36.01
CA PRO K 14 44.75 34.47 36.45
C PRO K 14 44.15 34.95 37.76
N GLY K 15 42.95 34.44 38.05
CA GLY K 15 42.21 34.83 39.22
C GLY K 15 41.60 36.21 39.17
N GLN K 16 42.11 37.10 38.32
CA GLN K 16 41.56 38.43 38.17
C GLN K 16 40.40 38.39 37.17
N SER K 17 39.94 39.56 36.74
CA SER K 17 38.89 39.67 35.75
C SER K 17 39.19 40.83 34.83
N ILE K 18 38.86 40.65 33.56
CA ILE K 18 39.10 41.65 32.53
C ILE K 18 37.79 41.91 31.78
N THR K 19 37.85 42.82 30.82
CA THR K 19 36.71 43.19 30.01
C THR K 19 37.18 43.55 28.62
N ILE K 20 36.59 42.94 27.60
CA ILE K 20 36.86 43.26 26.20
C ILE K 20 35.61 43.87 25.60
N SER K 21 35.77 44.98 24.88
CA SER K 21 34.65 45.73 24.34
C SER K 21 34.57 45.57 22.83
N CYS K 22 33.34 45.58 22.32
CA CYS K 22 33.07 45.53 20.89
C CYS K 22 32.33 46.82 20.53
N THR K 23 33.10 47.88 20.24
CA THR K 23 32.55 49.19 19.95
C THR K 23 32.18 49.25 18.47
N GLY K 24 30.90 49.55 18.19
CA GLY K 24 30.44 49.60 16.82
C GLY K 24 29.58 50.81 16.51
N SER K 25 28.92 50.78 15.35
CA SER K 25 28.10 51.90 14.90
C SER K 25 26.68 51.74 15.46
N SER K 26 25.75 52.54 14.95
CA SER K 26 24.36 52.51 15.38
C SER K 26 23.54 51.44 14.69
N ARG K 27 24.14 50.65 13.81
CA ARG K 27 23.41 49.64 13.05
C ARG K 27 23.79 48.21 13.39
N ASP K 28 24.89 48.00 14.12
CA ASP K 28 25.32 46.66 14.49
C ASP K 28 24.99 46.30 15.93
N VAL K 29 25.36 47.14 16.89
CA VAL K 29 25.13 46.87 18.30
C VAL K 29 23.93 47.63 18.84
N GLY K 30 23.66 48.82 18.29
CA GLY K 30 22.52 49.60 18.74
C GLY K 30 21.25 49.30 17.99
N GLY K 31 21.40 48.93 16.71
CA GLY K 31 20.24 48.65 15.84
C GLY K 31 19.69 47.27 16.09
N PHE K 32 20.52 46.34 16.57
CA PHE K 32 20.11 44.92 16.73
C PHE K 32 20.68 44.36 18.03
N ASP K 33 20.05 43.29 18.53
CA ASP K 33 20.50 42.64 19.75
C ASP K 33 21.05 41.25 19.45
N LEU K 34 21.86 41.15 18.39
CA LEU K 34 22.43 39.88 17.95
C LEU K 34 23.95 39.86 18.11
N VAL K 35 24.45 40.47 19.18
CA VAL K 35 25.89 40.47 19.43
C VAL K 35 26.33 39.08 19.87
N SER K 36 27.50 38.66 19.40
CA SER K 36 28.01 37.33 19.70
C SER K 36 29.52 37.37 19.86
N TRP K 37 30.06 36.36 20.54
CA TRP K 37 31.47 36.27 20.84
C TRP K 37 31.96 34.85 20.56
N TYR K 38 33.13 34.73 19.94
CA TYR K 38 33.71 33.45 19.60
C TYR K 38 35.05 33.27 20.34
N GLN K 39 35.48 32.02 20.44
CA GLN K 39 36.76 31.65 21.04
C GLN K 39 37.54 30.81 20.05
N GLN K 40 38.59 31.39 19.47
CA GLN K 40 39.43 30.70 18.49
C GLN K 40 40.79 30.44 19.11
N HIS K 41 41.05 29.18 19.47
CA HIS K 41 42.38 28.81 19.93
C HIS K 41 43.36 28.93 18.76
N PRO K 42 44.58 29.41 19.00
CA PRO K 42 45.55 29.55 17.91
C PRO K 42 45.84 28.21 17.25
N GLY K 43 45.45 28.11 15.99
CA GLY K 43 45.62 26.89 15.23
C GLY K 43 44.40 25.98 15.20
N LYS K 44 43.32 26.37 15.87
CA LYS K 44 42.10 25.56 15.95
C LYS K 44 40.93 26.34 15.36
N ALA K 45 39.76 25.73 15.40
CA ALA K 45 38.55 26.35 14.87
C ALA K 45 37.87 27.20 15.93
N PRO K 46 37.27 28.33 15.53
CA PRO K 46 36.56 29.17 16.50
C PRO K 46 35.40 28.42 17.13
N LYS K 47 35.21 28.64 18.42
CA LYS K 47 34.12 28.06 19.17
C LYS K 47 33.34 29.17 19.85
N LEU K 48 32.02 29.07 19.85
CA LEU K 48 31.17 30.14 20.35
C LEU K 48 30.91 29.98 21.83
N MET K 49 30.99 31.08 22.57
CA MET K 49 30.72 31.05 24.03
C MET K 49 29.59 32.05 24.35
N ILE K 50 29.46 33.11 23.55
CA ILE K 50 28.42 34.15 23.80
C ILE K 50 27.70 34.47 22.49
N TYR K 51 26.36 34.55 22.48
CA TYR K 51 25.69 34.70 21.15
C TYR K 51 24.49 35.65 21.23
N GLU K 52 24.07 36.03 22.43
CA GLU K 52 22.98 37.03 22.55
C GLU K 52 23.52 38.23 23.34
N VAL K 53 22.65 39.20 23.65
CA VAL K 53 23.10 40.36 24.47
C VAL K 53 23.83 39.80 25.70
N SER K 54 23.27 38.77 26.33
CA SER K 54 23.91 38.13 27.51
C SER K 54 23.66 36.62 27.52
N LYS K 55 22.68 36.15 26.74
CA LYS K 55 22.37 34.70 26.68
C LYS K 55 23.55 33.97 26.02
N ARG K 56 24.04 32.91 26.66
CA ARG K 56 25.17 32.11 26.11
C ARG K 56 24.72 30.66 25.94
N PRO K 57 25.43 29.81 25.16
CA PRO K 57 25.08 28.36 24.99
C PRO K 57 25.46 27.56 26.23
N SER K 58 25.39 26.23 26.15
CA SER K 58 25.72 25.37 27.30
C SER K 58 27.24 25.19 27.42
N GLY K 59 27.92 24.93 26.30
CA GLY K 59 29.37 24.69 26.34
C GLY K 59 30.17 25.98 26.38
N VAL K 60 30.28 26.57 27.58
CA VAL K 60 31.01 27.87 27.75
C VAL K 60 31.13 28.10 29.27
N SER K 61 32.31 28.48 29.74
CA SER K 61 32.42 28.82 31.19
C SER K 61 31.40 29.92 31.48
N ASN K 62 30.40 29.64 32.32
CA ASN K 62 29.33 30.64 32.60
C ASN K 62 29.99 31.94 33.05
N ARG K 63 31.16 31.84 33.70
CA ARG K 63 31.90 33.06 34.11
C ARG K 63 31.86 34.10 32.98
N PHE K 64 31.84 33.65 31.72
CA PHE K 64 31.86 34.62 30.64
C PHE K 64 30.48 35.25 30.49
N SER K 65 30.43 36.57 30.67
CA SER K 65 29.17 37.30 30.54
C SER K 65 29.42 38.57 29.75
N ALA K 66 28.36 39.09 29.13
CA ALA K 66 28.49 40.25 28.28
C ALA K 66 27.14 40.97 28.22
N SER K 67 27.18 42.23 27.82
CA SER K 67 25.98 43.04 27.70
C SER K 67 26.15 44.00 26.52
N LYS K 68 25.20 44.91 26.37
CA LYS K 68 25.21 45.88 25.29
C LYS K 68 24.79 47.22 25.84
N SER K 69 25.65 48.23 25.71
CA SER K 69 25.39 49.57 26.21
C SER K 69 25.20 50.50 25.01
N GLY K 70 23.97 50.60 24.53
CA GLY K 70 23.67 51.49 23.42
C GLY K 70 24.42 51.11 22.17
N ASN K 71 25.32 51.98 21.73
CA ASN K 71 26.12 51.75 20.54
C ASN K 71 27.48 51.14 20.85
N THR K 72 27.64 50.56 22.04
CA THR K 72 28.90 49.94 22.45
C THR K 72 28.59 48.61 23.11
N ALA K 73 29.29 47.56 22.69
CA ALA K 73 29.18 46.25 23.30
C ALA K 73 30.42 45.97 24.15
N SER K 74 30.28 44.99 25.03
CA SER K 74 31.36 44.67 25.97
C SER K 74 31.19 43.25 26.47
N LEU K 75 32.31 42.54 26.60
CA LEU K 75 32.34 41.20 27.17
C LEU K 75 33.35 41.19 28.31
N THR K 76 32.93 40.71 29.47
CA THR K 76 33.80 40.61 30.63
C THR K 76 34.15 39.15 30.88
N ILE K 77 35.37 38.92 31.37
CA ILE K 77 35.88 37.59 31.63
C ILE K 77 36.13 37.45 33.12
N SER K 78 35.47 36.48 33.75
CA SER K 78 35.61 36.22 35.17
C SER K 78 36.35 34.91 35.38
N GLY K 79 37.10 34.84 36.49
CA GLY K 79 37.87 33.66 36.82
C GLY K 79 38.84 33.26 35.73
N LEU K 80 39.82 34.13 35.46
CA LEU K 80 40.77 33.88 34.39
C LEU K 80 41.63 32.66 34.72
N GLN K 81 41.77 31.77 33.75
CA GLN K 81 42.57 30.57 33.90
C GLN K 81 43.51 30.43 32.71
N ALA K 82 44.50 29.54 32.86
CA ALA K 82 45.53 29.39 31.84
C ALA K 82 45.00 28.82 30.53
N GLU K 83 43.82 28.18 30.55
CA GLU K 83 43.27 27.62 29.32
C GLU K 83 42.69 28.68 28.41
N ASP K 84 42.48 29.89 28.90
CA ASP K 84 41.89 30.97 28.12
C ASP K 84 42.90 31.68 27.22
N GLU K 85 44.09 31.10 27.02
CA GLU K 85 45.12 31.70 26.17
C GLU K 85 44.72 31.51 24.71
N ALA K 86 43.77 32.32 24.26
CA ALA K 86 43.29 32.28 22.89
C ALA K 86 42.79 33.67 22.50
N ASP K 87 42.35 33.79 21.26
CA ASP K 87 41.79 35.03 20.75
C ASP K 87 40.26 34.97 20.80
N TYR K 88 39.64 36.15 20.79
CA TYR K 88 38.20 36.25 20.87
C TYR K 88 37.71 37.30 19.88
N TYR K 89 36.69 36.95 19.11
CA TYR K 89 36.15 37.80 18.06
C TYR K 89 34.69 38.14 18.36
N CYS K 90 34.32 39.39 18.08
CA CYS K 90 32.95 39.87 18.24
C CYS K 90 32.20 39.75 16.93
N TYR K 91 30.90 39.47 17.03
CA TYR K 91 30.06 39.28 15.85
C TYR K 91 28.69 39.88 16.12
N SER K 92 28.24 40.74 15.21
CA SER K 92 26.91 41.33 15.28
C SER K 92 26.34 41.44 13.88
N TYR K 93 25.03 41.67 13.82
CA TYR K 93 24.30 41.73 12.55
C TYR K 93 24.13 43.21 12.16
N ALA K 94 25.04 43.70 11.33
CA ALA K 94 24.92 45.03 10.75
C ALA K 94 24.35 44.92 9.34
N ASP K 95 23.09 44.47 9.28
CA ASP K 95 22.44 44.11 8.02
C ASP K 95 23.29 43.11 7.23
N GLY K 96 23.99 42.25 7.96
CA GLY K 96 24.89 41.28 7.37
C GLY K 96 25.68 40.56 8.45
N VAL K 97 26.87 40.06 8.11
CA VAL K 97 27.73 39.39 9.06
C VAL K 97 29.08 40.10 9.03
N ALA K 98 29.36 40.89 10.06
CA ALA K 98 30.63 41.59 10.21
C ALA K 98 31.25 41.19 11.52
N PHE K 99 32.50 40.73 11.49
CA PHE K 99 33.19 40.27 12.67
C PHE K 99 34.06 41.38 13.26
N GLY K 100 34.57 41.13 14.46
CA GLY K 100 35.46 42.07 15.10
C GLY K 100 36.92 41.81 14.79
N GLY K 101 37.77 42.79 15.09
CA GLY K 101 39.18 42.68 14.80
C GLY K 101 39.88 41.58 15.58
N GLY K 102 39.32 41.14 16.70
CA GLY K 102 39.92 40.10 17.50
C GLY K 102 40.85 40.63 18.56
N THR K 103 41.02 39.87 19.64
CA THR K 103 41.86 40.28 20.77
C THR K 103 42.55 39.05 21.33
N LYS K 104 43.88 39.04 21.25
CA LYS K 104 44.66 37.92 21.79
C LYS K 104 44.78 38.05 23.29
N LEU K 105 44.40 36.99 24.01
CA LEU K 105 44.39 36.99 25.46
C LEU K 105 45.62 36.27 26.00
N THR K 106 46.22 36.83 27.05
CA THR K 106 47.37 36.25 27.70
C THR K 106 47.14 36.25 29.21
N VAL K 107 47.34 35.09 29.83
CA VAL K 107 47.21 34.93 31.28
C VAL K 107 48.48 34.24 31.78
N LEU K 108 48.99 34.69 32.91
CA LEU K 108 50.27 34.24 33.48
C LEU K 108 51.37 34.26 32.42
N GLY K 109 51.53 35.42 31.79
CA GLY K 109 52.50 35.54 30.71
C GLY K 109 52.69 36.98 30.32
N GLN K 110 53.69 37.17 29.45
CA GLN K 110 54.05 38.50 28.99
C GLN K 110 52.98 39.03 28.02
N PRO K 111 52.85 40.37 27.92
CA PRO K 111 51.94 40.99 26.96
C PRO K 111 52.39 40.78 25.51
N SER L 2 0.47 -47.23 37.22
CA SER L 2 0.21 -45.81 37.09
C SER L 2 -0.30 -45.24 38.41
N ALA L 3 -0.78 -43.99 38.37
CA ALA L 3 -1.34 -43.36 39.56
C ALA L 3 -2.80 -43.70 39.78
N LEU L 4 -3.48 -44.26 38.79
CA LEU L 4 -4.86 -44.67 38.89
C LEU L 4 -4.97 -46.20 38.87
N THR L 5 -6.06 -46.70 39.44
CA THR L 5 -6.30 -48.14 39.53
C THR L 5 -7.66 -48.45 38.90
N GLN L 6 -7.65 -49.33 37.90
CA GLN L 6 -8.86 -49.77 37.24
C GLN L 6 -9.02 -51.28 37.34
N PRO L 7 -10.24 -51.80 37.20
CA PRO L 7 -10.41 -53.25 37.08
C PRO L 7 -9.78 -53.76 35.79
N ALA L 8 -9.41 -55.04 35.80
CA ALA L 8 -8.76 -55.62 34.63
C ALA L 8 -9.75 -55.86 33.51
N SER L 9 -10.90 -56.43 33.81
CA SER L 9 -11.89 -56.76 32.79
C SER L 9 -13.28 -56.57 33.35
N VAL L 10 -14.23 -56.25 32.46
CA VAL L 10 -15.62 -56.04 32.82
C VAL L 10 -16.49 -56.70 31.76
N SER L 11 -17.61 -57.27 32.21
CA SER L 11 -18.55 -57.93 31.31
C SER L 11 -19.95 -57.37 31.55
N GLY L 12 -20.81 -57.56 30.56
CA GLY L 12 -22.18 -57.09 30.66
C GLY L 12 -23.00 -57.53 29.48
N SER L 13 -24.32 -57.43 29.64
CA SER L 13 -25.28 -57.80 28.60
C SER L 13 -25.84 -56.55 27.93
N PRO L 14 -26.19 -56.64 26.65
CA PRO L 14 -26.78 -55.49 25.96
C PRO L 14 -28.08 -55.05 26.61
N GLY L 15 -28.21 -53.75 26.88
CA GLY L 15 -29.38 -53.19 27.50
C GLY L 15 -29.21 -52.86 28.98
N GLN L 16 -28.19 -53.43 29.62
CA GLN L 16 -27.94 -53.20 31.04
C GLN L 16 -27.03 -51.98 31.20
N SER L 17 -26.46 -51.79 32.39
CA SER L 17 -25.51 -50.73 32.64
C SER L 17 -24.45 -51.22 33.62
N ILE L 18 -23.21 -50.78 33.41
CA ILE L 18 -22.08 -51.20 34.22
C ILE L 18 -21.45 -49.97 34.85
N THR L 19 -20.39 -50.20 35.61
CA THR L 19 -19.66 -49.14 36.31
C THR L 19 -18.17 -49.44 36.24
N ILE L 20 -17.42 -48.53 35.62
CA ILE L 20 -15.96 -48.62 35.57
C ILE L 20 -15.40 -47.56 36.50
N SER L 21 -14.64 -48.01 37.50
CA SER L 21 -14.15 -47.14 38.57
C SER L 21 -12.75 -46.66 38.28
N CYS L 22 -12.51 -45.37 38.49
CA CYS L 22 -11.20 -44.75 38.35
C CYS L 22 -10.77 -44.26 39.74
N THR L 23 -10.10 -45.13 40.47
CA THR L 23 -9.71 -44.85 41.85
C THR L 23 -8.31 -44.24 41.86
N GLY L 24 -8.21 -43.00 42.34
CA GLY L 24 -6.93 -42.32 42.46
C GLY L 24 -6.81 -41.64 43.82
N SER L 25 -5.65 -41.02 44.01
CA SER L 25 -5.38 -40.32 45.26
C SER L 25 -6.18 -39.01 45.31
N SER L 26 -6.10 -38.34 46.46
CA SER L 26 -6.83 -37.09 46.67
C SER L 26 -6.24 -35.92 45.91
N ARG L 27 -5.22 -36.15 45.08
CA ARG L 27 -4.58 -35.09 44.32
C ARG L 27 -4.76 -35.24 42.81
N ASP L 28 -5.44 -36.28 42.35
CA ASP L 28 -5.70 -36.48 40.94
C ASP L 28 -7.17 -36.45 40.58
N VAL L 29 -8.01 -37.16 41.34
CA VAL L 29 -9.46 -37.13 41.12
C VAL L 29 -10.16 -36.30 42.19
N GLY L 30 -9.62 -36.28 43.41
CA GLY L 30 -10.20 -35.47 44.46
C GLY L 30 -9.65 -34.06 44.51
N GLY L 31 -8.41 -33.88 44.07
CA GLY L 31 -7.82 -32.56 44.02
C GLY L 31 -8.15 -31.75 42.79
N PHE L 32 -8.79 -32.37 41.79
CA PHE L 32 -9.17 -31.67 40.57
C PHE L 32 -10.50 -32.24 40.09
N ASP L 33 -11.03 -31.64 39.03
CA ASP L 33 -12.36 -31.99 38.52
C ASP L 33 -12.32 -32.12 37.00
N LEU L 34 -11.32 -32.83 36.49
CA LEU L 34 -11.10 -32.96 35.06
C LEU L 34 -10.86 -34.40 34.64
N VAL L 35 -11.60 -35.34 35.23
CA VAL L 35 -11.45 -36.74 34.88
C VAL L 35 -11.98 -36.97 33.48
N SER L 36 -11.33 -37.87 32.73
CA SER L 36 -11.73 -38.18 31.37
C SER L 36 -11.71 -39.69 31.16
N TRP L 37 -12.28 -40.10 30.03
CA TRP L 37 -12.36 -41.52 29.68
C TRP L 37 -12.13 -41.66 28.18
N TYR L 38 -11.26 -42.59 27.79
CA TYR L 38 -10.89 -42.81 26.41
C TYR L 38 -11.29 -44.21 25.96
N GLN L 39 -11.84 -44.29 24.75
CA GLN L 39 -12.29 -45.56 24.17
C GLN L 39 -11.33 -45.93 23.04
N GLN L 40 -10.57 -46.99 23.24
CA GLN L 40 -9.58 -47.46 22.25
C GLN L 40 -9.97 -48.86 21.81
N HIS L 41 -10.39 -49.00 20.56
CA HIS L 41 -10.56 -50.31 19.98
C HIS L 41 -9.19 -50.94 19.73
N PRO L 42 -9.08 -52.27 19.84
CA PRO L 42 -7.78 -52.91 19.60
C PRO L 42 -7.27 -52.68 18.19
N GLY L 43 -6.16 -51.95 18.07
CA GLY L 43 -5.60 -51.62 16.79
C GLY L 43 -5.94 -50.24 16.25
N LYS L 44 -6.63 -49.42 17.03
CA LYS L 44 -7.02 -48.08 16.61
C LYS L 44 -6.63 -47.08 17.69
N ALA L 45 -6.89 -45.80 17.40
CA ALA L 45 -6.58 -44.73 18.34
C ALA L 45 -7.74 -44.51 19.31
N PRO L 46 -7.45 -44.03 20.52
CA PRO L 46 -8.53 -43.78 21.48
C PRO L 46 -9.50 -42.70 21.03
N LYS L 47 -10.53 -42.45 21.83
CA LYS L 47 -11.55 -41.46 21.52
C LYS L 47 -12.10 -40.90 22.82
N LEU L 48 -12.47 -39.62 22.81
CA LEU L 48 -12.94 -38.95 24.01
C LEU L 48 -14.46 -39.00 24.10
N MET L 49 -14.98 -39.52 25.23
CA MET L 49 -16.44 -39.60 25.41
C MET L 49 -16.86 -38.81 26.65
N ILE L 50 -15.93 -38.65 27.61
CA ILE L 50 -16.23 -37.88 28.85
C ILE L 50 -15.02 -37.01 29.21
N TYR L 51 -15.23 -35.74 29.55
CA TYR L 51 -14.12 -34.86 29.98
C TYR L 51 -14.65 -33.94 31.08
N GLU L 52 -13.77 -33.20 31.76
CA GLU L 52 -14.22 -32.34 32.88
C GLU L 52 -15.06 -33.17 33.86
N VAL L 53 -14.61 -34.40 34.17
CA VAL L 53 -15.34 -35.30 35.12
C VAL L 53 -16.64 -35.81 34.44
N SER L 54 -17.52 -34.91 34.00
CA SER L 54 -18.81 -35.35 33.41
C SER L 54 -19.22 -34.40 32.26
N LYS L 55 -18.55 -34.51 31.11
CA LYS L 55 -18.94 -33.68 29.94
C LYS L 55 -18.70 -34.50 28.65
N ARG L 56 -19.72 -34.61 27.80
CA ARG L 56 -19.59 -35.40 26.55
C ARG L 56 -19.27 -34.46 25.38
N PRO L 57 -18.19 -34.71 24.60
CA PRO L 57 -17.89 -33.89 23.45
C PRO L 57 -18.74 -34.27 22.24
N SER L 58 -18.44 -33.68 21.08
CA SER L 58 -19.24 -33.96 19.85
C SER L 58 -19.03 -35.40 19.38
N GLY L 59 -20.03 -35.98 18.72
CA GLY L 59 -19.91 -37.36 18.19
C GLY L 59 -19.90 -38.39 19.32
N VAL L 60 -20.51 -38.05 20.46
CA VAL L 60 -20.54 -38.99 21.62
C VAL L 60 -22.01 -39.20 22.05
N SER L 61 -22.45 -40.45 22.13
CA SER L 61 -23.84 -40.75 22.54
C SER L 61 -24.00 -40.53 24.06
N ASN L 62 -25.23 -40.27 24.52
CA ASN L 62 -25.49 -40.06 25.97
C ASN L 62 -25.20 -41.35 26.74
N ARG L 63 -25.05 -42.47 26.02
CA ARG L 63 -24.82 -43.78 26.69
C ARG L 63 -23.61 -43.68 27.62
N PHE L 64 -22.54 -43.00 27.19
CA PHE L 64 -21.31 -42.90 28.01
C PHE L 64 -21.43 -41.75 29.01
N SER L 65 -21.99 -42.03 30.19
CA SER L 65 -22.14 -40.98 31.24
C SER L 65 -21.13 -41.25 32.37
N ALA L 66 -20.71 -40.22 33.09
CA ALA L 66 -19.69 -40.42 34.11
C ALA L 66 -19.95 -39.49 35.29
N SER L 67 -19.18 -39.70 36.35
CA SER L 67 -19.30 -38.92 37.58
C SER L 67 -17.99 -38.96 38.33
N LYS L 68 -17.91 -38.16 39.38
CA LYS L 68 -16.75 -38.11 40.26
C LYS L 68 -17.22 -38.20 41.70
N SER L 69 -16.77 -39.25 42.40
CA SER L 69 -17.19 -39.52 43.78
C SER L 69 -15.95 -39.49 44.66
N GLY L 70 -15.67 -38.31 45.22
CA GLY L 70 -14.54 -38.15 46.12
C GLY L 70 -13.20 -38.48 45.46
N ASN L 71 -12.59 -39.58 45.89
CA ASN L 71 -11.32 -40.03 45.33
C ASN L 71 -11.50 -41.18 44.34
N THR L 72 -12.70 -41.37 43.82
CA THR L 72 -12.98 -42.45 42.88
C THR L 72 -13.99 -41.97 41.84
N ALA L 73 -13.57 -41.92 40.58
CA ALA L 73 -14.46 -41.57 39.50
C ALA L 73 -15.26 -42.80 39.05
N SER L 74 -16.30 -42.56 38.27
CA SER L 74 -17.17 -43.62 37.80
C SER L 74 -17.66 -43.30 36.40
N LEU L 75 -17.73 -44.32 35.56
CA LEU L 75 -18.24 -44.20 34.20
C LEU L 75 -19.28 -45.30 33.97
N THR L 76 -20.47 -44.90 33.55
CA THR L 76 -21.56 -45.83 33.28
C THR L 76 -21.94 -45.78 31.81
N ILE L 77 -22.41 -46.92 31.31
CA ILE L 77 -22.86 -47.05 29.92
C ILE L 77 -24.33 -47.43 29.94
N SER L 78 -25.19 -46.51 29.53
CA SER L 78 -26.62 -46.76 29.46
C SER L 78 -26.94 -47.46 28.14
N GLY L 79 -27.52 -48.66 28.24
CA GLY L 79 -27.86 -49.42 27.05
C GLY L 79 -26.64 -49.96 26.33
N LEU L 80 -25.95 -50.92 26.93
CA LEU L 80 -24.80 -51.54 26.29
C LEU L 80 -25.17 -52.10 24.93
N GLN L 81 -24.19 -52.09 24.02
CA GLN L 81 -24.36 -52.61 22.68
C GLN L 81 -23.10 -53.39 22.31
N ALA L 82 -23.15 -54.03 21.14
CA ALA L 82 -21.99 -54.81 20.70
C ALA L 82 -20.82 -53.91 20.32
N GLU L 83 -21.09 -52.64 19.99
CA GLU L 83 -20.03 -51.73 19.56
C GLU L 83 -19.18 -51.22 20.72
N ASP L 84 -19.55 -51.54 21.96
CA ASP L 84 -18.84 -51.02 23.12
C ASP L 84 -17.66 -51.89 23.55
N GLU L 85 -17.38 -52.99 22.85
CA GLU L 85 -16.33 -53.89 23.28
C GLU L 85 -14.95 -53.31 22.99
N ALA L 86 -14.62 -52.21 23.67
CA ALA L 86 -13.33 -51.56 23.53
C ALA L 86 -12.78 -51.26 24.91
N ASP L 87 -11.48 -50.93 24.95
CA ASP L 87 -10.82 -50.61 26.21
C ASP L 87 -11.17 -49.19 26.63
N TYR L 88 -11.14 -48.96 27.95
CA TYR L 88 -11.50 -47.67 28.52
C TYR L 88 -10.42 -47.25 29.51
N TYR L 89 -9.83 -46.07 29.28
CA TYR L 89 -8.76 -45.54 30.10
C TYR L 89 -9.20 -44.25 30.75
N CYS L 90 -8.82 -44.07 32.01
CA CYS L 90 -9.17 -42.87 32.76
C CYS L 90 -8.03 -41.86 32.69
N TYR L 91 -8.38 -40.62 32.36
CA TYR L 91 -7.41 -39.54 32.22
C TYR L 91 -7.65 -38.52 33.32
N SER L 92 -6.67 -38.37 34.20
CA SER L 92 -6.75 -37.39 35.28
C SER L 92 -5.44 -36.62 35.34
N TYR L 93 -5.44 -35.57 36.16
CA TYR L 93 -4.29 -34.68 36.30
C TYR L 93 -3.88 -34.61 37.76
N ALA L 94 -2.62 -34.97 38.04
CA ALA L 94 -2.01 -34.81 39.36
C ALA L 94 -0.61 -34.23 39.17
N ASP L 95 -0.53 -32.90 39.10
CA ASP L 95 0.73 -32.21 38.76
C ASP L 95 1.36 -32.81 37.51
N GLY L 96 0.51 -33.30 36.62
CA GLY L 96 0.94 -34.01 35.44
C GLY L 96 -0.18 -34.92 34.97
N VAL L 97 0.05 -35.56 33.82
CA VAL L 97 -0.94 -36.43 33.21
C VAL L 97 -0.69 -37.85 33.67
N ALA L 98 -1.69 -38.45 34.31
CA ALA L 98 -1.64 -39.84 34.74
C ALA L 98 -2.85 -40.57 34.20
N PHE L 99 -2.65 -41.79 33.75
CA PHE L 99 -3.69 -42.59 33.12
C PHE L 99 -4.04 -43.78 34.01
N GLY L 100 -5.02 -44.56 33.58
CA GLY L 100 -5.43 -45.75 34.28
C GLY L 100 -4.93 -47.01 33.58
N GLY L 101 -5.04 -48.13 34.31
CA GLY L 101 -4.61 -49.40 33.79
C GLY L 101 -5.43 -49.93 32.64
N GLY L 102 -6.58 -49.32 32.35
CA GLY L 102 -7.42 -49.77 31.26
C GLY L 102 -8.31 -50.93 31.67
N THR L 103 -9.56 -50.94 31.19
CA THR L 103 -10.52 -51.98 31.51
C THR L 103 -11.10 -52.52 30.21
N LYS L 104 -10.93 -53.82 29.98
CA LYS L 104 -11.47 -54.46 28.79
C LYS L 104 -12.94 -54.74 28.97
N LEU L 105 -13.76 -54.29 28.02
CA LEU L 105 -15.20 -54.50 28.05
C LEU L 105 -15.58 -55.61 27.08
N THR L 106 -16.26 -56.63 27.59
CA THR L 106 -16.77 -57.73 26.79
C THR L 106 -18.29 -57.78 26.96
N VAL L 107 -19.01 -57.70 25.84
CA VAL L 107 -20.46 -57.63 25.85
C VAL L 107 -21.01 -58.78 25.03
N LEU L 108 -22.03 -59.46 25.56
CA LEU L 108 -22.74 -60.53 24.86
C LEU L 108 -21.78 -61.60 24.35
N GLY L 109 -21.05 -62.21 25.28
CA GLY L 109 -20.11 -63.24 24.91
C GLY L 109 -19.27 -63.65 26.10
N GLN L 110 -18.38 -64.61 25.84
CA GLN L 110 -17.50 -65.10 26.88
C GLN L 110 -16.51 -64.03 27.32
N PRO L 111 -16.10 -64.04 28.60
CA PRO L 111 -15.11 -63.09 29.11
C PRO L 111 -13.72 -63.34 28.55
N GLN M 1 -25.98 -70.32 -34.21
CA GLN M 1 -24.61 -70.59 -33.79
C GLN M 1 -23.58 -69.96 -34.72
N VAL M 2 -23.18 -68.72 -34.42
CA VAL M 2 -22.20 -68.02 -35.23
C VAL M 2 -20.87 -68.75 -35.16
N GLN M 3 -20.40 -69.22 -36.32
CA GLN M 3 -19.12 -69.92 -36.43
C GLN M 3 -18.30 -69.27 -37.52
N LEU M 4 -17.03 -69.03 -37.23
CA LEU M 4 -16.14 -68.28 -38.11
C LEU M 4 -15.02 -69.18 -38.60
N GLN M 5 -14.98 -69.41 -39.91
CA GLN M 5 -13.97 -70.26 -40.54
C GLN M 5 -13.03 -69.39 -41.35
N GLU M 6 -11.74 -69.42 -41.00
CA GLU M 6 -10.73 -68.61 -41.66
C GLU M 6 -9.99 -69.44 -42.71
N SER M 7 -9.78 -68.86 -43.88
CA SER M 7 -9.12 -69.54 -44.99
C SER M 7 -8.17 -68.56 -45.66
N GLY M 8 -6.91 -68.96 -45.78
CA GLY M 8 -5.91 -68.16 -46.44
C GLY M 8 -5.03 -68.99 -47.34
N PRO M 9 -4.01 -68.36 -47.94
CA PRO M 9 -3.11 -69.12 -48.81
C PRO M 9 -2.15 -70.01 -48.03
N GLY M 10 -1.68 -69.56 -46.88
CA GLY M 10 -0.69 -70.28 -46.12
C GLY M 10 0.74 -70.09 -46.58
N LEU M 11 0.95 -69.41 -47.70
CA LEU M 11 2.29 -69.14 -48.21
C LEU M 11 2.24 -67.86 -49.04
N VAL M 12 3.22 -66.99 -48.83
CA VAL M 12 3.25 -65.69 -49.50
C VAL M 12 4.69 -65.21 -49.53
N LYS M 13 5.00 -64.39 -50.52
CA LYS M 13 6.34 -63.86 -50.76
C LYS M 13 6.43 -62.42 -50.29
N PRO M 14 7.65 -61.89 -50.11
CA PRO M 14 7.79 -60.48 -49.75
C PRO M 14 7.16 -59.57 -50.78
N SER M 15 6.62 -58.44 -50.28
CA SER M 15 5.97 -57.44 -51.12
C SER M 15 4.81 -58.00 -51.93
N GLU M 16 4.10 -58.97 -51.35
CA GLU M 16 2.92 -59.56 -51.98
C GLU M 16 1.69 -59.17 -51.18
N THR M 17 0.55 -59.74 -51.56
CA THR M 17 -0.73 -59.47 -50.90
C THR M 17 -1.26 -60.75 -50.29
N LEU M 18 -1.57 -60.69 -49.00
CA LEU M 18 -2.21 -61.80 -48.29
C LEU M 18 -3.72 -61.61 -48.36
N SER M 19 -4.42 -62.61 -48.86
CA SER M 19 -5.88 -62.57 -48.98
C SER M 19 -6.45 -63.64 -48.07
N VAL M 20 -7.02 -63.23 -46.94
CA VAL M 20 -7.56 -64.15 -45.95
C VAL M 20 -9.04 -63.86 -45.76
N THR M 21 -9.88 -64.87 -45.98
CA THR M 21 -11.31 -64.74 -45.82
C THR M 21 -11.78 -65.42 -44.54
N CYS M 22 -12.93 -64.96 -44.04
CA CYS M 22 -13.53 -65.48 -42.82
C CYS M 22 -15.02 -65.64 -43.06
N SER M 23 -15.46 -66.88 -43.24
CA SER M 23 -16.86 -67.18 -43.51
C SER M 23 -17.63 -67.34 -42.21
N VAL M 24 -18.83 -66.78 -42.17
CA VAL M 24 -19.67 -66.79 -40.98
C VAL M 24 -20.86 -67.72 -41.22
N SER M 25 -21.21 -68.50 -40.21
CA SER M 25 -22.36 -69.39 -40.26
C SER M 25 -23.18 -69.24 -38.99
N GLY M 26 -24.44 -69.69 -39.08
CA GLY M 26 -25.32 -69.73 -37.93
C GLY M 26 -25.88 -68.40 -37.48
N ASP M 27 -25.54 -67.29 -38.15
CA ASP M 27 -26.07 -65.99 -37.78
C ASP M 27 -25.90 -65.04 -38.95
N SER M 28 -26.46 -63.84 -38.80
CA SER M 28 -26.39 -62.81 -39.82
C SER M 28 -25.14 -61.96 -39.61
N MET M 29 -24.88 -61.06 -40.56
CA MET M 29 -23.74 -60.17 -40.52
C MET M 29 -24.07 -58.80 -39.93
N ASN M 30 -25.28 -58.30 -40.18
CA ASN M 30 -25.70 -56.99 -39.69
C ASN M 30 -26.07 -57.00 -38.22
N ASN M 31 -26.03 -58.16 -37.55
CA ASN M 31 -26.35 -58.21 -36.13
C ASN M 31 -25.25 -57.58 -35.30
N TYR M 32 -24.02 -58.05 -35.45
CA TYR M 32 -22.88 -57.50 -34.73
C TYR M 32 -21.69 -57.39 -35.67
N TYR M 33 -20.86 -56.39 -35.42
CA TYR M 33 -19.74 -56.07 -36.29
C TYR M 33 -18.62 -57.09 -36.11
N TRP M 34 -17.68 -57.09 -37.06
CA TRP M 34 -16.64 -58.11 -37.09
C TRP M 34 -15.26 -57.46 -37.16
N THR M 35 -14.24 -58.24 -36.82
CA THR M 35 -12.86 -57.76 -36.82
C THR M 35 -11.91 -58.95 -36.77
N TRP M 36 -10.62 -58.64 -36.97
CA TRP M 36 -9.55 -59.62 -36.86
C TRP M 36 -8.65 -59.29 -35.67
N ILE M 37 -8.05 -60.33 -35.09
CA ILE M 37 -7.05 -60.18 -34.05
C ILE M 37 -5.89 -61.12 -34.38
N ARG M 38 -4.67 -60.60 -34.40
CA ARG M 38 -3.49 -61.39 -34.72
C ARG M 38 -2.60 -61.51 -33.49
N GLN M 39 -1.62 -62.40 -33.59
CA GLN M 39 -0.67 -62.61 -32.50
C GLN M 39 0.62 -63.18 -33.06
N SER M 40 1.72 -62.43 -32.91
CA SER M 40 2.95 -63.05 -33.35
C SER M 40 3.55 -63.90 -32.23
N PRO M 41 4.14 -65.06 -32.56
CA PRO M 41 4.74 -65.90 -31.51
C PRO M 41 5.88 -65.18 -30.81
N GLY M 42 5.68 -64.84 -29.55
CA GLY M 42 6.60 -64.02 -28.78
C GLY M 42 6.11 -62.61 -28.55
N LYS M 43 5.24 -62.10 -29.43
CA LYS M 43 4.64 -60.79 -29.27
C LYS M 43 3.32 -60.92 -28.52
N GLY M 44 2.53 -59.84 -28.51
CA GLY M 44 1.22 -59.83 -27.92
C GLY M 44 0.12 -59.72 -28.97
N LEU M 45 -1.11 -59.81 -28.48
CA LEU M 45 -2.27 -59.71 -29.36
C LEU M 45 -2.38 -58.31 -29.95
N GLU M 46 -2.57 -58.24 -31.26
CA GLU M 46 -2.70 -56.98 -31.96
C GLU M 46 -4.03 -56.93 -32.71
N TRP M 47 -4.58 -55.72 -32.79
CA TRP M 47 -5.83 -55.46 -33.49
C TRP M 47 -5.52 -54.81 -34.83
N ILE M 48 -6.25 -55.23 -35.86
CA ILE M 48 -6.01 -54.70 -37.19
C ILE M 48 -7.01 -53.60 -37.56
N GLY M 49 -8.16 -53.57 -36.89
CA GLY M 49 -9.20 -52.63 -37.22
C GLY M 49 -10.55 -53.29 -37.08
N TYR M 50 -11.57 -52.62 -37.60
CA TYR M 50 -12.93 -53.16 -37.62
C TYR M 50 -13.73 -52.48 -38.71
N ILE M 51 -14.92 -53.02 -38.96
CA ILE M 51 -15.85 -52.51 -39.95
C ILE M 51 -17.24 -52.53 -39.34
N SER M 52 -18.08 -51.57 -39.74
CA SER M 52 -19.43 -51.48 -39.22
C SER M 52 -20.45 -51.62 -40.35
N ASP M 53 -21.73 -51.41 -40.01
CA ASP M 53 -22.81 -51.57 -40.98
C ASP M 53 -22.75 -50.48 -42.06
N ARG M 54 -22.31 -49.29 -41.69
CA ARG M 54 -22.18 -48.21 -42.68
C ARG M 54 -20.91 -48.34 -43.51
N GLU M 55 -20.24 -49.49 -43.42
CA GLU M 55 -19.15 -49.87 -44.31
C GLU M 55 -17.94 -48.95 -44.21
N SER M 56 -17.95 -48.04 -43.24
CA SER M 56 -16.80 -47.17 -43.01
C SER M 56 -15.83 -47.91 -42.10
N ALA M 57 -14.72 -48.37 -42.68
CA ALA M 57 -13.76 -49.18 -41.94
C ALA M 57 -12.87 -48.30 -41.08
N THR M 58 -12.67 -48.70 -39.83
CA THR M 58 -11.72 -48.06 -38.93
C THR M 58 -10.47 -48.92 -38.85
N TYR M 59 -9.31 -48.28 -38.94
CA TYR M 59 -8.04 -48.98 -39.04
C TYR M 59 -7.17 -48.69 -37.82
N ASN M 60 -6.35 -49.67 -37.45
CA ASN M 60 -5.44 -49.52 -36.32
C ASN M 60 -4.26 -48.65 -36.74
N PRO M 61 -4.04 -47.50 -36.10
CA PRO M 61 -2.92 -46.64 -36.49
C PRO M 61 -1.56 -47.22 -36.16
N SER M 62 -1.48 -48.26 -35.33
CA SER M 62 -0.22 -48.91 -34.99
C SER M 62 0.26 -49.86 -36.08
N LEU M 63 -0.43 -49.91 -37.22
CA LEU M 63 0.00 -50.72 -38.35
C LEU M 63 0.21 -49.89 -39.62
N ASN M 64 0.18 -48.55 -39.52
CA ASN M 64 0.42 -47.66 -40.65
C ASN M 64 -0.64 -47.82 -41.75
N SER M 65 -1.73 -48.51 -41.44
CA SER M 65 -2.83 -48.72 -42.38
C SER M 65 -2.35 -49.35 -43.68
N ARG M 66 -1.45 -50.32 -43.57
CA ARG M 66 -0.97 -51.08 -44.71
C ARG M 66 -1.87 -52.26 -45.04
N VAL M 67 -3.13 -52.22 -44.61
CA VAL M 67 -4.05 -53.34 -44.72
C VAL M 67 -5.40 -52.81 -45.21
N VAL M 68 -6.14 -53.68 -45.89
CA VAL M 68 -7.50 -53.39 -46.33
C VAL M 68 -8.42 -54.41 -45.69
N ILE M 69 -9.51 -53.94 -45.09
CA ILE M 69 -10.52 -54.81 -44.50
C ILE M 69 -11.83 -54.55 -45.23
N SER M 70 -12.59 -55.62 -45.47
CA SER M 70 -13.83 -55.49 -46.21
C SER M 70 -14.77 -56.61 -45.80
N ARG M 71 -16.04 -56.48 -46.21
CA ARG M 71 -17.06 -57.47 -45.91
C ARG M 71 -17.92 -57.71 -47.15
N ASP M 72 -18.48 -58.91 -47.23
CA ASP M 72 -19.36 -59.28 -48.33
C ASP M 72 -20.53 -60.08 -47.77
N THR M 73 -21.71 -59.45 -47.71
CA THR M 73 -22.88 -60.12 -47.18
C THR M 73 -23.44 -61.16 -48.13
N SER M 74 -23.10 -61.10 -49.41
CA SER M 74 -23.54 -62.11 -50.37
C SER M 74 -22.98 -63.48 -49.98
N LYS M 75 -21.66 -63.61 -49.97
CA LYS M 75 -21.01 -64.83 -49.50
C LYS M 75 -20.86 -64.87 -47.98
N ASN M 76 -21.26 -63.80 -47.29
CA ASN M 76 -21.14 -63.71 -45.82
C ASN M 76 -19.71 -63.99 -45.38
N GLN M 77 -18.80 -63.15 -45.85
CA GLN M 77 -17.38 -63.34 -45.60
C GLN M 77 -16.71 -62.01 -45.31
N LEU M 78 -15.90 -62.00 -44.25
CA LEU M 78 -15.04 -60.87 -43.90
C LEU M 78 -13.67 -61.10 -44.52
N SER M 79 -13.26 -60.19 -45.40
CA SER M 79 -12.02 -60.35 -46.15
C SER M 79 -10.94 -59.38 -45.66
N LEU M 80 -9.71 -59.86 -45.67
CA LEU M 80 -8.55 -59.11 -45.22
C LEU M 80 -7.47 -59.21 -46.28
N LYS M 81 -7.10 -58.06 -46.85
CA LYS M 81 -6.05 -57.96 -47.85
C LYS M 81 -4.85 -57.25 -47.25
N LEU M 82 -3.66 -57.77 -47.52
CA LEU M 82 -2.41 -57.23 -46.99
C LEU M 82 -1.47 -56.94 -48.15
N ASN M 83 -1.26 -55.67 -48.45
CA ASN M 83 -0.34 -55.25 -49.49
C ASN M 83 0.99 -54.81 -48.87
N SER M 84 2.07 -55.10 -49.58
CA SER M 84 3.43 -54.83 -49.10
C SER M 84 3.69 -55.52 -47.76
N VAL M 85 3.55 -56.85 -47.78
CA VAL M 85 3.71 -57.64 -46.56
C VAL M 85 5.19 -57.70 -46.19
N THR M 86 5.46 -57.51 -44.91
CA THR M 86 6.79 -57.53 -44.31
C THR M 86 7.09 -58.91 -43.73
N PRO M 87 8.37 -59.28 -43.65
CA PRO M 87 8.73 -60.59 -43.10
C PRO M 87 8.25 -60.81 -41.67
N ALA M 88 8.08 -59.73 -40.89
CA ALA M 88 7.63 -59.86 -39.51
C ALA M 88 6.16 -60.23 -39.40
N ASP M 89 5.42 -60.28 -40.50
CA ASP M 89 4.00 -60.59 -40.47
C ASP M 89 3.71 -62.07 -40.24
N THR M 90 4.72 -62.89 -39.99
CA THR M 90 4.50 -64.30 -39.67
C THR M 90 3.84 -64.39 -38.30
N ALA M 91 2.55 -64.69 -38.29
CA ALA M 91 1.77 -64.71 -37.05
C ALA M 91 0.50 -65.51 -37.28
N VAL M 92 -0.22 -65.76 -36.20
CA VAL M 92 -1.52 -66.39 -36.27
C VAL M 92 -2.57 -65.29 -36.45
N TYR M 93 -3.59 -65.59 -37.25
CA TYR M 93 -4.66 -64.63 -37.55
C TYR M 93 -5.99 -65.23 -37.11
N TYR M 94 -6.75 -64.45 -36.34
CA TYR M 94 -8.05 -64.85 -35.86
C TYR M 94 -9.13 -64.00 -36.51
N CYS M 95 -10.36 -64.48 -36.43
CA CYS M 95 -11.52 -63.74 -36.88
C CYS M 95 -12.57 -63.80 -35.79
N ALA M 96 -13.07 -62.64 -35.38
CA ALA M 96 -13.94 -62.56 -34.22
C ALA M 96 -14.96 -61.44 -34.41
N THR M 97 -15.90 -61.35 -33.48
CA THR M 97 -16.94 -60.35 -33.51
C THR M 97 -16.50 -59.12 -32.70
N ALA M 98 -17.41 -58.17 -32.53
CA ALA M 98 -17.11 -56.97 -31.74
C ALA M 98 -18.42 -56.43 -31.17
N ARG M 99 -18.63 -56.65 -29.88
CA ARG M 99 -19.79 -56.10 -29.17
C ARG M 99 -19.47 -54.68 -28.74
N ARG M 100 -20.16 -53.70 -29.31
CA ARG M 100 -19.90 -52.29 -29.05
C ARG M 100 -20.84 -51.81 -27.96
N GLY M 101 -20.39 -51.88 -26.70
CA GLY M 101 -21.18 -51.36 -25.61
C GLY M 101 -20.90 -49.89 -25.34
N GLN M 102 -21.86 -49.23 -24.72
CA GLN M 102 -21.77 -47.80 -24.42
C GLN M 102 -21.52 -47.64 -22.93
N ARG M 103 -20.31 -47.21 -22.58
CA ARG M 103 -19.95 -46.92 -21.20
C ARG M 103 -20.16 -45.43 -20.95
N ILE M 104 -21.05 -45.10 -20.02
CA ILE M 104 -21.42 -43.73 -19.72
C ILE M 104 -20.96 -43.39 -18.31
N TYR M 105 -20.20 -42.30 -18.19
CA TYR M 105 -19.77 -41.80 -16.89
C TYR M 105 -20.33 -40.43 -16.56
N GLY M 106 -20.64 -39.61 -17.57
CA GLY M 106 -21.27 -38.33 -17.35
C GLY M 106 -22.68 -38.31 -17.91
N VAL M 107 -23.11 -37.16 -18.40
CA VAL M 107 -24.44 -37.02 -19.00
C VAL M 107 -24.35 -37.40 -20.47
N VAL M 108 -25.43 -37.96 -21.01
CA VAL M 108 -25.45 -38.34 -22.42
C VAL M 108 -25.70 -37.15 -23.33
N SER M 109 -26.29 -36.08 -22.80
CA SER M 109 -26.59 -34.91 -23.62
C SER M 109 -25.33 -34.18 -24.08
N PHE M 110 -24.22 -34.30 -23.35
CA PHE M 110 -22.99 -33.63 -23.68
C PHE M 110 -21.97 -34.55 -24.34
N GLY M 111 -22.36 -35.78 -24.66
CA GLY M 111 -21.41 -36.73 -25.22
C GLY M 111 -20.32 -37.12 -24.24
N GLU M 112 -20.68 -37.39 -22.99
CA GLU M 112 -19.72 -37.74 -21.95
C GLU M 112 -19.62 -39.24 -21.73
N PHE M 113 -19.73 -40.02 -22.80
CA PHE M 113 -19.62 -41.47 -22.76
C PHE M 113 -18.56 -41.91 -23.77
N PHE M 114 -18.41 -43.22 -23.92
CA PHE M 114 -17.59 -43.77 -24.99
C PHE M 114 -18.09 -45.17 -25.31
N TYR M 115 -17.47 -45.77 -26.33
CA TYR M 115 -17.90 -47.06 -26.85
C TYR M 115 -16.76 -48.05 -26.74
N TYR M 116 -16.97 -49.12 -25.97
CA TYR M 116 -15.96 -50.15 -25.76
C TYR M 116 -16.33 -51.39 -26.56
N TYR M 117 -15.34 -51.97 -27.23
CA TYR M 117 -15.54 -53.16 -28.06
C TYR M 117 -15.05 -54.38 -27.30
N SER M 118 -15.96 -55.32 -27.06
CA SER M 118 -15.65 -56.56 -26.36
C SER M 118 -15.67 -57.71 -27.37
N MET M 119 -14.63 -58.54 -27.32
CA MET M 119 -14.52 -59.70 -28.20
C MET M 119 -15.14 -60.90 -27.49
N ASP M 120 -16.33 -61.30 -27.94
CA ASP M 120 -17.04 -62.42 -27.32
C ASP M 120 -16.88 -63.72 -28.09
N VAL M 121 -17.18 -63.73 -29.38
CA VAL M 121 -17.11 -64.93 -30.19
C VAL M 121 -15.81 -64.88 -31.00
N TRP M 122 -14.99 -65.92 -30.87
CA TRP M 122 -13.71 -66.01 -31.55
C TRP M 122 -13.75 -67.09 -32.62
N GLY M 123 -12.60 -67.32 -33.25
CA GLY M 123 -12.47 -68.30 -34.31
C GLY M 123 -11.25 -69.18 -34.10
N LYS M 124 -11.03 -70.06 -35.08
CA LYS M 124 -9.90 -70.98 -34.99
C LYS M 124 -8.59 -70.29 -35.36
N GLY M 125 -8.60 -69.50 -36.43
CA GLY M 125 -7.42 -68.78 -36.85
C GLY M 125 -6.45 -69.61 -37.66
N THR M 126 -5.77 -68.97 -38.62
CA THR M 126 -4.80 -69.67 -39.47
C THR M 126 -3.43 -69.03 -39.33
N THR M 127 -2.48 -69.49 -40.14
CA THR M 127 -1.13 -68.96 -40.12
C THR M 127 -0.55 -69.02 -41.52
N VAL M 128 0.31 -68.05 -41.83
CA VAL M 128 0.97 -67.96 -43.12
C VAL M 128 2.46 -67.81 -42.90
N THR M 129 3.22 -68.01 -43.97
CA THR M 129 4.66 -67.77 -43.98
C THR M 129 4.99 -66.75 -45.05
N VAL M 130 5.59 -65.64 -44.64
CA VAL M 130 5.99 -64.58 -45.57
C VAL M 130 7.48 -64.72 -45.80
N SER M 131 7.83 -65.46 -46.85
CA SER M 131 9.22 -65.66 -47.24
C SER M 131 9.24 -66.03 -48.71
N SER M 132 10.45 -66.18 -49.25
CA SER M 132 10.59 -66.62 -50.64
C SER M 132 10.22 -68.09 -50.84
N ALA M 133 9.92 -68.81 -49.77
CA ALA M 133 9.57 -70.22 -49.88
C ALA M 133 8.22 -70.38 -50.56
N SER M 134 8.11 -71.42 -51.40
CA SER M 134 6.88 -71.70 -52.10
C SER M 134 6.38 -73.11 -51.78
N GLN N 1 22.76 44.57 -67.09
CA GLN N 1 22.11 43.31 -66.74
C GLN N 1 23.14 42.30 -66.23
N VAL N 2 22.73 41.52 -65.24
CA VAL N 2 23.63 40.54 -64.64
C VAL N 2 23.93 39.44 -65.66
N GLN N 3 25.16 39.42 -66.15
CA GLN N 3 25.58 38.45 -67.17
C GLN N 3 26.69 37.60 -66.59
N LEU N 4 26.41 36.31 -66.40
CA LEU N 4 27.36 35.37 -65.81
C LEU N 4 27.93 34.49 -66.92
N GLN N 5 29.15 34.80 -67.35
CA GLN N 5 29.82 34.09 -68.43
C GLN N 5 30.97 33.28 -67.84
N GLU N 6 31.05 32.01 -68.22
CA GLU N 6 32.04 31.09 -67.71
C GLU N 6 33.06 30.75 -68.79
N SER N 7 34.32 30.59 -68.39
CA SER N 7 35.39 30.24 -69.30
C SER N 7 36.34 29.27 -68.59
N GLY N 8 36.68 28.19 -69.27
CA GLY N 8 37.55 27.19 -68.69
C GLY N 8 38.40 26.47 -69.72
N PRO N 9 39.16 25.47 -69.27
CA PRO N 9 40.00 24.72 -70.22
C PRO N 9 39.21 23.81 -71.14
N GLY N 10 38.23 23.09 -70.61
CA GLY N 10 37.44 22.15 -71.37
C GLY N 10 37.97 20.72 -71.36
N LEU N 11 39.28 20.54 -71.36
CA LEU N 11 39.89 19.22 -71.32
C LEU N 11 40.95 19.20 -70.23
N VAL N 12 41.04 18.09 -69.51
CA VAL N 12 41.91 17.99 -68.34
C VAL N 12 42.16 16.51 -68.05
N LYS N 13 43.35 16.22 -67.55
CA LYS N 13 43.81 14.88 -67.22
C LYS N 13 43.45 14.54 -65.78
N PRO N 14 43.46 13.25 -65.41
CA PRO N 14 43.16 12.88 -64.02
C PRO N 14 44.20 13.42 -63.06
N SER N 15 43.81 13.52 -61.79
CA SER N 15 44.67 14.02 -60.72
C SER N 15 45.18 15.43 -61.01
N GLU N 16 44.37 16.24 -61.69
CA GLU N 16 44.73 17.60 -62.05
C GLU N 16 43.76 18.58 -61.40
N THR N 17 43.90 19.85 -61.77
CA THR N 17 43.10 20.94 -61.21
C THR N 17 42.22 21.54 -62.30
N LEU N 18 40.94 21.73 -61.97
CA LEU N 18 39.99 22.36 -62.86
C LEU N 18 39.74 23.78 -62.37
N SER N 19 40.37 24.75 -63.02
CA SER N 19 40.26 26.17 -62.64
C SER N 19 39.39 26.86 -63.68
N VAL N 20 38.12 27.07 -63.35
CA VAL N 20 37.17 27.72 -64.24
C VAL N 20 36.69 29.01 -63.59
N THR N 21 36.58 30.05 -64.40
CA THR N 21 36.16 31.37 -63.94
C THR N 21 34.72 31.64 -64.34
N CYS N 22 34.17 32.71 -63.76
CA CYS N 22 32.80 33.13 -64.05
C CYS N 22 32.76 34.65 -64.00
N SER N 23 32.64 35.29 -65.15
CA SER N 23 32.64 36.75 -65.25
C SER N 23 31.22 37.28 -65.07
N VAL N 24 31.08 38.29 -64.21
CA VAL N 24 29.80 38.95 -63.97
C VAL N 24 29.89 40.37 -64.54
N SER N 25 28.81 40.82 -65.18
CA SER N 25 28.76 42.12 -65.80
C SER N 25 27.43 42.80 -65.51
N GLY N 26 27.36 44.09 -65.85
CA GLY N 26 26.13 44.84 -65.69
C GLY N 26 25.68 45.07 -64.28
N ASP N 27 26.50 44.75 -63.28
CA ASP N 27 26.11 44.89 -61.89
C ASP N 27 27.39 44.90 -61.04
N SER N 28 27.21 45.10 -59.74
CA SER N 28 28.32 45.11 -58.80
C SER N 28 28.62 43.69 -58.32
N MET N 29 29.72 43.56 -57.58
CA MET N 29 30.13 42.29 -57.00
C MET N 29 29.65 42.11 -55.57
N ASN N 30 29.45 43.20 -54.83
CA ASN N 30 29.07 43.13 -53.43
C ASN N 30 27.56 43.25 -53.21
N ASN N 31 26.75 42.84 -54.18
CA ASN N 31 25.29 42.93 -54.04
C ASN N 31 24.69 41.66 -53.46
N TYR N 32 25.14 40.50 -53.92
CA TYR N 32 24.60 39.22 -53.49
C TYR N 32 25.73 38.21 -53.38
N TYR N 33 25.36 36.97 -53.05
CA TYR N 33 26.33 35.90 -52.88
C TYR N 33 26.42 35.08 -54.16
N TRP N 34 27.52 34.33 -54.29
CA TRP N 34 27.85 33.66 -55.53
C TRP N 34 28.17 32.20 -55.26
N THR N 35 27.96 31.37 -56.28
CA THR N 35 28.12 29.92 -56.14
C THR N 35 28.29 29.31 -57.52
N TRP N 36 28.66 28.03 -57.54
CA TRP N 36 28.72 27.23 -58.75
C TRP N 36 27.74 26.07 -58.64
N ILE N 37 27.42 25.48 -59.79
CA ILE N 37 26.53 24.33 -59.87
C ILE N 37 27.10 23.35 -60.87
N ARG N 38 27.11 22.06 -60.51
CA ARG N 38 27.58 21.00 -61.38
C ARG N 38 26.49 19.96 -61.58
N GLN N 39 26.59 19.22 -62.68
CA GLN N 39 25.62 18.16 -62.98
C GLN N 39 26.27 17.15 -63.90
N SER N 40 26.52 15.96 -63.38
CA SER N 40 27.09 14.89 -64.19
C SER N 40 26.02 14.30 -65.12
N PRO N 41 26.42 13.85 -66.32
CA PRO N 41 25.45 13.22 -67.23
C PRO N 41 24.86 11.96 -66.64
N GLY N 42 23.56 11.98 -66.34
CA GLY N 42 22.87 10.90 -65.67
C GLY N 42 22.51 11.22 -64.24
N LYS N 43 23.26 12.09 -63.58
CA LYS N 43 22.95 12.54 -62.24
C LYS N 43 22.10 13.81 -62.31
N GLY N 44 21.84 14.42 -61.16
CA GLY N 44 21.13 15.68 -61.10
C GLY N 44 22.07 16.85 -60.82
N LEU N 45 21.46 18.03 -60.69
CA LEU N 45 22.21 19.21 -60.34
C LEU N 45 22.70 19.10 -58.89
N GLU N 46 24.02 18.95 -58.72
CA GLU N 46 24.60 18.92 -57.38
C GLU N 46 25.26 20.26 -57.08
N TRP N 47 25.19 20.64 -55.81
CA TRP N 47 25.80 21.88 -55.35
C TRP N 47 27.23 21.62 -54.89
N ILE N 48 28.14 22.51 -55.27
CA ILE N 48 29.54 22.36 -54.92
C ILE N 48 29.97 23.31 -53.80
N GLY N 49 29.38 24.50 -53.71
CA GLY N 49 29.72 25.43 -52.67
C GLY N 49 29.33 26.84 -53.07
N TYR N 50 29.34 27.73 -52.08
CA TYR N 50 28.96 29.12 -52.30
C TYR N 50 29.87 30.03 -51.51
N ILE N 51 29.98 31.27 -51.99
CA ILE N 51 30.76 32.30 -51.32
C ILE N 51 29.90 33.54 -51.18
N SER N 52 30.00 34.18 -50.01
CA SER N 52 29.29 35.41 -49.71
C SER N 52 30.24 36.60 -49.89
N ASP N 53 29.77 37.78 -49.48
CA ASP N 53 30.57 38.99 -49.68
C ASP N 53 31.83 38.99 -48.83
N ARG N 54 31.83 38.26 -47.72
CA ARG N 54 32.98 38.24 -46.81
C ARG N 54 34.08 37.29 -47.26
N GLU N 55 33.99 36.74 -48.47
CA GLU N 55 35.00 35.92 -49.12
C GLU N 55 35.21 34.57 -48.45
N SER N 56 34.48 34.25 -47.38
CA SER N 56 34.66 32.99 -46.68
C SER N 56 34.04 31.86 -47.49
N ALA N 57 34.86 30.91 -47.91
CA ALA N 57 34.39 29.83 -48.77
C ALA N 57 33.78 28.71 -47.96
N THR N 58 32.49 28.44 -48.21
CA THR N 58 31.79 27.33 -47.59
C THR N 58 31.56 26.25 -48.63
N TYR N 59 32.04 25.04 -48.35
CA TYR N 59 32.05 23.96 -49.31
C TYR N 59 30.96 22.95 -48.99
N ASN N 60 30.51 22.25 -50.03
CA ASN N 60 29.57 21.16 -49.84
C ASN N 60 30.30 19.98 -49.20
N PRO N 61 29.80 19.43 -48.09
CA PRO N 61 30.49 18.29 -47.47
C PRO N 61 30.42 17.01 -48.27
N SER N 62 29.62 16.96 -49.33
CA SER N 62 29.48 15.76 -50.15
C SER N 62 30.62 15.56 -51.15
N LEU N 63 31.70 16.34 -51.03
CA LEU N 63 32.86 16.18 -51.90
C LEU N 63 34.17 16.08 -51.12
N ASN N 64 34.10 15.85 -49.81
CA ASN N 64 35.28 15.58 -48.97
C ASN N 64 36.30 16.72 -49.03
N SER N 65 35.80 17.95 -49.17
CA SER N 65 36.65 19.16 -49.15
C SER N 65 37.74 19.12 -50.21
N ARG N 66 37.44 18.51 -51.36
CA ARG N 66 38.38 18.45 -52.47
C ARG N 66 38.22 19.63 -53.43
N VAL N 67 37.68 20.75 -52.95
CA VAL N 67 37.43 21.91 -53.78
C VAL N 67 37.89 23.16 -53.03
N VAL N 68 38.46 24.11 -53.75
CA VAL N 68 38.81 25.42 -53.21
C VAL N 68 38.21 26.48 -54.13
N ILE N 69 37.32 27.30 -53.59
CA ILE N 69 36.62 28.32 -54.35
C ILE N 69 36.99 29.69 -53.79
N SER N 70 37.19 30.65 -54.70
CA SER N 70 37.54 32.01 -54.31
C SER N 70 37.05 32.97 -55.39
N ARG N 71 37.04 34.26 -55.06
CA ARG N 71 36.63 35.30 -55.99
C ARG N 71 37.62 36.45 -55.92
N ASP N 72 37.71 37.19 -57.03
CA ASP N 72 38.64 38.31 -57.15
C ASP N 72 37.87 39.53 -57.64
N THR N 73 37.80 40.57 -56.81
CA THR N 73 37.11 41.79 -57.20
C THR N 73 37.87 42.57 -58.26
N SER N 74 39.15 42.29 -58.46
CA SER N 74 39.92 42.96 -59.50
C SER N 74 39.36 42.63 -60.88
N LYS N 75 39.36 41.34 -61.23
CA LYS N 75 38.76 40.90 -62.48
C LYS N 75 37.24 40.77 -62.39
N ASN N 76 36.68 40.90 -61.18
CA ASN N 76 35.24 40.74 -60.94
C ASN N 76 34.76 39.39 -61.49
N GLN N 77 35.50 38.34 -61.13
CA GLN N 77 35.20 36.99 -61.59
C GLN N 77 35.28 36.03 -60.42
N LEU N 78 34.59 34.90 -60.55
CA LEU N 78 34.52 33.88 -59.51
C LEU N 78 35.38 32.70 -59.92
N SER N 79 36.36 32.36 -59.10
CA SER N 79 37.27 31.26 -59.36
C SER N 79 36.79 30.00 -58.66
N LEU N 80 37.37 28.87 -59.07
CA LEU N 80 36.99 27.57 -58.51
C LEU N 80 38.11 26.58 -58.79
N LYS N 81 38.69 26.02 -57.74
CA LYS N 81 39.78 25.06 -57.85
C LYS N 81 39.35 23.72 -57.29
N LEU N 82 39.77 22.63 -57.94
CA LEU N 82 39.45 21.28 -57.52
C LEU N 82 40.71 20.43 -57.55
N ASN N 83 41.13 19.95 -56.38
CA ASN N 83 42.25 19.03 -56.30
C ASN N 83 41.75 17.60 -56.15
N SER N 84 42.58 16.65 -56.56
CA SER N 84 42.23 15.22 -56.58
C SER N 84 40.96 14.99 -57.38
N VAL N 85 41.03 15.34 -58.67
CA VAL N 85 39.89 15.28 -59.57
C VAL N 85 39.78 13.86 -60.13
N THR N 86 38.57 13.28 -60.03
CA THR N 86 38.18 11.97 -60.52
C THR N 86 37.59 12.08 -61.93
N PRO N 87 37.71 11.03 -62.74
CA PRO N 87 37.11 11.06 -64.08
C PRO N 87 35.61 11.29 -64.07
N ALA N 88 34.93 11.07 -62.94
CA ALA N 88 33.50 11.30 -62.86
C ALA N 88 33.15 12.77 -62.81
N ASP N 89 34.13 13.67 -62.77
CA ASP N 89 33.89 15.10 -62.72
C ASP N 89 33.59 15.69 -64.10
N THR N 90 33.57 14.88 -65.15
CA THR N 90 33.16 15.34 -66.47
C THR N 90 31.68 15.70 -66.42
N ALA N 91 31.38 16.99 -66.44
CA ALA N 91 30.03 17.46 -66.22
C ALA N 91 29.90 18.89 -66.72
N VAL N 92 28.70 19.43 -66.59
CA VAL N 92 28.43 20.82 -66.88
C VAL N 92 28.66 21.63 -65.61
N TYR N 93 29.17 22.85 -65.78
CA TYR N 93 29.50 23.71 -64.65
C TYR N 93 28.77 25.04 -64.80
N TYR N 94 27.73 25.23 -63.99
CA TYR N 94 26.94 26.45 -64.00
C TYR N 94 27.51 27.47 -63.04
N CYS N 95 27.02 28.70 -63.16
CA CYS N 95 27.40 29.80 -62.29
C CYS N 95 26.18 30.65 -62.03
N ALA N 96 25.84 30.85 -60.76
CA ALA N 96 24.63 31.56 -60.40
C ALA N 96 24.88 32.39 -59.14
N THR N 97 23.98 33.34 -58.91
CA THR N 97 24.03 34.18 -57.72
C THR N 97 23.39 33.44 -56.54
N ALA N 98 23.21 34.14 -55.43
CA ALA N 98 22.61 33.52 -54.24
C ALA N 98 22.00 34.62 -53.37
N ARG N 99 20.67 34.66 -53.32
CA ARG N 99 19.96 35.58 -52.44
C ARG N 99 19.62 34.84 -51.15
N ARG N 100 20.34 35.16 -50.07
CA ARG N 100 20.18 34.47 -48.80
C ARG N 100 18.99 35.06 -48.06
N GLY N 101 17.84 34.41 -48.20
CA GLY N 101 16.65 34.83 -47.50
C GLY N 101 16.61 34.28 -46.09
N GLN N 102 16.05 35.08 -45.18
CA GLN N 102 15.91 34.71 -43.78
C GLN N 102 14.49 34.26 -43.52
N ARG N 103 14.30 32.96 -43.34
CA ARG N 103 13.01 32.38 -42.99
C ARG N 103 12.93 32.23 -41.48
N ILE N 104 11.87 32.77 -40.88
CA ILE N 104 11.71 32.80 -39.43
C ILE N 104 10.53 31.90 -39.07
N TYR N 105 10.76 30.97 -38.15
CA TYR N 105 9.71 30.13 -37.61
C TYR N 105 9.44 30.35 -36.13
N GLY N 106 10.47 30.64 -35.35
CA GLY N 106 10.29 30.95 -33.94
C GLY N 106 10.54 32.42 -33.65
N VAL N 107 11.22 32.71 -32.56
CA VAL N 107 11.56 34.09 -32.20
C VAL N 107 12.98 34.38 -32.67
N VAL N 108 13.26 35.67 -32.88
CA VAL N 108 14.59 36.05 -33.36
C VAL N 108 15.57 36.16 -32.21
N SER N 109 15.11 36.51 -31.00
CA SER N 109 16.02 36.70 -29.88
C SER N 109 16.66 35.39 -29.43
N PHE N 110 16.05 34.25 -29.70
CA PHE N 110 16.60 32.96 -29.31
C PHE N 110 17.33 32.27 -30.45
N GLY N 111 17.52 32.95 -31.58
CA GLY N 111 18.13 32.31 -32.73
C GLY N 111 17.31 31.18 -33.28
N GLU N 112 15.99 31.36 -33.36
CA GLU N 112 15.06 30.33 -33.84
C GLU N 112 14.69 30.57 -35.30
N PHE N 113 15.63 31.02 -36.10
CA PHE N 113 15.42 31.19 -37.54
C PHE N 113 16.51 30.46 -38.32
N PHE N 114 16.50 30.59 -39.63
CA PHE N 114 17.53 29.98 -40.46
C PHE N 114 17.53 30.65 -41.82
N TYR N 115 18.71 30.67 -42.44
CA TYR N 115 18.92 31.35 -43.72
C TYR N 115 18.90 30.31 -44.84
N TYR N 116 17.96 30.47 -45.76
CA TYR N 116 17.88 29.62 -46.94
C TYR N 116 18.40 30.39 -48.15
N TYR N 117 19.28 29.76 -48.92
CA TYR N 117 19.92 30.39 -50.07
C TYR N 117 19.12 30.07 -51.33
N SER N 118 18.84 31.11 -52.12
CA SER N 118 18.02 30.99 -53.31
C SER N 118 18.82 31.47 -54.53
N MET N 119 18.91 30.61 -55.54
CA MET N 119 19.61 30.95 -56.78
C MET N 119 18.61 31.61 -57.72
N ASP N 120 18.65 32.94 -57.79
CA ASP N 120 17.71 33.71 -58.61
C ASP N 120 18.20 33.91 -60.05
N VAL N 121 19.44 34.38 -60.21
CA VAL N 121 20.03 34.61 -61.52
C VAL N 121 21.10 33.56 -61.76
N TRP N 122 21.05 32.92 -62.92
CA TRP N 122 21.95 31.83 -63.28
C TRP N 122 22.87 32.26 -64.42
N GLY N 123 23.69 31.30 -64.87
CA GLY N 123 24.56 31.52 -66.00
C GLY N 123 24.40 30.41 -67.03
N LYS N 124 25.02 30.62 -68.19
CA LYS N 124 24.87 29.68 -69.29
C LYS N 124 25.50 28.34 -68.97
N GLY N 125 26.70 28.35 -68.38
CA GLY N 125 27.37 27.11 -68.02
C GLY N 125 28.31 26.59 -69.09
N THR N 126 29.45 26.06 -68.67
CA THR N 126 30.45 25.51 -69.58
C THR N 126 30.79 24.09 -69.15
N THR N 127 31.00 23.23 -70.15
CA THR N 127 31.23 21.81 -69.94
C THR N 127 32.72 21.50 -70.03
N VAL N 128 33.19 20.65 -69.12
CA VAL N 128 34.58 20.22 -69.09
C VAL N 128 34.61 18.70 -69.03
N THR N 129 35.60 18.09 -69.67
CA THR N 129 35.77 16.65 -69.70
C THR N 129 37.09 16.28 -69.06
N VAL N 130 37.04 15.38 -68.08
CA VAL N 130 38.24 14.90 -67.39
C VAL N 130 38.38 13.41 -67.66
N SER N 131 39.55 13.03 -68.19
CA SER N 131 39.87 11.64 -68.50
C SER N 131 41.35 11.58 -68.88
N SER N 132 41.84 10.38 -69.13
CA SER N 132 43.22 10.19 -69.55
C SER N 132 43.48 10.66 -70.98
N ALA N 133 42.47 11.20 -71.67
CA ALA N 133 42.65 11.67 -73.02
C ALA N 133 43.51 12.93 -73.06
N SER N 134 44.13 13.18 -74.20
CA SER N 134 44.99 14.34 -74.37
C SER N 134 44.50 15.21 -75.54
N GLN O 1 71.56 -20.54 34.80
CA GLN O 1 71.72 -19.98 33.47
C GLN O 1 71.55 -21.06 32.41
N VAL O 2 71.07 -20.66 31.23
CA VAL O 2 70.86 -21.57 30.12
C VAL O 2 71.87 -21.27 29.02
N GLN O 3 72.28 -22.32 28.30
CA GLN O 3 73.15 -22.17 27.15
C GLN O 3 72.77 -23.26 26.15
N LEU O 4 72.87 -22.92 24.87
CA LEU O 4 72.43 -23.81 23.80
C LEU O 4 73.59 -24.14 22.87
N GLN O 5 73.74 -25.42 22.56
CA GLN O 5 74.82 -25.91 21.71
C GLN O 5 74.23 -26.64 20.51
N GLU O 6 74.66 -26.26 19.32
CA GLU O 6 74.18 -26.84 18.08
C GLU O 6 75.32 -27.60 17.41
N SER O 7 75.08 -28.87 17.08
CA SER O 7 76.11 -29.71 16.48
C SER O 7 75.48 -30.55 15.38
N GLY O 8 75.95 -30.38 14.16
CA GLY O 8 75.49 -31.16 13.04
C GLY O 8 76.64 -31.62 12.16
N PRO O 9 76.32 -32.42 11.14
CA PRO O 9 77.39 -32.90 10.24
C PRO O 9 77.98 -31.80 9.38
N GLY O 10 77.19 -30.81 8.96
CA GLY O 10 77.66 -29.71 8.17
C GLY O 10 77.80 -29.98 6.69
N LEU O 11 78.05 -31.24 6.30
CA LEU O 11 78.21 -31.61 4.90
C LEU O 11 77.35 -32.83 4.61
N VAL O 12 76.28 -32.63 3.85
CA VAL O 12 75.34 -33.71 3.55
C VAL O 12 74.93 -33.60 2.08
N LYS O 13 74.57 -34.73 1.50
CA LYS O 13 74.00 -34.80 0.16
C LYS O 13 72.49 -34.64 0.23
N PRO O 14 71.85 -34.34 -0.90
CA PRO O 14 70.39 -34.29 -0.91
C PRO O 14 69.79 -35.67 -0.61
N SER O 15 68.50 -35.65 -0.26
CA SER O 15 67.74 -36.85 0.10
C SER O 15 68.29 -37.55 1.34
N GLU O 16 69.10 -36.85 2.13
CA GLU O 16 69.66 -37.38 3.37
C GLU O 16 68.96 -36.73 4.56
N THR O 17 69.42 -37.08 5.77
CA THR O 17 68.81 -36.62 7.00
C THR O 17 69.82 -35.85 7.83
N LEU O 18 69.43 -34.69 8.32
CA LEU O 18 70.25 -33.87 9.19
C LEU O 18 69.91 -34.21 10.64
N SER O 19 70.92 -34.39 11.47
CA SER O 19 70.75 -34.68 12.89
C SER O 19 71.52 -33.62 13.69
N VAL O 20 70.86 -32.50 13.96
CA VAL O 20 71.42 -31.42 14.74
C VAL O 20 70.78 -31.44 16.13
N THR O 21 71.57 -31.16 17.15
CA THR O 21 71.13 -31.27 18.53
C THR O 21 71.13 -29.89 19.19
N CYS O 22 70.44 -29.81 20.33
CA CYS O 22 70.37 -28.58 21.12
C CYS O 22 70.56 -28.97 22.58
N SER O 23 71.78 -28.75 23.09
CA SER O 23 72.12 -29.12 24.46
C SER O 23 71.96 -27.92 25.38
N VAL O 24 71.27 -28.12 26.50
CA VAL O 24 71.11 -27.10 27.52
C VAL O 24 71.85 -27.54 28.77
N SER O 25 72.45 -26.57 29.46
CA SER O 25 73.23 -26.82 30.67
C SER O 25 72.77 -25.89 31.77
N GLY O 26 73.06 -26.28 33.01
CA GLY O 26 72.71 -25.50 34.18
C GLY O 26 71.25 -25.55 34.58
N ASP O 27 70.35 -26.01 33.70
CA ASP O 27 68.94 -26.11 34.03
C ASP O 27 68.37 -27.35 33.37
N SER O 28 67.12 -27.66 33.71
CA SER O 28 66.43 -28.80 33.15
C SER O 28 65.79 -28.42 31.81
N MET O 29 65.03 -29.35 31.25
CA MET O 29 64.46 -29.19 29.91
C MET O 29 62.96 -28.93 29.91
N ASN O 30 62.21 -29.54 30.83
CA ASN O 30 60.76 -29.42 30.83
C ASN O 30 60.25 -28.09 31.38
N ASN O 31 61.14 -27.16 31.73
CA ASN O 31 60.69 -25.89 32.27
C ASN O 31 60.15 -24.95 31.19
N TYR O 32 60.86 -24.85 30.07
CA TYR O 32 60.48 -23.94 29.00
C TYR O 32 60.54 -24.66 27.66
N TYR O 33 59.73 -24.18 26.73
CA TYR O 33 59.57 -24.83 25.44
C TYR O 33 60.75 -24.47 24.53
N TRP O 34 60.92 -25.25 23.46
CA TRP O 34 62.06 -25.07 22.57
C TRP O 34 61.60 -25.17 21.12
N THR O 35 62.52 -24.81 20.22
CA THR O 35 62.20 -24.72 18.80
C THR O 35 63.52 -24.68 18.01
N TRP O 36 63.38 -24.47 16.70
CA TRP O 36 64.52 -24.29 15.81
C TRP O 36 64.18 -23.23 14.76
N ILE O 37 65.18 -22.41 14.43
CA ILE O 37 65.02 -21.30 13.52
C ILE O 37 66.10 -21.39 12.45
N ARG O 38 65.72 -21.18 11.19
CA ARG O 38 66.67 -21.13 10.09
C ARG O 38 66.54 -19.78 9.38
N GLN O 39 67.55 -19.49 8.55
CA GLN O 39 67.58 -18.25 7.78
C GLN O 39 68.35 -18.50 6.50
N SER O 40 67.64 -18.54 5.38
CA SER O 40 68.30 -18.79 4.10
C SER O 40 69.06 -17.54 3.65
N PRO O 41 70.25 -17.71 3.06
CA PRO O 41 71.01 -16.55 2.58
C PRO O 41 70.22 -15.78 1.53
N GLY O 42 70.02 -14.48 1.80
CA GLY O 42 69.16 -13.65 0.99
C GLY O 42 67.71 -13.65 1.40
N LYS O 43 67.29 -14.61 2.21
CA LYS O 43 65.93 -14.71 2.71
C LYS O 43 65.90 -14.21 4.15
N GLY O 44 64.74 -14.34 4.80
CA GLY O 44 64.56 -13.96 6.19
C GLY O 44 64.43 -15.18 7.09
N LEU O 45 64.43 -14.89 8.39
CA LEU O 45 64.30 -15.96 9.39
C LEU O 45 62.93 -16.61 9.28
N GLU O 46 62.90 -17.94 9.29
CA GLU O 46 61.66 -18.70 9.22
C GLU O 46 61.69 -19.82 10.26
N TRP O 47 60.54 -20.44 10.45
CA TRP O 47 60.36 -21.50 11.42
C TRP O 47 60.33 -22.87 10.74
N ILE O 48 60.63 -23.90 11.51
CA ILE O 48 60.39 -25.27 11.09
C ILE O 48 59.48 -26.03 12.05
N GLY O 49 59.28 -25.53 13.26
CA GLY O 49 58.44 -26.20 14.24
C GLY O 49 58.98 -25.97 15.63
N TYR O 50 58.20 -26.43 16.61
CA TYR O 50 58.60 -26.32 18.00
C TYR O 50 58.11 -27.55 18.77
N ILE O 51 58.76 -27.81 19.89
CA ILE O 51 58.45 -28.95 20.74
C ILE O 51 58.01 -28.45 22.10
N SER O 52 57.03 -29.13 22.68
CA SER O 52 56.45 -28.74 23.95
C SER O 52 56.57 -29.89 24.96
N ASP O 53 55.94 -29.71 26.12
CA ASP O 53 56.03 -30.70 27.19
C ASP O 53 55.28 -31.98 26.83
N ARG O 54 54.15 -31.88 26.12
CA ARG O 54 53.43 -33.07 25.72
C ARG O 54 54.07 -33.77 24.52
N GLU O 55 55.25 -33.31 24.09
CA GLU O 55 56.07 -33.98 23.09
C GLU O 55 55.41 -34.01 21.71
N SER O 56 54.22 -33.41 21.58
CA SER O 56 53.53 -33.36 20.30
C SER O 56 54.24 -32.33 19.43
N ALA O 57 55.08 -32.81 18.51
CA ALA O 57 55.87 -31.91 17.67
C ALA O 57 54.97 -31.19 16.68
N THR O 58 54.80 -29.89 16.87
CA THR O 58 54.03 -29.04 15.97
C THR O 58 54.98 -28.41 14.97
N TYR O 59 54.65 -28.54 13.68
CA TYR O 59 55.54 -28.14 12.61
C TYR O 59 54.98 -26.95 11.86
N ASN O 60 55.88 -26.26 11.16
CA ASN O 60 55.48 -25.18 10.27
C ASN O 60 54.82 -25.75 9.02
N PRO O 61 53.57 -25.39 8.72
CA PRO O 61 52.93 -25.90 7.50
C PRO O 61 53.62 -25.46 6.22
N SER O 62 54.57 -24.53 6.28
CA SER O 62 55.31 -24.03 5.13
C SER O 62 56.33 -25.04 4.58
N LEU O 63 56.40 -26.25 5.12
CA LEU O 63 57.34 -27.25 4.61
C LEU O 63 56.70 -28.63 4.47
N ASN O 64 55.39 -28.75 4.65
CA ASN O 64 54.65 -29.98 4.38
C ASN O 64 55.15 -31.15 5.25
N SER O 65 55.46 -30.86 6.51
CA SER O 65 55.88 -31.87 7.49
C SER O 65 57.11 -32.64 7.02
N ARG O 66 58.07 -31.91 6.44
CA ARG O 66 59.36 -32.48 6.06
C ARG O 66 60.37 -32.41 7.20
N VAL O 67 59.90 -32.42 8.44
CA VAL O 67 60.77 -32.33 9.61
C VAL O 67 60.19 -33.20 10.73
N VAL O 68 61.07 -33.81 11.49
CA VAL O 68 60.71 -34.59 12.68
C VAL O 68 61.57 -34.08 13.83
N ILE O 69 60.93 -33.49 14.84
CA ILE O 69 61.62 -32.86 15.95
C ILE O 69 61.15 -33.50 17.24
N SER O 70 62.11 -33.83 18.12
CA SER O 70 61.81 -34.42 19.41
C SER O 70 62.96 -34.13 20.36
N ARG O 71 62.77 -34.50 21.62
CA ARG O 71 63.77 -34.23 22.65
C ARG O 71 63.92 -35.46 23.54
N ASP O 72 65.04 -35.50 24.26
CA ASP O 72 65.32 -36.58 25.18
C ASP O 72 65.74 -35.97 26.52
N THR O 73 65.07 -36.38 27.60
CA THR O 73 65.36 -35.83 28.91
C THR O 73 66.63 -36.40 29.51
N SER O 74 67.03 -37.61 29.09
CA SER O 74 68.23 -38.22 29.65
C SER O 74 69.48 -37.41 29.30
N LYS O 75 69.78 -37.30 28.01
CA LYS O 75 70.98 -36.59 27.56
C LYS O 75 70.82 -35.07 27.56
N ASN O 76 69.65 -34.57 27.94
CA ASN O 76 69.38 -33.12 27.93
C ASN O 76 69.60 -32.54 26.54
N GLN O 77 69.27 -33.33 25.52
CA GLN O 77 69.45 -32.94 24.13
C GLN O 77 68.12 -32.99 23.40
N LEU O 78 68.07 -32.30 22.26
CA LEU O 78 66.88 -32.22 21.42
C LEU O 78 67.24 -32.72 20.04
N SER O 79 66.62 -33.83 19.63
CA SER O 79 66.91 -34.43 18.33
C SER O 79 66.08 -33.77 17.24
N LEU O 80 66.75 -33.43 16.14
CA LEU O 80 66.10 -32.79 15.00
C LEU O 80 66.41 -33.60 13.75
N LYS O 81 65.37 -33.95 13.01
CA LYS O 81 65.50 -34.76 11.80
C LYS O 81 64.90 -34.01 10.62
N LEU O 82 65.74 -33.79 9.59
CA LEU O 82 65.32 -33.14 8.36
C LEU O 82 65.46 -34.15 7.24
N ASN O 83 64.33 -34.69 6.78
CA ASN O 83 64.33 -35.65 5.69
C ASN O 83 63.98 -34.97 4.37
N SER O 84 64.44 -35.57 3.28
CA SER O 84 64.21 -35.06 1.91
C SER O 84 64.74 -33.63 1.77
N VAL O 85 65.99 -33.45 2.15
CA VAL O 85 66.62 -32.13 2.10
C VAL O 85 67.01 -31.81 0.67
N THR O 86 66.64 -30.61 0.21
CA THR O 86 66.99 -30.09 -1.09
C THR O 86 68.09 -29.04 -0.96
N PRO O 87 68.90 -28.84 -2.00
CA PRO O 87 69.96 -27.80 -1.92
C PRO O 87 69.44 -26.41 -1.58
N ALA O 88 68.13 -26.16 -1.71
CA ALA O 88 67.57 -24.88 -1.29
C ALA O 88 67.52 -24.72 0.22
N ASP O 89 67.90 -25.75 0.98
CA ASP O 89 67.87 -25.70 2.43
C ASP O 89 69.23 -25.33 3.03
N THR O 90 70.23 -25.06 2.21
CA THR O 90 71.53 -24.66 2.71
C THR O 90 71.42 -23.30 3.39
N ALA O 91 71.51 -23.27 4.71
CA ALA O 91 71.33 -22.05 5.47
C ALA O 91 71.92 -22.23 6.85
N VAL O 92 71.80 -21.19 7.67
CA VAL O 92 72.20 -21.24 9.07
C VAL O 92 70.97 -21.56 9.91
N TYR O 93 71.14 -22.44 10.89
CA TYR O 93 70.04 -22.90 11.73
C TYR O 93 70.31 -22.57 13.18
N TYR O 94 69.37 -21.89 13.82
CA TYR O 94 69.48 -21.49 15.21
C TYR O 94 68.61 -22.38 16.09
N CYS O 95 68.85 -22.28 17.39
CA CYS O 95 68.03 -22.95 18.40
C CYS O 95 67.75 -21.95 19.50
N ALA O 96 66.50 -21.92 19.97
CA ALA O 96 66.08 -20.92 20.94
C ALA O 96 65.00 -21.50 21.84
N THR O 97 64.61 -20.71 22.84
CA THR O 97 63.56 -21.08 23.77
C THR O 97 62.20 -20.67 23.20
N ALA O 98 61.14 -20.80 24.01
CA ALA O 98 59.80 -20.41 23.59
C ALA O 98 59.00 -20.08 24.83
N ARG O 99 58.85 -18.79 25.11
CA ARG O 99 58.04 -18.32 26.23
C ARG O 99 56.61 -18.15 25.75
N ARG O 100 55.76 -19.13 26.05
CA ARG O 100 54.39 -19.16 25.55
C ARG O 100 53.54 -18.21 26.39
N GLY O 101 53.53 -16.94 26.00
CA GLY O 101 52.70 -15.95 26.67
C GLY O 101 51.27 -15.99 26.18
N GLN O 102 50.33 -15.78 27.10
CA GLN O 102 48.90 -15.82 26.79
C GLN O 102 48.39 -14.40 26.66
N ARG O 103 47.94 -14.04 25.47
CA ARG O 103 47.38 -12.72 25.19
C ARG O 103 45.86 -12.81 25.30
N ILE O 104 45.30 -12.14 26.31
CA ILE O 104 43.88 -12.16 26.57
C ILE O 104 43.28 -10.83 26.16
N TYR O 105 42.28 -10.86 25.28
CA TYR O 105 41.55 -9.66 24.87
C TYR O 105 40.08 -9.69 25.26
N GLY O 106 39.44 -10.84 25.24
CA GLY O 106 38.06 -10.95 25.68
C GLY O 106 37.96 -11.61 27.03
N VAL O 107 36.97 -12.49 27.21
CA VAL O 107 36.83 -13.24 28.45
C VAL O 107 37.49 -14.59 28.28
N VAL O 108 38.00 -15.13 29.39
CA VAL O 108 38.68 -16.42 29.33
C VAL O 108 37.71 -17.59 29.39
N SER O 109 36.47 -17.35 29.81
CA SER O 109 35.50 -18.43 29.88
C SER O 109 35.09 -18.91 28.49
N PHE O 110 35.13 -18.04 27.50
CA PHE O 110 34.72 -18.37 26.14
C PHE O 110 35.89 -18.67 25.23
N GLY O 111 37.09 -18.82 25.78
CA GLY O 111 38.26 -19.06 24.94
C GLY O 111 38.57 -17.93 23.99
N GLU O 112 38.52 -16.69 24.47
CA GLU O 112 38.75 -15.50 23.65
C GLU O 112 40.17 -14.97 23.84
N PHE O 113 41.14 -15.85 23.96
CA PHE O 113 42.54 -15.50 24.08
C PHE O 113 43.34 -16.22 22.99
N PHE O 114 44.65 -16.08 23.03
CA PHE O 114 45.53 -16.82 22.15
C PHE O 114 46.95 -16.75 22.71
N TYR O 115 47.75 -17.75 22.34
CA TYR O 115 49.10 -17.90 22.85
C TYR O 115 50.10 -17.45 21.80
N TYR O 116 51.00 -16.56 22.18
CA TYR O 116 52.10 -16.12 21.33
C TYR O 116 53.42 -16.60 21.93
N TYR O 117 54.27 -17.15 21.08
CA TYR O 117 55.55 -17.72 21.51
C TYR O 117 56.65 -16.68 21.34
N SER O 118 57.38 -16.41 22.42
CA SER O 118 58.45 -15.42 22.42
C SER O 118 59.80 -16.15 22.52
N MET O 119 60.75 -15.74 21.69
CA MET O 119 62.08 -16.36 21.65
C MET O 119 63.07 -15.37 22.27
N ASP O 120 63.28 -15.50 23.58
CA ASP O 120 64.16 -14.59 24.30
C ASP O 120 65.62 -15.03 24.25
N VAL O 121 65.90 -16.28 24.56
CA VAL O 121 67.26 -16.80 24.58
C VAL O 121 67.46 -17.69 23.37
N TRP O 122 68.46 -17.39 22.57
CA TRP O 122 68.79 -18.14 21.37
C TRP O 122 70.08 -18.92 21.57
N GLY O 123 70.50 -19.62 20.51
CA GLY O 123 71.73 -20.37 20.51
C GLY O 123 72.78 -19.74 19.61
N LYS O 124 73.88 -20.47 19.43
CA LYS O 124 74.96 -19.97 18.59
C LYS O 124 74.60 -20.05 17.11
N GLY O 125 73.90 -21.10 16.70
CA GLY O 125 73.53 -21.26 15.32
C GLY O 125 74.56 -22.02 14.51
N THR O 126 74.12 -23.06 13.79
CA THR O 126 74.99 -23.89 12.99
C THR O 126 74.56 -23.84 11.53
N THR O 127 75.51 -24.16 10.65
CA THR O 127 75.27 -24.16 9.21
C THR O 127 75.67 -25.51 8.64
N VAL O 128 74.86 -26.00 7.70
CA VAL O 128 75.19 -27.22 6.96
C VAL O 128 75.13 -26.89 5.47
N THR O 129 75.74 -27.76 4.68
CA THR O 129 75.82 -27.58 3.23
C THR O 129 75.21 -28.82 2.56
N VAL O 130 73.99 -28.69 2.07
CA VAL O 130 73.30 -29.76 1.36
C VAL O 130 73.44 -29.50 -0.13
N SER O 131 74.25 -30.32 -0.79
CA SER O 131 74.50 -30.23 -2.23
C SER O 131 75.31 -31.46 -2.64
N SER O 132 75.71 -31.47 -3.91
CA SER O 132 76.58 -32.54 -4.39
C SER O 132 78.01 -32.41 -3.87
N ALA O 133 78.36 -31.28 -3.26
CA ALA O 133 79.71 -31.09 -2.74
C ALA O 133 79.90 -31.87 -1.44
N SER O 134 81.10 -32.37 -1.24
CA SER O 134 81.43 -33.14 -0.05
C SER O 134 82.47 -32.42 0.81
N VAL P 2 6.49 -60.19 -22.08
CA VAL P 2 5.43 -60.75 -21.24
C VAL P 2 5.84 -60.68 -19.77
N ARG P 3 4.84 -60.57 -18.89
CA ARG P 3 5.09 -60.46 -17.46
C ARG P 3 4.78 -61.79 -16.79
N PRO P 4 5.76 -62.50 -16.25
CA PRO P 4 5.49 -63.79 -15.61
C PRO P 4 5.03 -63.66 -14.17
N LEU P 5 4.02 -64.46 -13.82
CA LEU P 5 3.53 -64.55 -12.44
C LEU P 5 3.26 -66.02 -12.13
N SER P 6 3.06 -66.30 -10.84
CA SER P 6 2.83 -67.67 -10.40
C SER P 6 2.05 -67.66 -9.10
N VAL P 7 1.49 -68.83 -8.76
CA VAL P 7 0.69 -68.99 -7.55
C VAL P 7 0.61 -70.48 -7.25
N ALA P 8 0.32 -70.81 -6.00
CA ALA P 8 0.14 -72.19 -5.59
C ALA P 8 -1.32 -72.63 -5.81
N LEU P 9 -1.53 -73.94 -5.83
CA LEU P 9 -2.84 -74.48 -6.13
C LEU P 9 -3.80 -74.25 -4.97
N GLY P 10 -5.10 -74.35 -5.28
CA GLY P 10 -6.15 -74.19 -4.31
C GLY P 10 -6.26 -72.79 -3.74
N GLU P 11 -5.55 -71.85 -4.33
CA GLU P 11 -5.49 -70.48 -3.85
C GLU P 11 -6.22 -69.54 -4.80
N THR P 12 -6.44 -68.32 -4.33
CA THR P 12 -7.11 -67.27 -5.09
C THR P 12 -6.03 -66.31 -5.57
N ALA P 13 -5.69 -66.41 -6.85
CA ALA P 13 -4.60 -65.61 -7.42
C ALA P 13 -5.11 -64.28 -7.94
N ARG P 14 -4.34 -63.23 -7.72
CA ARG P 14 -4.66 -61.89 -8.20
C ARG P 14 -3.79 -61.57 -9.40
N ILE P 15 -4.38 -60.90 -10.40
CA ILE P 15 -3.68 -60.51 -11.61
C ILE P 15 -3.98 -59.03 -11.83
N SER P 16 -2.93 -58.22 -11.89
CA SER P 16 -3.06 -56.77 -11.97
C SER P 16 -2.55 -56.28 -13.32
N CYS P 17 -3.07 -55.14 -13.77
CA CYS P 17 -2.82 -54.71 -15.12
C CYS P 17 -1.73 -53.65 -15.15
N GLY P 18 -1.12 -53.49 -16.33
CA GLY P 18 -0.04 -52.51 -16.47
C GLY P 18 -0.54 -51.09 -16.55
N ARG P 19 -1.49 -50.83 -17.45
CA ARG P 19 -2.08 -49.51 -17.55
C ARG P 19 -2.92 -49.21 -16.32
N GLN P 20 -3.04 -47.93 -16.01
CA GLN P 20 -3.74 -47.47 -14.83
C GLN P 20 -5.12 -46.94 -15.20
N ALA P 21 -6.05 -47.01 -14.24
CA ALA P 21 -7.42 -46.56 -14.43
C ALA P 21 -7.45 -45.04 -14.41
N LEU P 22 -7.01 -44.44 -15.52
CA LEU P 22 -7.02 -42.98 -15.67
C LEU P 22 -8.45 -42.55 -15.92
N GLY P 23 -9.19 -42.33 -14.84
CA GLY P 23 -10.59 -41.98 -14.94
C GLY P 23 -11.48 -43.21 -14.90
N SER P 24 -12.71 -43.03 -15.35
CA SER P 24 -13.66 -44.12 -15.41
C SER P 24 -13.15 -45.20 -16.37
N ARG P 25 -13.16 -46.45 -15.91
CA ARG P 25 -12.53 -47.54 -16.65
C ARG P 25 -13.53 -48.63 -16.99
N ALA P 26 -13.37 -49.19 -18.18
CA ALA P 26 -14.05 -50.41 -18.61
C ALA P 26 -12.96 -51.39 -19.05
N VAL P 27 -12.84 -52.50 -18.33
CA VAL P 27 -11.76 -53.44 -18.56
C VAL P 27 -12.33 -54.76 -19.06
N GLN P 28 -11.59 -55.39 -19.96
CA GLN P 28 -11.88 -56.72 -20.45
C GLN P 28 -10.69 -57.62 -20.15
N TRP P 29 -10.97 -58.78 -19.58
CA TRP P 29 -9.96 -59.76 -19.22
C TRP P 29 -10.07 -60.93 -20.19
N TYR P 30 -9.06 -61.09 -21.04
CA TYR P 30 -9.05 -62.15 -22.04
C TYR P 30 -8.11 -63.27 -21.62
N GLN P 31 -8.47 -64.50 -21.97
CA GLN P 31 -7.72 -65.68 -21.59
C GLN P 31 -7.43 -66.52 -22.82
N HIS P 32 -6.17 -66.54 -23.25
CA HIS P 32 -5.74 -67.24 -24.46
C HIS P 32 -4.93 -68.46 -24.05
N ARG P 33 -5.48 -69.65 -24.32
CA ARG P 33 -4.75 -70.88 -24.08
C ARG P 33 -3.65 -71.05 -25.13
N PRO P 34 -2.58 -71.77 -24.80
CA PRO P 34 -1.55 -72.04 -25.81
C PRO P 34 -2.07 -72.88 -26.95
N GLY P 35 -2.17 -72.29 -28.14
CA GLY P 35 -2.70 -72.95 -29.32
C GLY P 35 -4.20 -72.82 -29.50
N GLN P 36 -4.96 -72.87 -28.41
CA GLN P 36 -6.40 -72.74 -28.46
C GLN P 36 -6.80 -71.28 -28.72
N ALA P 37 -8.09 -71.05 -28.91
CA ALA P 37 -8.59 -69.71 -29.18
C ALA P 37 -8.85 -68.95 -27.89
N PRO P 38 -8.57 -67.65 -27.86
CA PRO P 38 -8.86 -66.85 -26.66
C PRO P 38 -10.35 -66.67 -26.46
N ILE P 39 -10.71 -66.27 -25.24
CA ILE P 39 -12.09 -66.08 -24.84
C ILE P 39 -12.16 -64.97 -23.81
N LEU P 40 -13.14 -64.08 -23.95
CA LEU P 40 -13.37 -63.07 -22.94
C LEU P 40 -13.90 -63.71 -21.67
N LEU P 41 -13.40 -63.24 -20.53
CA LEU P 41 -13.83 -63.73 -19.22
C LEU P 41 -14.72 -62.74 -18.50
N ILE P 42 -14.25 -61.50 -18.30
CA ILE P 42 -15.02 -60.45 -17.65
C ILE P 42 -14.92 -59.19 -18.49
N TYR P 43 -16.06 -58.53 -18.70
CA TYR P 43 -16.13 -57.26 -19.38
C TYR P 43 -16.95 -56.29 -18.54
N ASN P 44 -16.84 -55.00 -18.86
CA ASN P 44 -17.50 -53.92 -18.10
C ASN P 44 -17.10 -53.93 -16.62
N ASN P 45 -15.98 -54.61 -16.31
CA ASN P 45 -15.37 -54.68 -14.99
C ASN P 45 -16.19 -55.52 -14.01
N GLN P 46 -17.41 -55.90 -14.41
CA GLN P 46 -18.24 -56.72 -13.55
C GLN P 46 -19.02 -57.80 -14.28
N ASP P 47 -19.14 -57.75 -15.60
CA ASP P 47 -20.03 -58.63 -16.34
C ASP P 47 -19.30 -59.87 -16.82
N ARG P 48 -19.94 -61.02 -16.66
CA ARG P 48 -19.38 -62.31 -17.06
C ARG P 48 -20.36 -62.98 -18.02
N PRO P 49 -20.03 -63.09 -19.31
CA PRO P 49 -20.96 -63.72 -20.25
C PRO P 49 -21.21 -65.19 -19.90
N SER P 50 -22.23 -65.75 -20.55
CA SER P 50 -22.61 -67.13 -20.31
C SER P 50 -21.52 -68.09 -20.80
N GLY P 51 -21.44 -69.24 -20.15
CA GLY P 51 -20.44 -70.23 -20.48
C GLY P 51 -19.10 -70.03 -19.81
N ILE P 52 -19.05 -69.25 -18.74
CA ILE P 52 -17.80 -68.98 -18.03
C ILE P 52 -17.98 -69.33 -16.56
N PRO P 53 -17.07 -70.09 -15.96
CA PRO P 53 -17.20 -70.43 -14.54
C PRO P 53 -17.14 -69.18 -13.66
N GLU P 54 -17.67 -69.32 -12.45
CA GLU P 54 -17.71 -68.21 -11.50
C GLU P 54 -16.42 -68.05 -10.70
N ARG P 55 -15.33 -68.69 -11.15
CA ARG P 55 -14.05 -68.57 -10.47
C ARG P 55 -13.34 -67.26 -10.75
N PHE P 56 -13.80 -66.49 -11.72
CA PHE P 56 -13.16 -65.23 -12.11
C PHE P 56 -14.12 -64.09 -11.78
N SER P 57 -13.87 -63.42 -10.66
CA SER P 57 -14.69 -62.31 -10.23
C SER P 57 -14.07 -60.99 -10.69
N GLY P 58 -14.94 -60.04 -11.06
CA GLY P 58 -14.47 -58.78 -11.61
C GLY P 58 -14.22 -57.73 -10.53
N THR P 59 -13.60 -56.64 -10.95
CA THR P 59 -13.29 -55.53 -10.07
C THR P 59 -14.28 -54.40 -10.30
N PRO P 60 -15.23 -54.17 -9.41
CA PRO P 60 -16.16 -53.05 -9.58
C PRO P 60 -15.43 -51.72 -9.51
N ASP P 61 -16.12 -50.67 -9.96
CA ASP P 61 -15.53 -49.34 -10.06
C ASP P 61 -16.03 -48.47 -8.92
N ILE P 62 -15.11 -47.97 -8.10
CA ILE P 62 -15.42 -46.99 -7.08
C ILE P 62 -15.03 -45.58 -7.54
N ASN P 63 -14.98 -45.37 -8.86
CA ASN P 63 -14.71 -44.09 -9.52
C ASN P 63 -13.25 -43.68 -9.40
N PHE P 64 -12.48 -44.37 -8.56
CA PHE P 64 -11.09 -44.01 -8.29
C PHE P 64 -10.37 -45.23 -7.75
N GLY P 65 -9.04 -45.15 -7.76
CA GLY P 65 -8.24 -46.08 -6.99
C GLY P 65 -7.92 -47.41 -7.65
N THR P 66 -8.69 -48.44 -7.26
CA THR P 66 -8.38 -49.81 -7.63
C THR P 66 -8.21 -49.98 -9.13
N ARG P 67 -7.16 -50.70 -9.51
CA ARG P 67 -6.84 -50.93 -10.91
C ARG P 67 -7.64 -52.14 -11.42
N ALA P 68 -7.27 -52.63 -12.59
CA ALA P 68 -7.88 -53.82 -13.17
C ALA P 68 -7.30 -55.05 -12.47
N THR P 69 -8.08 -55.63 -11.55
CA THR P 69 -7.66 -56.78 -10.78
C THR P 69 -8.57 -57.95 -11.10
N LEU P 70 -8.01 -58.98 -11.74
CA LEU P 70 -8.73 -60.22 -12.01
C LEU P 70 -8.35 -61.24 -10.94
N THR P 71 -9.36 -61.73 -10.21
CA THR P 71 -9.15 -62.67 -9.12
C THR P 71 -9.66 -64.04 -9.54
N ILE P 72 -8.82 -65.05 -9.38
CA ILE P 72 -9.15 -66.43 -9.74
C ILE P 72 -9.25 -67.23 -8.45
N SER P 73 -10.46 -67.66 -8.11
CA SER P 73 -10.69 -68.47 -6.92
C SER P 73 -10.61 -69.95 -7.31
N GLY P 74 -9.70 -70.67 -6.66
CA GLY P 74 -9.53 -72.07 -6.97
C GLY P 74 -8.93 -72.32 -8.34
N VAL P 75 -7.65 -71.95 -8.50
CA VAL P 75 -6.98 -72.15 -9.78
C VAL P 75 -6.87 -73.64 -10.09
N GLU P 76 -6.81 -73.96 -11.37
CA GLU P 76 -6.76 -75.35 -11.80
C GLU P 76 -5.60 -75.58 -12.77
N ALA P 77 -5.56 -76.76 -13.40
CA ALA P 77 -4.49 -77.06 -14.36
C ALA P 77 -4.67 -76.25 -15.64
N GLY P 78 -5.92 -76.06 -16.08
CA GLY P 78 -6.21 -75.34 -17.29
C GLY P 78 -6.15 -73.83 -17.19
N ASP P 79 -5.78 -73.30 -16.03
CA ASP P 79 -5.68 -71.86 -15.83
C ASP P 79 -4.34 -71.29 -16.28
N GLU P 80 -3.37 -72.14 -16.59
CA GLU P 80 -2.06 -71.69 -17.07
C GLU P 80 -2.22 -71.25 -18.52
N ALA P 81 -2.36 -69.94 -18.73
CA ALA P 81 -2.57 -69.41 -20.07
C ALA P 81 -2.12 -67.96 -20.08
N ASP P 82 -2.30 -67.31 -21.23
CA ASP P 82 -1.93 -65.90 -21.39
C ASP P 82 -3.13 -65.03 -21.07
N TYR P 83 -3.00 -64.18 -20.06
CA TYR P 83 -4.07 -63.29 -19.64
C TYR P 83 -3.79 -61.89 -20.19
N TYR P 84 -4.82 -61.30 -20.83
CA TYR P 84 -4.68 -60.06 -21.57
C TYR P 84 -5.64 -59.00 -21.04
N CYS P 85 -5.18 -57.74 -21.11
CA CYS P 85 -5.82 -56.58 -20.48
C CYS P 85 -6.27 -55.59 -21.54
N HIS P 86 -7.58 -55.52 -21.79
CA HIS P 86 -8.10 -54.48 -22.68
C HIS P 86 -8.74 -53.41 -21.81
N MET P 87 -8.02 -52.31 -21.59
CA MET P 87 -8.47 -51.24 -20.72
C MET P 87 -8.95 -50.06 -21.56
N TRP P 88 -10.12 -49.53 -21.22
CA TRP P 88 -10.66 -48.34 -21.85
C TRP P 88 -10.97 -47.31 -20.78
N ASP P 89 -10.65 -46.05 -21.06
CA ASP P 89 -10.88 -44.98 -20.10
C ASP P 89 -11.13 -43.68 -20.85
N SER P 90 -11.46 -42.64 -20.10
CA SER P 90 -11.72 -41.32 -20.67
C SER P 90 -10.46 -40.56 -21.03
N ARG P 91 -9.28 -41.14 -20.80
CA ARG P 91 -8.01 -40.47 -21.04
C ARG P 91 -7.28 -41.07 -22.23
N SER P 92 -7.03 -42.37 -22.22
CA SER P 92 -6.35 -43.00 -23.34
C SER P 92 -7.22 -43.09 -24.58
N GLY P 93 -8.52 -42.83 -24.46
CA GLY P 93 -9.37 -42.85 -25.63
C GLY P 93 -9.57 -44.26 -26.14
N PHE P 94 -9.34 -44.44 -27.44
CA PHE P 94 -9.50 -45.74 -28.07
C PHE P 94 -8.23 -46.56 -27.89
N SER P 95 -8.35 -47.70 -27.21
CA SER P 95 -7.21 -48.58 -26.95
C SER P 95 -7.15 -49.62 -28.06
N TRP P 96 -6.07 -49.58 -28.85
CA TRP P 96 -5.87 -50.54 -29.91
C TRP P 96 -5.04 -51.75 -29.48
N SER P 97 -4.37 -51.68 -28.34
CA SER P 97 -3.55 -52.76 -27.84
C SER P 97 -4.26 -53.47 -26.70
N PHE P 98 -4.10 -54.80 -26.66
CA PHE P 98 -4.69 -55.63 -25.62
C PHE P 98 -3.82 -55.72 -24.37
N GLY P 99 -2.95 -54.74 -24.15
CA GLY P 99 -2.15 -54.70 -22.95
C GLY P 99 -1.12 -55.81 -22.90
N GLY P 100 -0.28 -55.75 -21.86
CA GLY P 100 0.71 -56.78 -21.67
C GLY P 100 0.09 -58.11 -21.27
N ALA P 101 0.81 -59.18 -21.58
CA ALA P 101 0.36 -60.53 -21.29
C ALA P 101 0.89 -60.92 -19.91
N THR P 102 -0.03 -61.06 -18.95
CA THR P 102 0.32 -61.53 -17.61
C THR P 102 0.35 -63.06 -17.65
N ARG P 103 1.48 -63.59 -18.10
CA ARG P 103 1.65 -65.02 -18.25
C ARG P 103 1.69 -65.68 -16.88
N LEU P 104 0.61 -66.37 -16.51
CA LEU P 104 0.53 -67.05 -15.23
C LEU P 104 1.00 -68.49 -15.39
N THR P 105 2.17 -68.80 -14.86
CA THR P 105 2.71 -70.16 -14.85
C THR P 105 2.49 -70.69 -13.44
N VAL P 106 1.34 -71.33 -13.22
CA VAL P 106 1.00 -71.81 -11.88
C VAL P 106 1.96 -72.91 -11.47
N LEU P 107 2.54 -72.78 -10.29
CA LEU P 107 3.49 -73.73 -9.77
C LEU P 107 2.83 -74.65 -8.74
N GLY P 108 3.54 -75.71 -8.37
CA GLY P 108 2.97 -76.71 -7.50
C GLY P 108 1.81 -77.47 -8.12
N GLN P 109 1.75 -77.53 -9.45
CA GLN P 109 0.65 -78.18 -10.15
C GLN P 109 0.99 -79.65 -10.41
N PRO P 110 0.11 -80.59 -10.03
CA PRO P 110 0.29 -82.01 -10.28
C PRO P 110 0.34 -82.34 -11.78
N VAL Q 2 16.13 10.55 -61.02
CA VAL Q 2 15.15 10.96 -62.01
C VAL Q 2 13.79 10.33 -61.74
N ARG Q 3 12.75 11.14 -61.78
CA ARG Q 3 11.38 10.67 -61.58
C ARG Q 3 10.55 10.99 -62.81
N PRO Q 4 10.16 10.01 -63.61
CA PRO Q 4 9.42 10.30 -64.83
C PRO Q 4 7.95 10.60 -64.56
N LEU Q 5 7.39 11.50 -65.37
CA LEU Q 5 5.99 11.86 -65.26
C LEU Q 5 5.53 12.38 -66.62
N SER Q 6 4.27 12.09 -66.95
CA SER Q 6 3.71 12.50 -68.23
C SER Q 6 2.35 13.14 -68.02
N VAL Q 7 2.09 14.20 -68.77
CA VAL Q 7 0.82 14.93 -68.71
C VAL Q 7 0.40 15.30 -70.13
N ALA Q 8 -0.89 15.55 -70.29
CA ALA Q 8 -1.44 15.91 -71.58
C ALA Q 8 -1.36 17.41 -71.81
N LEU Q 9 -1.58 17.81 -73.06
CA LEU Q 9 -1.53 19.22 -73.41
C LEU Q 9 -2.74 19.96 -72.86
N GLY Q 10 -2.54 21.23 -72.54
CA GLY Q 10 -3.61 22.07 -72.05
C GLY Q 10 -4.20 21.65 -70.72
N GLU Q 11 -3.54 20.72 -70.04
CA GLU Q 11 -3.99 20.22 -68.76
C GLU Q 11 -3.21 20.91 -67.63
N THR Q 12 -3.60 20.60 -66.40
CA THR Q 12 -2.94 21.12 -65.21
C THR Q 12 -2.20 19.98 -64.52
N ALA Q 13 -1.01 20.27 -64.01
CA ALA Q 13 -0.17 19.25 -63.38
C ALA Q 13 0.27 19.69 -62.00
N ARG Q 14 0.56 18.69 -61.16
CA ARG Q 14 1.11 18.91 -59.83
C ARG Q 14 2.49 18.28 -59.75
N ILE Q 15 3.47 19.03 -59.27
CA ILE Q 15 4.85 18.58 -59.20
C ILE Q 15 5.24 18.51 -57.73
N SER Q 16 5.57 17.31 -57.25
CA SER Q 16 5.97 17.08 -55.88
C SER Q 16 7.34 16.43 -55.84
N CYS Q 17 7.96 16.47 -54.66
CA CYS Q 17 9.25 15.86 -54.44
C CYS Q 17 9.16 14.82 -53.33
N GLY Q 18 10.19 13.97 -53.27
CA GLY Q 18 10.15 12.84 -52.35
C GLY Q 18 10.36 13.25 -50.90
N ARG Q 19 11.13 14.32 -50.68
CA ARG Q 19 11.39 14.76 -49.32
C ARG Q 19 10.12 15.26 -48.65
N GLN Q 20 10.04 15.08 -47.34
CA GLN Q 20 8.90 15.51 -46.55
C GLN Q 20 9.27 16.71 -45.70
N ALA Q 21 8.28 17.55 -45.43
CA ALA Q 21 8.49 18.79 -44.68
C ALA Q 21 8.55 18.47 -43.20
N LEU Q 22 9.75 18.07 -42.74
CA LEU Q 22 9.98 17.86 -41.31
C LEU Q 22 10.08 19.23 -40.65
N GLY Q 23 8.95 19.70 -40.13
CA GLY Q 23 8.88 21.02 -39.55
C GLY Q 23 8.56 22.07 -40.57
N SER Q 24 8.75 23.33 -40.17
CA SER Q 24 8.50 24.45 -41.06
C SER Q 24 9.44 24.40 -42.26
N ARG Q 25 8.88 24.56 -43.45
CA ARG Q 25 9.62 24.40 -44.69
C ARG Q 25 9.69 25.71 -45.47
N ALA Q 26 10.76 25.84 -46.26
CA ALA Q 26 10.94 26.95 -47.19
C ALA Q 26 11.60 26.38 -48.44
N VAL Q 27 10.78 25.96 -49.40
CA VAL Q 27 11.26 25.21 -50.56
C VAL Q 27 11.55 26.18 -51.70
N GLN Q 28 12.48 25.80 -52.56
CA GLN Q 28 12.79 26.51 -53.79
C GLN Q 28 12.56 25.58 -54.96
N TRP Q 29 11.94 26.10 -56.03
CA TRP Q 29 11.61 25.32 -57.20
C TRP Q 29 12.48 25.76 -58.37
N TYR Q 30 13.16 24.80 -58.99
CA TYR Q 30 14.06 25.06 -60.11
C TYR Q 30 13.63 24.24 -61.32
N GLN Q 31 13.64 24.87 -62.49
CA GLN Q 31 13.22 24.27 -63.75
C GLN Q 31 14.40 24.27 -64.71
N HIS Q 32 15.04 23.12 -64.87
CA HIS Q 32 16.27 22.99 -65.65
C HIS Q 32 15.94 22.40 -67.01
N ARG Q 33 15.86 23.26 -68.02
CA ARG Q 33 15.65 22.79 -69.37
C ARG Q 33 16.90 22.04 -69.86
N PRO Q 34 16.73 21.03 -70.71
CA PRO Q 34 17.92 20.32 -71.24
C PRO Q 34 18.78 21.27 -72.07
N GLY Q 35 20.04 21.38 -71.69
CA GLY Q 35 20.95 22.32 -72.34
C GLY Q 35 20.82 23.75 -71.85
N GLN Q 36 19.60 24.26 -71.77
CA GLN Q 36 19.37 25.61 -71.27
C GLN Q 36 19.63 25.67 -69.76
N ALA Q 37 19.95 26.86 -69.29
CA ALA Q 37 20.20 27.07 -67.87
C ALA Q 37 18.91 26.99 -67.07
N PRO Q 38 18.96 26.45 -65.85
CA PRO Q 38 17.77 26.39 -65.00
C PRO Q 38 17.33 27.77 -64.57
N ILE Q 39 16.10 27.83 -64.06
CA ILE Q 39 15.51 29.07 -63.58
C ILE Q 39 14.67 28.77 -62.35
N LEU Q 40 14.81 29.61 -61.33
CA LEU Q 40 14.00 29.46 -60.12
C LEU Q 40 12.57 29.90 -60.41
N LEU Q 41 11.61 29.01 -60.18
CA LEU Q 41 10.20 29.29 -60.41
C LEU Q 41 9.50 29.81 -59.17
N ILE Q 42 9.53 29.06 -58.07
CA ILE Q 42 8.83 29.41 -56.85
C ILE Q 42 9.78 29.25 -55.67
N TYR Q 43 9.82 30.25 -54.81
CA TYR Q 43 10.61 30.22 -53.58
C TYR Q 43 9.75 30.71 -52.42
N ASN Q 44 10.22 30.46 -51.21
CA ASN Q 44 9.57 30.89 -49.97
C ASN Q 44 8.18 30.31 -49.80
N ASN Q 45 7.81 29.30 -50.60
CA ASN Q 45 6.55 28.59 -50.54
C ASN Q 45 5.37 29.43 -51.03
N GLN Q 46 5.60 30.72 -51.25
CA GLN Q 46 4.50 31.62 -51.58
C GLN Q 46 4.82 32.65 -52.67
N ASP Q 47 6.08 32.89 -53.00
CA ASP Q 47 6.44 33.98 -53.88
C ASP Q 47 7.03 33.47 -55.18
N ARG Q 48 6.77 34.21 -56.26
CA ARG Q 48 7.26 33.90 -57.59
C ARG Q 48 8.13 35.04 -58.08
N PRO Q 49 9.42 34.80 -58.36
CA PRO Q 49 10.27 35.88 -58.88
C PRO Q 49 9.74 36.46 -60.18
N SER Q 50 10.28 37.61 -60.55
CA SER Q 50 9.81 38.33 -61.73
C SER Q 50 10.18 37.57 -63.00
N GLY Q 51 9.46 37.88 -64.08
CA GLY Q 51 9.71 37.26 -65.36
C GLY Q 51 9.26 35.82 -65.46
N ILE Q 52 8.29 35.40 -64.65
CA ILE Q 52 7.82 34.02 -64.66
C ILE Q 52 6.33 34.01 -64.95
N PRO Q 53 5.85 33.14 -65.83
CA PRO Q 53 4.41 33.06 -66.08
C PRO Q 53 3.64 32.62 -64.84
N GLU Q 54 2.35 32.95 -64.83
CA GLU Q 54 1.47 32.60 -63.73
C GLU Q 54 0.97 31.15 -63.83
N ARG Q 55 1.60 30.33 -64.67
CA ARG Q 55 1.20 28.93 -64.79
C ARG Q 55 1.56 28.11 -63.56
N PHE Q 56 2.50 28.59 -62.74
CA PHE Q 56 2.93 27.89 -61.54
C PHE Q 56 2.52 28.70 -60.32
N SER Q 57 1.85 28.05 -59.38
CA SER Q 57 1.48 28.65 -58.11
C SER Q 57 2.13 27.88 -56.97
N GLY Q 58 2.57 28.60 -55.95
CA GLY Q 58 3.25 27.98 -54.83
C GLY Q 58 2.31 27.38 -53.81
N THR Q 59 2.89 26.56 -52.94
CA THR Q 59 2.12 25.90 -51.89
C THR Q 59 2.40 26.59 -50.57
N PRO Q 60 1.44 27.32 -50.00
CA PRO Q 60 1.70 28.06 -48.76
C PRO Q 60 1.94 27.12 -47.59
N ASP Q 61 2.41 27.71 -46.49
CA ASP Q 61 2.74 26.97 -45.28
C ASP Q 61 1.59 27.10 -44.28
N ILE Q 62 1.03 25.95 -43.89
CA ILE Q 62 -0.08 25.92 -42.95
C ILE Q 62 0.34 25.15 -41.70
N ASN Q 63 1.64 25.17 -41.38
CA ASN Q 63 2.29 24.60 -40.21
C ASN Q 63 2.40 23.07 -40.30
N PHE Q 64 1.80 22.43 -41.30
CA PHE Q 64 1.80 20.97 -41.39
C PHE Q 64 1.23 20.59 -42.74
N GLY Q 65 1.03 19.28 -42.93
CA GLY Q 65 0.22 18.77 -44.01
C GLY Q 65 0.87 18.77 -45.38
N THR Q 66 0.40 19.65 -46.25
CA THR Q 66 0.77 19.60 -47.66
C THR Q 66 2.26 19.80 -47.85
N ARG Q 67 2.84 19.01 -48.76
CA ARG Q 67 4.25 19.13 -49.09
C ARG Q 67 4.41 20.19 -50.18
N ALA Q 68 5.61 20.28 -50.75
CA ALA Q 68 5.87 21.22 -51.84
C ALA Q 68 5.21 20.69 -53.10
N THR Q 69 4.03 21.21 -53.42
CA THR Q 69 3.25 20.79 -54.58
C THR Q 69 3.23 21.95 -55.58
N LEU Q 70 4.06 21.84 -56.61
CA LEU Q 70 4.11 22.85 -57.66
C LEU Q 70 2.94 22.63 -58.62
N THR Q 71 2.01 23.58 -58.64
CA THR Q 71 0.80 23.47 -59.43
C THR Q 71 1.04 24.13 -60.79
N ILE Q 72 1.20 23.30 -61.82
CA ILE Q 72 1.42 23.78 -63.19
C ILE Q 72 0.04 23.88 -63.84
N SER Q 73 -0.46 25.10 -63.97
CA SER Q 73 -1.74 25.34 -64.62
C SER Q 73 -1.49 25.66 -66.10
N GLY Q 74 -2.03 24.81 -66.98
CA GLY Q 74 -1.82 25.00 -68.40
C GLY Q 74 -0.41 24.67 -68.85
N VAL Q 75 -0.04 23.40 -68.77
CA VAL Q 75 1.31 22.98 -69.16
C VAL Q 75 1.53 23.25 -70.64
N GLU Q 76 2.72 23.75 -70.96
CA GLU Q 76 3.11 24.05 -72.33
C GLU Q 76 4.10 23.00 -72.84
N ALA Q 77 4.59 23.22 -74.05
CA ALA Q 77 5.54 22.28 -74.64
C ALA Q 77 6.92 22.43 -74.01
N GLY Q 78 7.33 23.65 -73.68
CA GLY Q 78 8.63 23.91 -73.09
C GLY Q 78 8.78 23.48 -71.66
N ASP Q 79 7.74 22.92 -71.04
CA ASP Q 79 7.80 22.47 -69.66
C ASP Q 79 8.45 21.09 -69.52
N GLU Q 80 8.86 20.46 -70.62
CA GLU Q 80 9.58 19.21 -70.56
C GLU Q 80 11.01 19.44 -70.08
N ALA Q 81 11.25 19.29 -68.79
CA ALA Q 81 12.54 19.61 -68.21
C ALA Q 81 12.69 18.92 -66.87
N ASP Q 82 13.86 19.07 -66.28
CA ASP Q 82 14.17 18.51 -64.98
C ASP Q 82 13.74 19.50 -63.90
N TYR Q 83 12.68 19.17 -63.17
CA TYR Q 83 12.18 20.00 -62.09
C TYR Q 83 12.84 19.60 -60.78
N TYR Q 84 13.31 20.58 -60.03
CA TYR Q 84 14.05 20.35 -58.79
C TYR Q 84 13.27 20.90 -57.61
N CYS Q 85 13.30 20.15 -56.50
CA CYS Q 85 12.63 20.53 -55.26
C CYS Q 85 13.72 20.84 -54.23
N HIS Q 86 14.18 22.08 -54.22
CA HIS Q 86 15.19 22.53 -53.28
C HIS Q 86 14.50 22.81 -51.96
N MET Q 87 14.40 21.79 -51.12
CA MET Q 87 13.64 21.87 -49.89
C MET Q 87 14.54 22.26 -48.72
N TRP Q 88 14.06 23.17 -47.89
CA TRP Q 88 14.75 23.60 -46.67
C TRP Q 88 13.79 23.54 -45.51
N ASP Q 89 14.24 23.01 -44.38
CA ASP Q 89 13.41 22.93 -43.19
C ASP Q 89 14.29 23.11 -41.96
N SER Q 90 13.64 23.22 -40.81
CA SER Q 90 14.32 23.43 -39.54
C SER Q 90 14.77 22.13 -38.89
N ARG Q 91 14.57 20.99 -39.53
CA ARG Q 91 14.97 19.70 -38.99
C ARG Q 91 16.19 19.13 -39.69
N SER Q 92 16.20 19.12 -41.02
CA SER Q 92 17.33 18.60 -41.77
C SER Q 92 18.52 19.54 -41.78
N GLY Q 93 18.39 20.74 -41.21
CA GLY Q 93 19.51 21.66 -41.18
C GLY Q 93 19.77 22.24 -42.56
N PHE Q 94 21.03 22.24 -42.97
CA PHE Q 94 21.44 22.80 -44.25
C PHE Q 94 21.22 21.78 -45.36
N SER Q 95 20.45 22.16 -46.37
CA SER Q 95 20.16 21.29 -47.51
C SER Q 95 21.28 21.46 -48.52
N TRP Q 96 22.36 20.71 -48.36
CA TRP Q 96 23.50 20.78 -49.27
C TRP Q 96 23.29 20.01 -50.55
N SER Q 97 22.09 19.48 -50.78
CA SER Q 97 21.77 18.74 -51.99
C SER Q 97 20.45 19.25 -52.57
N PHE Q 98 20.31 19.11 -53.89
CA PHE Q 98 19.08 19.50 -54.57
C PHE Q 98 18.08 18.36 -54.69
N GLY Q 99 18.41 17.18 -54.17
CA GLY Q 99 17.49 16.06 -54.20
C GLY Q 99 17.26 15.51 -55.60
N GLY Q 100 16.42 14.49 -55.66
CA GLY Q 100 16.09 13.89 -56.94
C GLY Q 100 15.16 14.78 -57.75
N ALA Q 101 15.50 14.94 -59.03
CA ALA Q 101 14.76 15.82 -59.92
C ALA Q 101 13.72 15.02 -60.68
N THR Q 102 12.46 15.43 -60.58
CA THR Q 102 11.36 14.77 -61.28
C THR Q 102 11.32 15.29 -62.71
N ARG Q 103 11.90 14.52 -63.62
CA ARG Q 103 11.94 14.89 -65.03
C ARG Q 103 10.55 14.72 -65.63
N LEU Q 104 9.83 15.83 -65.76
CA LEU Q 104 8.49 15.82 -66.34
C LEU Q 104 8.59 15.98 -67.85
N THR Q 105 7.89 15.11 -68.58
CA THR Q 105 7.85 15.15 -70.04
C THR Q 105 6.40 15.23 -70.49
N VAL Q 106 6.14 15.98 -71.55
CA VAL Q 106 4.78 16.18 -72.04
C VAL Q 106 4.57 15.32 -73.27
N LEU Q 107 3.47 14.56 -73.29
CA LEU Q 107 3.13 13.68 -74.40
C LEU Q 107 1.83 14.14 -75.05
N GLY Q 108 1.56 13.57 -76.22
CA GLY Q 108 0.37 13.92 -76.97
C GLY Q 108 0.46 15.24 -77.72
N GLN Q 109 1.66 15.74 -77.96
CA GLN Q 109 1.79 17.03 -78.63
C GLN Q 109 1.77 16.85 -80.14
N PRO Q 110 1.23 17.82 -80.89
CA PRO Q 110 1.22 17.79 -82.36
C PRO Q 110 2.62 17.82 -82.95
N VAL R 2 63.21 -8.20 2.42
CA VAL R 2 64.21 -7.30 2.99
C VAL R 2 63.88 -5.85 2.61
N ARG R 3 63.61 -5.03 3.62
CA ARG R 3 63.24 -3.64 3.41
C ARG R 3 64.37 -2.74 3.87
N PRO R 4 64.99 -1.95 2.98
CA PRO R 4 66.06 -1.04 3.41
C PRO R 4 65.48 0.19 4.11
N LEU R 5 65.95 0.44 5.33
CA LEU R 5 65.57 1.61 6.08
C LEU R 5 66.83 2.31 6.58
N SER R 6 66.87 3.63 6.42
CA SER R 6 68.04 4.41 6.77
C SER R 6 67.61 5.61 7.60
N VAL R 7 68.17 5.71 8.81
CA VAL R 7 67.86 6.81 9.72
C VAL R 7 69.15 7.51 10.11
N ALA R 8 69.03 8.79 10.45
CA ALA R 8 70.21 9.58 10.78
C ALA R 8 70.68 9.29 12.21
N LEU R 9 71.95 9.56 12.45
CA LEU R 9 72.55 9.29 13.75
C LEU R 9 71.89 10.12 14.83
N GLY R 10 71.61 9.47 15.97
CA GLY R 10 71.02 10.16 17.10
C GLY R 10 69.61 10.65 16.88
N GLU R 11 68.87 10.01 15.98
CA GLU R 11 67.50 10.40 15.68
C GLU R 11 66.51 9.39 16.23
N THR R 12 65.24 9.77 16.22
CA THR R 12 64.15 8.90 16.65
C THR R 12 63.65 8.11 15.45
N ALA R 13 64.08 6.84 15.37
CA ALA R 13 63.76 6.00 14.22
C ALA R 13 62.41 5.30 14.45
N ARG R 14 61.52 5.45 13.48
CA ARG R 14 60.22 4.79 13.50
C ARG R 14 60.26 3.55 12.62
N ILE R 15 60.01 2.39 13.22
CA ILE R 15 60.12 1.11 12.54
C ILE R 15 58.70 0.54 12.43
N SER R 16 58.11 0.67 11.24
CA SER R 16 56.82 0.08 10.95
C SER R 16 56.99 -1.04 9.93
N CYS R 17 56.31 -2.16 10.17
CA CYS R 17 56.42 -3.33 9.31
C CYS R 17 55.19 -3.47 8.44
N GLY R 18 55.28 -4.39 7.48
CA GLY R 18 54.22 -4.51 6.49
C GLY R 18 52.93 -5.06 7.06
N ARG R 19 53.02 -6.07 7.94
CA ARG R 19 51.83 -6.68 8.49
C ARG R 19 51.05 -5.68 9.33
N GLN R 20 49.73 -5.81 9.28
CA GLN R 20 48.82 -4.88 9.93
C GLN R 20 48.27 -5.50 11.22
N ALA R 21 47.84 -4.62 12.13
CA ALA R 21 47.29 -5.04 13.42
C ALA R 21 45.79 -5.27 13.28
N LEU R 22 45.44 -6.39 12.67
CA LEU R 22 44.04 -6.77 12.53
C LEU R 22 43.49 -7.22 13.87
N GLY R 23 42.86 -6.31 14.60
CA GLY R 23 42.36 -6.63 15.92
C GLY R 23 43.45 -6.48 16.98
N SER R 24 43.25 -7.20 18.09
CA SER R 24 44.25 -7.20 19.14
C SER R 24 45.55 -7.80 18.63
N ARG R 25 46.67 -7.17 18.98
CA ARG R 25 47.98 -7.56 18.47
C ARG R 25 48.91 -7.93 19.61
N ALA R 26 49.91 -8.74 19.28
CA ALA R 26 50.98 -9.10 20.22
C ALA R 26 52.25 -9.29 19.39
N VAL R 27 53.05 -8.23 19.29
CA VAL R 27 54.22 -8.23 18.41
C VAL R 27 55.46 -8.54 19.24
N GLN R 28 56.42 -9.18 18.59
CA GLN R 28 57.72 -9.49 19.18
C GLN R 28 58.80 -8.96 18.26
N TRP R 29 59.42 -7.84 18.64
CA TRP R 29 60.43 -7.21 17.79
C TRP R 29 61.75 -7.97 17.93
N TYR R 30 62.34 -8.35 16.80
CA TYR R 30 63.60 -9.07 16.77
C TYR R 30 64.62 -8.29 15.97
N GLN R 31 65.77 -8.02 16.57
CA GLN R 31 66.88 -7.33 15.92
C GLN R 31 68.01 -8.33 15.75
N HIS R 32 68.19 -8.80 14.52
CA HIS R 32 69.19 -9.81 14.20
C HIS R 32 70.39 -9.14 13.57
N ARG R 33 71.55 -9.27 14.22
CA ARG R 33 72.78 -8.76 13.65
C ARG R 33 73.27 -9.70 12.55
N PRO R 34 73.99 -9.17 11.55
CA PRO R 34 74.47 -10.04 10.47
C PRO R 34 75.47 -11.07 10.96
N GLY R 35 75.08 -12.34 10.92
CA GLY R 35 75.90 -13.44 11.41
C GLY R 35 75.75 -13.72 12.89
N GLN R 36 75.60 -12.66 13.70
CA GLN R 36 75.46 -12.82 15.14
C GLN R 36 74.09 -13.42 15.48
N ALA R 37 73.98 -13.94 16.69
CA ALA R 37 72.74 -14.57 17.13
C ALA R 37 71.67 -13.50 17.39
N PRO R 38 70.43 -13.74 16.99
CA PRO R 38 69.38 -12.75 17.22
C PRO R 38 69.06 -12.60 18.70
N ILE R 39 68.31 -11.54 19.01
CA ILE R 39 67.96 -11.22 20.38
C ILE R 39 66.63 -10.46 20.38
N LEU R 40 65.74 -10.83 21.30
CA LEU R 40 64.48 -10.13 21.45
C LEU R 40 64.69 -8.80 22.17
N LEU R 41 63.91 -7.79 21.77
CA LEU R 41 63.96 -6.48 22.40
C LEU R 41 62.66 -6.16 23.13
N ILE R 42 61.53 -6.23 22.44
CA ILE R 42 60.22 -5.90 23.02
C ILE R 42 59.25 -7.00 22.66
N TYR R 43 58.47 -7.44 23.65
CA TYR R 43 57.37 -8.37 23.43
C TYR R 43 56.14 -7.85 24.14
N ASN R 44 54.99 -8.45 23.83
CA ASN R 44 53.68 -8.03 24.35
C ASN R 44 53.33 -6.61 23.96
N ASN R 45 54.08 -6.03 23.01
CA ASN R 45 53.87 -4.69 22.44
C ASN R 45 54.24 -3.61 23.45
N GLN R 46 54.52 -4.01 24.70
CA GLN R 46 54.80 -3.02 25.75
C GLN R 46 55.94 -3.42 26.68
N ASP R 47 56.38 -4.67 26.70
CA ASP R 47 57.30 -5.15 27.71
C ASP R 47 58.69 -5.31 27.14
N ARG R 48 59.69 -4.87 27.90
CA ARG R 48 61.10 -4.95 27.52
C ARG R 48 61.83 -5.83 28.51
N PRO R 49 62.33 -7.01 28.10
CA PRO R 49 63.03 -7.89 29.04
C PRO R 49 64.31 -7.24 29.56
N SER R 50 64.87 -7.85 30.60
CA SER R 50 66.08 -7.35 31.22
C SER R 50 67.28 -7.51 30.29
N GLY R 51 68.28 -6.66 30.50
CA GLY R 51 69.45 -6.68 29.66
C GLY R 51 69.30 -6.01 28.32
N ILE R 52 68.30 -5.14 28.17
CA ILE R 52 68.03 -4.47 26.91
C ILE R 52 67.96 -2.96 27.16
N PRO R 53 68.69 -2.14 26.40
CA PRO R 53 68.63 -0.69 26.61
C PRO R 53 67.24 -0.16 26.33
N GLU R 54 66.87 0.87 27.11
CA GLU R 54 65.56 1.51 26.96
C GLU R 54 65.48 2.44 25.76
N ARG R 55 66.53 2.49 24.93
CA ARG R 55 66.52 3.32 23.74
C ARG R 55 65.54 2.81 22.68
N PHE R 56 65.02 1.60 22.84
CA PHE R 56 64.05 1.03 21.91
C PHE R 56 62.72 0.86 22.66
N SER R 57 61.73 1.68 22.32
CA SER R 57 60.44 1.67 22.97
C SER R 57 59.37 1.15 22.03
N GLY R 58 58.33 0.55 22.61
CA GLY R 58 57.23 0.00 21.86
C GLY R 58 56.02 0.93 21.83
N THR R 59 54.91 0.40 21.32
CA THR R 59 53.65 1.17 21.30
C THR R 59 52.56 0.32 21.93
N PRO R 60 51.90 0.75 23.02
CA PRO R 60 50.92 -0.08 23.70
C PRO R 60 49.76 -0.41 22.77
N ASP R 61 49.22 -1.64 22.88
CA ASP R 61 48.11 -2.06 21.99
C ASP R 61 46.81 -1.37 22.41
N ILE R 62 46.12 -0.74 21.45
CA ILE R 62 44.81 -0.10 21.75
C ILE R 62 43.74 -0.74 20.85
N ASN R 63 44.08 -1.87 20.21
CA ASN R 63 43.15 -2.58 19.29
C ASN R 63 42.98 -1.74 18.01
N PHE R 64 42.68 -0.44 18.16
CA PHE R 64 42.50 0.46 16.99
C PHE R 64 43.61 1.50 17.01
N GLY R 65 44.68 1.24 17.77
CA GLY R 65 45.80 2.19 17.88
C GLY R 65 46.78 2.03 16.74
N THR R 66 48.00 2.54 16.91
CA THR R 66 49.04 2.45 15.85
C THR R 66 49.41 1.00 15.65
N ARG R 67 50.02 0.68 14.51
CA ARG R 67 50.49 -0.71 14.25
C ARG R 67 51.77 -0.98 15.05
N ALA R 68 52.40 -2.14 14.82
CA ALA R 68 53.68 -2.44 15.50
C ALA R 68 54.73 -1.41 15.09
N THR R 69 55.19 -0.59 16.04
CA THR R 69 56.24 0.41 15.73
C THR R 69 57.38 0.25 16.72
N LEU R 70 58.61 0.20 16.23
CA LEU R 70 59.79 0.09 17.13
C LEU R 70 60.55 1.42 17.13
N THR R 71 60.27 2.29 18.11
CA THR R 71 60.93 3.58 18.17
C THR R 71 62.34 3.41 18.70
N ILE R 72 63.33 3.88 17.95
CA ILE R 72 64.73 3.84 18.35
C ILE R 72 65.17 5.27 18.65
N SER R 73 65.36 5.57 19.94
CA SER R 73 65.81 6.89 20.37
C SER R 73 67.33 6.87 20.52
N GLY R 74 68.00 7.74 19.77
CA GLY R 74 69.45 7.79 19.82
C GLY R 74 70.11 6.57 19.21
N VAL R 75 69.97 6.40 17.90
CA VAL R 75 70.51 5.23 17.24
C VAL R 75 72.03 5.31 17.20
N GLU R 76 72.68 4.16 17.38
CA GLU R 76 74.12 4.05 17.41
C GLU R 76 74.58 3.13 16.29
N ALA R 77 75.89 3.15 16.02
CA ALA R 77 76.44 2.29 14.97
C ALA R 77 76.17 0.81 15.23
N GLY R 78 76.14 0.42 16.51
CA GLY R 78 75.82 -0.96 16.85
C GLY R 78 74.37 -1.35 16.63
N ASP R 79 73.50 -0.36 16.43
CA ASP R 79 72.09 -0.62 16.18
C ASP R 79 71.78 -0.93 14.72
N GLU R 80 72.77 -0.79 13.83
CA GLU R 80 72.59 -1.10 12.41
C GLU R 80 72.60 -2.61 12.24
N ALA R 81 71.42 -3.18 12.02
CA ALA R 81 71.27 -4.63 11.83
C ALA R 81 69.93 -4.89 11.17
N ASP R 82 69.63 -6.18 10.97
CA ASP R 82 68.37 -6.60 10.38
C ASP R 82 67.31 -6.71 11.47
N TYR R 83 66.23 -5.96 11.32
CA TYR R 83 65.13 -5.96 12.27
C TYR R 83 63.98 -6.79 11.72
N TYR R 84 63.23 -7.43 12.61
CA TYR R 84 62.13 -8.29 12.24
C TYR R 84 60.86 -7.89 12.99
N CYS R 85 59.73 -8.05 12.33
CA CYS R 85 58.41 -7.72 12.89
C CYS R 85 57.62 -9.01 13.01
N HIS R 86 57.71 -9.66 14.17
CA HIS R 86 56.97 -10.89 14.44
C HIS R 86 55.60 -10.51 14.98
N MET R 87 54.60 -10.52 14.10
CA MET R 87 53.27 -10.03 14.43
C MET R 87 52.34 -11.18 14.76
N TRP R 88 51.66 -11.09 15.90
CA TRP R 88 50.56 -11.98 16.25
C TRP R 88 49.31 -11.15 16.44
N ASP R 89 48.20 -11.63 15.87
CA ASP R 89 46.93 -10.93 15.97
C ASP R 89 45.88 -11.90 16.47
N SER R 90 44.64 -11.42 16.54
CA SER R 90 43.52 -12.25 16.95
C SER R 90 42.75 -12.84 15.76
N ARG R 91 43.03 -12.37 14.54
CA ARG R 91 42.32 -12.81 13.36
C ARG R 91 43.08 -13.91 12.61
N SER R 92 44.34 -13.67 12.27
CA SER R 92 45.12 -14.62 11.50
C SER R 92 45.49 -15.87 12.29
N GLY R 93 45.18 -15.91 13.58
CA GLY R 93 45.50 -17.09 14.36
C GLY R 93 47.00 -17.22 14.60
N PHE R 94 47.52 -18.42 14.37
CA PHE R 94 48.92 -18.71 14.62
C PHE R 94 49.76 -18.24 13.44
N SER R 95 50.69 -17.33 13.71
CA SER R 95 51.60 -16.80 12.68
C SER R 95 52.89 -17.61 12.73
N TRP R 96 53.12 -18.42 11.71
CA TRP R 96 54.27 -19.31 11.64
C TRP R 96 55.50 -18.65 11.02
N SER R 97 55.42 -17.39 10.63
CA SER R 97 56.53 -16.70 9.99
C SER R 97 57.02 -15.54 10.86
N PHE R 98 58.20 -15.02 10.50
CA PHE R 98 58.78 -13.87 11.17
C PHE R 98 58.39 -12.55 10.51
N GLY R 99 57.64 -12.60 9.43
CA GLY R 99 57.31 -11.38 8.72
C GLY R 99 58.46 -10.85 7.89
N GLY R 100 58.39 -9.55 7.62
CA GLY R 100 59.41 -8.91 6.81
C GLY R 100 60.65 -8.54 7.62
N ALA R 101 61.79 -8.55 6.95
CA ALA R 101 63.07 -8.20 7.56
C ALA R 101 63.39 -6.76 7.19
N THR R 102 62.97 -5.83 8.05
CA THR R 102 63.22 -4.41 7.82
C THR R 102 64.69 -4.12 8.13
N ARG R 103 65.53 -4.33 7.13
CA ARG R 103 66.97 -4.13 7.26
C ARG R 103 67.26 -2.66 7.50
N LEU R 104 67.63 -2.32 8.72
CA LEU R 104 67.94 -0.93 9.08
C LEU R 104 69.41 -0.67 8.79
N THR R 105 69.67 0.21 7.82
CA THR R 105 71.03 0.59 7.42
C THR R 105 71.20 2.07 7.75
N VAL R 106 71.72 2.35 8.94
CA VAL R 106 71.84 3.72 9.40
C VAL R 106 72.86 4.47 8.54
N LEU R 107 72.59 5.75 8.30
CA LEU R 107 73.50 6.63 7.57
C LEU R 107 73.87 7.81 8.44
N GLY R 108 74.85 8.59 7.95
CA GLY R 108 75.38 9.67 8.75
C GLY R 108 76.11 9.21 9.99
N GLN R 109 76.51 7.95 10.03
CA GLN R 109 77.17 7.34 11.18
C GLN R 109 78.62 7.04 10.86
N PRO R 110 79.56 7.42 11.72
CA PRO R 110 80.99 7.15 11.53
C PRO R 110 81.30 5.66 11.41
C1 NAG S . -0.22 -31.73 -17.60
C2 NAG S . -0.72 -33.11 -17.17
C3 NAG S . 0.23 -33.68 -16.13
C4 NAG S . 1.65 -33.70 -16.67
C5 NAG S . 2.06 -32.29 -17.11
C6 NAG S . 3.42 -32.24 -17.76
C7 NAG S . -3.12 -33.44 -17.42
C8 NAG S . -4.31 -33.96 -16.66
N2 NAG S . -2.07 -33.06 -16.68
O3 NAG S . -0.19 -34.99 -15.77
O4 NAG S . 2.53 -34.14 -15.65
O5 NAG S . 1.12 -31.78 -18.08
O6 NAG S . 3.58 -33.30 -18.69
O7 NAG S . -3.11 -33.36 -18.64
C1 NAG S . 3.23 -35.31 -15.91
C2 NAG S . 4.01 -35.74 -14.67
C3 NAG S . 4.72 -37.06 -14.95
C4 NAG S . 3.71 -38.10 -15.41
C5 NAG S . 2.94 -37.59 -16.62
C6 NAG S . 1.83 -38.52 -17.05
C7 NAG S . 5.69 -33.97 -15.05
C8 NAG S . 5.65 -32.50 -14.78
N2 NAG S . 4.96 -34.73 -14.24
O3 NAG S . 5.40 -37.48 -13.78
O4 NAG S . 4.41 -39.30 -15.78
O5 NAG S . 2.32 -36.32 -16.32
O6 NAG S . 1.09 -38.98 -15.93
O7 NAG S . 6.39 -34.45 -15.95
C1 BMA S . 4.25 -40.42 -14.97
C2 BMA S . 5.62 -40.99 -14.68
C3 BMA S . 5.51 -42.15 -13.73
C4 BMA S . 4.78 -41.73 -12.46
C5 BMA S . 3.42 -41.15 -12.82
C6 BMA S . 2.69 -40.57 -11.63
O2 BMA S . 6.47 -39.97 -14.15
O3 BMA S . 6.81 -42.64 -13.40
O4 BMA S . 4.58 -42.86 -11.61
O5 BMA S . 3.59 -40.06 -13.76
O6 BMA S . 2.35 -41.60 -10.69
C1 NAG T . 11.44 -21.81 -20.28
C2 NAG T . 10.78 -21.55 -21.63
C3 NAG T . 9.90 -22.74 -22.00
C4 NAG T . 10.74 -24.02 -22.00
C5 NAG T . 11.39 -24.18 -20.63
C6 NAG T . 12.33 -25.37 -20.55
C7 NAG T . 8.76 -20.09 -21.75
C8 NAG T . 7.99 -19.92 -20.47
N2 NAG T . 10.07 -20.28 -21.62
O3 NAG T . 9.31 -22.54 -23.27
O4 NAG T . 9.92 -25.13 -22.32
O5 NAG T . 12.19 -23.02 -20.32
O6 NAG T . 11.62 -26.56 -20.23
O7 NAG T . 8.21 -20.03 -22.85
C1 NAG T . 10.32 -25.94 -23.38
C2 NAG T . 9.35 -25.80 -24.55
C3 NAG T . 7.99 -26.37 -24.17
C4 NAG T . 8.15 -27.81 -23.71
C5 NAG T . 9.16 -27.87 -22.57
C6 NAG T . 9.46 -29.29 -22.14
C7 NAG T . 9.72 -24.07 -26.23
C8 NAG T . 10.86 -23.09 -26.18
N2 NAG T . 9.23 -24.45 -25.04
O3 NAG T . 7.08 -26.28 -25.26
O4 NAG T . 6.89 -28.30 -23.24
O5 NAG T . 10.42 -27.30 -22.98
O6 NAG T . 9.55 -30.16 -23.27
O7 NAG T . 9.26 -24.49 -27.28
C1 NAG U . -5.97 -7.45 -24.21
C2 NAG U . -6.47 -6.49 -25.29
C3 NAG U . -7.90 -6.85 -25.64
C4 NAG U . -7.96 -8.32 -26.07
C5 NAG U . -7.42 -9.20 -24.96
C6 NAG U . -7.34 -10.66 -25.34
C7 NAG U . -5.34 -4.33 -25.07
C8 NAG U . -5.35 -3.45 -26.28
N2 NAG U . -6.42 -5.10 -24.90
O3 NAG U . -8.36 -5.99 -26.67
O4 NAG U . -9.30 -8.67 -26.38
O5 NAG U . -6.08 -8.80 -24.63
O6 NAG U . -6.73 -10.82 -26.61
O7 NAG U . -4.40 -4.35 -24.28
C1 NAG U . -9.50 -8.93 -27.74
C2 NAG U . -10.97 -9.11 -28.09
C3 NAG U . -11.09 -9.34 -29.60
C4 NAG U . -10.41 -8.22 -30.36
C5 NAG U . -8.97 -8.07 -29.91
C6 NAG U . -8.27 -6.89 -30.53
C7 NAG U . -11.01 -11.17 -26.72
C8 NAG U . -10.65 -12.39 -27.51
N2 NAG U . -11.63 -10.20 -27.38
O3 NAG U . -12.47 -9.46 -29.96
O4 NAG U . -10.42 -8.53 -31.75
O5 NAG U . -8.91 -7.89 -28.48
O6 NAG U . -7.39 -6.25 -29.61
O7 NAG U . -10.76 -11.08 -25.53
C1 BMA U . -11.21 -7.75 -32.57
C2 BMA U . -10.52 -7.71 -33.92
C3 BMA U . -11.40 -6.99 -34.93
C4 BMA U . -12.76 -7.67 -35.00
C5 BMA U . -13.39 -7.73 -33.61
C6 BMA U . -14.68 -8.49 -33.57
O2 BMA U . -10.17 -9.03 -34.32
O3 BMA U . -10.76 -6.94 -36.21
O4 BMA U . -13.64 -6.95 -35.83
O5 BMA U . -12.49 -8.38 -32.69
O6 BMA U . -15.67 -7.86 -34.39
C1 MAN U . -11.05 -7.92 -37.15
C2 MAN U . -9.75 -8.31 -37.81
C3 MAN U . -9.16 -7.13 -38.54
C4 MAN U . -10.15 -6.59 -39.55
C5 MAN U . -11.46 -6.23 -38.84
C6 MAN U . -12.54 -5.80 -39.79
O2 MAN U . -9.96 -9.42 -38.69
O3 MAN U . -7.95 -7.54 -39.21
O4 MAN U . -9.64 -5.42 -40.17
O5 MAN U . -11.96 -7.39 -38.13
O6 MAN U . -13.16 -4.59 -39.35
C1 NAG V . -26.64 -20.34 -2.57
C2 NAG V . -25.19 -20.19 -3.04
C3 NAG V . -24.53 -21.57 -3.03
C4 NAG V . -24.65 -22.21 -1.66
C5 NAG V . -26.11 -22.27 -1.25
C6 NAG V . -26.32 -22.78 0.15
C7 NAG V . -24.60 -18.38 -4.56
C8 NAG V . -24.97 -17.72 -5.85
N2 NAG V . -25.11 -19.60 -4.35
O3 NAG V . -23.16 -21.45 -3.42
O4 NAG V . -24.13 -23.53 -1.70
O5 NAG V . -26.71 -20.95 -1.30
O6 NAG V . -25.45 -22.11 1.07
O7 NAG V . -23.85 -17.84 -3.74
C1 NAG V . -23.03 -23.84 -0.90
C2 NAG V . -22.76 -25.33 -1.06
C3 NAG V . -21.48 -25.70 -0.32
C4 NAG V . -20.32 -24.82 -0.77
C5 NAG V . -20.69 -23.34 -0.62
C6 NAG V . -19.64 -22.39 -1.14
C7 NAG V . -24.89 -26.60 -1.20
C8 NAG V . -24.92 -28.09 -1.34
N2 NAG V . -23.85 -26.10 -0.51
O3 NAG V . -21.19 -27.07 -0.56
O4 NAG V . -19.20 -25.10 0.07
O5 NAG V . -21.92 -23.06 -1.31
O6 NAG V . -20.22 -21.19 -1.65
O7 NAG V . -25.76 -25.87 -1.65
C1 BMA V . -17.97 -25.42 -0.48
C2 BMA V . -17.01 -24.40 0.10
C3 BMA V . -15.59 -24.72 -0.29
C4 BMA V . -15.25 -26.13 0.13
C5 BMA V . -16.26 -27.11 -0.46
C6 BMA V . -16.05 -28.53 0.02
O2 BMA V . -17.15 -24.35 1.51
O3 BMA V . -14.73 -23.79 0.36
O4 BMA V . -13.95 -26.48 -0.31
O5 BMA V . -17.60 -26.74 -0.08
O6 BMA V . -15.68 -28.55 1.39
C1 BMA V . -13.94 -23.02 -0.50
C2 BMA V . -14.51 -21.61 -0.51
C3 BMA V . -13.60 -20.69 -1.29
C4 BMA V . -12.20 -20.75 -0.74
C5 BMA V . -11.69 -22.19 -0.72
C6 BMA V . -10.35 -22.34 -0.05
O2 BMA V . -14.68 -21.15 0.83
O3 BMA V . -14.11 -19.36 -1.26
O4 BMA V . -11.32 -19.95 -1.52
O5 BMA V . -12.61 -23.02 0.01
O6 BMA V . -10.42 -21.99 1.33
C1 NAG W . -10.42 -37.17 -5.78
C2 NAG W . -11.64 -37.81 -5.13
C3 NAG W . -11.22 -38.64 -3.93
C4 NAG W . -10.19 -39.69 -4.34
C5 NAG W . -9.01 -38.98 -5.01
C6 NAG W . -7.97 -39.92 -5.56
C7 NAG W . -13.77 -36.59 -5.24
C8 NAG W . -14.77 -35.88 -4.38
N2 NAG W . -12.57 -36.80 -4.69
O3 NAG W . -12.38 -39.24 -3.37
O4 NAG W . -9.83 -40.37 -3.14
O5 NAG W . -9.48 -38.19 -6.12
O6 NAG W . -8.52 -40.82 -6.51
O7 NAG W . -14.04 -36.97 -6.37
C1 NAG W . -9.73 -41.76 -3.05
C2 NAG W . -10.95 -42.45 -3.66
C3 NAG W . -10.78 -43.96 -3.53
C4 NAG W . -9.45 -44.40 -4.13
C5 NAG W . -8.31 -43.63 -3.50
C6 NAG W . -6.98 -43.91 -4.18
C7 NAG W . -13.41 -42.24 -3.46
C8 NAG W . -14.52 -41.82 -2.54
N2 NAG W . -12.17 -42.01 -3.02
O3 NAG W . -11.86 -44.65 -4.17
O4 NAG W . -9.27 -45.79 -3.87
O5 NAG W . -8.52 -42.21 -3.63
O6 NAG W . -6.97 -43.41 -5.51
O7 NAG W . -13.63 -42.75 -4.55
C1 NAG X . -28.53 -19.11 -28.63
C2 NAG X . -27.07 -19.01 -28.16
C3 NAG X . -26.16 -18.92 -29.37
C4 NAG X . -26.36 -20.13 -30.26
C5 NAG X . -27.83 -20.20 -30.66
C6 NAG X . -28.18 -21.44 -31.43
C7 NAG X . -26.66 -18.07 -25.96
C8 NAG X . -26.59 -16.82 -25.14
N2 NAG X . -26.88 -17.89 -27.26
O3 NAG X . -24.81 -18.79 -28.96
O4 NAG X . -25.49 -19.97 -31.38
O5 NAG X . -28.65 -20.24 -29.49
O6 NAG X . -27.68 -22.58 -30.73
O7 NAG X . -26.54 -19.19 -25.47
C1 NAG X . -25.07 -21.04 -32.16
C2 NAG X . -24.23 -20.53 -33.34
C3 NAG X . -23.89 -21.71 -34.24
C4 NAG X . -23.18 -22.79 -33.43
C5 NAG X . -24.06 -23.20 -32.26
C6 NAG X . -23.37 -24.21 -31.35
C7 NAG X . -26.02 -19.58 -34.81
C8 NAG X . -26.28 -18.44 -35.74
N2 NAG X . -24.91 -19.48 -34.07
O3 NAG X . -23.08 -21.25 -35.31
O4 NAG X . -22.95 -23.94 -34.24
O5 NAG X . -24.38 -22.06 -31.44
O6 NAG X . -22.19 -23.66 -30.77
O7 NAG X . -26.78 -20.54 -34.74
C1 BMA X . -21.66 -24.16 -34.71
C2 BMA X . -21.68 -25.41 -35.57
C3 BMA X . -20.32 -25.67 -36.16
C4 BMA X . -19.86 -24.45 -36.93
C5 BMA X . -19.88 -23.22 -36.04
C6 BMA X . -19.57 -21.94 -36.78
O2 BMA X . -22.67 -25.30 -36.58
O3 BMA X . -20.36 -26.80 -37.01
O4 BMA X . -18.52 -24.64 -37.41
O5 BMA X . -21.21 -23.05 -35.48
O6 BMA X . -19.71 -20.81 -35.94
C1 NAG Y . -25.99 -23.46 -24.60
C2 NAG Y . -25.81 -23.05 -26.06
C3 NAG Y . -27.04 -23.52 -26.83
C4 NAG Y . -27.22 -25.02 -26.66
C5 NAG Y . -27.34 -25.35 -25.17
C6 NAG Y . -27.42 -26.82 -24.88
C7 NAG Y . -24.38 -21.21 -26.71
C8 NAG Y . -23.55 -22.23 -27.43
N2 NAG Y . -25.55 -21.64 -26.25
O3 NAG Y . -26.88 -23.15 -28.20
O4 NAG Y . -28.42 -25.47 -27.30
O5 NAG Y . -26.17 -24.87 -24.48
O6 NAG Y . -28.63 -27.39 -25.36
O7 NAG Y . -24.00 -20.05 -26.56
C1 NAG Y . -28.33 -26.32 -28.40
C2 NAG Y . -28.20 -25.50 -29.69
C3 NAG Y . -28.09 -26.44 -30.89
C4 NAG Y . -26.93 -27.40 -30.68
C5 NAG Y . -27.12 -28.15 -29.36
C6 NAG Y . -25.94 -29.04 -29.02
C7 NAG Y . -30.57 -24.81 -30.02
C8 NAG Y . -31.45 -23.62 -30.29
N2 NAG Y . -29.28 -24.55 -29.82
O3 NAG Y . -27.91 -25.67 -32.07
O4 NAG Y . -26.92 -28.34 -31.75
O5 NAG Y . -27.25 -27.22 -28.26
O6 NAG Y . -25.73 -30.02 -30.05
O7 NAG Y . -31.04 -25.96 -29.98
C1 NAG Z . -43.09 5.16 -18.73
C2 NAG Z . -43.04 6.04 -19.98
C3 NAG Z . -44.34 6.82 -20.11
C4 NAG Z . -45.52 5.86 -20.14
C5 NAG Z . -45.48 5.00 -18.87
C6 NAG Z . -46.54 3.92 -18.81
C7 NAG Z . -41.70 7.99 -19.18
C8 NAG Z . -40.75 9.03 -19.69
N2 NAG Z . -41.89 6.93 -19.98
O3 NAG Z . -44.31 7.63 -21.28
O4 NAG Z . -46.69 6.67 -20.22
O5 NAG Z . -44.22 4.31 -18.79
O6 NAG Z . -47.78 4.42 -18.31
O7 NAG Z . -42.25 8.09 -18.09
C1 NAG Z . -47.84 6.26 -20.88
C2 NAG Z . -48.82 7.42 -20.81
C3 NAG Z . -50.12 7.01 -21.49
C4 NAG Z . -49.86 6.56 -22.92
C5 NAG Z . -48.84 5.43 -22.88
C6 NAG Z . -48.42 4.95 -24.27
C7 NAG Z . -49.65 7.24 -18.46
C8 NAG Z . -49.94 8.07 -17.25
N2 NAG Z . -49.03 7.89 -19.47
O3 NAG Z . -51.02 8.12 -21.45
O4 NAG Z . -51.07 6.07 -23.50
O5 NAG Z . -47.63 5.85 -22.22
O6 NAG Z . -47.46 3.90 -24.19
O7 NAG Z . -49.93 6.05 -18.53
C1 MAN Z . -51.88 6.89 -24.29
C2 MAN Z . -51.16 7.14 -25.59
C3 MAN Z . -51.88 8.13 -26.48
C4 MAN Z . -52.23 9.40 -25.71
C5 MAN Z . -52.94 9.10 -24.37
C6 MAN Z . -54.35 8.57 -24.53
O2 MAN Z . -50.96 5.90 -26.27
O3 MAN Z . -53.06 7.52 -27.03
O4 MAN Z . -51.02 10.10 -25.41
O5 MAN Z . -52.20 8.12 -23.61
O6 MAN Z . -55.14 9.45 -25.33
C1 NAG AA . -27.95 -33.62 -14.08
C2 NAG AA . -27.12 -34.48 -13.12
C3 NAG AA . -26.37 -35.55 -13.90
C4 NAG AA . -27.37 -36.39 -14.68
C5 NAG AA . -28.19 -35.47 -15.58
C6 NAG AA . -29.28 -36.19 -16.34
C7 NAG AA . -26.44 -33.45 -11.03
C8 NAG AA . -26.47 -32.02 -10.58
N2 NAG AA . -26.24 -33.65 -12.33
O3 NAG AA . -25.62 -36.33 -12.98
O4 NAG AA . -26.73 -37.34 -15.55
O5 NAG AA . -28.85 -34.45 -14.80
O6 NAG AA . -29.99 -35.30 -17.19
O7 NAG AA . -26.62 -34.38 -10.25
C1 NAG AA . -26.14 -38.51 -15.09
C2 NAG AA . -26.13 -39.54 -16.21
C3 NAG AA . -25.57 -40.86 -15.70
C4 NAG AA . -24.19 -40.65 -15.08
C5 NAG AA . -24.28 -39.57 -14.01
C6 NAG AA . -22.94 -39.20 -13.44
C7 NAG AA . -27.75 -39.38 -18.03
C8 NAG AA . -29.21 -39.36 -18.38
N2 NAG AA . -27.45 -39.73 -16.78
O3 NAG AA . -25.53 -41.75 -16.81
O4 NAG AA . -23.70 -41.83 -14.43
O5 NAG AA . -24.85 -38.35 -14.55
O6 NAG AA . -23.05 -38.12 -12.51
O7 NAG AA . -26.88 -39.09 -18.85
C1 BMA AA . -23.40 -43.05 -15.03
C2 BMA AA . -22.71 -43.95 -14.01
C3 BMA AA . -22.47 -45.34 -14.58
C4 BMA AA . -23.80 -45.91 -15.05
C5 BMA AA . -24.45 -44.97 -16.05
C6 BMA AA . -25.83 -45.44 -16.44
O2 BMA AA . -23.48 -44.01 -12.80
O3 BMA AA . -21.86 -46.16 -13.57
O4 BMA AA . -23.63 -47.16 -15.71
O5 BMA AA . -24.61 -43.68 -15.45
O6 BMA AA . -26.44 -46.07 -15.32
C1 BMA AA . -20.94 -47.12 -14.00
C2 BMA AA . -20.42 -47.93 -12.84
C3 BMA AA . -19.43 -48.97 -13.35
C4 BMA AA . -20.12 -49.86 -14.38
C5 BMA AA . -20.65 -48.99 -15.50
C6 BMA AA . -21.46 -49.76 -16.52
O2 BMA AA . -21.56 -48.45 -12.13
O3 BMA AA . -18.86 -49.76 -12.31
O4 BMA AA . -19.20 -50.80 -14.91
O5 BMA AA . -21.54 -48.02 -14.95
O6 BMA AA . -22.50 -50.50 -15.88
C1 MAN AA . -21.51 -49.10 -10.91
C2 MAN AA . -20.72 -48.27 -9.92
C3 MAN AA . -20.55 -48.98 -8.59
C4 MAN AA . -20.04 -50.41 -8.79
C5 MAN AA . -20.85 -51.20 -9.82
C6 MAN AA . -22.23 -51.60 -9.36
O2 MAN AA . -21.37 -47.01 -9.72
O3 MAN AA . -21.77 -48.98 -7.85
O4 MAN AA . -18.68 -50.37 -9.24
O5 MAN AA . -21.00 -50.43 -11.05
O6 MAN AA . -22.15 -52.49 -8.26
C1 BMA AA . -27.80 -45.80 -15.17
C2 BMA AA . -28.23 -46.41 -13.86
C3 BMA AA . -29.65 -45.99 -13.52
C4 BMA AA . -29.75 -44.48 -13.50
C5 BMA AA . -29.28 -43.92 -14.83
C6 BMA AA . -29.23 -42.41 -14.85
O2 BMA AA . -27.33 -46.04 -12.82
O3 BMA AA . -30.02 -46.53 -12.24
O4 BMA AA . -31.10 -44.08 -13.28
O5 BMA AA . -27.94 -44.37 -15.12
O6 BMA AA . -28.76 -41.93 -16.11
C1 NAG BA . 14.33 9.32 -32.07
C2 NAG BA . 13.59 10.07 -33.17
C3 NAG BA . 12.40 9.23 -33.60
C4 NAG BA . 12.86 7.83 -33.99
C5 NAG BA . 13.63 7.19 -32.84
C6 NAG BA . 14.23 5.84 -33.20
C7 NAG BA . 12.80 12.36 -33.57
C8 NAG BA . 12.05 13.51 -32.96
N2 NAG BA . 13.19 11.40 -32.74
O3 NAG BA . 11.72 9.83 -34.70
O4 NAG BA . 11.69 7.05 -34.24
O5 NAG BA . 14.73 8.02 -32.44
O6 NAG BA . 15.12 5.95 -34.30
O7 NAG BA . 13.02 12.32 -34.78
C1 NAG BA . 11.68 6.28 -35.40
C2 NAG BA . 10.41 5.42 -35.40
C3 NAG BA . 10.38 4.58 -36.68
C4 NAG BA . 10.49 5.49 -37.90
C5 NAG BA . 11.76 6.34 -37.79
C6 NAG BA . 11.88 7.34 -38.91
C7 NAG BA . 11.09 3.57 -33.86
C8 NAG BA . 10.58 2.74 -32.72
N2 NAG BA . 10.31 4.61 -34.21
O3 NAG BA . 9.19 3.82 -36.71
O4 NAG BA . 10.59 4.69 -39.08
O5 NAG BA . 11.75 7.09 -36.56
O6 NAG BA . 13.08 8.11 -38.77
O7 NAG BA . 12.15 3.32 -34.42
C1 BMA BA . 9.48 4.57 -39.90
C2 BMA BA . 9.83 3.62 -41.02
C3 BMA BA . 8.65 3.39 -41.92
C4 BMA BA . 7.46 2.90 -41.10
C5 BMA BA . 7.16 3.88 -39.97
C6 BMA BA . 6.08 3.38 -39.05
O2 BMA BA . 10.31 2.39 -40.47
O3 BMA BA . 8.98 2.43 -42.92
O4 BMA BA . 6.32 2.77 -41.94
O5 BMA BA . 8.34 4.08 -39.17
O6 BMA BA . 4.86 3.18 -39.73
C1 NAG CA . 18.58 -4.12 -25.34
C2 NAG CA . 19.56 -2.99 -25.64
C3 NAG CA . 20.51 -3.44 -26.76
C4 NAG CA . 21.22 -4.72 -26.36
C5 NAG CA . 20.16 -5.78 -26.03
C6 NAG CA . 20.77 -7.07 -25.52
C7 NAG CA . 18.86 -0.70 -25.22
C8 NAG CA . 19.07 0.61 -25.91
N2 NAG CA . 18.89 -1.77 -26.01
O3 NAG CA . 21.44 -2.38 -27.02
O4 NAG CA . 22.03 -5.19 -27.43
O5 NAG CA . 19.29 -5.30 -24.99
O6 NAG CA . 21.61 -7.68 -26.51
O7 NAG CA . 18.70 -0.79 -24.01
C1 NAG CA . 23.40 -4.94 -27.40
C2 NAG CA . 23.97 -5.53 -28.69
C3 NAG CA . 25.47 -5.25 -28.76
C4 NAG CA . 25.71 -3.75 -28.64
C5 NAG CA . 25.08 -3.23 -27.35
C6 NAG CA . 25.18 -1.73 -27.21
C7 NAG CA . 22.84 -7.47 -29.66
C8 NAG CA . 22.74 -8.96 -29.67
N2 NAG CA . 23.71 -6.95 -28.79
O3 NAG CA . 25.99 -5.75 -29.98
O4 NAG CA . 27.11 -3.51 -28.59
O5 NAG CA . 23.67 -3.56 -27.32
O6 NAG CA . 24.47 -1.07 -28.26
O7 NAG CA . 22.18 -6.77 -30.40
C1 NAG DA . -3.88 30.55 -13.62
C2 NAG DA . -3.02 29.30 -13.78
C3 NAG DA . -2.99 28.90 -15.26
C4 NAG DA . -4.41 28.75 -15.81
C5 NAG DA . -5.19 30.04 -15.56
C6 NAG DA . -6.66 29.92 -15.94
C7 NAG DA . -1.20 28.85 -12.24
C8 NAG DA . 0.22 29.13 -11.87
N2 NAG DA . -1.68 29.48 -13.31
O3 NAG DA . -2.28 27.67 -15.37
O4 NAG DA . -4.26 28.52 -17.21
O5 NAG DA . -5.18 30.38 -14.16
O6 NAG DA . -6.83 29.94 -17.36
O7 NAG DA . -1.88 28.04 -11.61
C1 NAG DA . -4.86 27.43 -17.85
C2 NAG DA . -4.34 27.46 -19.29
C3 NAG DA . -4.98 26.32 -20.07
C4 NAG DA . -4.70 24.99 -19.40
C5 NAG DA . -5.20 25.06 -17.95
C6 NAG DA . -4.94 23.80 -17.15
C7 NAG DA . -5.77 29.28 -20.20
C8 NAG DA . -5.72 30.62 -20.86
N2 NAG DA . -4.59 28.75 -19.90
O3 NAG DA . -4.47 26.35 -21.40
O4 NAG DA . -5.39 23.93 -20.04
O5 NAG DA . -4.58 26.17 -17.25
O6 NAG DA . -3.55 23.49 -17.10
O7 NAG DA . -6.84 28.73 -19.95
C1 BMA DA . -4.81 23.15 -21.04
C2 BMA DA . -5.99 22.46 -21.70
C3 BMA DA . -5.56 21.71 -22.94
C4 BMA DA . -4.80 22.63 -23.88
C5 BMA DA . -3.64 23.31 -23.16
C6 BMA DA . -2.98 24.36 -24.00
O2 BMA DA . -6.98 23.43 -22.03
O3 BMA DA . -6.73 21.20 -23.58
O4 BMA DA . -4.28 21.89 -24.98
O5 BMA DA . -4.12 23.98 -21.97
O6 BMA DA . -3.82 25.50 -24.15
C1 MAN DA . -6.81 19.84 -23.87
C2 MAN DA . -6.99 18.85 -22.75
C3 MAN DA . -5.68 18.17 -22.42
C4 MAN DA . -5.03 17.59 -23.67
C5 MAN DA . -4.90 18.65 -24.77
C6 MAN DA . -4.43 18.07 -26.08
O2 MAN DA . -7.98 17.89 -23.12
O3 MAN DA . -5.91 17.14 -21.46
O4 MAN DA . -3.74 17.07 -23.37
O5 MAN DA . -6.17 19.28 -25.03
O6 MAN DA . -5.22 16.95 -26.47
C1 NAG EA . 0.05 18.60 -33.66
C2 NAG EA . -1.29 19.31 -33.78
C3 NAG EA . -2.36 18.30 -34.16
C4 NAG EA . -1.97 17.59 -35.45
C5 NAG EA . -0.60 16.94 -35.27
C6 NAG EA . -0.01 16.33 -36.53
C7 NAG EA . -1.62 21.33 -32.46
C8 NAG EA . -2.09 21.92 -31.16
N2 NAG EA . -1.64 20.01 -32.56
O3 NAG EA . -3.61 18.96 -34.30
O4 NAG EA . -3.01 16.65 -35.71
O5 NAG EA . 0.36 17.94 -34.87
O6 NAG EA . 0.07 17.31 -37.57
O7 NAG EA . -1.23 22.04 -33.39
C1 NAG EA . -3.44 16.21 -36.96
C2 NAG EA . -3.59 17.33 -37.99
C3 NAG EA . -4.16 16.75 -39.27
C4 NAG EA . -3.26 15.61 -39.77
C5 NAG EA . -3.13 14.55 -38.68
C6 NAG EA . -2.16 13.46 -39.04
C7 NAG EA . -4.00 19.66 -37.34
C8 NAG EA . -5.03 20.68 -36.99
N2 NAG EA . -4.45 18.42 -37.56
O3 NAG EA . -4.28 17.76 -40.26
O4 NAG EA . -3.87 15.01 -40.92
O5 NAG EA . -2.62 15.16 -37.47
O6 NAG EA . -0.85 13.99 -39.27
O7 NAG EA . -2.80 19.93 -37.43
C1 NAG FA . 22.13 36.58 -14.48
C2 NAG FA . 22.09 35.15 -15.02
C3 NAG FA . 23.49 34.76 -15.49
C4 NAG FA . 24.01 35.75 -16.51
C5 NAG FA . 23.96 37.16 -15.91
C6 NAG FA . 24.37 38.24 -16.88
C7 NAG FA . 20.42 33.68 -13.98
C8 NAG FA . 20.06 32.91 -12.75
N2 NAG FA . 21.62 34.26 -13.99
O3 NAG FA . 23.44 33.44 -16.04
O4 NAG FA . 25.36 35.46 -16.86
O5 NAG FA . 22.64 37.48 -15.47
O6 NAG FA . 25.77 38.25 -17.11
O7 NAG FA . 19.64 33.80 -14.93
C1 NAG FA . 25.65 34.86 -18.08
C2 NAG FA . 27.18 34.86 -18.24
C3 NAG FA . 27.54 34.18 -19.56
C4 NAG FA . 26.93 32.79 -19.63
C5 NAG FA . 25.43 32.88 -19.41
C6 NAG FA . 24.77 31.52 -19.34
C7 NAG FA . 27.70 37.12 -19.09
C8 NAG FA . 29.00 37.75 -19.50
N2 NAG FA . 27.79 36.16 -18.17
O3 NAG FA . 28.96 34.14 -19.68
O4 NAG FA . 27.15 32.24 -20.92
O5 NAG FA . 25.13 33.55 -18.16
O6 NAG FA . 25.28 30.77 -18.24
O7 NAG FA . 26.63 37.48 -19.57
C1 BMA FA . 28.15 31.29 -21.11
C2 BMA FA . 28.24 31.02 -22.59
C3 BMA FA . 29.36 30.06 -22.89
C4 BMA FA . 30.67 30.61 -22.34
C5 BMA FA . 30.52 30.90 -20.84
C6 BMA FA . 31.74 31.58 -20.26
O2 BMA FA . 28.38 32.24 -23.30
O3 BMA FA . 29.47 29.87 -24.30
O4 BMA FA . 31.72 29.67 -22.53
O5 BMA FA . 29.40 31.78 -20.62
O6 BMA FA . 31.93 32.86 -20.85
C1 NAG GA . 18.39 33.56 -18.56
C2 NAG GA . 19.71 32.83 -18.31
C3 NAG GA . 20.86 33.81 -18.44
C4 NAG GA . 20.83 34.48 -19.80
C5 NAG GA . 19.49 35.17 -19.99
C6 NAG GA . 19.28 35.78 -21.36
C7 NAG GA . 19.77 30.89 -16.81
C8 NAG GA . 19.87 30.04 -18.05
N2 NAG GA . 19.76 32.20 -17.01
O3 NAG GA . 22.09 33.12 -18.24
O4 NAG GA . 21.93 35.40 -19.87
O5 NAG GA . 18.43 34.20 -19.83
O6 NAG GA . 20.03 36.98 -21.50
O7 NAG GA . 19.71 30.39 -15.69
C1 NAG GA . 22.70 35.35 -21.02
C2 NAG GA . 23.94 36.23 -20.83
C3 NAG GA . 24.74 36.23 -22.12
C4 NAG GA . 25.10 34.80 -22.51
C5 NAG GA . 23.81 33.98 -22.64
C6 NAG GA . 24.08 32.52 -22.91
C7 NAG GA . 23.00 38.53 -21.01
C8 NAG GA . 23.05 39.89 -20.38
N2 NAG GA . 23.62 37.56 -20.36
O3 NAG GA . 25.92 37.02 -21.97
O4 NAG GA . 25.79 34.80 -23.75
O5 NAG GA . 23.07 34.04 -21.40
O6 NAG GA . 24.90 32.35 -24.07
O7 NAG GA . 22.39 38.35 -22.08
C1 NAG HA . 21.80 11.01 -7.79
C2 NAG HA . 22.77 11.25 -6.63
C3 NAG HA . 22.97 12.75 -6.44
C4 NAG HA . 23.47 13.36 -7.74
C5 NAG HA . 22.48 13.05 -8.86
C6 NAG HA . 22.95 13.54 -10.22
C7 NAG HA . 22.94 9.60 -4.87
C8 NAG HA . 24.34 9.39 -5.36
N2 NAG HA . 22.29 10.63 -5.41
O3 NAG HA . 23.89 12.97 -5.38
O4 NAG HA . 23.62 14.76 -7.55
O5 NAG HA . 22.30 11.62 -8.97
O6 NAG HA . 24.18 12.92 -10.58
O7 NAG HA . 22.43 8.89 -4.00
C1 NAG HA . 24.89 15.28 -7.85
C2 NAG HA . 25.00 16.77 -7.52
C3 NAG HA . 26.40 17.26 -7.85
C4 NAG HA . 27.44 16.41 -7.12
C5 NAG HA . 27.23 14.95 -7.47
C6 NAG HA . 28.14 14.03 -6.69
C7 NAG HA . 23.23 17.22 -9.20
C8 NAG HA . 23.75 17.46 -10.59
N2 NAG HA . 24.03 17.61 -8.20
O3 NAG HA . 26.49 18.63 -7.49
O4 NAG HA . 28.76 16.73 -7.56
O5 NAG HA . 25.88 14.54 -7.16
O6 NAG HA . 27.89 12.67 -7.00
O7 NAG HA . 22.13 16.72 -9.00
C1 BMA HA . 29.51 17.79 -7.05
C2 BMA HA . 30.95 17.62 -7.47
C3 BMA HA . 31.81 18.75 -6.92
C4 BMA HA . 31.24 20.08 -7.34
C5 BMA HA . 29.78 20.19 -6.92
C6 BMA HA . 29.11 21.45 -7.42
O2 BMA HA . 31.04 17.56 -8.89
O3 BMA HA . 33.15 18.62 -7.39
O4 BMA HA . 31.97 21.14 -6.72
O5 BMA HA . 29.03 19.08 -7.45
O6 BMA HA . 29.12 21.50 -8.85
C1 MAN HA . 34.11 18.26 -6.45
C2 MAN HA . 34.06 16.78 -6.10
C3 MAN HA . 35.15 16.39 -5.11
C4 MAN HA . 35.16 17.34 -3.92
C5 MAN HA . 35.17 18.83 -4.33
C6 MAN HA . 36.49 19.29 -4.92
O2 MAN HA . 34.16 16.00 -7.29
O3 MAN HA . 36.41 16.34 -5.76
O4 MAN HA . 34.04 17.09 -3.08
O5 MAN HA . 34.14 19.11 -5.31
O6 MAN HA . 37.54 19.20 -3.96
C1 NAG IA . 12.87 44.22 12.78
C2 NAG IA . 11.85 45.22 13.31
C3 NAG IA . 12.58 46.36 14.00
C4 NAG IA . 13.49 45.81 15.09
C5 NAG IA . 14.45 44.78 14.49
C6 NAG IA . 15.32 44.11 15.53
C7 NAG IA . 9.76 45.39 12.03
C8 NAG IA . 9.11 45.96 10.81
N2 NAG IA . 11.04 45.72 12.21
O3 NAG IA . 11.61 47.26 14.53
O4 NAG IA . 14.29 46.81 15.70
O5 NAG IA . 13.70 43.74 13.81
O6 NAG IA . 14.53 43.50 16.54
O7 NAG IA . 9.15 44.69 12.83
C1 NAG IA . 13.79 47.55 16.76
C2 NAG IA . 14.96 48.04 17.62
C3 NAG IA . 14.42 48.88 18.77
C4 NAG IA . 13.55 50.01 18.24
C5 NAG IA . 12.44 49.43 17.36
C6 NAG IA . 11.60 50.50 16.69
C7 NAG IA . 16.93 46.95 18.63
C8 NAG IA . 17.41 45.67 19.25
N2 NAG IA . 15.72 46.90 18.06
O3 NAG IA . 15.48 49.38 19.56
O4 NAG IA . 12.94 50.72 19.32
O5 NAG IA . 12.99 48.63 16.30
O6 NAG IA . 10.59 49.92 15.88
O7 NAG IA . 17.60 47.97 18.64
C1 BMA IA . 13.48 51.93 19.73
C2 BMA IA . 12.70 52.38 20.94
C3 BMA IA . 13.27 53.67 21.49
C4 BMA IA . 14.74 53.49 21.79
C5 BMA IA . 15.47 53.01 20.54
C6 BMA IA . 16.93 52.67 20.80
O2 BMA IA . 12.69 51.36 21.93
O3 BMA IA . 12.57 54.04 22.67
O4 BMA IA . 15.31 54.73 22.21
O5 BMA IA . 14.86 51.80 20.05
O6 BMA IA . 17.04 51.61 21.74
C1 NAG JA . 6.41 37.48 -27.39
C2 NAG JA . 5.55 36.59 -28.27
C3 NAG JA . 6.43 35.96 -29.36
C4 NAG JA . 7.13 37.07 -30.14
C5 NAG JA . 7.93 37.94 -29.18
C6 NAG JA . 8.59 39.12 -29.83
C7 NAG JA . 4.67 34.36 -27.31
C8 NAG JA . 4.05 33.86 -26.04
N2 NAG JA . 4.84 35.69 -27.37
O3 NAG JA . 5.60 35.17 -30.20
O4 NAG JA . 8.04 36.55 -31.13
O5 NAG JA . 7.07 38.48 -28.15
O6 NAG JA . 7.63 39.95 -30.48
O7 NAG JA . 4.99 33.61 -28.22
C1 NAG JA . 7.57 36.20 -32.39
C2 NAG JA . 8.68 36.12 -33.45
C3 NAG JA . 8.03 35.86 -34.81
C4 NAG JA . 7.22 34.58 -34.76
C5 NAG JA . 6.17 34.72 -33.65
C6 NAG JA . 5.37 33.46 -33.45
C7 NAG JA . 9.52 38.46 -33.12
C8 NAG JA . 10.82 39.07 -32.67
N2 NAG JA . 9.61 37.22 -33.59
O3 NAG JA . 9.07 35.79 -35.78
O4 NAG JA . 6.49 34.32 -35.96
O5 NAG JA . 6.82 35.00 -32.40
O6 NAG JA . 6.21 32.36 -33.13
O7 NAG JA . 8.47 39.08 -33.08
C1 BMA JA . 7.04 33.98 -37.19
C2 BMA JA . 5.91 33.41 -38.02
C3 BMA JA . 6.36 33.16 -39.44
C4 BMA JA . 6.92 34.44 -40.04
C5 BMA JA . 8.04 34.98 -39.16
C6 BMA JA . 8.52 36.32 -39.64
O2 BMA JA . 4.79 34.30 -37.99
O3 BMA JA . 5.28 32.70 -40.26
O4 BMA JA . 7.46 34.17 -41.34
O5 BMA JA . 7.55 35.16 -37.82
O6 BMA JA . 7.42 37.24 -39.72
C1 BMA JA . 4.84 31.41 -40.00
C2 BMA JA . 4.06 30.80 -41.15
C3 BMA JA . 3.48 29.47 -40.72
C4 BMA JA . 4.60 28.58 -40.26
C5 BMA JA . 5.37 29.25 -39.13
C6 BMA JA . 6.56 28.44 -38.65
O2 BMA JA . 4.88 30.59 -42.30
O3 BMA JA . 2.77 28.88 -41.81
O4 BMA JA . 4.08 27.33 -39.80
O5 BMA JA . 5.87 30.51 -39.59
O6 BMA JA . 6.14 27.22 -38.04
C1 MAN JA . 5.31 31.68 -43.06
C2 MAN JA . 4.12 32.47 -43.57
C3 MAN JA . 3.36 31.68 -44.61
C4 MAN JA . 4.29 31.26 -45.72
C5 MAN JA . 5.48 30.50 -45.14
C6 MAN JA . 6.51 30.16 -46.20
O2 MAN JA . 4.54 33.73 -44.09
O3 MAN JA . 2.29 32.48 -45.13
O4 MAN JA . 3.61 30.43 -46.65
O5 MAN JA . 6.14 31.29 -44.14
O6 MAN JA . 7.50 29.28 -45.71
C1 BMA JA . 7.55 38.38 -38.93
C2 BMA JA . 6.33 38.46 -38.03
C3 BMA JA . 6.44 39.64 -37.08
C4 BMA JA . 7.72 39.53 -36.29
C5 BMA JA . 8.92 39.42 -37.23
C6 BMA JA . 10.23 39.20 -36.51
O2 BMA JA . 6.14 37.24 -37.32
O3 BMA JA . 5.32 39.66 -36.22
O4 BMA JA . 7.89 40.67 -35.46
O5 BMA JA . 8.74 38.31 -38.13
O6 BMA JA . 11.33 39.22 -37.41
C1 NAG KA . 34.15 -11.20 2.79
C2 NAG KA . 35.39 -10.36 3.11
C3 NAG KA . 35.40 -9.15 2.20
C4 NAG KA . 35.26 -9.56 0.74
C5 NAG KA . 34.02 -10.44 0.54
C6 NAG KA . 33.92 -10.99 -0.85
C7 NAG KA . 36.21 -10.52 5.41
C8 NAG KA . 35.80 -10.36 6.84
N2 NAG KA . 35.38 -9.99 4.50
O3 NAG KA . 36.61 -8.42 2.41
O4 NAG KA . 35.02 -8.36 0.00
O5 NAG KA . 34.03 -11.56 1.43
O6 NAG KA . 35.07 -11.77 -1.19
O7 NAG KA . 37.22 -11.11 5.08
C1 NAG KA . 35.84 -8.01 -1.06
C2 NAG KA . 35.12 -6.86 -1.76
C3 NAG KA . 36.00 -6.34 -2.90
C4 NAG KA . 37.36 -5.94 -2.37
C5 NAG KA . 38.00 -7.13 -1.64
C6 NAG KA . 39.31 -6.79 -0.97
C7 NAG KA . 33.45 -8.16 -3.11
C8 NAG KA . 31.99 -8.39 -3.27
N2 NAG KA . 33.79 -7.25 -2.19
O3 NAG KA . 35.35 -5.25 -3.53
O4 NAG KA . 38.22 -5.56 -3.44
O5 NAG KA . 37.12 -7.60 -0.60
O6 NAG KA . 39.85 -7.93 -0.31
O7 NAG KA . 34.28 -8.77 -3.79
C1 BMA KA . 38.47 -4.20 -3.63
C2 BMA KA . 39.27 -4.05 -4.90
C3 BMA KA . 39.52 -2.59 -5.19
C4 BMA KA . 38.20 -1.84 -5.25
C5 BMA KA . 37.43 -2.05 -3.96
C6 BMA KA . 36.04 -1.44 -4.00
O2 BMA KA . 38.59 -4.69 -5.98
O3 BMA KA . 40.21 -2.46 -6.44
O4 BMA KA . 38.44 -0.45 -5.43
O5 BMA KA . 37.25 -3.46 -3.72
O6 BMA KA . 36.11 -0.03 -4.21
C1 NAG LA . 26.65 -13.58 -10.03
C2 NAG LA . 26.74 -14.70 -8.99
C3 NAG LA . 27.72 -15.76 -9.47
C4 NAG LA . 27.33 -16.27 -10.85
C5 NAG LA . 27.21 -15.09 -11.82
C6 NAG LA . 26.68 -15.50 -13.18
C7 NAG LA . 27.05 -14.82 -6.53
C8 NAG LA . 28.07 -14.44 -5.50
N2 NAG LA . 27.15 -14.17 -7.70
O3 NAG LA . 27.77 -16.84 -8.54
O4 NAG LA . 28.33 -17.15 -11.35
O5 NAG LA . 26.30 -14.10 -11.30
O6 NAG LA . 27.55 -16.43 -13.81
O7 NAG LA . 26.19 -15.67 -6.33
C1 NAG LA . 28.22 -18.53 -11.24
C2 NAG LA . 29.49 -19.11 -11.89
C3 NAG LA . 29.46 -20.62 -11.77
C4 NAG LA . 29.31 -21.03 -10.31
C5 NAG LA . 28.06 -20.38 -9.73
C6 NAG LA . 27.90 -20.65 -8.25
C7 NAG LA . 30.55 -17.83 -13.67
C8 NAG LA . 30.63 -17.59 -15.14
N2 NAG LA . 29.61 -18.69 -13.27
O3 NAG LA . 30.65 -21.15 -12.33
O4 NAG LA . 29.19 -22.45 -10.23
O5 NAG LA . 28.12 -18.95 -9.89
O6 NAG LA . 26.70 -20.05 -7.75
O7 NAG LA . 31.30 -17.27 -12.87
C1 NAG MA . 16.25 -0.34 29.88
C2 NAG MA . 16.79 -1.03 28.63
C3 NAG MA . 18.31 -0.88 28.60
C4 NAG MA . 18.69 0.58 28.69
C5 NAG MA . 18.06 1.22 29.93
C6 NAG MA . 18.29 2.72 29.99
C7 NAG MA . 15.51 -2.75 27.52
C8 NAG MA . 15.21 -4.21 27.39
N2 NAG MA . 16.38 -2.41 28.48
O3 NAG MA . 18.83 -1.47 27.43
O4 NAG MA . 20.11 0.67 28.79
O5 NAG MA . 16.64 1.02 29.93
O6 NAG MA . 17.60 3.32 31.07
O7 NAG MA . 14.99 -1.91 26.80
C1 NAG MA . 20.77 1.57 27.94
C2 NAG MA . 22.19 1.80 28.44
C3 NAG MA . 22.90 2.78 27.51
C4 NAG MA . 22.81 2.31 26.07
C5 NAG MA . 21.36 2.05 25.67
C6 NAG MA . 21.21 1.41 24.31
C7 NAG MA . 21.73 3.40 30.31
C8 NAG MA . 21.76 3.52 31.80
N2 NAG MA . 22.19 2.24 29.82
O3 NAG MA . 24.25 2.92 27.92
O4 NAG MA . 23.36 3.34 25.24
O5 NAG MA . 20.73 1.14 26.60
O6 NAG MA . 21.99 0.21 24.25
O7 NAG MA . 21.28 4.29 29.60
C1 BMA MA . 24.11 3.04 24.11
C2 BMA MA . 24.15 4.26 23.24
C3 BMA MA . 24.94 3.99 21.99
C4 BMA MA . 26.33 3.53 22.37
C5 BMA MA . 26.25 2.31 23.28
C6 BMA MA . 27.60 1.89 23.80
O2 BMA MA . 24.67 5.36 23.97
O3 BMA MA . 25.00 5.16 21.19
O4 BMA MA . 27.08 3.17 21.20
O5 BMA MA . 25.44 2.62 24.43
O6 BMA MA . 28.16 2.87 24.66
C1 BMA MA . 23.76 5.70 20.87
C2 BMA MA . 23.92 6.96 20.07
C3 BMA MA . 22.57 7.57 19.76
C4 BMA MA . 21.71 6.55 19.05
C5 BMA MA . 21.60 5.27 19.89
C6 BMA MA . 20.85 4.17 19.18
O2 BMA MA . 24.66 6.70 18.88
O3 BMA MA . 22.74 8.73 18.96
O4 BMA MA . 20.40 7.07 18.85
O5 BMA MA . 22.92 4.77 20.17
O6 BMA MA . 21.41 3.92 17.90
C1 NAG NA . -6.89 -23.44 38.63
C2 NAG NA . -6.69 -23.44 40.17
C3 NAG NA . -7.46 -24.57 40.86
C4 NAG NA . -8.87 -24.03 40.84
C5 NAG NA . -9.15 -23.99 39.35
C6 NAG NA . -10.54 -23.56 39.01
C7 NAG NA . -5.09 -21.97 41.34
C8 NAG NA . -6.16 -20.92 41.36
N2 NAG NA . -5.40 -23.13 40.75
O3 NAG NA . -6.96 -24.76 42.17
O4 NAG NA . -9.84 -24.89 41.43
O5 NAG NA . -8.25 -23.00 38.82
O6 NAG NA . -10.86 -22.31 39.63
O7 NAG NA . -3.98 -21.78 41.84
C1 NAG NA . -9.93 -25.23 42.77
C2 NAG NA . -11.31 -25.85 42.86
C3 NAG NA . -11.48 -26.50 44.24
C4 NAG NA . -10.37 -27.52 44.45
C5 NAG NA . -9.02 -26.84 44.32
C6 NAG NA . -7.84 -27.79 44.41
C7 NAG NA . -13.13 -24.85 41.56
C8 NAG NA . -13.07 -26.07 40.68
N2 NAG NA . -12.35 -24.87 42.64
O3 NAG NA . -12.77 -27.10 44.32
O4 NAG NA . -10.51 -28.17 45.71
O5 NAG NA . -8.94 -26.21 43.02
O6 NAG NA . -7.80 -28.43 45.69
O7 NAG NA . -13.85 -23.90 41.29
C1 BMA NA . -10.97 -29.48 45.62
C2 BMA NA . -11.89 -29.77 46.78
C3 BMA NA . -12.56 -31.12 46.60
C4 BMA NA . -13.26 -31.19 45.26
C5 BMA NA . -12.29 -30.86 44.13
C6 BMA NA . -12.96 -30.74 42.78
O2 BMA NA . -12.86 -28.73 46.90
O3 BMA NA . -13.49 -31.34 47.66
O4 BMA NA . -13.78 -32.51 45.05
O5 BMA NA . -11.68 -29.60 44.38
O6 BMA NA . -12.10 -30.07 41.86
C1 NAG OA . 35.38 1.01 15.43
C2 NAG OA . 35.86 1.75 16.68
C3 NAG OA . 36.24 3.18 16.31
C4 NAG OA . 37.31 3.17 15.23
C5 NAG OA . 36.77 2.39 14.03
C6 NAG OA . 37.77 2.22 12.91
C7 NAG OA . 34.95 1.04 18.82
C8 NAG OA . 33.82 1.19 19.80
N2 NAG OA . 34.85 1.75 17.70
O3 NAG OA . 36.68 3.86 17.48
O4 NAG OA . 37.60 4.53 14.91
O5 NAG OA . 36.40 1.07 14.44
O6 NAG OA . 39.00 1.71 13.41
O7 NAG OA . 35.91 0.31 19.04
C1 NAG OA . 38.91 5.01 14.81
C2 NAG OA . 39.73 4.59 16.02
C3 NAG OA . 41.16 5.08 15.86
C4 NAG OA . 41.75 4.59 14.55
C5 NAG OA . 40.86 5.02 13.39
C6 NAG OA . 41.30 4.43 12.07
C7 NAG OA . 39.44 4.73 18.49
C8 NAG OA . 38.95 5.62 19.58
N2 NAG OA . 39.13 5.11 17.24
O3 NAG OA . 41.97 4.65 16.95
O4 NAG OA . 43.04 5.16 14.37
O5 NAG OA . 39.51 4.54 13.61
O6 NAG OA . 40.42 4.82 11.01
O7 NAG OA . 40.08 3.70 18.71
C1 NAG PA . 20.78 -26.74 29.15
C2 NAG PA . 20.94 -26.18 27.73
C3 NAG PA . 21.44 -27.29 26.82
C4 NAG PA . 22.74 -27.87 27.36
C5 NAG PA . 22.51 -28.36 28.78
C6 NAG PA . 23.78 -28.79 29.46
C7 NAG PA . 19.61 -24.25 27.11
C8 NAG PA . 18.23 -23.74 26.83
N2 NAG PA . 19.72 -25.57 27.25
O3 NAG PA . 21.60 -26.79 25.50
O4 NAG PA . 23.22 -28.93 26.55
O5 NAG PA . 22.00 -27.29 29.59
O6 NAG PA . 24.61 -27.65 29.59
O7 NAG PA . 20.57 -23.50 27.22
C1 NAG PA . 22.50 -30.11 26.33
C2 NAG PA . 23.46 -31.25 25.98
C3 NAG PA . 24.14 -30.95 24.64
C4 NAG PA . 23.09 -30.75 23.56
C5 NAG PA . 22.15 -29.63 24.00
C6 NAG PA . 21.00 -29.40 23.03
C7 NAG PA . 25.50 -30.85 27.40
C8 NAG PA . 26.34 -31.48 28.46
N2 NAG PA . 24.44 -31.55 27.01
O3 NAG PA . 25.03 -32.01 24.32
O4 NAG PA . 23.70 -30.34 22.33
O5 NAG PA . 21.56 -29.95 25.28
O6 NAG PA . 20.19 -28.32 23.47
O7 NAG PA . 25.78 -29.75 26.93
C1 BMA PA . 23.96 -31.28 21.34
C2 BMA PA . 24.63 -30.56 20.19
C3 BMA PA . 25.00 -31.53 19.10
C4 BMA PA . 25.88 -32.64 19.66
C5 BMA PA . 25.17 -33.31 20.83
C6 BMA PA . 26.03 -34.34 21.53
O2 BMA PA . 25.77 -29.85 20.67
O3 BMA PA . 25.70 -30.84 18.06
O4 BMA PA . 26.15 -33.61 18.66
O5 BMA PA . 24.81 -32.33 21.82
O6 BMA PA . 25.38 -34.86 22.67
C1 NAG QA . 24.13 -21.89 27.05
C2 NAG QA . 23.92 -23.05 26.07
C3 NAG QA . 24.32 -24.36 26.74
C4 NAG QA . 25.73 -24.28 27.27
C5 NAG QA . 25.87 -23.08 28.21
C6 NAG QA . 27.28 -22.84 28.69
C7 NAG QA . 22.17 -22.89 24.35
C8 NAG QA . 23.28 -22.61 23.38
N2 NAG QA . 22.56 -23.14 25.60
O3 NAG QA . 24.18 -25.41 25.79
O4 NAG QA . 26.05 -25.48 27.97
O5 NAG QA . 25.46 -21.87 27.54
O6 NAG QA . 27.35 -21.72 29.56
O7 NAG QA . 21.00 -22.89 24.02
C1 NAG QA . 27.16 -26.17 27.48
C2 NAG QA . 27.55 -27.34 28.38
C3 NAG QA . 28.81 -28.00 27.82
C4 NAG QA . 28.58 -28.42 26.37
C5 NAG QA . 28.15 -27.20 25.55
C6 NAG QA . 27.77 -27.56 24.14
C7 NAG QA . 28.68 -26.22 30.30
C8 NAG QA . 28.85 -26.35 31.79
N2 NAG QA . 27.70 -26.97 29.77
O3 NAG QA . 29.16 -29.12 28.62
O4 NAG QA . 29.80 -28.93 25.83
O5 NAG QA . 26.96 -26.60 26.13
O6 NAG QA . 28.86 -28.19 23.45
O7 NAG QA . 29.37 -25.46 29.64
C1 NAG RA . 11.38 -22.45 5.19
C2 NAG RA . 10.99 -23.92 5.18
C3 NAG RA . 10.90 -24.42 6.63
C4 NAG RA . 12.23 -24.17 7.34
C5 NAG RA . 12.56 -22.68 7.26
C6 NAG RA . 13.92 -22.36 7.85
C7 NAG RA . 9.30 -25.29 4.02
C8 NAG RA . 7.87 -25.30 3.58
N2 NAG RA . 9.76 -24.11 4.45
O3 NAG RA . 10.55 -25.80 6.67
O4 NAG RA . 12.10 -24.56 8.71
O5 NAG RA . 12.61 -22.26 5.88
O6 NAG RA . 14.96 -23.04 7.16
O7 NAG RA . 10.00 -26.28 4.00
C1 NAG RA . 12.64 -25.76 9.16
C2 NAG RA . 12.01 -26.05 10.53
C3 NAG RA . 12.39 -27.45 10.98
C4 NAG RA . 12.07 -28.52 9.94
C5 NAG RA . 12.70 -28.12 8.60
C6 NAG RA . 12.21 -28.96 7.43
C7 NAG RA . 13.31 -24.16 11.46
C8 NAG RA . 14.67 -24.55 11.93
N2 NAG RA . 12.37 -25.10 11.56
O3 NAG RA . 11.72 -27.73 12.20
O4 NAG RA . 12.63 -29.70 10.50
O5 NAG RA . 12.33 -26.78 8.23
O6 NAG RA . 12.80 -28.54 6.21
O7 NAG RA . 13.06 -23.04 11.03
C1 BMA RA . 13.09 -30.89 9.93
C2 BMA RA . 13.64 -31.77 11.02
C3 BMA RA . 14.30 -32.99 10.43
C4 BMA RA . 13.29 -33.73 9.55
C5 BMA RA . 12.75 -32.78 8.50
C6 BMA RA . 11.69 -33.40 7.62
O2 BMA RA . 12.62 -32.12 11.94
O3 BMA RA . 14.76 -33.85 11.47
O4 BMA RA . 13.91 -34.84 8.92
O5 BMA RA . 12.16 -31.62 9.12
O6 BMA RA . 10.79 -34.20 8.38
C1 NAG SA . 31.55 -10.23 32.03
C2 NAG SA . 32.11 -8.88 31.57
C3 NAG SA . 33.49 -9.09 30.95
C4 NAG SA . 34.40 -9.82 31.92
C5 NAG SA . 33.76 -11.12 32.35
C6 NAG SA . 34.55 -11.86 33.41
C7 NAG SA . 31.22 -6.96 30.27
C8 NAG SA . 30.90 -5.97 31.36
N2 NAG SA . 31.20 -8.24 30.64
O3 NAG SA . 34.02 -7.82 30.58
O4 NAG SA . 35.65 -10.19 31.33
O5 NAG SA . 32.44 -10.88 32.91
O6 NAG SA . 33.93 -13.09 33.75
O7 NAG SA . 31.49 -6.62 29.13
C1 NAG SA . 36.64 -9.27 30.96
C2 NAG SA . 37.99 -9.94 31.13
C3 NAG SA . 39.10 -8.98 30.69
C4 NAG SA . 38.84 -8.50 29.27
C5 NAG SA . 37.45 -7.88 29.17
C6 NAG SA . 37.08 -7.50 27.76
C7 NAG SA . 38.18 -11.66 32.84
C8 NAG SA . 38.16 -12.65 31.72
N2 NAG SA . 38.18 -10.38 32.49
O3 NAG SA . 40.32 -9.68 30.81
O4 NAG SA . 39.77 -7.47 28.89
O5 NAG SA . 36.45 -8.82 29.62
O6 NAG SA . 35.75 -7.00 27.70
O7 NAG SA . 38.21 -12.01 34.02
C1 BMA SA . 41.08 -7.72 28.50
C2 BMA SA . 41.62 -6.43 27.95
C3 BMA SA . 43.07 -6.57 27.54
C4 BMA SA . 43.88 -7.08 28.73
C5 BMA SA . 43.27 -8.37 29.27
C6 BMA SA . 43.95 -8.85 30.53
O2 BMA SA . 41.46 -5.38 28.90
O3 BMA SA . 43.53 -5.28 27.14
O4 BMA SA . 45.22 -7.37 28.36
O5 BMA SA . 41.88 -8.17 29.59
O6 BMA SA . 43.30 -10.01 31.06
C1 MAN SA . 44.60 -5.25 26.24
C2 MAN SA . 45.27 -3.91 26.37
C3 MAN SA . 44.35 -2.81 25.86
C4 MAN SA . 43.91 -3.13 24.44
C5 MAN SA . 43.28 -4.50 24.37
C6 MAN SA . 42.95 -4.91 22.96
O2 MAN SA . 46.51 -3.93 25.68
O3 MAN SA . 45.02 -1.55 25.91
O4 MAN SA . 42.98 -2.15 23.99
O5 MAN SA . 44.19 -5.50 24.90
O6 MAN SA . 44.11 -4.85 22.13
C1 MAN SA . 47.63 -3.54 26.39
C2 MAN SA . 48.78 -3.58 25.42
C3 MAN SA . 49.07 -5.00 25.00
C4 MAN SA . 49.33 -5.86 26.22
C5 MAN SA . 48.16 -5.77 27.18
C6 MAN SA . 48.42 -6.50 28.48
O2 MAN SA . 49.93 -2.96 25.98
O3 MAN SA . 50.19 -5.01 24.13
O4 MAN SA . 49.48 -7.22 25.81
O5 MAN SA . 47.91 -4.38 27.51
O6 MAN SA . 48.53 -7.91 28.25
C1 MAN SA . 43.91 -10.47 32.23
C2 MAN SA . 43.23 -11.76 32.64
C3 MAN SA . 41.79 -11.52 33.03
C4 MAN SA . 41.72 -10.46 34.11
C5 MAN SA . 42.43 -9.19 33.66
C6 MAN SA . 42.51 -8.15 34.75
O2 MAN SA . 43.95 -12.37 33.70
O3 MAN SA . 41.21 -12.74 33.50
O4 MAN SA . 40.36 -10.14 34.40
O5 MAN SA . 43.79 -9.49 33.27
O6 MAN SA . 43.14 -8.69 35.92
C1 NAG TA . -45.27 -26.91 -20.30
C2 NAG TA . -44.69 -27.31 -21.65
C3 NAG TA . -45.72 -27.06 -22.73
C4 NAG TA . -47.02 -27.78 -22.40
C5 NAG TA . -47.51 -27.36 -21.02
C6 NAG TA . -48.73 -28.12 -20.57
C7 NAG TA . -42.25 -27.12 -21.72
C8 NAG TA . -41.12 -26.15 -21.74
N2 NAG TA . -43.46 -26.60 -21.96
O3 NAG TA . -45.21 -27.49 -23.98
O4 NAG TA . -48.01 -27.45 -23.36
O5 NAG TA . -46.49 -27.59 -20.03
O6 NAG TA . -48.52 -29.53 -20.70
O7 NAG TA . -42.08 -28.32 -21.49
C1 NAG UA . -54.41 4.23 13.49
C2 NAG UA . -53.24 4.21 14.48
C3 NAG UA . -53.61 3.34 15.68
C4 NAG UA . -54.90 3.86 16.31
C5 NAG UA . -56.00 3.88 15.25
C6 NAG UA . -57.29 4.47 15.76
C7 NAG UA . -50.86 4.36 14.22
C8 NAG UA . -49.63 3.83 13.57
N2 NAG UA . -52.01 3.78 13.88
O3 NAG UA . -52.55 3.35 16.63
O4 NAG UA . -55.29 2.98 17.36
O5 NAG UA . -55.59 4.70 14.12
O6 NAG UA . -58.23 4.68 14.70
O7 NAG UA . -50.83 5.29 15.02
C1 NAG VA . -6.50 -28.42 -28.43
C2 NAG VA . -7.35 -27.55 -29.34
C3 NAG VA . -6.47 -26.98 -30.45
C4 NAG VA . -5.30 -26.23 -29.85
C5 NAG VA . -4.53 -27.16 -28.92
C6 NAG VA . -3.39 -26.48 -28.20
C7 NAG VA . -9.70 -28.26 -29.42
C8 NAG VA . -10.58 -27.15 -29.89
N2 NAG VA . -8.46 -28.28 -29.92
O3 NAG VA . -7.25 -26.14 -31.29
O4 NAG VA . -4.43 -25.80 -30.90
O5 NAG VA . -5.40 -27.69 -27.91
O6 NAG VA . -3.64 -25.09 -28.02
O7 NAG VA . -10.09 -29.11 -28.62
C1 NAG WA . -46.17 1.00 -10.10
C2 NAG WA . -45.72 1.38 -11.51
C3 NAG WA . -45.52 2.90 -11.58
C4 NAG WA . -46.78 3.63 -11.12
C5 NAG WA . -47.18 3.15 -9.73
C6 NAG WA . -48.49 3.74 -9.27
C7 NAG WA . -43.91 -0.33 -11.46
C8 NAG WA . -42.68 -0.11 -10.64
N2 NAG WA . -44.49 0.76 -11.97
O3 NAG WA . -45.16 3.26 -12.90
O4 NAG WA . -46.51 5.03 -11.07
O5 NAG WA . -47.33 1.72 -9.70
O6 NAG WA . -49.54 3.43 -10.17
O7 NAG WA . -44.35 -1.46 -11.68
C1 NAG XA . -31.36 -31.10 -5.94
C2 NAG XA . -32.75 -31.42 -6.47
C3 NAG XA . -33.75 -31.43 -5.32
C4 NAG XA . -33.28 -32.39 -4.24
C5 NAG XA . -31.86 -32.03 -3.80
C6 NAG XA . -31.28 -33.01 -2.80
C7 NAG XA . -33.21 -30.74 -8.78
C8 NAG XA . -33.29 -29.57 -9.70
N2 NAG XA . -33.14 -30.45 -7.48
O3 NAG XA . -35.03 -31.79 -5.80
O4 NAG XA . -34.15 -32.30 -3.12
O5 NAG XA . -30.97 -32.01 -4.92
O6 NAG XA . -29.98 -32.61 -2.40
O7 NAG XA . -33.18 -31.90 -9.19
C1 NAG YA . -35.16 -24.66 -28.26
C2 NAG YA . -34.25 -25.87 -28.06
C3 NAG YA . -34.10 -26.61 -29.39
C4 NAG YA . -35.48 -26.97 -29.94
C5 NAG YA . -36.33 -25.72 -30.06
C6 NAG YA . -37.75 -26.02 -30.49
C7 NAG YA . -32.07 -26.11 -26.89
C8 NAG YA . -31.27 -25.38 -25.86
N2 NAG YA . -33.01 -25.39 -27.50
O3 NAG YA . -33.30 -27.77 -29.24
O4 NAG YA . -35.32 -27.56 -31.23
O5 NAG YA . -36.41 -25.05 -28.79
O6 NAG YA . -38.51 -24.81 -30.60
O7 NAG YA . -31.86 -27.30 -27.15
C1 NAG ZA . -33.24 -22.06 -1.28
C2 NAG ZA . -34.00 -21.80 0.03
C3 NAG ZA . -33.34 -20.62 0.74
C4 NAG ZA . -31.86 -20.89 0.93
C5 NAG ZA . -31.19 -21.19 -0.41
C6 NAG ZA . -29.75 -21.59 -0.26
C7 NAG ZA . -36.34 -21.61 0.72
C8 NAG ZA . -37.63 -20.92 0.39
N2 NAG ZA . -35.40 -21.58 -0.22
O3 NAG ZA . -33.97 -20.37 1.98
O4 NAG ZA . -31.24 -19.73 1.49
O5 NAG ZA . -31.86 -22.30 -1.05
O6 NAG ZA . -28.99 -20.53 0.31
O7 NAG ZA . -36.15 -22.16 1.80
C1 NAG AB . 9.13 52.89 -16.18
C2 NAG AB . 10.10 54.05 -16.40
C3 NAG AB . 9.81 55.16 -15.40
C4 NAG AB . 8.35 55.58 -15.48
C5 NAG AB . 7.45 54.36 -15.29
C6 NAG AB . 5.99 54.69 -15.48
C7 NAG AB . 12.31 53.50 -17.30
C8 NAG AB . 13.68 52.99 -16.97
N2 NAG AB . 11.47 53.60 -16.27
O3 NAG AB . 10.68 56.26 -15.64
O4 NAG AB . 8.08 56.52 -14.45
O5 NAG AB . 7.79 53.32 -16.24
O6 NAG AB . 5.74 55.12 -16.83
O7 NAG AB . 11.98 53.80 -18.44
C1 NAG BB . -20.15 50.03 17.79
C2 NAG BB . -20.88 48.72 17.49
C3 NAG BB . -22.30 49.05 16.99
C4 NAG BB . -23.01 49.94 18.02
C5 NAG BB . -22.18 51.19 18.29
C6 NAG BB . -22.77 52.05 19.38
C7 NAG BB . -20.44 46.58 16.41
C8 NAG BB . -20.73 46.12 15.01
N2 NAG BB . -20.17 47.88 16.55
O3 NAG BB . -23.05 47.88 16.75
O4 NAG BB . -24.28 50.32 17.49
O5 NAG BB . -20.85 50.83 18.72
O6 NAG BB . -24.09 52.47 19.05
O7 NAG BB . -20.48 45.81 17.37
C1 NAG CB . 24.81 16.56 -28.02
C2 NAG CB . 24.46 18.06 -28.10
C3 NAG CB . 25.55 18.85 -27.39
C4 NAG CB . 25.73 18.34 -25.98
C5 NAG CB . 26.02 16.85 -25.99
C6 NAG CB . 26.12 16.25 -24.60
C7 NAG CB . 25.09 18.65 -30.44
C8 NAG CB . 24.63 19.44 -31.62
N2 NAG CB . 24.21 18.52 -29.45
O3 NAG CB . 25.21 20.23 -27.41
O4 NAG CB . 26.83 19.02 -25.37
O5 NAG CB . 24.97 16.13 -26.68
O6 NAG CB . 24.87 16.34 -23.91
O7 NAG CB . 26.22 18.16 -30.41
C1 NAG DB . -1.31 37.77 -24.11
C2 NAG DB . -0.89 39.23 -24.07
C3 NAG DB . -2.13 40.12 -24.04
C4 NAG DB . -3.04 39.79 -25.22
C5 NAG DB . -3.38 38.29 -25.19
C6 NAG DB . -4.18 37.87 -26.40
C7 NAG DB . 1.27 39.71 -23.06
C8 NAG DB . 2.07 39.56 -21.80
N2 NAG DB . -0.03 39.49 -22.94
O3 NAG DB . -1.74 41.49 -24.07
O4 NAG DB . -4.24 40.53 -25.11
O5 NAG DB . -2.17 37.51 -25.20
O6 NAG DB . -3.46 38.11 -27.60
O7 NAG DB . 1.79 40.02 -24.13
C1 NAG EB . 19.24 42.15 -18.57
C2 NAG EB . 18.79 41.74 -19.99
C3 NAG EB . 20.01 41.72 -20.91
C4 NAG EB . 20.71 43.07 -20.86
C5 NAG EB . 21.08 43.43 -19.42
C6 NAG EB . 21.66 44.81 -19.29
C7 NAG EB . 17.40 39.94 -20.94
C8 NAG EB . 17.02 38.50 -20.81
N2 NAG EB . 18.13 40.45 -19.95
O3 NAG EB . 19.65 41.39 -22.24
O4 NAG EB . 21.90 43.01 -21.65
O5 NAG EB . 19.90 43.40 -18.59
O6 NAG EB . 21.98 45.10 -17.93
O7 NAG EB . 17.05 40.63 -21.90
C1 NAG FB . -5.78 36.96 -13.93
C2 NAG FB . -7.12 37.48 -13.40
C3 NAG FB . -7.60 36.56 -12.28
C4 NAG FB . -7.67 35.13 -12.79
C5 NAG FB . -6.30 34.71 -13.34
C6 NAG FB . -6.34 33.34 -13.98
C7 NAG FB . -8.04 39.66 -12.76
C8 NAG FB . -7.76 40.91 -11.98
N2 NAG FB . -7.01 38.86 -12.98
O3 NAG FB . -8.87 36.97 -11.79
O4 NAG FB . -7.99 34.27 -11.70
O5 NAG FB . -5.88 35.61 -14.37
O6 NAG FB . -6.76 32.34 -13.05
O7 NAG FB . -9.17 39.39 -13.17
C1 NAG GB . 3.89 45.49 9.29
C2 NAG GB . 3.26 46.00 10.58
C3 NAG GB . 4.35 46.17 11.63
C4 NAG GB . 5.08 44.85 11.82
C5 NAG GB . 5.64 44.39 10.48
C6 NAG GB . 6.29 43.02 10.57
C7 NAG GB . 1.20 47.27 10.43
C8 NAG GB . 0.52 48.27 9.56
N2 NAG GB . 2.53 47.23 10.35
O3 NAG GB . 3.76 46.60 12.85
O4 NAG GB . 6.16 45.05 12.73
O5 NAG GB . 4.58 44.27 9.52
O6 NAG GB . 7.33 43.01 11.54
O7 NAG GB . 0.57 46.52 11.18
C1 NAG HB . 22.26 -17.43 48.43
C2 NAG HB . 23.06 -18.31 49.39
C3 NAG HB . 22.11 -18.94 50.40
C4 NAG HB . 21.32 -17.87 51.11
C5 NAG HB . 20.59 -17.00 50.08
C6 NAG HB . 19.86 -15.83 50.72
C7 NAG HB . 25.11 -19.35 48.54
C8 NAG HB . 25.68 -20.44 47.70
N2 NAG HB . 23.78 -19.34 48.67
O3 NAG HB . 22.86 -19.72 51.33
O4 NAG HB . 20.35 -18.48 51.95
O5 NAG HB . 21.52 -16.45 49.13
O6 NAG HB . 18.96 -15.22 49.81
O7 NAG HB . 25.81 -18.49 49.07
C1 NAG IB . -13.69 5.56 55.54
C2 NAG IB . -13.89 7.02 55.18
C3 NAG IB . -13.00 7.90 56.06
C4 NAG IB . -13.31 7.61 57.53
C5 NAG IB . -13.12 6.12 57.80
C6 NAG IB . -13.51 5.75 59.21
C7 NAG IB . -14.60 7.52 52.91
C8 NAG IB . -14.22 7.55 51.47
N2 NAG IB . -13.62 7.27 53.78
O3 NAG IB . -13.22 9.27 55.75
O4 NAG IB . -12.41 8.35 58.34
O5 NAG IB . -13.97 5.35 56.92
O6 NAG IB . -14.88 6.04 59.46
O7 NAG IB . -15.75 7.71 53.30
C1 NAG JB . 32.37 -23.10 8.74
C2 NAG JB . 32.46 -23.09 10.27
C3 NAG JB . 31.88 -24.39 10.81
C4 NAG JB . 30.46 -24.58 10.30
C5 NAG JB . 30.46 -24.53 8.77
C6 NAG JB . 29.06 -24.61 8.19
C7 NAG JB . 34.86 -23.68 10.67
C8 NAG JB . 36.02 -23.34 11.55
N2 NAG JB . 33.81 -22.86 10.76
O3 NAG JB . 31.90 -24.35 12.24
O4 NAG JB . 29.97 -25.85 10.73
O5 NAG JB . 31.03 -23.30 8.30
O6 NAG JB . 28.41 -25.82 8.57
O7 NAG JB . 34.89 -24.64 9.91
C1 NAG KB . -2.87 -15.06 44.20
C2 NAG KB . -2.29 -15.45 42.85
C3 NAG KB . -1.18 -16.48 43.03
C4 NAG KB . -1.66 -17.65 43.88
C5 NAG KB . -2.28 -17.17 45.20
C6 NAG KB . -1.29 -16.58 46.18
C7 NAG KB . -3.76 -15.32 40.91
C8 NAG KB . -4.93 -15.94 40.20
N2 NAG KB . -3.32 -15.98 41.98
O3 NAG KB . -0.01 -15.87 43.54
O4 NAG KB . -2.64 -18.39 43.15
O5 NAG KB . -3.30 -16.17 44.97
O6 NAG KB . -1.92 -16.22 47.41
O7 NAG KB . -3.25 -14.28 40.53
C1 NAG LB . 27.63 -3.11 35.39
C2 NAG LB . 28.03 -3.85 36.67
C3 NAG LB . 28.08 -2.86 37.82
C4 NAG LB . 29.02 -1.71 37.48
C5 NAG LB . 28.58 -1.06 36.18
C6 NAG LB . 29.53 0.02 35.71
C7 NAG LB . 27.36 -6.20 36.75
C8 NAG LB . 26.17 -7.10 36.61
N2 NAG LB . 27.08 -4.91 36.92
O3 NAG LB . 28.49 -3.53 39.00
O4 NAG LB . 28.95 -0.73 38.53
O5 NAG LB . 28.52 -2.04 35.12
O6 NAG LB . 29.08 0.60 34.49
O7 NAG LB . 28.50 -6.62 36.70
C1 NAG MB . 25.26 -25.88 36.24
C2 NAG MB . 26.54 -25.30 35.68
C3 NAG MB . 27.59 -26.41 35.58
C4 NAG MB . 27.79 -27.07 36.94
C5 NAG MB . 26.44 -27.58 37.45
C6 NAG MB . 26.52 -28.14 38.85
C7 NAG MB . 27.02 -23.83 33.74
C8 NAG MB . 26.48 -23.35 32.42
N2 NAG MB . 26.24 -24.68 34.40
O3 NAG MB . 28.83 -25.87 35.11
O4 NAG MB . 28.67 -28.17 36.79
O5 NAG MB . 25.48 -26.51 37.50
O6 NAG MB . 25.25 -28.60 39.30
O7 NAG MB . 28.10 -23.45 34.17
C1 NAG NB . 17.38 -0.22 36.74
C2 NAG NB . 16.88 0.92 37.62
C3 NAG NB . 15.64 1.52 36.97
C4 NAG NB . 15.95 1.93 35.53
C5 NAG NB . 16.49 0.73 34.75
C6 NAG NB . 16.93 1.11 33.36
C7 NAG NB . 16.43 1.27 40.00
C8 NAG NB . 15.56 0.76 41.11
N2 NAG NB . 16.62 0.46 38.96
O3 NAG NB . 15.17 2.65 37.70
O4 NAG NB . 14.75 2.38 34.91
O5 NAG NB . 17.65 0.19 35.41
O6 NAG NB . 15.86 1.68 32.61
O7 NAG NB . 16.93 2.40 40.04
C1 NAG OB . -48.69 36.81 9.71
C2 NAG OB . -47.37 37.41 10.17
C3 NAG OB . -47.11 38.70 9.40
C4 NAG OB . -47.17 38.44 7.90
C5 NAG OB . -48.50 37.81 7.55
C6 NAG OB . -48.59 37.40 6.09
C7 NAG OB . -46.61 36.89 12.41
C8 NAG OB . -46.99 36.92 13.87
N2 NAG OB . -47.36 37.62 11.59
O3 NAG OB . -45.85 39.24 9.79
O4 NAG OB . -47.03 39.67 7.21
O5 NAG OB . -48.70 36.59 8.31
O6 NAG OB . -49.85 36.82 5.79
O7 NAG OB . -45.67 36.21 12.00
C1 NAG PB . -45.11 28.24 0.78
C2 NAG PB . -44.35 27.29 -0.15
C3 NAG PB . -44.09 27.98 -1.48
C4 NAG PB . -45.40 28.48 -2.07
C5 NAG PB . -46.10 29.39 -1.06
C6 NAG PB . -47.47 29.83 -1.54
C7 NAG PB . -42.90 25.60 0.88
C8 NAG PB . -43.99 24.61 0.62
N2 NAG PB . -43.12 26.85 0.45
O3 NAG PB . -43.44 27.09 -2.36
O4 NAG PB . -45.12 29.23 -3.25
O5 NAG PB . -46.30 28.70 0.17
O6 NAG PB . -48.32 28.70 -1.77
O7 NAG PB . -41.86 25.29 1.47
C1 NAG QB . -12.60 37.81 47.67
C2 NAG QB . -12.81 36.31 47.90
C3 NAG QB . -12.06 35.88 49.15
C4 NAG QB . -10.59 36.26 49.02
C5 NAG QB . -10.45 37.75 48.75
C6 NAG QB . -9.03 38.17 48.48
C7 NAG QB . -14.87 35.30 47.07
C8 NAG QB . -16.36 35.43 47.07
N2 NAG QB . -14.23 36.00 48.00
O3 NAG QB . -12.22 34.49 49.36
O4 NAG QB . -9.92 35.95 50.24
O5 NAG QB . -11.21 38.11 47.57
O6 NAG QB . -8.51 37.51 47.33
O7 NAG QB . -14.27 34.61 46.26
C1 NAG RB . -3.59 37.07 38.25
C2 NAG RB . -2.72 36.60 37.09
C3 NAG RB . -1.32 36.27 37.61
C4 NAG RB . -0.74 37.47 38.35
C5 NAG RB . -1.70 37.90 39.46
C6 NAG RB . -1.25 39.15 40.17
C7 NAG RB . -3.81 35.50 35.19
C8 NAG RB . -3.66 36.80 34.45
N2 NAG RB . -3.29 35.46 36.42
O3 NAG RB . -0.49 35.89 36.53
O4 NAG RB . 0.51 37.11 38.92
O5 NAG RB . -3.00 38.17 38.91
O6 NAG RB . -2.16 39.51 41.20
O7 NAG RB . -4.36 34.53 34.70
C1 NAG SB . -44.31 -3.76 43.10
C2 NAG SB . -44.64 -3.47 41.64
C3 NAG SB . -45.67 -4.47 41.13
C4 NAG SB . -45.17 -5.89 41.35
C5 NAG SB . -44.83 -6.09 42.82
C6 NAG SB . -44.21 -7.44 43.10
C7 NAG SB . -44.35 -1.18 40.83
C8 NAG SB . -44.73 0.24 41.09
N2 NAG SB . -45.08 -2.10 41.47
O3 NAG SB . -45.94 -4.21 39.76
O4 NAG SB . -46.19 -6.81 40.97
O5 NAG SB . -43.87 -5.10 43.26
O6 NAG SB . -42.97 -7.58 42.39
O7 NAG SB . -43.43 -1.49 40.09
C1 NAG TB . -34.13 -10.20 41.26
C2 NAG TB . -32.73 -10.74 41.58
C3 NAG TB . -32.81 -12.25 41.79
C4 NAG TB . -33.83 -12.58 42.86
C5 NAG TB . -35.17 -11.98 42.49
C6 NAG TB . -36.22 -12.17 43.56
C7 NAG TB . -30.72 -9.59 40.77
C8 NAG TB . -30.48 -9.15 42.18
N2 NAG TB . -31.74 -10.44 40.57
O3 NAG TB . -31.52 -12.74 42.12
O4 NAG TB . -33.96 -13.99 42.96
O5 NAG TB . -35.05 -10.56 42.28
O6 NAG TB . -35.83 -11.52 44.77
O7 NAG TB . -30.04 -9.18 39.83
#